data_8VAV
#
_entry.id   8VAV
#
_cell.length_a   1.00
_cell.length_b   1.00
_cell.length_c   1.00
_cell.angle_alpha   90.00
_cell.angle_beta   90.00
_cell.angle_gamma   90.00
#
_symmetry.space_group_name_H-M   'P 1'
#
loop_
_entity.id
_entity.type
_entity.pdbx_description
1 polymer 'Calcium-activated potassium channel subunit alpha-1'
2 polymer 'Leucine-rich repeat-containing protein 26'
3 non-polymer '(2S)-3-(hexadecanoyloxy)-2-[(9Z)-octadec-9-enoyloxy]propyl 2-(trimethylammonio)ethyl phosphate'
4 non-polymer 'POTASSIUM ION'
5 non-polymer Digitonin
6 non-polymer CHOLESTEROL
7 non-polymer 2-acetamido-2-deoxy-beta-D-glucopyranose
#
loop_
_entity_poly.entity_id
_entity_poly.type
_entity_poly.pdbx_seq_one_letter_code
_entity_poly.pdbx_strand_id
1 'polypeptide(L)'
;MDALIIPVTMEVPCDSRGQRMWWAFLASSMVTFFGGLFIILLWRTLKYLWTVCCHCGGKTKEAQKINNGSSQADGTLKPV
DEKEEAVAAEVGWMTSVKDWAGVMISAQTLTGRVLVVLVFALSIGALVIYFIDSSNPIESCQNFYKDFTLQIDMAFNVFF
LLYFGLRFIAANDKLWFWLEVNSVVDFFTVPPVFVSVYLNRSWLGLRFLRALRLIQFSEILQFLNILKTSNSIKLVNLLS
IFISTWLTAAGFIHLVENSGDPWENFQNNQALTYWECVYLLMVTMSTVGYGDVYAKTTLGRLFMVFFILGGLAMFASYVP
EIIELIGNRKKYGGSYSAVSGRKHIVVCGHITLESVSNFLKDFLHKDRDDVNVEIVFLHNISPNLELEALFKRHFTQVEF
YQGSVLNPHDLARVKIESADACLILANKYCADPDAEDASNIMRVISIKNYHPKIRIITQMLQYHNKAHLLNIPSWNWKEG
DDAICLAELKLGFIAQSCLAQGLSTMLANLFSMRSFIKIEEDTWQKYYLEGVSNEMYTEYLSSAFVGLSFPTVCELCFVK
LKLLMIAIEYKSANRESRILINPGNHLKIQEGTLGFFIASDAKEVKRAFFYCKACHDDITDPKRIKKCGCKRLEDEQPST
LSPKKKQRNGGMRNSPNTSPKLMRHDPLLIPGNDQIDNMDSNVKKYDSTGMFHWCAPKEIEKVILTRSEAAMTVLSGHVV
VCIFGDVSSALIGLRNLVMPLRASNFHYHELKHIVFVGSIEYLKREWETLHNFPKVSILPGTPLSRADLRAVNINLCDMC
VILSANQNNIDDTSLQDKECILASLNIKSMQFDDSIGVLQANSQGFTPPGMDRSSPDNSPVHGMLRQPSITTGVNIPIIT
ELVNDTNVQFLDQDDDDDPDTELYLTQPFACGTAFAVSVLDSLMSATYFNDNILTLIRTLVTGGATPELEALIAEENALR
GGYSTPQTLANRDRCRVAQLALLDGPFADLGDGGCYGDLFCKALKTYNMLCFGIYRLRDAHLSTPSQCTKRYVITNPPYE
FELVPTDLIFCLMQFDSNSLEVLFQ
;
A,B,C,D
2 'polypeptide(L)'
;MRGPSWSRPRPLLLLLLLLSPWPVWAQVSATASPSGSLGAPDCPEVCTCVPGGLASCSALSLPAVPPGLSLRLRALLLDH
NRVRALPPGAFAGAGALQRLDLRENGLHSVHVRAFWGLGALQLLDLSANQLEALAPGTFAPLRALRNLSLAGNRLARLEP
AALGALPLLRSLSLQDNELAALAPGLLGRLPALDALHLRGNPWGCGCALRPLCAWLRRHPLPASEAETVLCVWPGRLTLS
PLTAFSDAAFSHCAQPLALRDLAVVYTLGPASFLVSLASCLALGSGLTACRARRRRLRTAALRPPRPPDPNPDPDPHGCA
SPADPGSPAAAAQAAAAGLEVLFQ
;
E,F,G,H
#
loop_
_chem_comp.id
_chem_comp.type
_chem_comp.name
_chem_comp.formula
AJP non-polymer Digitonin 'C56 H92 O29'
CLR non-polymer CHOLESTEROL 'C27 H46 O'
K non-polymer 'POTASSIUM ION' 'K 1'
NAG D-saccharide, beta linking 2-acetamido-2-deoxy-beta-D-glucopyranose 'C8 H15 N O6'
POV non-polymer '(2S)-3-(hexadecanoyloxy)-2-[(9Z)-octadec-9-enoyloxy]propyl 2-(trimethylammonio)ethyl phosphate' 'C42 H82 N O8 P'
#
# COMPACT_ATOMS: atom_id res chain seq x y z
N VAL A 12 0.72 16.14 -40.89
CA VAL A 12 -0.70 16.52 -40.92
C VAL A 12 -1.63 15.51 -40.22
N PRO A 13 -1.51 14.20 -40.48
CA PRO A 13 -2.37 13.25 -39.74
C PRO A 13 -1.96 13.17 -38.27
N CYS A 14 -2.88 13.58 -37.39
CA CYS A 14 -2.65 13.51 -35.96
C CYS A 14 -3.99 13.46 -35.25
N ASP A 15 -3.99 12.87 -34.05
CA ASP A 15 -5.16 12.78 -33.20
C ASP A 15 -4.84 13.41 -31.85
N SER A 16 -5.74 14.25 -31.37
CA SER A 16 -5.56 14.91 -30.07
C SER A 16 -6.91 15.09 -29.39
N ARG A 17 -6.88 15.15 -28.07
CA ARG A 17 -8.11 15.35 -27.31
C ARG A 17 -8.62 16.77 -27.44
N GLY A 18 -7.73 17.75 -27.32
CA GLY A 18 -8.16 19.15 -27.41
C GLY A 18 -9.02 19.53 -26.22
N GLN A 19 -10.15 20.17 -26.51
CA GLN A 19 -11.11 20.59 -25.50
C GLN A 19 -12.22 19.55 -25.37
N ARG A 20 -12.65 19.32 -24.13
CA ARG A 20 -13.71 18.35 -23.87
C ARG A 20 -15.05 18.88 -24.38
N MET A 21 -15.79 18.05 -25.11
CA MET A 21 -17.08 18.42 -25.67
C MET A 21 -18.21 17.53 -25.16
N TRP A 22 -18.04 16.95 -23.97
CA TRP A 22 -19.07 16.08 -23.40
C TRP A 22 -20.36 16.82 -23.12
N TRP A 23 -20.26 18.11 -22.75
CA TRP A 23 -21.45 18.87 -22.39
C TRP A 23 -22.39 19.05 -23.57
N ALA A 24 -21.84 19.19 -24.78
CA ALA A 24 -22.68 19.28 -25.97
C ALA A 24 -23.47 18.00 -26.18
N PHE A 25 -22.81 16.84 -26.05
CA PHE A 25 -23.50 15.57 -26.22
C PHE A 25 -24.58 15.37 -25.15
N LEU A 26 -24.28 15.74 -23.91
CA LEU A 26 -25.27 15.59 -22.85
C LEU A 26 -26.45 16.55 -23.05
N ALA A 27 -26.17 17.79 -23.44
CA ALA A 27 -27.23 18.75 -23.68
C ALA A 27 -28.10 18.35 -24.86
N SER A 28 -27.52 17.68 -25.85
CA SER A 28 -28.31 17.23 -27.00
C SER A 28 -29.39 16.23 -26.62
N SER A 29 -29.24 15.55 -25.47
CA SER A 29 -30.28 14.67 -24.95
C SER A 29 -31.17 15.38 -23.93
N MET A 30 -30.58 16.26 -23.11
CA MET A 30 -31.38 16.97 -22.12
C MET A 30 -32.39 17.91 -22.77
N VAL A 31 -31.98 18.68 -23.78
CA VAL A 31 -32.90 19.59 -24.46
C VAL A 31 -33.83 18.88 -25.41
N THR A 32 -33.68 17.57 -25.58
CA THR A 32 -34.75 16.77 -26.18
C THR A 32 -35.75 16.34 -25.11
N PHE A 33 -35.25 15.65 -24.09
CA PHE A 33 -36.11 15.05 -23.06
C PHE A 33 -36.94 16.10 -22.33
N PHE A 34 -36.27 17.02 -21.64
CA PHE A 34 -36.99 17.97 -20.80
C PHE A 34 -37.83 18.93 -21.62
N GLY A 35 -37.32 19.39 -22.76
CA GLY A 35 -38.07 20.33 -23.59
C GLY A 35 -39.33 19.67 -24.16
N GLY A 36 -39.23 18.43 -24.64
CA GLY A 36 -40.43 17.79 -25.16
C GLY A 36 -41.39 17.39 -24.05
N LEU A 37 -40.88 17.10 -22.84
CA LEU A 37 -41.76 16.89 -21.71
C LEU A 37 -42.54 18.16 -21.38
N PHE A 38 -41.88 19.31 -21.42
CA PHE A 38 -42.58 20.58 -21.21
C PHE A 38 -43.58 20.85 -22.32
N ILE A 39 -43.25 20.48 -23.56
CA ILE A 39 -44.18 20.65 -24.67
C ILE A 39 -45.43 19.79 -24.45
N ILE A 40 -45.24 18.55 -24.02
CA ILE A 40 -46.37 17.66 -23.73
C ILE A 40 -47.22 18.23 -22.60
N LEU A 41 -46.58 18.75 -21.55
CA LEU A 41 -47.32 19.33 -20.43
C LEU A 41 -48.14 20.55 -20.88
N LEU A 42 -47.54 21.42 -21.70
CA LEU A 42 -48.26 22.60 -22.18
C LEU A 42 -49.40 22.21 -23.11
N TRP A 43 -49.21 21.17 -23.92
CA TRP A 43 -50.30 20.68 -24.75
C TRP A 43 -51.43 20.10 -23.90
N ARG A 44 -51.08 19.48 -22.77
CA ARG A 44 -52.10 19.04 -21.82
C ARG A 44 -52.87 20.22 -21.24
N THR A 45 -52.16 21.29 -20.87
CA THR A 45 -52.83 22.46 -20.31
C THR A 45 -53.75 23.13 -21.33
N LEU A 46 -53.31 23.23 -22.58
CA LEU A 46 -54.13 23.83 -23.63
C LEU A 46 -55.18 22.84 -24.12
N TRP A 93 -58.78 10.80 -38.73
CA TRP A 93 -58.04 9.59 -39.08
C TRP A 93 -56.97 9.30 -38.04
N MET A 94 -56.93 10.10 -36.98
CA MET A 94 -55.95 9.90 -35.91
C MET A 94 -56.20 8.59 -35.18
N THR A 95 -57.47 8.25 -34.94
CA THR A 95 -57.78 6.97 -34.31
C THR A 95 -57.39 5.80 -35.20
N SER A 96 -57.61 5.93 -36.51
CA SER A 96 -57.25 4.86 -37.45
C SER A 96 -55.74 4.62 -37.46
N VAL A 97 -54.96 5.70 -37.53
CA VAL A 97 -53.51 5.52 -37.55
C VAL A 97 -52.99 5.06 -36.20
N LYS A 98 -53.65 5.46 -35.11
CA LYS A 98 -53.27 4.97 -33.79
C LYS A 98 -53.52 3.46 -33.68
N ASP A 99 -54.66 3.00 -34.19
CA ASP A 99 -54.94 1.57 -34.19
C ASP A 99 -53.97 0.81 -35.10
N TRP A 100 -53.63 1.39 -36.24
CA TRP A 100 -52.67 0.77 -37.14
C TRP A 100 -51.29 0.62 -36.48
N ALA A 101 -50.84 1.66 -35.78
CA ALA A 101 -49.56 1.57 -35.08
C ALA A 101 -49.64 0.61 -33.90
N GLY A 102 -50.79 0.54 -33.23
CA GLY A 102 -50.93 -0.40 -32.13
C GLY A 102 -50.90 -1.85 -32.58
N VAL A 103 -51.57 -2.16 -33.69
CA VAL A 103 -51.52 -3.52 -34.21
C VAL A 103 -50.18 -3.80 -34.90
N MET A 104 -49.45 -2.75 -35.30
CA MET A 104 -48.13 -2.96 -35.89
C MET A 104 -47.13 -3.47 -34.87
N ILE A 105 -47.17 -2.94 -33.65
CA ILE A 105 -46.21 -3.31 -32.62
C ILE A 105 -46.78 -4.29 -31.61
N SER A 106 -47.98 -4.82 -31.86
CA SER A 106 -48.58 -5.78 -30.95
C SER A 106 -47.80 -7.08 -30.95
N ALA A 107 -47.67 -7.68 -29.77
CA ALA A 107 -46.92 -8.93 -29.64
C ALA A 107 -47.67 -10.13 -30.22
N GLN A 108 -48.97 -9.99 -30.48
CA GLN A 108 -49.75 -11.12 -30.99
C GLN A 108 -49.40 -11.40 -32.45
N THR A 109 -49.30 -10.36 -33.27
CA THR A 109 -49.06 -10.55 -34.69
C THR A 109 -47.61 -10.92 -34.96
N LEU A 110 -47.36 -11.43 -36.17
CA LEU A 110 -46.03 -11.86 -36.56
C LEU A 110 -45.07 -10.68 -36.67
N THR A 111 -45.57 -9.54 -37.18
CA THR A 111 -44.72 -8.37 -37.39
C THR A 111 -44.15 -7.87 -36.07
N GLY A 112 -44.98 -7.80 -35.04
CA GLY A 112 -44.49 -7.38 -33.73
C GLY A 112 -43.45 -8.32 -33.16
N ARG A 113 -43.66 -9.63 -33.33
CA ARG A 113 -42.72 -10.61 -32.83
C ARG A 113 -41.35 -10.47 -33.51
N VAL A 114 -41.36 -10.46 -34.85
CA VAL A 114 -40.09 -10.37 -35.56
C VAL A 114 -39.43 -9.02 -35.31
N LEU A 115 -40.22 -7.97 -35.09
CA LEU A 115 -39.64 -6.65 -34.89
C LEU A 115 -39.00 -6.52 -33.51
N VAL A 116 -39.64 -7.09 -32.48
CA VAL A 116 -39.01 -7.05 -31.16
C VAL A 116 -37.80 -7.96 -31.11
N VAL A 117 -37.81 -9.09 -31.83
CA VAL A 117 -36.61 -9.90 -31.94
C VAL A 117 -35.49 -9.12 -32.62
N LEU A 118 -35.83 -8.38 -33.68
CA LEU A 118 -34.83 -7.57 -34.39
C LEU A 118 -34.25 -6.49 -33.49
N VAL A 119 -35.09 -5.80 -32.73
CA VAL A 119 -34.57 -4.71 -31.89
C VAL A 119 -33.75 -5.28 -30.74
N PHE A 120 -34.11 -6.45 -30.22
CA PHE A 120 -33.26 -7.10 -29.22
C PHE A 120 -31.90 -7.48 -29.79
N ALA A 121 -31.89 -8.02 -31.01
CA ALA A 121 -30.62 -8.37 -31.65
C ALA A 121 -29.77 -7.14 -31.90
N LEU A 122 -30.38 -6.04 -32.34
CA LEU A 122 -29.62 -4.82 -32.57
C LEU A 122 -29.13 -4.21 -31.27
N SER A 123 -29.89 -4.36 -30.17
CA SER A 123 -29.40 -3.92 -28.88
C SER A 123 -28.19 -4.74 -28.44
N ILE A 124 -28.22 -6.05 -28.69
CA ILE A 124 -27.05 -6.88 -28.43
C ILE A 124 -25.86 -6.41 -29.25
N GLY A 125 -26.08 -6.11 -30.52
CA GLY A 125 -25.01 -5.62 -31.37
C GLY A 125 -24.44 -4.29 -30.88
N ALA A 126 -25.31 -3.38 -30.45
CA ALA A 126 -24.85 -2.10 -29.92
C ALA A 126 -24.05 -2.29 -28.64
N LEU A 127 -24.47 -3.23 -27.78
CA LEU A 127 -23.71 -3.51 -26.57
C LEU A 127 -22.32 -4.08 -26.93
N VAL A 128 -22.26 -4.94 -27.93
CA VAL A 128 -20.96 -5.48 -28.37
C VAL A 128 -20.08 -4.36 -28.92
N ILE A 129 -20.67 -3.44 -29.69
CA ILE A 129 -19.92 -2.31 -30.23
C ILE A 129 -19.37 -1.45 -29.09
N TYR A 130 -20.19 -1.19 -28.07
CA TYR A 130 -19.71 -0.42 -26.92
C TYR A 130 -18.60 -1.16 -26.19
N PHE A 131 -18.72 -2.48 -26.06
CA PHE A 131 -17.68 -3.27 -25.41
C PHE A 131 -16.36 -3.16 -26.17
N ILE A 132 -16.43 -3.19 -27.50
CA ILE A 132 -15.22 -3.05 -28.32
C ILE A 132 -14.64 -1.65 -28.17
N ASP A 133 -15.49 -0.62 -28.21
CA ASP A 133 -15.02 0.76 -28.20
C ASP A 133 -14.62 1.25 -26.81
N SER A 134 -14.92 0.49 -25.75
CA SER A 134 -14.52 0.91 -24.41
C SER A 134 -13.01 0.82 -24.19
N SER A 135 -12.27 0.19 -25.10
CA SER A 135 -10.82 0.08 -25.00
C SER A 135 -10.11 1.22 -25.72
N ASN A 136 -10.74 2.37 -25.83
CA ASN A 136 -10.24 3.54 -26.55
C ASN A 136 -10.35 4.75 -25.65
N PRO A 137 -9.63 5.84 -25.96
CA PRO A 137 -9.86 7.09 -25.24
C PRO A 137 -11.31 7.55 -25.36
N ILE A 138 -11.80 8.17 -24.28
CA ILE A 138 -13.23 8.45 -24.16
C ILE A 138 -13.67 9.42 -25.24
N GLU A 139 -12.91 10.49 -25.44
CA GLU A 139 -13.21 11.49 -26.46
C GLU A 139 -12.10 11.47 -27.50
N SER A 140 -12.47 11.27 -28.77
CA SER A 140 -11.48 11.15 -29.82
C SER A 140 -12.07 11.58 -31.15
N CYS A 141 -11.20 12.08 -32.03
CA CYS A 141 -11.61 12.49 -33.36
C CYS A 141 -11.43 11.35 -34.35
N GLN A 142 -12.37 11.24 -35.28
CA GLN A 142 -12.34 10.18 -36.29
C GLN A 142 -13.15 10.63 -37.49
N ASN A 143 -12.94 9.94 -38.61
CA ASN A 143 -13.64 10.23 -39.86
C ASN A 143 -14.79 9.25 -40.01
N PHE A 144 -16.00 9.78 -40.24
CA PHE A 144 -17.18 8.93 -40.39
C PHE A 144 -17.10 8.09 -41.65
N TYR A 145 -16.59 8.66 -42.74
CA TYR A 145 -16.48 7.91 -43.99
C TYR A 145 -15.40 6.84 -43.92
N LYS A 146 -14.33 7.09 -43.17
CA LYS A 146 -13.21 6.15 -43.13
C LYS A 146 -13.58 4.87 -42.39
N ASP A 147 -14.23 4.99 -41.23
CA ASP A 147 -14.57 3.84 -40.40
C ASP A 147 -16.03 3.46 -40.62
N PHE A 148 -16.29 2.16 -40.78
CA PHE A 148 -17.63 1.67 -41.04
C PHE A 148 -18.32 1.09 -39.81
N THR A 149 -17.59 0.91 -38.71
CA THR A 149 -18.24 0.52 -37.46
C THR A 149 -19.16 1.62 -36.97
N LEU A 150 -18.73 2.88 -37.11
CA LEU A 150 -19.61 4.00 -36.82
C LEU A 150 -20.83 4.00 -37.73
N GLN A 151 -20.67 3.56 -38.98
CA GLN A 151 -21.82 3.44 -39.87
C GLN A 151 -22.79 2.37 -39.38
N ILE A 152 -22.26 1.26 -38.87
CA ILE A 152 -23.11 0.22 -38.30
C ILE A 152 -23.88 0.75 -37.10
N ASP A 153 -23.19 1.48 -36.22
CA ASP A 153 -23.86 2.06 -35.06
C ASP A 153 -24.91 3.09 -35.49
N MET A 154 -24.62 3.86 -36.54
CA MET A 154 -25.57 4.82 -37.06
C MET A 154 -26.82 4.13 -37.60
N ALA A 155 -26.65 3.03 -38.33
CA ALA A 155 -27.80 2.28 -38.82
C ALA A 155 -28.62 1.71 -37.67
N PHE A 156 -27.94 1.16 -36.66
CA PHE A 156 -28.64 0.63 -35.49
C PHE A 156 -29.45 1.73 -34.81
N ASN A 157 -28.87 2.92 -34.66
CA ASN A 157 -29.52 3.99 -33.93
C ASN A 157 -30.67 4.61 -34.73
N VAL A 158 -30.55 4.68 -36.06
CA VAL A 158 -31.70 5.18 -36.82
C VAL A 158 -32.83 4.16 -36.81
N PHE A 159 -32.51 2.85 -36.77
CA PHE A 159 -33.57 1.87 -36.59
C PHE A 159 -34.23 2.04 -35.23
N PHE A 160 -33.43 2.30 -34.19
CA PHE A 160 -34.00 2.54 -32.86
C PHE A 160 -34.91 3.77 -32.88
N LEU A 161 -34.50 4.82 -33.60
CA LEU A 161 -35.31 6.02 -33.69
C LEU A 161 -36.63 5.76 -34.40
N LEU A 162 -36.60 4.99 -35.49
CA LEU A 162 -37.84 4.64 -36.18
C LEU A 162 -38.76 3.82 -35.29
N TYR A 163 -38.19 2.87 -34.54
CA TYR A 163 -39.00 2.09 -33.60
C TYR A 163 -39.60 2.99 -32.52
N PHE A 164 -38.83 3.96 -32.03
CA PHE A 164 -39.35 4.85 -31.01
C PHE A 164 -40.51 5.69 -31.55
N GLY A 165 -40.39 6.17 -32.79
CA GLY A 165 -41.49 6.91 -33.39
C GLY A 165 -42.73 6.05 -33.56
N LEU A 166 -42.55 4.81 -34.02
CA LEU A 166 -43.68 3.90 -34.19
C LEU A 166 -44.35 3.59 -32.85
N ARG A 167 -43.56 3.46 -31.78
CA ARG A 167 -44.13 3.28 -30.45
C ARG A 167 -44.87 4.53 -30.00
N PHE A 168 -44.30 5.72 -30.27
CA PHE A 168 -44.91 6.96 -29.81
C PHE A 168 -46.25 7.21 -30.48
N ILE A 169 -46.41 6.80 -31.74
CA ILE A 169 -47.72 6.91 -32.37
C ILE A 169 -48.74 6.03 -31.64
N ALA A 170 -48.33 4.81 -31.28
CA ALA A 170 -49.21 3.88 -30.57
C ALA A 170 -49.05 4.05 -29.06
N ALA A 171 -49.54 5.19 -28.58
CA ALA A 171 -49.49 5.51 -27.15
C ALA A 171 -50.77 6.22 -26.76
N ASN A 172 -51.55 5.59 -25.88
CA ASN A 172 -52.76 6.23 -25.37
C ASN A 172 -52.42 7.44 -24.51
N ASP A 173 -51.40 7.32 -23.68
CA ASP A 173 -50.95 8.40 -22.81
C ASP A 173 -49.51 8.75 -23.19
N LYS A 174 -49.32 9.91 -23.81
CA LYS A 174 -47.99 10.30 -24.27
C LYS A 174 -47.05 10.57 -23.09
N LEU A 175 -47.56 11.19 -22.03
CA LEU A 175 -46.70 11.58 -20.91
C LEU A 175 -46.14 10.35 -20.19
N TRP A 176 -46.97 9.35 -19.95
CA TRP A 176 -46.48 8.15 -19.27
C TRP A 176 -45.62 7.30 -20.19
N PHE A 177 -45.81 7.40 -21.50
CA PHE A 177 -44.88 6.78 -22.43
C PHE A 177 -43.53 7.47 -22.40
N TRP A 178 -43.52 8.79 -22.20
CA TRP A 178 -42.28 9.55 -22.22
C TRP A 178 -41.39 9.26 -21.01
N LEU A 179 -41.94 8.67 -19.95
CA LEU A 179 -41.18 8.36 -18.74
C LEU A 179 -40.78 6.90 -18.66
N GLU A 180 -40.98 6.13 -19.72
CA GLU A 180 -40.56 4.73 -19.72
C GLU A 180 -39.05 4.63 -19.85
N VAL A 181 -38.51 3.50 -19.38
CA VAL A 181 -37.06 3.29 -19.44
C VAL A 181 -36.60 3.14 -20.89
N ASN A 182 -37.41 2.55 -21.75
CA ASN A 182 -37.04 2.44 -23.16
C ASN A 182 -37.01 3.81 -23.83
N SER A 183 -37.97 4.66 -23.51
CA SER A 183 -37.96 6.01 -24.06
C SER A 183 -36.73 6.79 -23.61
N VAL A 184 -36.39 6.70 -22.32
CA VAL A 184 -35.27 7.48 -21.82
C VAL A 184 -33.93 6.92 -22.32
N VAL A 185 -33.83 5.60 -22.51
CA VAL A 185 -32.59 5.07 -23.11
C VAL A 185 -32.50 5.49 -24.57
N ASP A 186 -33.62 5.59 -25.28
CA ASP A 186 -33.58 6.14 -26.62
C ASP A 186 -33.12 7.59 -26.62
N PHE A 187 -33.62 8.39 -25.66
CA PHE A 187 -33.24 9.79 -25.58
C PHE A 187 -31.76 9.96 -25.28
N PHE A 188 -31.21 9.13 -24.39
CA PHE A 188 -29.81 9.25 -24.02
C PHE A 188 -28.88 8.43 -24.89
N THR A 189 -29.40 7.74 -25.91
CA THR A 189 -28.54 7.03 -26.85
C THR A 189 -28.55 7.61 -28.26
N VAL A 190 -29.71 7.95 -28.82
CA VAL A 190 -29.81 8.23 -30.25
C VAL A 190 -29.30 9.62 -30.65
N PRO A 191 -29.64 10.72 -29.97
CA PRO A 191 -29.07 12.03 -30.37
C PRO A 191 -27.54 12.11 -30.29
N PRO A 192 -26.88 11.45 -29.32
CA PRO A 192 -25.40 11.52 -29.32
C PRO A 192 -24.72 11.04 -30.58
N VAL A 193 -25.24 10.00 -31.25
CA VAL A 193 -24.54 9.53 -32.45
C VAL A 193 -24.70 10.54 -33.59
N PHE A 194 -25.87 11.20 -33.68
CA PHE A 194 -26.04 12.25 -34.68
C PHE A 194 -25.12 13.43 -34.39
N VAL A 195 -24.98 13.80 -33.12
CA VAL A 195 -24.07 14.90 -32.78
C VAL A 195 -22.63 14.51 -33.08
N SER A 196 -22.27 13.24 -32.83
CA SER A 196 -20.92 12.78 -33.11
C SER A 196 -20.63 12.79 -34.61
N VAL A 197 -21.58 12.36 -35.43
CA VAL A 197 -21.32 12.33 -36.86
C VAL A 197 -21.34 13.74 -37.44
N TYR A 198 -22.09 14.65 -36.83
CA TYR A 198 -22.06 16.05 -37.29
C TYR A 198 -20.74 16.72 -36.93
N LEU A 199 -20.29 16.57 -35.69
CA LEU A 199 -19.08 17.23 -35.22
C LEU A 199 -17.81 16.51 -35.63
N ASN A 200 -17.92 15.33 -36.27
CA ASN A 200 -16.80 14.52 -36.71
C ASN A 200 -15.91 14.08 -35.56
N ARG A 201 -16.45 14.05 -34.34
CA ARG A 201 -15.76 13.56 -33.16
C ARG A 201 -16.56 12.39 -32.57
N SER A 202 -16.11 11.90 -31.42
CA SER A 202 -16.80 10.79 -30.78
C SER A 202 -16.54 10.84 -29.28
N TRP A 203 -17.59 10.61 -28.50
CA TRP A 203 -17.53 10.54 -27.05
C TRP A 203 -18.16 9.22 -26.62
N LEU A 204 -17.56 8.59 -25.60
CA LEU A 204 -18.06 7.29 -25.15
C LEU A 204 -19.48 7.41 -24.61
N GLY A 205 -19.69 8.33 -23.68
CA GLY A 205 -21.01 8.70 -23.24
C GLY A 205 -21.81 7.58 -22.58
N LEU A 206 -23.13 7.71 -22.67
CA LEU A 206 -24.07 6.77 -22.08
C LEU A 206 -24.55 5.74 -23.09
N ARG A 207 -23.60 5.06 -23.75
CA ARG A 207 -23.95 4.04 -24.72
C ARG A 207 -24.08 2.65 -24.11
N PHE A 208 -23.75 2.48 -22.83
CA PHE A 208 -23.96 1.22 -22.13
C PHE A 208 -25.39 1.03 -21.69
N LEU A 209 -26.21 2.09 -21.69
CA LEU A 209 -27.58 1.99 -21.22
C LEU A 209 -28.43 1.05 -22.07
N ARG A 210 -27.98 0.72 -23.29
CA ARG A 210 -28.69 -0.26 -24.09
C ARG A 210 -28.71 -1.64 -23.43
N ALA A 211 -27.80 -1.90 -22.49
CA ALA A 211 -27.85 -3.12 -21.71
C ALA A 211 -29.16 -3.24 -20.92
N LEU A 212 -29.82 -2.11 -20.65
CA LEU A 212 -31.12 -2.14 -19.99
C LEU A 212 -32.20 -2.79 -20.83
N ARG A 213 -31.94 -3.02 -22.13
CA ARG A 213 -32.87 -3.76 -22.96
C ARG A 213 -32.69 -5.27 -22.83
N LEU A 214 -31.79 -5.74 -21.96
CA LEU A 214 -31.69 -7.17 -21.69
C LEU A 214 -32.88 -7.69 -20.89
N ILE A 215 -33.65 -6.80 -20.25
CA ILE A 215 -34.73 -7.22 -19.39
C ILE A 215 -35.81 -7.96 -20.17
N GLN A 216 -36.03 -7.57 -21.43
CA GLN A 216 -37.01 -8.25 -22.27
C GLN A 216 -36.56 -9.61 -22.76
N PHE A 217 -35.33 -10.03 -22.40
CA PHE A 217 -34.76 -11.27 -22.94
C PHE A 217 -35.67 -12.47 -22.68
N SER A 218 -36.19 -12.58 -21.45
CA SER A 218 -37.10 -13.68 -21.14
C SER A 218 -38.32 -13.67 -22.05
N GLU A 219 -38.89 -12.49 -22.29
CA GLU A 219 -40.01 -12.39 -23.22
C GLU A 219 -39.61 -12.88 -24.60
N ILE A 220 -38.38 -12.61 -25.02
CA ILE A 220 -37.91 -13.07 -26.32
C ILE A 220 -37.96 -14.58 -26.41
N LEU A 221 -37.75 -15.27 -25.29
CA LEU A 221 -37.87 -16.73 -25.31
C LEU A 221 -39.32 -17.17 -25.35
N GLN A 222 -40.22 -16.41 -24.71
CA GLN A 222 -41.56 -16.90 -24.42
C GLN A 222 -42.35 -17.22 -25.67
N PHE A 223 -42.25 -16.36 -26.70
CA PHE A 223 -42.97 -16.59 -27.94
C PHE A 223 -42.11 -17.28 -29.00
N LEU A 224 -41.01 -17.91 -28.60
CA LEU A 224 -40.28 -18.83 -29.48
C LEU A 224 -40.35 -20.28 -28.98
N ASN A 225 -41.31 -20.57 -28.10
CA ASN A 225 -41.57 -21.94 -27.62
C ASN A 225 -40.34 -22.54 -26.96
N ILE A 226 -39.63 -21.73 -26.17
CA ILE A 226 -38.49 -22.20 -25.41
C ILE A 226 -38.78 -22.26 -23.91
N LEU A 227 -39.66 -21.40 -23.41
CA LEU A 227 -40.04 -21.41 -22.00
C LEU A 227 -41.56 -21.54 -21.91
N LYS A 228 -42.03 -22.48 -21.09
CA LYS A 228 -43.45 -22.72 -20.92
C LYS A 228 -43.92 -22.48 -19.49
N THR A 229 -43.22 -23.05 -18.51
CA THR A 229 -43.64 -22.91 -17.11
C THR A 229 -43.30 -21.52 -16.59
N SER A 230 -44.05 -21.11 -15.55
CA SER A 230 -43.87 -19.78 -14.97
C SER A 230 -42.61 -19.68 -14.13
N ASN A 231 -42.19 -20.76 -13.48
CA ASN A 231 -41.02 -20.72 -12.62
C ASN A 231 -39.76 -20.42 -13.41
N SER A 232 -39.57 -21.09 -14.55
CA SER A 232 -38.41 -20.84 -15.39
C SER A 232 -38.42 -19.42 -15.94
N ILE A 233 -39.60 -18.93 -16.33
CA ILE A 233 -39.72 -17.56 -16.83
C ILE A 233 -39.32 -16.57 -15.75
N LYS A 234 -39.79 -16.78 -14.51
CA LYS A 234 -39.43 -15.89 -13.41
C LYS A 234 -37.94 -15.93 -13.12
N LEU A 235 -37.34 -17.13 -13.15
CA LEU A 235 -35.91 -17.25 -12.91
C LEU A 235 -35.10 -16.51 -13.98
N VAL A 236 -35.48 -16.68 -15.24
CA VAL A 236 -34.78 -16.01 -16.33
C VAL A 236 -34.96 -14.50 -16.22
N ASN A 237 -36.15 -14.05 -15.83
CA ASN A 237 -36.39 -12.63 -15.66
C ASN A 237 -35.51 -12.04 -14.55
N LEU A 238 -35.41 -12.74 -13.42
CA LEU A 238 -34.56 -12.26 -12.33
C LEU A 238 -33.09 -12.21 -12.76
N LEU A 239 -32.62 -13.26 -13.45
CA LEU A 239 -31.24 -13.28 -13.88
C LEU A 239 -30.95 -12.16 -14.87
N SER A 240 -31.87 -11.92 -15.82
CA SER A 240 -31.67 -10.87 -16.80
C SER A 240 -31.68 -9.50 -16.15
N ILE A 241 -32.57 -9.28 -15.17
CA ILE A 241 -32.62 -8.00 -14.48
C ILE A 241 -31.31 -7.75 -13.73
N PHE A 242 -30.84 -8.77 -13.01
CA PHE A 242 -29.59 -8.63 -12.25
C PHE A 242 -28.41 -8.36 -13.17
N ILE A 243 -28.32 -9.09 -14.29
CA ILE A 243 -27.21 -8.90 -15.22
C ILE A 243 -27.26 -7.50 -15.83
N SER A 244 -28.45 -7.04 -16.22
CA SER A 244 -28.57 -5.73 -16.85
C SER A 244 -28.19 -4.61 -15.89
N THR A 245 -28.68 -4.67 -14.65
CA THR A 245 -28.35 -3.62 -13.70
C THR A 245 -26.87 -3.66 -13.31
N TRP A 246 -26.29 -4.87 -13.24
CA TRP A 246 -24.86 -5.00 -13.00
C TRP A 246 -24.05 -4.32 -14.11
N LEU A 247 -24.40 -4.62 -15.36
CA LEU A 247 -23.66 -4.07 -16.49
C LEU A 247 -23.80 -2.55 -16.57
N THR A 248 -25.01 -2.02 -16.34
CA THR A 248 -25.15 -0.58 -16.46
C THR A 248 -24.49 0.16 -15.29
N ALA A 249 -24.51 -0.42 -14.09
CA ALA A 249 -23.79 0.19 -12.98
C ALA A 249 -22.29 0.20 -13.25
N ALA A 250 -21.76 -0.90 -13.80
CA ALA A 250 -20.36 -0.93 -14.18
C ALA A 250 -20.06 0.11 -15.27
N GLY A 251 -21.01 0.33 -16.18
CA GLY A 251 -20.80 1.34 -17.21
C GLY A 251 -20.70 2.74 -16.64
N PHE A 252 -21.62 3.10 -15.74
CA PHE A 252 -21.52 4.41 -15.09
C PHE A 252 -20.23 4.55 -14.29
N ILE A 253 -19.83 3.50 -13.56
CA ILE A 253 -18.61 3.59 -12.77
C ILE A 253 -17.40 3.78 -13.67
N HIS A 254 -17.34 3.05 -14.77
CA HIS A 254 -16.22 3.17 -15.71
C HIS A 254 -16.17 4.57 -16.31
N LEU A 255 -17.33 5.09 -16.73
CA LEU A 255 -17.35 6.42 -17.33
C LEU A 255 -16.92 7.49 -16.33
N VAL A 256 -17.47 7.45 -15.12
CA VAL A 256 -17.16 8.49 -14.14
C VAL A 256 -15.75 8.35 -13.59
N GLU A 257 -15.15 7.15 -13.66
CA GLU A 257 -13.78 7.00 -13.18
C GLU A 257 -12.77 7.40 -14.24
N ASN A 258 -12.93 6.91 -15.47
CA ASN A 258 -11.97 7.25 -16.52
C ASN A 258 -12.13 8.70 -17.00
N SER A 259 -13.31 9.30 -16.82
CA SER A 259 -13.49 10.68 -17.28
C SER A 259 -12.78 11.66 -16.36
N GLY A 260 -12.86 11.46 -15.05
CA GLY A 260 -12.27 12.37 -14.09
C GLY A 260 -13.24 13.42 -13.61
N ASP A 261 -12.83 14.13 -12.56
CA ASP A 261 -13.68 15.16 -11.97
C ASP A 261 -13.73 16.38 -12.90
N PRO A 262 -14.92 16.93 -13.16
CA PRO A 262 -14.99 18.08 -14.08
C PRO A 262 -14.44 19.36 -13.49
N TRP A 263 -14.74 19.64 -12.22
CA TRP A 263 -14.32 20.89 -11.60
C TRP A 263 -12.83 20.94 -11.29
N GLU A 264 -12.11 19.82 -11.42
CA GLU A 264 -10.67 19.78 -11.19
C GLU A 264 -9.90 19.55 -12.48
N ASN A 265 -10.47 19.98 -13.61
CA ASN A 265 -9.82 19.92 -14.93
C ASN A 265 -9.44 18.50 -15.34
N PHE A 266 -10.24 17.53 -14.89
CA PHE A 266 -10.09 16.12 -15.27
C PHE A 266 -8.68 15.59 -14.96
N GLN A 267 -8.14 16.00 -13.82
CA GLN A 267 -6.84 15.51 -13.37
C GLN A 267 -6.94 14.34 -12.41
N ASN A 268 -8.15 13.85 -12.14
CA ASN A 268 -8.37 12.73 -11.24
C ASN A 268 -8.72 11.45 -11.99
N ASN A 269 -8.43 11.38 -13.29
CA ASN A 269 -8.76 10.22 -14.09
C ASN A 269 -7.94 9.01 -13.64
N GLN A 270 -8.61 7.86 -13.53
CA GLN A 270 -7.99 6.61 -13.15
C GLN A 270 -8.13 5.61 -14.29
N ALA A 271 -7.03 4.97 -14.66
CA ALA A 271 -7.01 4.05 -15.80
C ALA A 271 -7.68 2.74 -15.38
N LEU A 272 -9.00 2.72 -15.44
CA LEU A 272 -9.80 1.55 -15.13
C LEU A 272 -10.50 1.06 -16.39
N THR A 273 -10.28 -0.20 -16.73
CA THR A 273 -10.99 -0.81 -17.85
C THR A 273 -12.42 -1.14 -17.44
N TYR A 274 -13.26 -1.44 -18.44
CA TYR A 274 -14.65 -1.75 -18.16
C TYR A 274 -14.78 -3.03 -17.35
N TRP A 275 -13.99 -4.05 -17.69
CA TRP A 275 -14.09 -5.33 -16.98
C TRP A 275 -13.56 -5.22 -15.56
N GLU A 276 -12.58 -4.36 -15.32
CA GLU A 276 -12.14 -4.09 -13.96
C GLU A 276 -13.27 -3.46 -13.14
N CYS A 277 -14.06 -2.59 -13.76
CA CYS A 277 -15.20 -2.01 -13.06
C CYS A 277 -16.30 -3.05 -12.83
N VAL A 278 -16.46 -3.98 -13.77
CA VAL A 278 -17.40 -5.09 -13.56
C VAL A 278 -16.96 -5.93 -12.36
N TYR A 279 -15.65 -6.21 -12.27
CA TYR A 279 -15.11 -6.94 -11.13
C TYR A 279 -15.32 -6.17 -9.83
N LEU A 280 -15.12 -4.85 -9.88
CA LEU A 280 -15.34 -4.02 -8.69
C LEU A 280 -16.79 -4.06 -8.24
N LEU A 281 -17.73 -3.97 -9.18
CA LEU A 281 -19.14 -4.05 -8.82
C LEU A 281 -19.52 -5.40 -8.24
N MET A 282 -18.97 -6.48 -8.82
CA MET A 282 -19.26 -7.81 -8.28
C MET A 282 -18.68 -7.97 -6.87
N VAL A 283 -17.47 -7.46 -6.65
CA VAL A 283 -16.87 -7.55 -5.32
C VAL A 283 -17.66 -6.71 -4.32
N THR A 284 -18.13 -5.53 -4.72
CA THR A 284 -18.88 -4.67 -3.83
C THR A 284 -20.24 -5.26 -3.47
N MET A 285 -20.98 -5.74 -4.47
CA MET A 285 -22.34 -6.22 -4.24
C MET A 285 -22.39 -7.48 -3.40
N SER A 286 -21.28 -8.21 -3.29
CA SER A 286 -21.20 -9.37 -2.43
C SER A 286 -20.69 -9.03 -1.03
N THR A 287 -20.49 -7.74 -0.75
CA THR A 287 -19.97 -7.25 0.53
C THR A 287 -18.65 -7.90 0.90
N VAL A 288 -17.73 -7.94 -0.07
CA VAL A 288 -16.38 -8.46 0.16
C VAL A 288 -15.42 -7.30 0.31
N GLY A 289 -15.33 -6.46 -0.72
CA GLY A 289 -14.52 -5.26 -0.65
C GLY A 289 -13.04 -5.51 -0.40
N TYR A 290 -12.34 -6.07 -1.39
CA TYR A 290 -10.91 -6.29 -1.25
C TYR A 290 -10.16 -4.98 -1.07
N GLY A 291 -10.52 -3.96 -1.84
CA GLY A 291 -9.81 -2.70 -1.82
C GLY A 291 -8.66 -2.61 -2.79
N ASP A 292 -8.42 -3.64 -3.60
CA ASP A 292 -7.40 -3.55 -4.65
C ASP A 292 -7.78 -2.51 -5.70
N VAL A 293 -9.05 -2.46 -6.08
CA VAL A 293 -9.57 -1.46 -7.00
C VAL A 293 -10.76 -0.77 -6.35
N TYR A 294 -10.79 0.55 -6.44
CA TYR A 294 -11.87 1.33 -5.84
C TYR A 294 -11.97 2.66 -6.57
N ALA A 295 -13.10 3.34 -6.35
CA ALA A 295 -13.32 4.65 -6.97
C ALA A 295 -12.56 5.71 -6.20
N LYS A 296 -11.75 6.50 -6.92
CA LYS A 296 -10.96 7.56 -6.30
C LYS A 296 -11.57 8.94 -6.48
N THR A 297 -12.37 9.14 -7.53
CA THR A 297 -13.00 10.43 -7.75
C THR A 297 -14.15 10.65 -6.77
N THR A 298 -14.50 11.93 -6.57
CA THR A 298 -15.59 12.27 -5.67
C THR A 298 -16.92 11.78 -6.23
N LEU A 299 -17.19 12.06 -7.50
CA LEU A 299 -18.44 11.63 -8.12
C LEU A 299 -18.51 10.11 -8.21
N GLY A 300 -17.37 9.45 -8.45
CA GLY A 300 -17.36 8.00 -8.44
C GLY A 300 -17.70 7.42 -7.08
N ARG A 301 -17.18 8.03 -6.01
CA ARG A 301 -17.50 7.57 -4.66
C ARG A 301 -18.97 7.81 -4.33
N LEU A 302 -19.51 8.95 -4.76
CA LEU A 302 -20.93 9.21 -4.56
C LEU A 302 -21.79 8.19 -5.29
N PHE A 303 -21.41 7.87 -6.53
CA PHE A 303 -22.15 6.85 -7.29
C PHE A 303 -22.02 5.49 -6.63
N MET A 304 -20.85 5.17 -6.06
CA MET A 304 -20.69 3.90 -5.36
C MET A 304 -21.58 3.82 -4.13
N VAL A 305 -21.68 4.91 -3.37
CA VAL A 305 -22.56 4.93 -2.20
C VAL A 305 -24.01 4.74 -2.63
N PHE A 306 -24.43 5.46 -3.67
CA PHE A 306 -25.81 5.33 -4.15
C PHE A 306 -26.08 3.92 -4.67
N PHE A 307 -25.10 3.32 -5.36
CA PHE A 307 -25.26 1.97 -5.88
C PHE A 307 -25.34 0.95 -4.75
N ILE A 308 -24.56 1.15 -3.69
CA ILE A 308 -24.61 0.25 -2.54
C ILE A 308 -26.00 0.30 -1.89
N LEU A 309 -26.51 1.53 -1.67
CA LEU A 309 -27.82 1.67 -1.06
C LEU A 309 -28.92 1.07 -1.94
N GLY A 310 -28.87 1.36 -3.24
CA GLY A 310 -29.87 0.85 -4.15
C GLY A 310 -29.83 -0.65 -4.29
N GLY A 311 -28.63 -1.23 -4.33
CA GLY A 311 -28.50 -2.67 -4.42
C GLY A 311 -29.00 -3.38 -3.17
N LEU A 312 -28.68 -2.82 -2.00
CA LEU A 312 -29.19 -3.40 -0.75
C LEU A 312 -30.71 -3.33 -0.70
N ALA A 313 -31.29 -2.19 -1.08
CA ALA A 313 -32.75 -2.06 -1.08
C ALA A 313 -33.39 -3.03 -2.08
N MET A 314 -32.81 -3.14 -3.28
CA MET A 314 -33.37 -4.03 -4.30
C MET A 314 -33.27 -5.49 -3.88
N PHE A 315 -32.15 -5.88 -3.27
CA PHE A 315 -32.02 -7.25 -2.79
C PHE A 315 -33.02 -7.54 -1.67
N ALA A 316 -33.19 -6.59 -0.74
CA ALA A 316 -34.17 -6.78 0.32
C ALA A 316 -35.59 -6.86 -0.22
N SER A 317 -35.87 -6.14 -1.31
CA SER A 317 -37.20 -6.23 -1.91
C SER A 317 -37.39 -7.54 -2.69
N TYR A 318 -36.31 -8.07 -3.26
CA TYR A 318 -36.40 -9.27 -4.10
C TYR A 318 -36.18 -10.56 -3.33
N VAL A 319 -35.88 -10.50 -2.03
CA VAL A 319 -35.79 -11.72 -1.21
C VAL A 319 -37.02 -12.62 -1.31
N PRO A 320 -38.27 -12.11 -1.19
CA PRO A 320 -39.41 -13.03 -1.26
C PRO A 320 -39.53 -13.78 -2.57
N GLU A 321 -39.17 -13.16 -3.70
CA GLU A 321 -39.18 -13.89 -4.97
C GLU A 321 -38.12 -14.98 -4.99
N ILE A 322 -36.96 -14.72 -4.39
CA ILE A 322 -35.94 -15.76 -4.27
C ILE A 322 -36.45 -16.92 -3.43
N ILE A 323 -37.14 -16.62 -2.34
CA ILE A 323 -37.69 -17.68 -1.49
C ILE A 323 -38.75 -18.47 -2.25
N GLU A 324 -39.59 -17.79 -3.04
CA GLU A 324 -40.60 -18.48 -3.83
C GLU A 324 -39.96 -19.39 -4.88
N LEU A 325 -38.87 -18.93 -5.50
CA LEU A 325 -38.14 -19.78 -6.44
C LEU A 325 -37.53 -20.99 -5.75
N ILE A 326 -37.00 -20.79 -4.54
CA ILE A 326 -36.48 -21.93 -3.77
C ILE A 326 -37.62 -22.88 -3.42
N GLY A 327 -38.74 -22.33 -2.96
CA GLY A 327 -39.92 -23.14 -2.69
C GLY A 327 -39.74 -24.07 -1.51
N ASN A 328 -40.63 -25.06 -1.45
CA ASN A 328 -40.60 -26.09 -0.42
C ASN A 328 -40.51 -27.45 -1.11
N VAL B 12 1.14 42.61 10.79
CA VAL B 12 0.26 42.49 11.95
C VAL B 12 -0.90 41.48 11.73
N PRO B 13 -1.65 41.55 10.59
CA PRO B 13 -2.71 40.55 10.38
C PRO B 13 -2.16 39.15 10.14
N CYS B 14 -2.40 38.24 11.08
CA CYS B 14 -1.98 36.86 10.93
C CYS B 14 -2.93 35.96 11.70
N ASP B 15 -3.01 34.70 11.27
CA ASP B 15 -3.82 33.68 11.92
C ASP B 15 -2.93 32.50 12.30
N SER B 16 -3.08 32.02 13.53
CA SER B 16 -2.29 30.90 14.00
C SER B 16 -3.13 30.05 14.96
N ARG B 17 -2.77 28.77 15.06
CA ARG B 17 -3.48 27.88 15.96
C ARG B 17 -3.15 28.17 17.42
N GLY B 18 -1.87 28.36 17.72
CA GLY B 18 -1.46 28.61 19.09
C GLY B 18 -1.67 27.39 19.96
N GLN B 19 -2.31 27.59 21.10
CA GLN B 19 -2.62 26.52 22.04
C GLN B 19 -4.07 26.07 21.87
N ARG B 20 -4.28 24.76 21.98
CA ARG B 20 -5.62 24.21 21.84
C ARG B 20 -6.49 24.60 23.02
N MET B 21 -7.70 25.07 22.74
CA MET B 21 -8.64 25.49 23.77
C MET B 21 -9.94 24.69 23.74
N TRP B 22 -9.89 23.46 23.22
CA TRP B 22 -11.09 22.62 23.13
C TRP B 22 -11.64 22.29 24.51
N TRP B 23 -10.76 22.13 25.51
CA TRP B 23 -11.21 21.73 26.83
C TRP B 23 -12.09 22.79 27.48
N ALA B 24 -11.83 24.06 27.21
CA ALA B 24 -12.70 25.12 27.72
C ALA B 24 -14.11 25.02 27.14
N PHE B 25 -14.20 24.81 25.83
CA PHE B 25 -15.50 24.67 25.19
C PHE B 25 -16.25 23.44 25.71
N LEU B 26 -15.55 22.33 25.88
CA LEU B 26 -16.21 21.12 26.39
C LEU B 26 -16.65 21.30 27.83
N ALA B 27 -15.81 21.91 28.67
CA ALA B 27 -16.17 22.14 30.06
C ALA B 27 -17.34 23.11 30.18
N SER B 28 -17.46 24.05 29.26
CA SER B 28 -18.58 24.99 29.29
C SER B 28 -19.92 24.30 29.12
N SER B 29 -19.94 23.10 28.54
CA SER B 29 -21.16 22.31 28.47
C SER B 29 -21.27 21.29 29.59
N MET B 30 -20.13 20.71 30.01
CA MET B 30 -20.16 19.73 31.09
C MET B 30 -20.58 20.37 32.42
N VAL B 31 -20.03 21.55 32.75
CA VAL B 31 -20.39 22.21 33.99
C VAL B 31 -21.74 22.90 33.93
N THR B 32 -22.40 22.88 32.77
CA THR B 32 -23.82 23.18 32.71
C THR B 32 -24.63 21.93 32.99
N PHE B 33 -24.42 20.89 32.18
CA PHE B 33 -25.22 19.68 32.24
C PHE B 33 -25.15 19.00 33.60
N PHE B 34 -23.94 18.57 34.00
CA PHE B 34 -23.82 17.79 35.22
C PHE B 34 -24.12 18.62 36.46
N GLY B 35 -23.69 19.88 36.48
CA GLY B 35 -23.93 20.72 37.65
C GLY B 35 -25.43 20.99 37.83
N GLY B 36 -26.15 21.29 36.74
CA GLY B 36 -27.57 21.53 36.90
C GLY B 36 -28.33 20.24 37.18
N LEU B 37 -27.83 19.11 36.70
CA LEU B 37 -28.43 17.82 37.08
C LEU B 37 -28.27 17.59 38.58
N PHE B 38 -27.10 17.89 39.13
CA PHE B 38 -26.90 17.78 40.57
C PHE B 38 -27.79 18.76 41.33
N ILE B 39 -27.98 19.97 40.78
CA ILE B 39 -28.87 20.94 41.41
C ILE B 39 -30.30 20.41 41.46
N ILE B 40 -30.76 19.82 40.35
CA ILE B 40 -32.10 19.24 40.31
C ILE B 40 -32.23 18.10 41.31
N LEU B 41 -31.20 17.25 41.39
CA LEU B 41 -31.24 16.14 42.35
C LEU B 41 -31.30 16.65 43.80
N LEU B 42 -30.50 17.67 44.12
CA LEU B 42 -30.51 18.21 45.48
C LEU B 42 -31.84 18.89 45.79
N TRP B 43 -32.43 19.56 44.79
CA TRP B 43 -33.76 20.14 44.99
C TRP B 43 -34.81 19.05 45.22
N ARG B 44 -34.65 17.89 44.57
CA ARG B 44 -35.52 16.76 44.84
C ARG B 44 -35.35 16.25 46.27
N THR B 45 -34.09 16.17 46.74
CA THR B 45 -33.86 15.70 48.10
C THR B 45 -34.44 16.68 49.13
N LEU B 46 -34.28 17.98 48.91
CA LEU B 46 -34.82 18.97 49.83
C LEU B 46 -36.32 19.14 49.62
N TRP B 93 -49.02 31.03 41.30
CA TRP B 93 -49.17 31.29 39.88
C TRP B 93 -48.26 30.39 39.05
N MET B 94 -47.56 29.49 39.74
CA MET B 94 -46.67 28.56 39.05
C MET B 94 -47.45 27.59 38.16
N THR B 95 -48.61 27.13 38.63
CA THR B 95 -49.45 26.27 37.81
C THR B 95 -49.98 27.02 36.58
N SER B 96 -50.35 28.29 36.77
CA SER B 96 -50.86 29.08 35.65
C SER B 96 -49.80 29.28 34.57
N VAL B 97 -48.58 29.63 34.98
CA VAL B 97 -47.52 29.83 34.00
C VAL B 97 -47.09 28.50 33.38
N LYS B 98 -47.15 27.40 34.14
CA LYS B 98 -46.86 26.10 33.56
C LYS B 98 -47.88 25.73 32.50
N ASP B 99 -49.17 25.98 32.77
CA ASP B 99 -50.20 25.72 31.76
C ASP B 99 -50.03 26.63 30.55
N TRP B 100 -49.66 27.89 30.77
CA TRP B 100 -49.44 28.81 29.67
C TRP B 100 -48.29 28.34 28.79
N ALA B 101 -47.19 27.88 29.39
CA ALA B 101 -46.08 27.37 28.60
C ALA B 101 -46.43 26.05 27.92
N GLY B 102 -47.26 25.22 28.56
CA GLY B 102 -47.67 23.97 27.93
C GLY B 102 -48.55 24.20 26.72
N VAL B 103 -49.49 25.14 26.80
CA VAL B 103 -50.32 25.46 25.65
C VAL B 103 -49.55 26.27 24.61
N MET B 104 -48.46 26.93 25.02
CA MET B 104 -47.64 27.67 24.06
C MET B 104 -46.92 26.74 23.10
N ILE B 105 -46.41 25.61 23.60
CA ILE B 105 -45.62 24.69 22.79
C ILE B 105 -46.42 23.46 22.37
N SER B 106 -47.73 23.45 22.63
CA SER B 106 -48.56 22.32 22.25
C SER B 106 -48.66 22.23 20.72
N ALA B 107 -48.66 21.00 20.21
CA ALA B 107 -48.73 20.80 18.77
C ALA B 107 -50.12 21.07 18.21
N GLN B 108 -51.14 21.14 19.07
CA GLN B 108 -52.49 21.36 18.59
C GLN B 108 -52.69 22.79 18.09
N THR B 109 -52.20 23.77 18.85
CA THR B 109 -52.41 25.17 18.50
C THR B 109 -51.51 25.59 17.33
N LEU B 110 -51.86 26.71 16.72
CA LEU B 110 -51.10 27.23 15.58
C LEU B 110 -49.70 27.66 15.98
N THR B 111 -49.57 28.26 17.16
CA THR B 111 -48.28 28.77 17.61
C THR B 111 -47.26 27.64 17.74
N GLY B 112 -47.67 26.53 18.34
CA GLY B 112 -46.76 25.39 18.45
C GLY B 112 -46.34 24.84 17.10
N ARG B 113 -47.28 24.76 16.16
CA ARG B 113 -46.97 24.26 14.82
C ARG B 113 -45.95 25.14 14.12
N VAL B 114 -46.23 26.45 14.07
CA VAL B 114 -45.31 27.34 13.38
C VAL B 114 -43.97 27.40 14.10
N LEU B 115 -43.97 27.24 15.42
CA LEU B 115 -42.72 27.34 16.16
C LEU B 115 -41.85 26.10 15.95
N VAL B 116 -42.46 24.91 15.90
CA VAL B 116 -41.66 23.73 15.64
C VAL B 116 -41.19 23.71 14.18
N VAL B 117 -41.99 24.24 13.26
CA VAL B 117 -41.50 24.39 11.88
C VAL B 117 -40.31 25.34 11.84
N LEU B 118 -40.39 26.44 12.59
CA LEU B 118 -39.29 27.41 12.63
C LEU B 118 -38.03 26.79 13.21
N VAL B 119 -38.14 26.02 14.31
CA VAL B 119 -36.95 25.46 14.91
C VAL B 119 -36.36 24.37 14.02
N PHE B 120 -37.21 23.62 13.30
CA PHE B 120 -36.67 22.66 12.34
C PHE B 120 -35.92 23.35 11.21
N ALA B 121 -36.48 24.46 10.70
CA ALA B 121 -35.80 25.21 9.65
C ALA B 121 -34.47 25.78 10.13
N LEU B 122 -34.44 26.30 11.36
CA LEU B 122 -33.20 26.83 11.89
C LEU B 122 -32.18 25.73 12.16
N SER B 123 -32.64 24.54 12.53
CA SER B 123 -31.73 23.41 12.68
C SER B 123 -31.13 23.01 11.33
N ILE B 124 -31.95 23.05 10.27
CA ILE B 124 -31.43 22.80 8.92
C ILE B 124 -30.38 23.84 8.56
N GLY B 125 -30.66 25.11 8.88
CA GLY B 125 -29.69 26.16 8.61
C GLY B 125 -28.39 25.99 9.37
N ALA B 126 -28.49 25.58 10.64
CA ALA B 126 -27.29 25.34 11.44
C ALA B 126 -26.49 24.17 10.89
N LEU B 127 -27.18 23.13 10.42
CA LEU B 127 -26.47 22.01 9.79
C LEU B 127 -25.76 22.45 8.52
N VAL B 128 -26.39 23.32 7.73
CA VAL B 128 -25.75 23.84 6.52
C VAL B 128 -24.53 24.68 6.89
N ILE B 129 -24.65 25.49 7.95
CA ILE B 129 -23.53 26.30 8.40
C ILE B 129 -22.37 25.42 8.84
N TYR B 130 -22.66 24.34 9.56
CA TYR B 130 -21.61 23.41 9.97
C TYR B 130 -20.98 22.72 8.75
N PHE B 131 -21.79 22.37 7.76
CA PHE B 131 -21.26 21.76 6.54
C PHE B 131 -20.31 22.71 5.83
N ILE B 132 -20.65 24.00 5.78
CA ILE B 132 -19.78 24.99 5.17
C ILE B 132 -18.50 25.15 5.97
N ASP B 133 -18.61 25.24 7.30
CA ASP B 133 -17.46 25.51 8.14
C ASP B 133 -16.57 24.29 8.36
N SER B 134 -17.02 23.09 7.99
CA SER B 134 -16.18 21.90 8.14
C SER B 134 -14.99 21.89 7.19
N SER B 135 -14.95 22.78 6.20
CA SER B 135 -13.83 22.88 5.26
C SER B 135 -12.76 23.86 5.74
N ASN B 136 -12.65 24.06 7.05
CA ASN B 136 -11.73 25.01 7.66
C ASN B 136 -10.95 24.29 8.74
N PRO B 137 -9.83 24.88 9.20
CA PRO B 137 -9.16 24.32 10.37
C PRO B 137 -10.09 24.30 11.58
N ILE B 138 -9.91 23.28 12.42
CA ILE B 138 -10.85 23.00 13.49
C ILE B 138 -10.89 24.15 14.50
N GLU B 139 -9.72 24.63 14.91
CA GLU B 139 -9.61 25.73 15.85
C GLU B 139 -8.95 26.91 15.15
N SER B 140 -9.61 28.05 15.15
CA SER B 140 -9.11 29.22 14.43
C SER B 140 -9.62 30.49 15.08
N CYS B 141 -8.83 31.56 14.95
CA CYS B 141 -9.21 32.86 15.47
C CYS B 141 -9.92 33.67 14.39
N GLN B 142 -10.93 34.43 14.80
CA GLN B 142 -11.70 35.24 13.88
C GLN B 142 -12.35 36.38 14.67
N ASN B 143 -12.80 37.40 13.92
CA ASN B 143 -13.46 38.55 14.52
C ASN B 143 -14.96 38.39 14.38
N PHE B 144 -15.68 38.53 15.51
CA PHE B 144 -17.12 38.38 15.49
C PHE B 144 -17.80 39.50 14.70
N TYR B 145 -17.29 40.73 14.83
CA TYR B 145 -17.88 41.85 14.11
C TYR B 145 -17.60 41.77 12.62
N LYS B 146 -16.46 41.20 12.22
CA LYS B 146 -16.09 41.18 10.81
C LYS B 146 -16.95 40.20 10.01
N ASP B 147 -17.16 39.00 10.56
CA ASP B 147 -17.91 37.96 9.86
C ASP B 147 -19.34 37.91 10.38
N PHE B 148 -20.30 37.82 9.46
CA PHE B 148 -21.70 37.81 9.84
C PHE B 148 -22.33 36.42 9.81
N THR B 149 -21.62 35.41 9.28
CA THR B 149 -22.11 34.04 9.40
C THR B 149 -22.12 33.61 10.86
N LEU B 150 -21.10 34.00 11.62
CA LEU B 150 -21.10 33.77 13.06
C LEU B 150 -22.26 34.48 13.73
N GLN B 151 -22.64 35.66 13.23
CA GLN B 151 -23.82 36.35 13.75
C GLN B 151 -25.09 35.56 13.48
N ILE B 152 -25.20 34.96 12.29
CA ILE B 152 -26.35 34.12 11.96
C ILE B 152 -26.41 32.91 12.90
N ASP B 153 -25.27 32.27 13.14
CA ASP B 153 -25.24 31.14 14.05
C ASP B 153 -25.59 31.56 15.47
N MET B 154 -25.13 32.75 15.88
CA MET B 154 -25.46 33.28 17.20
C MET B 154 -26.96 33.51 17.34
N ALA B 155 -27.60 34.08 16.32
CA ALA B 155 -29.05 34.28 16.36
C ALA B 155 -29.78 32.94 16.41
N PHE B 156 -29.33 31.97 15.62
CA PHE B 156 -29.95 30.65 15.65
C PHE B 156 -29.84 30.03 17.04
N ASN B 157 -28.67 30.16 17.67
CA ASN B 157 -28.45 29.51 18.96
C ASN B 157 -29.17 30.23 20.09
N VAL B 158 -29.31 31.55 20.02
CA VAL B 158 -30.11 32.22 21.06
C VAL B 158 -31.59 31.88 20.90
N PHE B 159 -32.05 31.69 19.65
CA PHE B 159 -33.42 31.20 19.48
C PHE B 159 -33.57 29.80 20.06
N PHE B 160 -32.57 28.94 19.85
CA PHE B 160 -32.61 27.59 20.44
C PHE B 160 -32.64 27.67 21.97
N LEU B 161 -31.88 28.60 22.55
CA LEU B 161 -31.86 28.75 24.00
C LEU B 161 -33.22 29.21 24.53
N LEU B 162 -33.85 30.17 23.83
CA LEU B 162 -35.18 30.61 24.24
C LEU B 162 -36.20 29.48 24.15
N TYR B 163 -36.12 28.68 23.08
CA TYR B 163 -37.01 27.52 22.95
C TYR B 163 -36.76 26.52 24.06
N PHE B 164 -35.49 26.29 24.44
CA PHE B 164 -35.20 25.36 25.52
C PHE B 164 -35.78 25.85 26.84
N GLY B 165 -35.65 27.15 27.12
CA GLY B 165 -36.24 27.69 28.32
C GLY B 165 -37.76 27.55 28.35
N LEU B 166 -38.40 27.83 27.21
CA LEU B 166 -39.85 27.70 27.13
C LEU B 166 -40.28 26.25 27.31
N ARG B 167 -39.51 25.30 26.77
CA ARG B 167 -39.79 23.89 27.01
C ARG B 167 -39.60 23.52 28.47
N PHE B 168 -38.54 24.03 29.11
CA PHE B 168 -38.26 23.68 30.49
C PHE B 168 -39.34 24.18 31.43
N ILE B 169 -39.93 25.35 31.16
CA ILE B 169 -41.05 25.80 31.98
C ILE B 169 -42.22 24.82 31.87
N ALA B 170 -42.49 24.34 30.65
CA ALA B 170 -43.57 23.38 30.42
C ALA B 170 -43.05 21.96 30.56
N ALA B 171 -42.66 21.61 31.79
CA ALA B 171 -42.14 20.28 32.08
C ALA B 171 -42.70 19.83 33.42
N ASN B 172 -43.47 18.74 33.41
CA ASN B 172 -43.98 18.19 34.66
C ASN B 172 -42.86 17.57 35.48
N ASP B 173 -41.92 16.89 34.83
CA ASP B 173 -40.78 16.27 35.48
C ASP B 173 -39.52 16.89 34.90
N LYS B 174 -38.83 17.71 35.72
CA LYS B 174 -37.64 18.40 35.24
C LYS B 174 -36.50 17.43 34.96
N LEU B 175 -36.33 16.43 35.81
CA LEU B 175 -35.20 15.51 35.69
C LEU B 175 -35.28 14.69 34.41
N TRP B 176 -36.46 14.18 34.07
CA TRP B 176 -36.61 13.40 32.85
C TRP B 176 -36.57 14.27 31.61
N PHE B 177 -36.96 15.54 31.73
CA PHE B 177 -36.76 16.49 30.64
C PHE B 177 -35.28 16.77 30.42
N TRP B 178 -34.50 16.79 31.50
CA TRP B 178 -33.08 17.10 31.40
C TRP B 178 -32.28 16.00 30.70
N LEU B 179 -32.84 14.80 30.58
CA LEU B 179 -32.16 13.68 29.94
C LEU B 179 -32.64 13.43 28.52
N GLU B 180 -33.45 14.32 27.96
CA GLU B 180 -33.90 14.15 26.59
C GLU B 180 -32.77 14.48 25.61
N VAL B 181 -32.89 13.93 24.41
CA VAL B 181 -31.87 14.17 23.39
C VAL B 181 -31.87 15.63 22.95
N ASN B 182 -33.03 16.27 22.90
CA ASN B 182 -33.09 17.68 22.54
C ASN B 182 -32.44 18.55 23.60
N SER B 183 -32.65 18.22 24.88
CA SER B 183 -32.00 18.97 25.95
C SER B 183 -30.48 18.83 25.87
N VAL B 184 -30.00 17.60 25.64
CA VAL B 184 -28.56 17.40 25.64
C VAL B 184 -27.91 18.00 24.39
N VAL B 185 -28.61 18.00 23.25
CA VAL B 185 -28.05 18.67 22.09
C VAL B 185 -28.03 20.19 22.31
N ASP B 186 -29.02 20.74 23.02
CA ASP B 186 -28.95 22.14 23.38
C ASP B 186 -27.77 22.42 24.30
N PHE B 187 -27.52 21.54 25.26
CA PHE B 187 -26.41 21.72 26.19
C PHE B 187 -25.07 21.67 25.47
N PHE B 188 -24.92 20.77 24.52
CA PHE B 188 -23.65 20.62 23.82
C PHE B 188 -23.55 21.48 22.58
N THR B 189 -24.56 22.29 22.27
CA THR B 189 -24.47 23.22 21.16
C THR B 189 -24.45 24.69 21.56
N VAL B 190 -25.30 25.12 22.50
CA VAL B 190 -25.52 26.54 22.72
C VAL B 190 -24.41 27.22 23.54
N PRO B 191 -23.92 26.68 24.66
CA PRO B 191 -22.80 27.36 25.37
C PRO B 191 -21.53 27.51 24.55
N PRO B 192 -21.17 26.55 23.67
CA PRO B 192 -19.94 26.77 22.87
C PRO B 192 -19.94 28.04 22.02
N VAL B 193 -21.07 28.46 21.45
CA VAL B 193 -21.02 29.65 20.61
C VAL B 193 -20.82 30.90 21.48
N PHE B 194 -21.40 30.92 22.68
CA PHE B 194 -21.15 32.03 23.60
C PHE B 194 -19.70 32.08 24.03
N VAL B 195 -19.11 30.92 24.30
CA VAL B 195 -17.70 30.88 24.68
C VAL B 195 -16.83 31.33 23.50
N SER B 196 -17.20 30.93 22.29
CA SER B 196 -16.44 31.33 21.10
C SER B 196 -16.51 32.83 20.88
N VAL B 197 -17.69 33.43 21.04
CA VAL B 197 -17.80 34.88 20.81
C VAL B 197 -17.14 35.65 21.95
N TYR B 198 -17.10 35.09 23.15
CA TYR B 198 -16.38 35.76 24.25
C TYR B 198 -14.87 35.71 24.03
N LEU B 199 -14.34 34.53 23.70
CA LEU B 199 -12.90 34.35 23.55
C LEU B 199 -12.37 34.83 22.21
N ASN B 200 -13.26 35.26 21.30
CA ASN B 200 -12.91 35.72 19.96
C ASN B 200 -12.20 34.65 19.14
N ARG B 201 -12.41 33.38 19.47
CA ARG B 201 -11.89 32.25 18.74
C ARG B 201 -13.06 31.37 18.30
N SER B 202 -12.74 30.24 17.68
CA SER B 202 -13.77 29.31 17.24
C SER B 202 -13.20 27.91 17.17
N TRP B 203 -14.00 26.94 17.63
CA TRP B 203 -13.67 25.53 17.59
C TRP B 203 -14.84 24.79 16.95
N LEU B 204 -14.52 23.79 16.13
CA LEU B 204 -15.57 23.09 15.38
C LEU B 204 -16.54 22.38 16.32
N GLY B 205 -16.00 21.58 17.24
CA GLY B 205 -16.81 21.04 18.32
C GLY B 205 -17.91 20.09 17.89
N LEU B 206 -18.91 20.00 18.76
CA LEU B 206 -20.06 19.11 18.55
C LEU B 206 -21.24 19.88 17.96
N ARG B 207 -20.99 20.51 16.81
CA ARG B 207 -22.04 21.26 16.14
C ARG B 207 -22.80 20.44 15.12
N PHE B 208 -22.39 19.20 14.87
CA PHE B 208 -23.13 18.31 13.98
C PHE B 208 -24.32 17.66 14.67
N LEU B 209 -24.37 17.71 16.00
CA LEU B 209 -25.44 17.05 16.74
C LEU B 209 -26.82 17.61 16.45
N ARG B 210 -26.89 18.81 15.87
CA ARG B 210 -28.19 19.35 15.47
C ARG B 210 -28.85 18.50 14.40
N ALA B 211 -28.08 17.69 13.67
CA ALA B 211 -28.67 16.74 12.73
C ALA B 211 -29.59 15.75 13.42
N LEU B 212 -29.42 15.54 14.73
CA LEU B 212 -30.32 14.67 15.48
C LEU B 212 -31.74 15.21 15.56
N ARG B 213 -31.97 16.48 15.19
CA ARG B 213 -33.33 16.97 15.12
C ARG B 213 -34.05 16.53 13.85
N LEU B 214 -33.32 15.95 12.89
CA LEU B 214 -33.95 15.44 11.67
C LEU B 214 -34.97 14.34 11.95
N ILE B 215 -34.90 13.72 13.12
CA ILE B 215 -35.88 12.72 13.52
C ILE B 215 -37.29 13.32 13.57
N GLN B 216 -37.39 14.62 13.85
CA GLN B 216 -38.70 15.25 13.87
C GLN B 216 -39.25 15.54 12.49
N PHE B 217 -38.46 15.30 11.43
CA PHE B 217 -38.85 15.69 10.08
C PHE B 217 -40.20 15.11 9.67
N SER B 218 -40.42 13.82 9.97
CA SER B 218 -41.69 13.20 9.62
C SER B 218 -42.86 13.91 10.29
N GLU B 219 -42.70 14.28 11.57
CA GLU B 219 -43.74 15.02 12.26
C GLU B 219 -44.01 16.35 11.55
N ILE B 220 -42.96 16.98 11.03
CA ILE B 220 -43.11 18.24 10.31
C ILE B 220 -44.03 18.07 9.11
N LEU B 221 -44.03 16.89 8.49
CA LEU B 221 -44.95 16.67 7.39
C LEU B 221 -46.37 16.42 7.88
N GLN B 222 -46.53 15.79 9.04
CA GLN B 222 -47.82 15.21 9.42
C GLN B 222 -48.90 16.28 9.57
N PHE B 223 -48.56 17.42 10.17
CA PHE B 223 -49.52 18.50 10.34
C PHE B 223 -49.44 19.56 9.25
N LEU B 224 -48.85 19.23 8.10
CA LEU B 224 -48.97 20.03 6.90
C LEU B 224 -49.73 19.32 5.78
N ASN B 225 -50.49 18.28 6.14
CA ASN B 225 -51.36 17.56 5.20
C ASN B 225 -50.58 16.99 4.01
N ILE B 226 -49.38 16.46 4.30
CA ILE B 226 -48.59 15.81 3.28
C ILE B 226 -48.53 14.29 3.48
N LEU B 227 -48.64 13.80 4.70
CA LEU B 227 -48.66 12.38 4.98
C LEU B 227 -49.93 12.04 5.76
N LYS B 228 -50.66 11.03 5.30
CA LYS B 228 -51.90 10.62 5.95
C LYS B 228 -51.84 9.19 6.47
N THR B 229 -51.40 8.24 5.65
CA THR B 229 -51.36 6.85 6.06
C THR B 229 -50.20 6.59 7.02
N SER B 230 -50.35 5.54 7.83
CA SER B 230 -49.35 5.21 8.83
C SER B 230 -48.10 4.57 8.22
N ASN B 231 -48.25 3.84 7.12
CA ASN B 231 -47.10 3.16 6.51
C ASN B 231 -46.08 4.17 5.98
N SER B 232 -46.55 5.21 5.29
CA SER B 232 -45.65 6.24 4.78
C SER B 232 -44.98 7.00 5.92
N ILE B 233 -45.73 7.28 6.99
CA ILE B 233 -45.16 7.96 8.14
C ILE B 233 -44.05 7.12 8.77
N LYS B 234 -44.30 5.81 8.91
CA LYS B 234 -43.28 4.92 9.48
C LYS B 234 -42.04 4.84 8.58
N LEU B 235 -42.25 4.79 7.27
CA LEU B 235 -41.11 4.74 6.35
C LEU B 235 -40.28 6.02 6.43
N VAL B 236 -40.95 7.18 6.46
CA VAL B 236 -40.23 8.45 6.55
C VAL B 236 -39.50 8.54 7.89
N ASN B 237 -40.12 8.06 8.96
CA ASN B 237 -39.48 8.07 10.27
C ASN B 237 -38.21 7.21 10.27
N LEU B 238 -38.28 6.00 9.69
CA LEU B 238 -37.11 5.14 9.63
C LEU B 238 -36.00 5.78 8.79
N LEU B 239 -36.36 6.36 7.65
CA LEU B 239 -35.36 6.99 6.80
C LEU B 239 -34.70 8.17 7.50
N SER B 240 -35.50 8.99 8.19
CA SER B 240 -34.94 10.14 8.90
C SER B 240 -34.04 9.71 10.04
N ILE B 241 -34.43 8.66 10.78
CA ILE B 241 -33.60 8.16 11.87
C ILE B 241 -32.26 7.67 11.34
N PHE B 242 -32.31 6.88 10.26
CA PHE B 242 -31.08 6.34 9.68
C PHE B 242 -30.17 7.46 9.18
N ILE B 243 -30.75 8.45 8.48
CA ILE B 243 -29.94 9.55 7.96
C ILE B 243 -29.32 10.36 9.09
N SER B 244 -30.10 10.64 10.14
CA SER B 244 -29.59 11.44 11.24
C SER B 244 -28.46 10.73 11.98
N THR B 245 -28.62 9.43 12.26
CA THR B 245 -27.55 8.73 12.97
C THR B 245 -26.32 8.56 12.08
N TRP B 246 -26.52 8.38 10.78
CA TRP B 246 -25.40 8.34 9.84
C TRP B 246 -24.61 9.64 9.87
N LEU B 247 -25.32 10.77 9.78
CA LEU B 247 -24.65 12.07 9.75
C LEU B 247 -23.92 12.36 11.06
N THR B 248 -24.54 12.05 12.20
CA THR B 248 -23.87 12.37 13.47
C THR B 248 -22.69 11.43 13.73
N ALA B 249 -22.77 10.16 13.32
CA ALA B 249 -21.63 9.28 13.44
C ALA B 249 -20.48 9.76 12.56
N ALA B 250 -20.78 10.21 11.35
CA ALA B 250 -19.76 10.78 10.48
C ALA B 250 -19.17 12.04 11.11
N GLY B 251 -19.98 12.83 11.79
CA GLY B 251 -19.47 14.02 12.46
C GLY B 251 -18.48 13.70 13.55
N PHE B 252 -18.81 12.74 14.42
CA PHE B 252 -17.86 12.32 15.45
C PHE B 252 -16.59 11.75 14.84
N ILE B 253 -16.72 10.94 13.79
CA ILE B 253 -15.53 10.35 13.19
C ILE B 253 -14.64 11.43 12.60
N HIS B 254 -15.23 12.42 11.91
CA HIS B 254 -14.45 13.50 11.33
C HIS B 254 -13.75 14.32 12.41
N LEU B 255 -14.48 14.64 13.49
CA LEU B 255 -13.87 15.43 14.57
C LEU B 255 -12.71 14.69 15.21
N VAL B 256 -12.92 13.41 15.57
CA VAL B 256 -11.89 12.67 16.27
C VAL B 256 -10.73 12.31 15.36
N GLU B 257 -10.93 12.29 14.03
CA GLU B 257 -9.83 11.98 13.14
C GLU B 257 -9.01 13.22 12.82
N ASN B 258 -9.67 14.32 12.47
CA ASN B 258 -8.93 15.53 12.13
C ASN B 258 -8.35 16.21 13.37
N SER B 259 -8.90 15.97 14.56
CA SER B 259 -8.37 16.61 15.76
C SER B 259 -7.05 15.96 16.19
N GLY B 260 -6.97 14.64 16.12
CA GLY B 260 -5.79 13.93 16.56
C GLY B 260 -5.88 13.47 18.02
N ASP B 261 -4.93 12.62 18.39
CA ASP B 261 -4.91 12.09 19.74
C ASP B 261 -4.45 13.17 20.72
N PRO B 262 -5.15 13.35 21.85
CA PRO B 262 -4.74 14.42 22.78
C PRO B 262 -3.47 14.12 23.54
N TRP B 263 -3.29 12.87 23.99
CA TRP B 263 -2.12 12.53 24.79
C TRP B 263 -0.83 12.45 23.98
N GLU B 264 -0.92 12.51 22.65
CA GLU B 264 0.25 12.48 21.78
C GLU B 264 0.48 13.82 21.09
N ASN B 265 0.03 14.91 21.72
CA ASN B 265 0.25 16.28 21.25
C ASN B 265 -0.33 16.50 19.86
N PHE B 266 -1.43 15.80 19.54
CA PHE B 266 -2.18 15.97 18.29
C PHE B 266 -1.29 15.79 17.06
N GLN B 267 -0.38 14.82 17.13
CA GLN B 267 0.48 14.49 15.99
C GLN B 267 -0.07 13.36 15.14
N ASN B 268 -1.26 12.84 15.46
CA ASN B 268 -1.88 11.76 14.71
C ASN B 268 -3.03 12.25 13.84
N ASN B 269 -3.10 13.54 13.57
CA ASN B 269 -4.20 14.09 12.78
C ASN B 269 -4.13 13.59 11.35
N GLN B 270 -5.28 13.20 10.81
CA GLN B 270 -5.41 12.73 9.45
C GLN B 270 -6.32 13.67 8.67
N ALA B 271 -5.88 14.08 7.49
CA ALA B 271 -6.62 15.06 6.68
C ALA B 271 -7.80 14.35 6.02
N LEU B 272 -8.88 14.22 6.78
CA LEU B 272 -10.12 13.61 6.31
C LEU B 272 -11.21 14.67 6.26
N THR B 273 -11.82 14.83 5.09
CA THR B 273 -12.96 15.72 4.97
C THR B 273 -14.21 15.06 5.55
N TYR B 274 -15.25 15.87 5.75
CA TYR B 274 -16.49 15.36 6.32
C TYR B 274 -17.14 14.35 5.39
N TRP B 275 -17.16 14.64 4.09
CA TRP B 275 -17.81 13.73 3.13
C TRP B 275 -17.03 12.43 2.97
N GLU B 276 -15.70 12.48 3.12
CA GLU B 276 -14.92 11.24 3.14
C GLU B 276 -15.30 10.38 4.34
N CYS B 277 -15.57 11.01 5.49
CA CYS B 277 -16.01 10.26 6.65
C CYS B 277 -17.42 9.70 6.46
N VAL B 278 -18.28 10.45 5.75
CA VAL B 278 -19.61 9.94 5.41
C VAL B 278 -19.47 8.70 4.52
N TYR B 279 -18.58 8.76 3.54
CA TYR B 279 -18.32 7.61 2.68
C TYR B 279 -17.78 6.43 3.49
N LEU B 280 -16.88 6.71 4.44
CA LEU B 280 -16.34 5.65 5.29
C LEU B 280 -17.43 4.99 6.12
N LEU B 281 -18.33 5.79 6.70
CA LEU B 281 -19.43 5.23 7.48
C LEU B 281 -20.37 4.40 6.62
N MET B 282 -20.67 4.88 5.40
CA MET B 282 -21.52 4.10 4.51
C MET B 282 -20.86 2.77 4.12
N VAL B 283 -19.56 2.80 3.83
CA VAL B 283 -18.84 1.58 3.48
C VAL B 283 -18.81 0.61 4.65
N THR B 284 -18.60 1.13 5.86
CA THR B 284 -18.52 0.29 7.05
C THR B 284 -19.87 -0.35 7.38
N MET B 285 -20.94 0.45 7.36
CA MET B 285 -22.25 -0.04 7.78
C MET B 285 -22.83 -1.07 6.82
N SER B 286 -22.33 -1.13 5.58
CA SER B 286 -22.74 -2.15 4.62
C SER B 286 -21.85 -3.39 4.67
N THR B 287 -20.91 -3.43 5.62
CA THR B 287 -19.95 -4.54 5.77
C THR B 287 -19.18 -4.80 4.48
N VAL B 288 -18.66 -3.73 3.88
CA VAL B 288 -17.84 -3.85 2.68
C VAL B 288 -16.38 -3.67 3.07
N GLY B 289 -16.05 -2.52 3.66
CA GLY B 289 -14.72 -2.29 4.16
C GLY B 289 -13.63 -2.35 3.11
N TYR B 290 -13.59 -1.37 2.20
CA TYR B 290 -12.54 -1.33 1.19
C TYR B 290 -11.16 -1.20 1.83
N GLY B 291 -11.02 -0.34 2.84
CA GLY B 291 -9.74 -0.06 3.44
C GLY B 291 -8.97 1.07 2.81
N ASP B 292 -9.54 1.74 1.80
CA ASP B 292 -8.89 2.92 1.23
C ASP B 292 -8.82 4.04 2.24
N VAL B 293 -9.89 4.24 3.01
CA VAL B 293 -9.93 5.23 4.09
C VAL B 293 -10.36 4.53 5.36
N TYR B 294 -9.66 4.82 6.46
CA TYR B 294 -9.96 4.20 7.74
C TYR B 294 -9.44 5.10 8.85
N ALA B 295 -9.92 4.84 10.06
CA ALA B 295 -9.49 5.61 11.22
C ALA B 295 -8.12 5.13 11.68
N LYS B 296 -7.19 6.07 11.81
CA LYS B 296 -5.83 5.76 12.25
C LYS B 296 -5.58 6.07 13.71
N THR B 297 -6.33 6.99 14.30
CA THR B 297 -6.15 7.33 15.70
C THR B 297 -6.75 6.24 16.59
N THR B 298 -6.25 6.19 17.83
CA THR B 298 -6.76 5.21 18.80
C THR B 298 -8.21 5.48 19.15
N LEU B 299 -8.53 6.74 19.47
CA LEU B 299 -9.90 7.09 19.82
C LEU B 299 -10.83 6.93 18.63
N GLY B 300 -10.34 7.22 17.42
CA GLY B 300 -11.14 6.99 16.23
C GLY B 300 -11.46 5.52 16.03
N ARG B 301 -10.48 4.64 16.26
CA ARG B 301 -10.71 3.21 16.13
C ARG B 301 -11.68 2.71 17.20
N LEU B 302 -11.56 3.23 18.42
CA LEU B 302 -12.52 2.87 19.47
C LEU B 302 -13.93 3.30 19.11
N PHE B 303 -14.08 4.52 18.58
CA PHE B 303 -15.38 4.99 18.14
C PHE B 303 -15.90 4.15 16.99
N MET B 304 -15.03 3.72 16.08
CA MET B 304 -15.47 2.87 14.98
C MET B 304 -15.98 1.52 15.48
N VAL B 305 -15.29 0.93 16.47
CA VAL B 305 -15.73 -0.33 17.05
C VAL B 305 -17.09 -0.17 17.72
N PHE B 306 -17.24 0.91 18.50
CA PHE B 306 -18.51 1.16 19.17
C PHE B 306 -19.63 1.41 18.17
N PHE B 307 -19.33 2.14 17.08
CA PHE B 307 -20.33 2.41 16.05
C PHE B 307 -20.73 1.13 15.33
N ILE B 308 -19.76 0.23 15.07
CA ILE B 308 -20.08 -1.04 14.42
C ILE B 308 -21.02 -1.86 15.30
N LEU B 309 -20.70 -1.96 16.61
CA LEU B 309 -21.54 -2.72 17.51
C LEU B 309 -22.94 -2.11 17.63
N GLY B 310 -23.00 -0.79 17.78
CA GLY B 310 -24.29 -0.12 17.91
C GLY B 310 -25.13 -0.22 16.66
N GLY B 311 -24.50 -0.09 15.49
CA GLY B 311 -25.23 -0.21 14.24
C GLY B 311 -25.76 -1.62 14.01
N LEU B 312 -24.95 -2.63 14.32
CA LEU B 312 -25.43 -4.00 14.20
C LEU B 312 -26.59 -4.27 15.15
N ALA B 313 -26.49 -3.80 16.40
CA ALA B 313 -27.58 -3.99 17.35
C ALA B 313 -28.84 -3.25 16.90
N MET B 314 -28.70 -2.02 16.41
CA MET B 314 -29.85 -1.24 15.97
C MET B 314 -30.51 -1.88 14.75
N PHE B 315 -29.71 -2.37 13.80
CA PHE B 315 -30.28 -3.03 12.64
C PHE B 315 -31.01 -4.31 13.03
N ALA B 316 -30.42 -5.10 13.95
CA ALA B 316 -31.08 -6.30 14.41
C ALA B 316 -32.38 -5.99 15.14
N SER B 317 -32.43 -4.86 15.84
CA SER B 317 -33.67 -4.48 16.52
C SER B 317 -34.71 -3.95 15.53
N TYR B 318 -34.27 -3.32 14.45
CA TYR B 318 -35.19 -2.69 13.49
C TYR B 318 -35.58 -3.62 12.35
N VAL B 319 -35.04 -4.84 12.29
CA VAL B 319 -35.48 -5.81 11.27
C VAL B 319 -36.99 -6.03 11.26
N PRO B 320 -37.68 -6.26 12.40
CA PRO B 320 -39.12 -6.50 12.32
C PRO B 320 -39.92 -5.35 11.72
N GLU B 321 -39.52 -4.10 11.96
CA GLU B 321 -40.20 -2.97 11.32
C GLU B 321 -39.97 -2.97 9.82
N ILE B 322 -38.77 -3.34 9.38
CA ILE B 322 -38.51 -3.47 7.95
C ILE B 322 -39.39 -4.55 7.34
N ILE B 323 -39.55 -5.67 8.03
CA ILE B 323 -40.41 -6.74 7.53
C ILE B 323 -41.86 -6.28 7.47
N GLU B 324 -42.32 -5.53 8.48
CA GLU B 324 -43.68 -5.01 8.47
C GLU B 324 -43.90 -4.03 7.32
N LEU B 325 -42.89 -3.19 7.03
CA LEU B 325 -42.99 -2.30 5.87
C LEU B 325 -43.03 -3.08 4.57
N ILE B 326 -42.24 -4.15 4.47
CA ILE B 326 -42.31 -5.01 3.28
C ILE B 326 -43.69 -5.66 3.18
N GLY B 327 -44.18 -6.19 4.30
CA GLY B 327 -45.52 -6.74 4.34
C GLY B 327 -45.66 -8.02 3.53
N ASN B 328 -46.90 -8.37 3.25
CA ASN B 328 -47.25 -9.53 2.45
C ASN B 328 -48.08 -9.06 1.26
N VAL C 12 27.09 -3.89 34.16
CA VAL C 12 26.59 -5.11 34.78
C VAL C 12 25.07 -5.30 34.61
N PRO C 13 24.23 -4.26 34.79
CA PRO C 13 22.81 -4.41 34.44
C PRO C 13 22.63 -4.72 32.96
N CYS C 14 21.65 -5.58 32.68
CA CYS C 14 21.34 -5.98 31.31
C CYS C 14 19.94 -6.56 31.28
N ASP C 15 19.22 -6.29 30.18
CA ASP C 15 17.85 -6.77 30.00
C ASP C 15 17.71 -7.50 28.67
N SER C 16 18.76 -8.17 28.21
CA SER C 16 18.70 -8.86 26.93
C SER C 16 17.85 -10.13 27.04
N ARG C 17 17.28 -10.54 25.90
CA ARG C 17 16.43 -11.72 25.84
C ARG C 17 17.22 -12.96 25.44
N GLY C 18 17.89 -12.91 24.29
CA GLY C 18 18.67 -14.04 23.82
C GLY C 18 17.83 -15.25 23.44
N GLN C 19 18.12 -16.40 24.05
CA GLN C 19 17.40 -17.62 23.76
C GLN C 19 15.96 -17.54 24.26
N ARG C 20 15.07 -18.27 23.58
CA ARG C 20 13.66 -18.32 23.95
C ARG C 20 13.40 -19.57 24.77
N MET C 21 12.71 -19.41 25.90
CA MET C 21 12.41 -20.50 26.81
C MET C 21 10.90 -20.77 26.91
N TRP C 22 10.15 -20.43 25.86
CA TRP C 22 8.71 -20.65 25.86
C TRP C 22 8.36 -22.13 25.96
N TRP C 23 9.17 -23.00 25.36
CA TRP C 23 8.84 -24.42 25.34
C TRP C 23 8.86 -25.01 26.75
N ALA C 24 9.74 -24.52 27.62
CA ALA C 24 9.75 -24.99 29.00
C ALA C 24 8.45 -24.64 29.71
N PHE C 25 7.97 -23.40 29.54
CA PHE C 25 6.72 -22.99 30.15
C PHE C 25 5.54 -23.78 29.62
N LEU C 26 5.51 -24.03 28.30
CA LEU C 26 4.41 -24.80 27.73
C LEU C 26 4.45 -26.26 28.20
N ALA C 27 5.65 -26.86 28.22
CA ALA C 27 5.78 -28.23 28.66
C ALA C 27 5.42 -28.38 30.13
N SER C 28 5.67 -27.35 30.94
CA SER C 28 5.32 -27.42 32.36
C SER C 28 3.82 -27.55 32.59
N SER C 29 3.00 -27.15 31.61
CA SER C 29 1.56 -27.37 31.69
C SER C 29 1.14 -28.66 30.98
N MET C 30 1.81 -28.99 29.87
CA MET C 30 1.47 -30.21 29.14
C MET C 30 1.76 -31.46 29.97
N VAL C 31 2.92 -31.51 30.64
CA VAL C 31 3.28 -32.68 31.45
C VAL C 31 2.54 -32.71 32.77
N THR C 32 1.76 -31.68 33.08
CA THR C 32 0.78 -31.78 34.15
C THR C 32 -0.52 -32.37 33.60
N PHE C 33 -1.08 -31.70 32.58
CA PHE C 33 -2.41 -32.06 32.07
C PHE C 33 -2.43 -33.49 31.54
N PHE C 34 -1.63 -33.77 30.50
CA PHE C 34 -1.70 -35.07 29.84
C PHE C 34 -1.24 -36.19 30.75
N GLY C 35 -0.17 -35.96 31.53
CA GLY C 35 0.34 -37.01 32.41
C GLY C 35 -0.66 -37.36 33.50
N GLY C 36 -1.30 -36.35 34.12
CA GLY C 36 -2.27 -36.66 35.15
C GLY C 36 -3.55 -37.25 34.55
N LEU C 37 -3.89 -36.88 33.31
CA LEU C 37 -5.00 -37.55 32.64
C LEU C 37 -4.70 -39.03 32.43
N PHE C 38 -3.47 -39.35 32.02
CA PHE C 38 -3.08 -40.75 31.88
C PHE C 38 -3.07 -41.47 33.23
N ILE C 39 -2.67 -40.78 34.29
CA ILE C 39 -2.70 -41.37 35.62
C ILE C 39 -4.13 -41.69 36.03
N ILE C 40 -5.06 -40.78 35.77
CA ILE C 40 -6.47 -41.02 36.08
C ILE C 40 -7.00 -42.19 35.27
N LEU C 41 -6.64 -42.26 33.99
CA LEU C 41 -7.09 -43.38 33.15
C LEU C 41 -6.55 -44.71 33.66
N LEU C 42 -5.27 -44.76 34.04
CA LEU C 42 -4.70 -45.99 34.54
C LEU C 42 -5.31 -46.38 35.88
N TRP C 43 -5.62 -45.41 36.73
CA TRP C 43 -6.31 -45.70 37.98
C TRP C 43 -7.71 -46.24 37.71
N ARG C 44 -8.37 -45.75 36.65
CA ARG C 44 -9.65 -46.33 36.25
C ARG C 44 -9.50 -47.78 35.80
N THR C 45 -8.44 -48.07 35.03
CA THR C 45 -8.23 -49.44 34.58
C THR C 45 -7.93 -50.38 35.74
N LEU C 46 -7.11 -49.93 36.70
CA LEU C 46 -6.81 -50.75 37.86
C LEU C 46 -7.95 -50.74 38.86
N TRP C 93 -13.16 -42.59 55.54
CA TRP C 93 -13.44 -41.18 55.78
C TRP C 93 -13.39 -40.38 54.48
N MET C 94 -13.19 -41.09 53.37
CA MET C 94 -13.14 -40.43 52.07
C MET C 94 -14.50 -39.83 51.70
N THR C 95 -15.59 -40.53 52.02
CA THR C 95 -16.92 -39.98 51.77
C THR C 95 -17.18 -38.74 52.63
N SER C 96 -16.72 -38.78 53.89
CA SER C 96 -16.92 -37.63 54.78
C SER C 96 -16.18 -36.40 54.27
N VAL C 97 -14.92 -36.57 53.86
CA VAL C 97 -14.17 -35.42 53.37
C VAL C 97 -14.69 -34.97 52.02
N LYS C 98 -15.20 -35.89 51.20
CA LYS C 98 -15.82 -35.49 49.93
C LYS C 98 -17.07 -34.65 50.18
N ASP C 99 -17.90 -35.06 51.14
CA ASP C 99 -19.08 -34.27 51.49
C ASP C 99 -18.70 -32.92 52.08
N TRP C 100 -17.64 -32.89 52.90
CA TRP C 100 -17.17 -31.63 53.47
C TRP C 100 -16.71 -30.67 52.37
N ALA C 101 -15.96 -31.17 51.39
CA ALA C 101 -15.52 -30.33 50.30
C ALA C 101 -16.69 -29.92 49.40
N GLY C 102 -17.67 -30.79 49.24
CA GLY C 102 -18.84 -30.43 48.43
C GLY C 102 -19.67 -29.34 49.07
N VAL C 103 -19.88 -29.41 50.38
CA VAL C 103 -20.61 -28.35 51.07
C VAL C 103 -19.76 -27.11 51.24
N MET C 104 -18.43 -27.24 51.18
CA MET C 104 -17.55 -26.07 51.25
C MET C 104 -17.71 -25.18 50.03
N ILE C 105 -17.80 -25.77 48.84
CA ILE C 105 -17.87 -25.01 47.60
C ILE C 105 -19.29 -24.90 47.05
N SER C 106 -20.28 -25.34 47.82
CA SER C 106 -21.67 -25.25 47.38
C SER C 106 -22.12 -23.80 47.29
N ALA C 107 -22.91 -23.49 46.27
CA ALA C 107 -23.39 -22.13 46.08
C ALA C 107 -24.46 -21.74 47.09
N GLN C 108 -25.05 -22.72 47.78
CA GLN C 108 -26.11 -22.40 48.73
C GLN C 108 -25.57 -21.72 49.98
N THR C 109 -24.46 -22.23 50.52
CA THR C 109 -23.92 -21.71 51.76
C THR C 109 -23.22 -20.37 51.52
N LEU C 110 -22.98 -19.65 52.61
CA LEU C 110 -22.33 -18.35 52.54
C LEU C 110 -20.88 -18.47 52.10
N THR C 111 -20.19 -19.51 52.56
CA THR C 111 -18.77 -19.68 52.23
C THR C 111 -18.57 -19.84 50.74
N GLY C 112 -19.40 -20.66 50.08
CA GLY C 112 -19.29 -20.80 48.64
C GLY C 112 -19.56 -19.52 47.89
N ARG C 113 -20.54 -18.75 48.34
CA ARG C 113 -20.86 -17.48 47.70
C ARG C 113 -19.68 -16.50 47.79
N VAL C 114 -19.18 -16.29 49.01
CA VAL C 114 -18.09 -15.33 49.17
C VAL C 114 -16.83 -15.84 48.47
N LEU C 115 -16.65 -17.16 48.38
CA LEU C 115 -15.44 -17.69 47.76
C LEU C 115 -15.49 -17.55 46.25
N VAL C 116 -16.66 -17.78 45.63
CA VAL C 116 -16.75 -17.59 44.19
C VAL C 116 -16.68 -16.10 43.84
N VAL C 117 -17.21 -15.23 44.70
CA VAL C 117 -17.02 -13.80 44.49
C VAL C 117 -15.55 -13.43 44.55
N LEU C 118 -14.83 -14.01 45.53
CA LEU C 118 -13.39 -13.74 45.67
C LEU C 118 -12.61 -14.22 44.45
N VAL C 119 -12.92 -15.42 43.95
CA VAL C 119 -12.15 -15.93 42.82
C VAL C 119 -12.49 -15.15 41.54
N PHE C 120 -13.73 -14.67 41.40
CA PHE C 120 -14.06 -13.79 40.28
C PHE C 120 -13.29 -12.48 40.36
N ALA C 121 -13.21 -11.90 41.57
CA ALA C 121 -12.45 -10.66 41.73
C ALA C 121 -10.97 -10.86 41.43
N LEU C 122 -10.41 -11.98 41.87
CA LEU C 122 -9.00 -12.25 41.58
C LEU C 122 -8.77 -12.54 40.10
N SER C 123 -9.76 -13.13 39.43
CA SER C 123 -9.65 -13.29 37.98
C SER C 123 -9.66 -11.94 37.27
N ILE C 124 -10.49 -11.01 37.75
CA ILE C 124 -10.48 -9.65 37.23
C ILE C 124 -9.11 -9.01 37.45
N GLY C 125 -8.55 -9.19 38.64
CA GLY C 125 -7.23 -8.64 38.92
C GLY C 125 -6.14 -9.22 38.04
N ALA C 126 -6.19 -10.54 37.81
CA ALA C 126 -5.21 -11.18 36.94
C ALA C 126 -5.34 -10.70 35.51
N LEU C 127 -6.58 -10.50 35.04
CA LEU C 127 -6.78 -9.94 33.71
C LEU C 127 -6.22 -8.54 33.60
N VAL C 128 -6.40 -7.72 34.64
CA VAL C 128 -5.84 -6.36 34.63
C VAL C 128 -4.31 -6.42 34.63
N ILE C 129 -3.73 -7.34 35.40
CA ILE C 129 -2.27 -7.51 35.42
C ILE C 129 -1.75 -7.90 34.04
N TYR C 130 -2.46 -8.82 33.37
CA TYR C 130 -2.06 -9.20 32.02
C TYR C 130 -2.18 -8.04 31.04
N PHE C 131 -3.24 -7.23 31.19
CA PHE C 131 -3.41 -6.06 30.33
C PHE C 131 -2.26 -5.08 30.52
N ILE C 132 -1.83 -4.88 31.77
CA ILE C 132 -0.70 -4.00 32.04
C ILE C 132 0.59 -4.57 31.45
N ASP C 133 0.81 -5.87 31.64
CA ASP C 133 2.07 -6.49 31.22
C ASP C 133 2.14 -6.77 29.73
N SER C 134 1.02 -6.65 29.00
CA SER C 134 1.06 -6.86 27.55
C SER C 134 1.81 -5.77 26.81
N SER C 135 2.14 -4.66 27.46
CA SER C 135 2.91 -3.57 26.86
C SER C 135 4.41 -3.72 27.06
N ASN C 136 4.89 -4.95 27.20
CA ASN C 136 6.28 -5.27 27.48
C ASN C 136 6.75 -6.32 26.49
N PRO C 137 8.06 -6.51 26.35
CA PRO C 137 8.55 -7.65 25.56
C PRO C 137 8.05 -8.97 26.13
N ILE C 138 7.79 -9.92 25.23
CA ILE C 138 7.09 -11.15 25.60
C ILE C 138 7.91 -11.95 26.60
N GLU C 139 9.20 -12.12 26.33
CA GLU C 139 10.09 -12.86 27.21
C GLU C 139 11.15 -11.91 27.73
N SER C 140 11.27 -11.83 29.05
CA SER C 140 12.21 -10.89 29.65
C SER C 140 12.64 -11.38 31.02
N CYS C 141 13.85 -10.99 31.43
CA CYS C 141 14.37 -11.34 32.74
C CYS C 141 14.04 -10.26 33.75
N GLN C 142 13.74 -10.69 34.97
CA GLN C 142 13.39 -9.76 36.04
C GLN C 142 13.65 -10.44 37.38
N ASN C 143 13.71 -9.62 38.43
CA ASN C 143 13.95 -10.11 39.78
C ASN C 143 12.63 -10.22 40.53
N PHE C 144 12.36 -11.40 41.10
CA PHE C 144 11.12 -11.62 41.81
C PHE C 144 11.04 -10.77 43.08
N TYR C 145 12.17 -10.62 43.78
CA TYR C 145 12.16 -9.83 45.01
C TYR C 145 12.04 -8.33 44.73
N LYS C 146 12.55 -7.88 43.58
CA LYS C 146 12.54 -6.45 43.28
C LYS C 146 11.14 -5.95 42.95
N ASP C 147 10.40 -6.69 42.12
CA ASP C 147 9.08 -6.29 41.68
C ASP C 147 8.01 -7.01 42.50
N PHE C 148 7.01 -6.27 42.95
CA PHE C 148 5.95 -6.84 43.77
C PHE C 148 4.67 -7.12 43.00
N THR C 149 4.55 -6.66 41.76
CA THR C 149 3.42 -7.06 40.93
C THR C 149 3.46 -8.55 40.64
N LEU C 150 4.67 -9.08 40.40
CA LEU C 150 4.83 -10.53 40.28
C LEU C 150 4.44 -11.24 41.56
N GLN C 151 4.69 -10.62 42.72
CA GLN C 151 4.25 -11.20 43.99
C GLN C 151 2.74 -11.23 44.08
N ILE C 152 2.07 -10.18 43.59
CA ILE C 152 0.60 -10.17 43.57
C ILE C 152 0.06 -11.27 42.67
N ASP C 153 0.68 -11.43 41.49
CA ASP C 153 0.24 -12.50 40.59
C ASP C 153 0.50 -13.88 41.20
N MET C 154 1.62 -14.02 41.92
CA MET C 154 1.93 -15.28 42.59
C MET C 154 0.89 -15.60 43.66
N ALA C 155 0.49 -14.60 44.45
CA ALA C 155 -0.55 -14.81 45.46
C ALA C 155 -1.87 -15.19 44.80
N PHE C 156 -2.23 -14.50 43.72
CA PHE C 156 -3.46 -14.82 43.00
C PHE C 156 -3.44 -16.26 42.50
N ASN C 157 -2.29 -16.69 41.95
CA ASN C 157 -2.21 -18.01 41.36
C ASN C 157 -2.15 -19.12 42.41
N VAL C 158 -1.54 -18.86 43.57
CA VAL C 158 -1.59 -19.89 44.61
C VAL C 158 -2.99 -19.99 45.19
N PHE C 159 -3.73 -18.87 45.25
CA PHE C 159 -5.14 -18.98 45.64
C PHE C 159 -5.93 -19.78 44.62
N PHE C 160 -5.65 -19.57 43.33
CA PHE C 160 -6.32 -20.36 42.29
C PHE C 160 -5.98 -21.84 42.44
N LEU C 161 -4.73 -22.16 42.78
CA LEU C 161 -4.33 -23.54 42.97
C LEU C 161 -5.05 -24.18 44.15
N LEU C 162 -5.17 -23.45 45.26
CA LEU C 162 -5.89 -23.97 46.41
C LEU C 162 -7.36 -24.20 46.08
N TYR C 163 -7.98 -23.27 45.34
CA TYR C 163 -9.36 -23.46 44.91
C TYR C 163 -9.49 -24.67 44.00
N PHE C 164 -8.53 -24.87 43.10
CA PHE C 164 -8.59 -26.04 42.22
C PHE C 164 -8.49 -27.33 43.01
N GLY C 165 -7.61 -27.37 44.01
CA GLY C 165 -7.53 -28.56 44.85
C GLY C 165 -8.81 -28.82 45.61
N LEU C 166 -9.41 -27.77 46.17
CA LEU C 166 -10.67 -27.92 46.89
C LEU C 166 -11.78 -28.41 45.97
N ARG C 167 -11.81 -27.91 44.73
CA ARG C 167 -12.76 -28.42 43.76
C ARG C 167 -12.50 -29.88 43.42
N PHE C 168 -11.23 -30.25 43.25
CA PHE C 168 -10.88 -31.61 42.86
C PHE C 168 -11.26 -32.62 43.93
N ILE C 169 -11.17 -32.25 45.21
CA ILE C 169 -11.65 -33.14 46.25
C ILE C 169 -13.15 -33.38 46.12
N ALA C 170 -13.90 -32.31 45.83
CA ALA C 170 -15.35 -32.41 45.67
C ALA C 170 -15.70 -32.66 44.21
N ALA C 171 -15.37 -33.88 43.76
CA ALA C 171 -15.65 -34.29 42.39
C ALA C 171 -16.06 -35.75 42.39
N ASN C 172 -17.31 -36.02 41.98
CA ASN C 172 -17.77 -37.39 41.87
C ASN C 172 -17.04 -38.13 40.75
N ASP C 173 -16.82 -37.46 39.62
CA ASP C 173 -16.10 -38.03 38.48
C ASP C 173 -14.86 -37.19 38.24
N LYS C 174 -13.69 -37.75 38.53
CA LYS C 174 -12.44 -37.00 38.39
C LYS C 174 -12.13 -36.71 36.93
N LEU C 175 -12.39 -37.68 36.04
CA LEU C 175 -12.02 -37.53 34.63
C LEU C 175 -12.81 -36.40 33.97
N TRP C 176 -14.12 -36.34 34.24
CA TRP C 176 -14.93 -35.28 33.63
C TRP C 176 -14.66 -33.93 34.27
N PHE C 177 -14.23 -33.92 35.54
CA PHE C 177 -13.76 -32.68 36.15
C PHE C 177 -12.46 -32.21 35.50
N TRP C 178 -11.61 -33.15 35.09
CA TRP C 178 -10.31 -32.79 34.52
C TRP C 178 -10.44 -32.16 33.13
N LEU C 179 -11.58 -32.32 32.46
CA LEU C 179 -11.79 -31.77 31.13
C LEU C 179 -12.61 -30.48 31.14
N GLU C 180 -12.89 -29.93 32.32
CA GLU C 180 -13.62 -28.67 32.39
C GLU C 180 -12.74 -27.50 31.97
N VAL C 181 -13.39 -26.43 31.52
CA VAL C 181 -12.65 -25.25 31.07
C VAL C 181 -11.92 -24.58 32.24
N ASN C 182 -12.51 -24.61 33.44
CA ASN C 182 -11.84 -24.04 34.60
C ASN C 182 -10.61 -24.85 34.97
N SER C 183 -10.70 -26.18 34.90
CA SER C 183 -9.53 -27.01 35.17
C SER C 183 -8.42 -26.74 34.17
N VAL C 184 -8.76 -26.64 32.88
CA VAL C 184 -7.71 -26.46 31.87
C VAL C 184 -7.12 -25.06 31.93
N VAL C 185 -7.92 -24.05 32.29
CA VAL C 185 -7.33 -22.71 32.46
C VAL C 185 -6.42 -22.69 33.68
N ASP C 186 -6.77 -23.44 34.73
CA ASP C 186 -5.84 -23.57 35.86
C ASP C 186 -4.54 -24.24 35.43
N PHE C 187 -4.65 -25.29 34.62
CA PHE C 187 -3.45 -26.02 34.16
C PHE C 187 -2.56 -25.12 33.31
N PHE C 188 -3.15 -24.31 32.44
CA PHE C 188 -2.37 -23.47 31.55
C PHE C 188 -2.05 -22.11 32.13
N THR C 189 -2.48 -21.83 33.37
CA THR C 189 -2.10 -20.58 34.03
C THR C 189 -1.18 -20.75 35.22
N VAL C 190 -1.43 -21.71 36.10
CA VAL C 190 -0.75 -21.74 37.41
C VAL C 190 0.68 -22.26 37.35
N PRO C 191 1.00 -23.38 36.67
CA PRO C 191 2.42 -23.81 36.60
C PRO C 191 3.36 -22.81 35.94
N PRO C 192 2.93 -22.03 34.92
CA PRO C 192 3.87 -21.05 34.35
C PRO C 192 4.41 -20.02 35.34
N VAL C 193 3.61 -19.56 36.31
CA VAL C 193 4.15 -18.55 37.22
C VAL C 193 5.19 -19.17 38.15
N PHE C 194 4.99 -20.42 38.56
CA PHE C 194 6.01 -21.11 39.36
C PHE C 194 7.29 -21.31 38.57
N VAL C 195 7.15 -21.68 37.30
CA VAL C 195 8.35 -21.85 36.46
C VAL C 195 9.06 -20.51 36.27
N SER C 196 8.28 -19.43 36.11
CA SER C 196 8.86 -18.10 35.94
C SER C 196 9.61 -17.66 37.19
N VAL C 197 9.03 -17.90 38.37
CA VAL C 197 9.70 -17.46 39.59
C VAL C 197 10.91 -18.36 39.90
N TYR C 198 10.88 -19.62 39.45
CA TYR C 198 12.05 -20.47 39.64
C TYR C 198 13.19 -20.07 38.71
N LEU C 199 12.89 -19.85 37.43
CA LEU C 199 13.91 -19.52 36.44
C LEU C 199 14.32 -18.05 36.47
N ASN C 200 13.67 -17.23 37.29
CA ASN C 200 13.94 -15.80 37.41
C ASN C 200 13.74 -15.06 36.09
N ARG C 201 12.91 -15.60 35.20
CA ARG C 201 12.53 -14.98 33.95
C ARG C 201 11.01 -14.86 33.89
N SER C 202 10.50 -14.38 32.75
CA SER C 202 9.06 -14.25 32.59
C SER C 202 8.71 -14.32 31.11
N TRP C 203 7.63 -15.03 30.81
CA TRP C 203 7.09 -15.16 29.47
C TRP C 203 5.61 -14.81 29.52
N LEU C 204 5.13 -14.12 28.48
CA LEU C 204 3.75 -13.65 28.48
C LEU C 204 2.77 -14.82 28.51
N GLY C 205 2.93 -15.77 27.60
CA GLY C 205 2.22 -17.02 27.68
C GLY C 205 0.71 -16.93 27.52
N LEU C 206 0.04 -17.92 28.07
CA LEU C 206 -1.42 -18.04 28.00
C LEU C 206 -2.07 -17.51 29.28
N ARG C 207 -1.74 -16.26 29.62
CA ARG C 207 -2.31 -15.63 30.80
C ARG C 207 -3.59 -14.86 30.51
N PHE C 208 -3.99 -14.76 29.25
CA PHE C 208 -5.26 -14.14 28.91
C PHE C 208 -6.45 -15.09 29.09
N LEU C 209 -6.17 -16.38 29.25
CA LEU C 209 -7.24 -17.38 29.35
C LEU C 209 -8.09 -17.18 30.61
N ARG C 210 -7.60 -16.43 31.59
CA ARG C 210 -8.43 -16.12 32.76
C ARG C 210 -9.65 -15.30 32.39
N ALA C 211 -9.63 -14.64 31.22
CA ALA C 211 -10.84 -13.97 30.73
C ALA C 211 -11.98 -14.95 30.53
N LEU C 212 -11.68 -16.24 30.33
CA LEU C 212 -12.72 -17.25 30.23
C LEU C 212 -13.51 -17.41 31.52
N ARG C 213 -13.03 -16.86 32.63
CA ARG C 213 -13.80 -16.88 33.87
C ARG C 213 -14.80 -15.72 33.95
N LEU C 214 -14.92 -14.90 32.92
CA LEU C 214 -15.98 -13.90 32.91
C LEU C 214 -17.36 -14.50 32.67
N ILE C 215 -17.42 -15.75 32.20
CA ILE C 215 -18.70 -16.39 31.88
C ILE C 215 -19.57 -16.52 33.13
N GLN C 216 -18.94 -16.74 34.29
CA GLN C 216 -19.69 -16.84 35.55
C GLN C 216 -20.21 -15.50 36.04
N PHE C 217 -19.89 -14.39 35.35
CA PHE C 217 -20.22 -13.05 35.83
C PHE C 217 -21.72 -12.91 36.11
N SER C 218 -22.56 -13.40 35.20
CA SER C 218 -24.00 -13.33 35.41
C SER C 218 -24.40 -14.04 36.69
N GLU C 219 -23.84 -15.23 36.93
CA GLU C 219 -24.12 -15.95 38.17
C GLU C 219 -23.71 -15.10 39.38
N ILE C 220 -22.62 -14.34 39.25
CA ILE C 220 -22.17 -13.49 40.35
C ILE C 220 -23.26 -12.48 40.71
N LEU C 221 -23.99 -11.99 39.72
CA LEU C 221 -25.08 -11.07 40.03
C LEU C 221 -26.25 -11.79 40.69
N GLN C 222 -26.48 -13.06 40.31
CA GLN C 222 -27.76 -13.71 40.61
C GLN C 222 -27.98 -13.86 42.12
N PHE C 223 -26.93 -14.21 42.87
CA PHE C 223 -27.07 -14.36 44.31
C PHE C 223 -26.63 -13.11 45.07
N LEU C 224 -26.58 -11.95 44.40
CA LEU C 224 -26.47 -10.67 45.08
C LEU C 224 -27.71 -9.81 44.90
N ASN C 225 -28.84 -10.42 44.50
CA ASN C 225 -30.13 -9.75 44.39
C ASN C 225 -30.08 -8.57 43.42
N ILE C 226 -29.36 -8.76 42.31
CA ILE C 226 -29.30 -7.75 41.26
C ILE C 226 -30.06 -8.17 40.01
N LEU C 227 -30.17 -9.46 39.74
CA LEU C 227 -30.93 -9.96 38.60
C LEU C 227 -31.98 -10.96 39.11
N LYS C 228 -33.23 -10.77 38.69
CA LYS C 228 -34.31 -11.65 39.10
C LYS C 228 -34.96 -12.37 37.93
N THR C 229 -35.31 -11.66 36.87
CA THR C 229 -35.98 -12.27 35.73
C THR C 229 -34.99 -13.08 34.90
N SER C 230 -35.54 -14.05 34.16
CA SER C 230 -34.71 -14.94 33.35
C SER C 230 -34.20 -14.26 32.09
N ASN C 231 -34.96 -13.32 31.52
CA ASN C 231 -34.54 -12.67 30.29
C ASN C 231 -33.28 -11.85 30.49
N SER C 232 -33.22 -11.07 31.57
CA SER C 232 -32.02 -10.28 31.86
C SER C 232 -30.82 -11.18 32.14
N ILE C 233 -31.04 -12.29 32.85
CA ILE C 233 -29.96 -13.23 33.13
C ILE C 233 -29.41 -13.80 31.82
N LYS C 234 -30.32 -14.19 30.90
CA LYS C 234 -29.88 -14.74 29.62
C LYS C 234 -29.13 -13.70 28.80
N LEU C 235 -29.60 -12.45 28.80
CA LEU C 235 -28.92 -11.39 28.07
C LEU C 235 -27.51 -11.15 28.62
N VAL C 236 -27.38 -11.09 29.94
CA VAL C 236 -26.07 -10.88 30.56
C VAL C 236 -25.16 -12.06 30.28
N ASN C 237 -25.71 -13.28 30.29
CA ASN C 237 -24.91 -14.46 30.00
C ASN C 237 -24.38 -14.42 28.56
N LEU C 238 -25.23 -14.06 27.60
CA LEU C 238 -24.80 -13.96 26.21
C LEU C 238 -23.72 -12.89 26.04
N LEU C 239 -23.92 -11.73 26.67
CA LEU C 239 -22.94 -10.66 26.56
C LEU C 239 -21.61 -11.06 27.16
N SER C 240 -21.63 -11.70 28.33
CA SER C 240 -20.40 -12.14 28.98
C SER C 240 -19.68 -13.20 28.15
N ILE C 241 -20.42 -14.14 27.57
CA ILE C 241 -19.81 -15.17 26.73
C ILE C 241 -19.14 -14.54 25.52
N PHE C 242 -19.84 -13.62 24.85
CA PHE C 242 -19.28 -12.97 23.67
C PHE C 242 -18.03 -12.16 24.03
N ILE C 243 -18.08 -11.41 25.14
CA ILE C 243 -16.93 -10.61 25.54
C ILE C 243 -15.75 -11.49 25.88
N SER C 244 -15.98 -12.59 26.61
CA SER C 244 -14.89 -13.47 27.01
C SER C 244 -14.24 -14.14 25.81
N THR C 245 -15.04 -14.65 24.87
CA THR C 245 -14.43 -15.29 23.70
C THR C 245 -13.73 -14.28 22.81
N TRP C 246 -14.26 -13.05 22.72
CA TRP C 246 -13.59 -11.99 21.99
C TRP C 246 -12.21 -11.70 22.59
N LEU C 247 -12.16 -11.53 23.92
CA LEU C 247 -10.90 -11.21 24.58
C LEU C 247 -9.89 -12.33 24.45
N THR C 248 -10.31 -13.59 24.60
CA THR C 248 -9.34 -14.67 24.53
C THR C 248 -8.86 -14.90 23.10
N ALA C 249 -9.74 -14.72 22.10
CA ALA C 249 -9.29 -14.81 20.72
C ALA C 249 -8.28 -13.71 20.40
N ALA C 250 -8.53 -12.50 20.89
CA ALA C 250 -7.57 -11.41 20.72
C ALA C 250 -6.25 -11.74 21.42
N GLY C 251 -6.31 -12.40 22.57
CA GLY C 251 -5.10 -12.79 23.27
C GLY C 251 -4.26 -13.77 22.47
N PHE C 252 -4.89 -14.82 21.93
CA PHE C 252 -4.15 -15.76 21.09
C PHE C 252 -3.57 -15.07 19.86
N ILE C 253 -4.35 -14.18 19.22
CA ILE C 253 -3.86 -13.51 18.03
C ILE C 253 -2.65 -12.65 18.36
N HIS C 254 -2.72 -11.90 19.47
CA HIS C 254 -1.61 -11.06 19.88
C HIS C 254 -0.36 -11.88 20.18
N LEU C 255 -0.54 -12.99 20.91
CA LEU C 255 0.60 -13.83 21.25
C LEU C 255 1.26 -14.41 20.00
N VAL C 256 0.45 -14.99 19.10
CA VAL C 256 1.00 -15.65 17.93
C VAL C 256 1.54 -14.65 16.91
N GLU C 257 1.08 -13.39 16.95
CA GLU C 257 1.60 -12.39 16.03
C GLU C 257 2.89 -11.76 16.55
N ASN C 258 2.91 -11.34 17.81
CA ASN C 258 4.12 -10.72 18.35
C ASN C 258 5.23 -11.73 18.61
N SER C 259 4.89 -13.02 18.79
CA SER C 259 5.92 -14.01 19.05
C SER C 259 6.70 -14.34 17.78
N GLY C 260 6.02 -14.47 16.65
CA GLY C 260 6.65 -14.84 15.40
C GLY C 260 6.62 -16.34 15.15
N ASP C 261 6.98 -16.71 13.93
CA ASP C 261 6.99 -18.11 13.54
C ASP C 261 8.16 -18.83 14.19
N PRO C 262 7.94 -20.01 14.79
CA PRO C 262 9.05 -20.68 15.48
C PRO C 262 10.07 -21.29 14.52
N TRP C 263 9.61 -21.90 13.44
CA TRP C 263 10.52 -22.57 12.51
C TRP C 263 11.33 -21.60 11.67
N GLU C 264 11.01 -20.31 11.67
CA GLU C 264 11.75 -19.30 10.93
C GLU C 264 12.55 -18.38 11.87
N ASN C 265 12.93 -18.90 13.03
CA ASN C 265 13.77 -18.19 14.01
C ASN C 265 13.15 -16.87 14.47
N PHE C 266 11.81 -16.83 14.52
CA PHE C 266 11.06 -15.68 15.05
C PHE C 266 11.41 -14.39 14.32
N GLN C 267 11.59 -14.48 13.01
CA GLN C 267 11.87 -13.30 12.19
C GLN C 267 10.61 -12.71 11.55
N ASN C 268 9.44 -13.28 11.84
CA ASN C 268 8.18 -12.81 11.29
C ASN C 268 7.34 -12.05 12.32
N ASN C 269 7.97 -11.59 13.41
CA ASN C 269 7.24 -10.88 14.45
C ASN C 269 6.71 -9.55 13.93
N GLN C 270 5.45 -9.27 14.27
CA GLN C 270 4.80 -8.01 13.90
C GLN C 270 4.44 -7.25 15.16
N ALA C 271 4.78 -5.97 15.20
CA ALA C 271 4.57 -5.13 16.37
C ALA C 271 3.08 -4.77 16.46
N LEU C 272 2.31 -5.69 17.01
CA LEU C 272 0.88 -5.50 17.22
C LEU C 272 0.58 -5.44 18.71
N THR C 273 -0.05 -4.37 19.15
CA THR C 273 -0.49 -4.27 20.53
C THR C 273 -1.74 -5.12 20.76
N TYR C 274 -2.07 -5.34 22.03
CA TYR C 274 -3.24 -6.15 22.35
C TYR C 274 -4.52 -5.49 21.87
N TRP C 275 -4.64 -4.19 22.05
CA TRP C 275 -5.87 -3.49 21.65
C TRP C 275 -6.01 -3.42 20.14
N GLU C 276 -4.90 -3.37 19.41
CA GLU C 276 -4.96 -3.47 17.96
C GLU C 276 -5.49 -4.83 17.53
N CYS C 277 -5.12 -5.89 18.25
CA CYS C 277 -5.65 -7.21 17.95
C CYS C 277 -7.14 -7.31 18.31
N VAL C 278 -7.54 -6.62 19.38
CA VAL C 278 -8.97 -6.56 19.73
C VAL C 278 -9.75 -5.87 18.60
N TYR C 279 -9.19 -4.77 18.09
CA TYR C 279 -9.81 -4.07 16.96
C TYR C 279 -9.88 -4.97 15.73
N LEU C 280 -8.81 -5.73 15.48
CA LEU C 280 -8.79 -6.64 14.34
C LEU C 280 -9.86 -7.72 14.48
N LEU C 281 -10.02 -8.28 15.67
CA LEU C 281 -11.05 -9.30 15.89
C LEU C 281 -12.45 -8.72 15.73
N MET C 282 -12.67 -7.50 16.22
CA MET C 282 -13.98 -6.88 16.05
C MET C 282 -14.27 -6.61 14.58
N VAL C 283 -13.28 -6.13 13.83
CA VAL C 283 -13.47 -5.86 12.41
C VAL C 283 -13.73 -7.16 11.65
N THR C 284 -13.03 -8.24 12.01
CA THR C 284 -13.19 -9.52 11.33
C THR C 284 -14.57 -10.12 11.61
N MET C 285 -14.98 -10.14 12.88
CA MET C 285 -16.21 -10.82 13.26
C MET C 285 -17.45 -10.12 12.72
N SER C 286 -17.34 -8.85 12.32
CA SER C 286 -18.45 -8.14 11.70
C SER C 286 -18.41 -8.25 10.18
N THR C 287 -17.49 -9.05 9.63
CA THR C 287 -17.32 -9.23 8.19
C THR C 287 -17.11 -7.90 7.47
N VAL C 288 -16.22 -7.06 8.02
CA VAL C 288 -15.88 -5.79 7.39
C VAL C 288 -14.53 -5.93 6.69
N GLY C 289 -13.50 -6.29 7.46
CA GLY C 289 -12.19 -6.54 6.90
C GLY C 289 -11.58 -5.37 6.16
N TYR C 290 -11.18 -4.32 6.90
CA TYR C 290 -10.52 -3.18 6.28
C TYR C 290 -9.21 -3.59 5.60
N GLY C 291 -8.42 -4.42 6.27
CA GLY C 291 -7.12 -4.78 5.77
C GLY C 291 -5.99 -3.87 6.22
N ASP C 292 -6.28 -2.86 7.04
CA ASP C 292 -5.22 -2.03 7.60
C ASP C 292 -4.31 -2.83 8.52
N VAL C 293 -4.90 -3.71 9.34
CA VAL C 293 -4.15 -4.61 10.21
C VAL C 293 -4.62 -6.03 9.94
N TYR C 294 -3.68 -6.95 9.83
CA TYR C 294 -3.99 -8.34 9.56
C TYR C 294 -2.85 -9.21 10.03
N ALA C 295 -3.12 -10.51 10.15
CA ALA C 295 -2.10 -11.46 10.58
C ALA C 295 -1.18 -11.79 9.41
N LYS C 296 0.13 -11.63 9.64
CA LYS C 296 1.13 -11.91 8.62
C LYS C 296 1.81 -13.25 8.78
N THR C 297 1.85 -13.80 9.99
CA THR C 297 2.47 -15.08 10.22
C THR C 297 1.57 -16.21 9.72
N THR C 298 2.19 -17.36 9.45
CA THR C 298 1.43 -18.53 8.99
C THR C 298 0.50 -19.04 10.07
N LEU C 299 1.02 -19.20 11.29
CA LEU C 299 0.19 -19.69 12.39
C LEU C 299 -0.89 -18.69 12.75
N GLY C 300 -0.58 -17.39 12.65
CA GLY C 300 -1.60 -16.38 12.88
C GLY C 300 -2.73 -16.45 11.86
N ARG C 301 -2.39 -16.68 10.59
CA ARG C 301 -3.42 -16.81 9.56
C ARG C 301 -4.25 -18.07 9.76
N LEU C 302 -3.60 -19.17 10.16
CA LEU C 302 -4.35 -20.39 10.47
C LEU C 302 -5.31 -20.17 11.63
N PHE C 303 -4.85 -19.48 12.68
CA PHE C 303 -5.72 -19.17 13.81
C PHE C 303 -6.85 -18.25 13.38
N MET C 304 -6.59 -17.30 12.48
CA MET C 304 -7.65 -16.43 11.99
C MET C 304 -8.71 -17.20 11.22
N VAL C 305 -8.28 -18.15 10.38
CA VAL C 305 -9.23 -18.98 9.64
C VAL C 305 -10.08 -19.81 10.60
N PHE C 306 -9.43 -20.42 11.59
CA PHE C 306 -10.17 -21.23 12.57
C PHE C 306 -11.13 -20.36 13.38
N PHE C 307 -10.71 -19.15 13.74
CA PHE C 307 -11.57 -18.24 14.50
C PHE C 307 -12.75 -17.80 13.66
N ILE C 308 -12.54 -17.55 12.36
CA ILE C 308 -13.65 -17.15 11.49
C ILE C 308 -14.68 -18.28 11.41
N LEU C 309 -14.21 -19.51 11.19
CA LEU C 309 -15.12 -20.65 11.10
C LEU C 309 -15.87 -20.86 12.41
N GLY C 310 -15.15 -20.82 13.54
CA GLY C 310 -15.78 -21.02 14.83
C GLY C 310 -16.77 -19.93 15.18
N GLY C 311 -16.43 -18.68 14.87
CA GLY C 311 -17.34 -17.59 15.14
C GLY C 311 -18.60 -17.66 14.30
N LEU C 312 -18.46 -18.00 13.02
CA LEU C 312 -19.64 -18.17 12.18
C LEU C 312 -20.52 -19.30 12.68
N ALA C 313 -19.92 -20.44 13.06
CA ALA C 313 -20.70 -21.56 13.59
C ALA C 313 -21.39 -21.18 14.90
N MET C 314 -20.68 -20.50 15.79
CA MET C 314 -21.25 -20.11 17.07
C MET C 314 -22.40 -19.11 16.89
N PHE C 315 -22.23 -18.14 15.98
CA PHE C 315 -23.30 -17.19 15.73
C PHE C 315 -24.53 -17.89 15.13
N ALA C 316 -24.30 -18.81 14.18
CA ALA C 316 -25.42 -19.55 13.61
C ALA C 316 -26.13 -20.40 14.65
N SER C 317 -25.38 -20.92 15.63
CA SER C 317 -26.02 -21.70 16.70
C SER C 317 -26.76 -20.80 17.69
N TYR C 318 -26.28 -19.58 17.90
CA TYR C 318 -26.86 -18.68 18.89
C TYR C 318 -27.93 -17.76 18.32
N VAL C 319 -28.20 -17.82 17.01
CA VAL C 319 -29.31 -17.05 16.44
C VAL C 319 -30.65 -17.28 17.14
N PRO C 320 -31.09 -18.53 17.40
CA PRO C 320 -32.39 -18.70 18.05
C PRO C 320 -32.51 -18.05 19.42
N GLU C 321 -31.43 -18.03 20.20
CA GLU C 321 -31.48 -17.33 21.49
C GLU C 321 -31.61 -15.83 21.29
N ILE C 322 -30.95 -15.29 20.27
CA ILE C 322 -31.10 -13.86 19.95
C ILE C 322 -32.55 -13.57 19.57
N ILE C 323 -33.16 -14.44 18.78
CA ILE C 323 -34.56 -14.26 18.39
C ILE C 323 -35.47 -14.32 19.61
N GLU C 324 -35.20 -15.26 20.53
CA GLU C 324 -36.00 -15.36 21.74
C GLU C 324 -35.87 -14.11 22.61
N LEU C 325 -34.65 -13.56 22.70
CA LEU C 325 -34.47 -12.30 23.42
C LEU C 325 -35.21 -11.15 22.75
N ILE C 326 -35.20 -11.11 21.43
CA ILE C 326 -35.99 -10.09 20.72
C ILE C 326 -37.47 -10.30 20.99
N GLY C 327 -37.94 -11.55 20.89
CA GLY C 327 -39.31 -11.87 21.23
C GLY C 327 -40.31 -11.30 20.23
N ASN C 328 -41.57 -11.28 20.66
CA ASN C 328 -42.67 -10.73 19.88
C ASN C 328 -43.31 -9.61 20.70
N VAL D 12 26.78 -30.32 -17.40
CA VAL D 12 25.70 -31.04 -18.07
C VAL D 12 24.40 -31.12 -17.24
N PRO D 13 24.45 -31.51 -15.94
CA PRO D 13 23.19 -31.54 -15.17
C PRO D 13 22.63 -30.16 -14.90
N CYS D 14 21.48 -29.85 -15.50
CA CYS D 14 20.81 -28.57 -15.27
C CYS D 14 19.32 -28.75 -15.52
N ASP D 15 18.53 -27.88 -14.90
CA ASP D 15 17.08 -27.87 -15.06
C ASP D 15 16.64 -26.48 -15.53
N SER D 16 15.74 -26.45 -16.51
CA SER D 16 15.23 -25.19 -17.03
C SER D 16 13.78 -25.38 -17.46
N ARG D 17 13.04 -24.27 -17.45
CA ARG D 17 11.64 -24.31 -17.87
C ARG D 17 11.51 -24.49 -19.37
N GLY D 18 12.29 -23.75 -20.14
CA GLY D 18 12.21 -23.84 -21.59
C GLY D 18 10.88 -23.31 -22.10
N GLN D 19 10.23 -24.09 -22.96
CA GLN D 19 8.94 -23.72 -23.52
C GLN D 19 7.81 -24.41 -22.74
N ARG D 20 6.72 -23.69 -22.55
CA ARG D 20 5.59 -24.24 -21.82
C ARG D 20 4.89 -25.31 -22.64
N MET D 21 4.60 -26.46 -22.01
CA MET D 21 3.95 -27.57 -22.67
C MET D 21 2.62 -27.93 -22.01
N TRP D 22 1.98 -26.96 -21.35
CA TRP D 22 0.69 -27.22 -20.69
C TRP D 22 -0.38 -27.61 -21.69
N TRP D 23 -0.35 -27.04 -22.90
CA TRP D 23 -1.39 -27.29 -23.87
C TRP D 23 -1.42 -28.75 -24.30
N ALA D 24 -0.26 -29.41 -24.37
CA ALA D 24 -0.22 -30.83 -24.69
C ALA D 24 -0.93 -31.65 -23.62
N PHE D 25 -0.65 -31.36 -22.34
CA PHE D 25 -1.28 -32.08 -21.25
C PHE D 25 -2.79 -31.86 -21.24
N LEU D 26 -3.23 -30.62 -21.47
CA LEU D 26 -4.66 -30.35 -21.48
C LEU D 26 -5.35 -31.01 -22.67
N ALA D 27 -4.72 -30.96 -23.85
CA ALA D 27 -5.29 -31.59 -25.02
C ALA D 27 -5.36 -33.10 -24.87
N SER D 28 -4.41 -33.70 -24.15
CA SER D 28 -4.44 -35.14 -23.94
C SER D 28 -5.67 -35.59 -23.17
N SER D 29 -6.31 -34.70 -22.41
CA SER D 29 -7.56 -35.01 -21.75
C SER D 29 -8.76 -34.57 -22.58
N MET D 30 -8.64 -33.45 -23.29
CA MET D 30 -9.76 -32.98 -24.10
C MET D 30 -10.06 -33.95 -25.26
N VAL D 31 -9.02 -34.44 -25.95
CA VAL D 31 -9.23 -35.36 -27.06
C VAL D 31 -9.55 -36.76 -26.60
N THR D 32 -9.53 -37.02 -25.29
CA THR D 32 -10.15 -38.22 -24.75
C THR D 32 -11.63 -37.96 -24.50
N PHE D 33 -11.93 -36.95 -23.68
CA PHE D 33 -13.29 -36.69 -23.22
C PHE D 33 -14.23 -36.39 -24.39
N PHE D 34 -13.95 -35.31 -25.13
CA PHE D 34 -14.88 -34.89 -26.17
C PHE D 34 -14.95 -35.89 -27.32
N GLY D 35 -13.81 -36.45 -27.71
CA GLY D 35 -13.80 -37.40 -28.82
C GLY D 35 -14.57 -38.66 -28.47
N GLY D 36 -14.40 -39.20 -27.25
CA GLY D 36 -15.14 -40.39 -26.90
C GLY D 36 -16.61 -40.09 -26.66
N LEU D 37 -16.94 -38.87 -26.22
CA LEU D 37 -18.34 -38.47 -26.14
C LEU D 37 -18.97 -38.45 -27.52
N PHE D 38 -18.25 -37.93 -28.52
CA PHE D 38 -18.75 -37.95 -29.89
C PHE D 38 -18.88 -39.38 -30.41
N ILE D 39 -17.94 -40.25 -30.05
CA ILE D 39 -18.02 -41.66 -30.45
C ILE D 39 -19.26 -42.32 -29.86
N ILE D 40 -19.54 -42.05 -28.59
CA ILE D 40 -20.74 -42.59 -27.95
C ILE D 40 -22.00 -42.06 -28.62
N LEU D 41 -22.03 -40.77 -28.95
CA LEU D 41 -23.18 -40.19 -29.62
C LEU D 41 -23.40 -40.82 -31.00
N LEU D 42 -22.32 -41.01 -31.76
CA LEU D 42 -22.45 -41.61 -33.09
C LEU D 42 -22.88 -43.07 -32.99
N TRP D 43 -22.39 -43.79 -31.97
CA TRP D 43 -22.87 -45.15 -31.76
C TRP D 43 -24.34 -45.19 -31.38
N ARG D 44 -24.82 -44.17 -30.66
CA ARG D 44 -26.25 -44.06 -30.40
C ARG D 44 -27.02 -43.81 -31.69
N THR D 45 -26.52 -42.95 -32.57
CA THR D 45 -27.22 -42.69 -33.83
C THR D 45 -27.26 -43.93 -34.71
N LEU D 46 -26.15 -44.68 -34.78
CA LEU D 46 -26.12 -45.90 -35.58
C LEU D 46 -26.82 -47.04 -34.85
N TRP D 93 -22.94 -62.83 -24.47
CA TRP D 93 -22.31 -62.88 -23.16
C TRP D 93 -22.09 -61.47 -22.59
N MET D 94 -22.57 -60.47 -23.34
CA MET D 94 -22.43 -59.09 -22.89
C MET D 94 -23.25 -58.83 -21.63
N THR D 95 -24.45 -59.41 -21.55
CA THR D 95 -25.25 -59.27 -20.34
C THR D 95 -24.59 -59.95 -19.15
N SER D 96 -23.98 -61.12 -19.39
CA SER D 96 -23.31 -61.84 -18.30
C SER D 96 -22.13 -61.05 -17.76
N VAL D 97 -21.30 -60.49 -18.65
CA VAL D 97 -20.15 -59.73 -18.17
C VAL D 97 -20.60 -58.41 -17.55
N LYS D 98 -21.70 -57.83 -18.04
CA LYS D 98 -22.23 -56.62 -17.41
C LYS D 98 -22.71 -56.91 -15.99
N ASP D 99 -23.41 -58.04 -15.80
CA ASP D 99 -23.84 -58.42 -14.46
C ASP D 99 -22.64 -58.73 -13.56
N TRP D 100 -21.61 -59.37 -14.11
CA TRP D 100 -20.41 -59.66 -13.34
C TRP D 100 -19.72 -58.38 -12.87
N ALA D 101 -19.62 -57.39 -13.76
CA ALA D 101 -19.02 -56.12 -13.38
C ALA D 101 -19.90 -55.35 -12.41
N GLY D 102 -21.23 -55.46 -12.55
CA GLY D 102 -22.12 -54.80 -11.62
C GLY D 102 -22.03 -55.37 -10.21
N VAL D 103 -21.96 -56.69 -10.10
CA VAL D 103 -21.81 -57.31 -8.78
C VAL D 103 -20.39 -57.16 -8.26
N MET D 104 -19.42 -56.92 -9.14
CA MET D 104 -18.05 -56.69 -8.70
C MET D 104 -17.92 -55.38 -7.94
N ILE D 105 -18.58 -54.31 -8.42
CA ILE D 105 -18.46 -53.00 -7.81
C ILE D 105 -19.64 -52.65 -6.92
N SER D 106 -20.53 -53.62 -6.67
CA SER D 106 -21.69 -53.36 -5.81
C SER D 106 -21.24 -53.12 -4.37
N ALA D 107 -21.91 -52.18 -3.70
CA ALA D 107 -21.56 -51.86 -2.33
C ALA D 107 -22.00 -52.93 -1.35
N GLN D 108 -22.88 -53.85 -1.76
CA GLN D 108 -23.36 -54.88 -0.85
C GLN D 108 -22.28 -55.92 -0.56
N THR D 109 -21.57 -56.37 -1.59
CA THR D 109 -20.58 -57.41 -1.43
C THR D 109 -19.31 -56.87 -0.76
N LEU D 110 -18.49 -57.80 -0.28
CA LEU D 110 -17.25 -57.43 0.41
C LEU D 110 -16.25 -56.80 -0.55
N THR D 111 -16.19 -57.32 -1.79
CA THR D 111 -15.22 -56.83 -2.76
C THR D 111 -15.45 -55.35 -3.07
N GLY D 112 -16.72 -54.96 -3.28
CA GLY D 112 -17.02 -53.57 -3.54
C GLY D 112 -16.65 -52.66 -2.37
N ARG D 113 -16.92 -53.13 -1.14
CA ARG D 113 -16.59 -52.34 0.04
C ARG D 113 -15.09 -52.11 0.15
N VAL D 114 -14.31 -53.20 0.09
CA VAL D 114 -12.87 -53.05 0.24
C VAL D 114 -12.29 -52.26 -0.93
N LEU D 115 -12.89 -52.36 -2.12
CA LEU D 115 -12.35 -51.67 -3.28
C LEU D 115 -12.64 -50.18 -3.21
N VAL D 116 -13.82 -49.78 -2.74
CA VAL D 116 -14.08 -48.35 -2.59
C VAL D 116 -13.26 -47.77 -1.45
N VAL D 117 -13.02 -48.55 -0.38
CA VAL D 117 -12.11 -48.08 0.66
C VAL D 117 -10.71 -47.88 0.10
N LEU D 118 -10.26 -48.82 -0.74
CA LEU D 118 -8.93 -48.72 -1.35
C LEU D 118 -8.82 -47.49 -2.25
N VAL D 119 -9.85 -47.23 -3.07
CA VAL D 119 -9.76 -46.09 -3.99
C VAL D 119 -9.85 -44.77 -3.22
N PHE D 120 -10.61 -44.74 -2.12
CA PHE D 120 -10.61 -43.55 -1.27
C PHE D 120 -9.24 -43.31 -0.64
N ALA D 121 -8.60 -44.38 -0.15
CA ALA D 121 -7.27 -44.24 0.43
C ALA D 121 -6.26 -43.78 -0.61
N LEU D 122 -6.33 -44.32 -1.82
CA LEU D 122 -5.40 -43.89 -2.86
C LEU D 122 -5.67 -42.46 -3.31
N SER D 123 -6.93 -42.02 -3.28
CA SER D 123 -7.23 -40.63 -3.56
C SER D 123 -6.65 -39.71 -2.49
N ILE D 124 -6.72 -40.14 -1.22
CA ILE D 124 -6.08 -39.38 -0.15
C ILE D 124 -4.58 -39.29 -0.39
N GLY D 125 -3.97 -40.41 -0.78
CA GLY D 125 -2.54 -40.41 -1.07
C GLY D 125 -2.18 -39.50 -2.22
N ALA D 126 -2.99 -39.50 -3.28
CA ALA D 126 -2.74 -38.61 -4.41
C ALA D 126 -2.88 -37.15 -4.02
N LEU D 127 -3.86 -36.84 -3.15
CA LEU D 127 -3.99 -35.48 -2.66
C LEU D 127 -2.77 -35.06 -1.84
N VAL D 128 -2.24 -35.98 -1.02
CA VAL D 128 -1.04 -35.68 -0.25
C VAL D 128 0.15 -35.46 -1.19
N ILE D 129 0.25 -36.28 -2.24
CA ILE D 129 1.33 -36.11 -3.21
C ILE D 129 1.24 -34.75 -3.89
N TYR D 130 0.02 -34.33 -4.26
CA TYR D 130 -0.16 -33.02 -4.86
C TYR D 130 0.19 -31.90 -3.89
N PHE D 131 -0.17 -32.07 -2.62
CA PHE D 131 0.18 -31.08 -1.60
C PHE D 131 1.69 -30.94 -1.47
N ILE D 132 2.40 -32.07 -1.51
CA ILE D 132 3.86 -32.02 -1.44
C ILE D 132 4.44 -31.36 -2.67
N ASP D 133 3.94 -31.71 -3.85
CA ASP D 133 4.51 -31.22 -5.10
C ASP D 133 4.09 -29.79 -5.44
N SER D 134 3.11 -29.23 -4.72
CA SER D 134 2.72 -27.84 -4.98
C SER D 134 3.78 -26.83 -4.57
N SER D 135 4.82 -27.25 -3.84
CA SER D 135 5.90 -26.37 -3.42
C SER D 135 7.06 -26.39 -4.41
N ASN D 136 6.79 -26.64 -5.67
CA ASN D 136 7.77 -26.75 -6.73
C ASN D 136 7.34 -25.89 -7.91
N PRO D 137 8.25 -25.58 -8.83
CA PRO D 137 7.84 -24.92 -10.08
C PRO D 137 6.81 -25.76 -10.82
N ILE D 138 5.87 -25.06 -11.48
CA ILE D 138 4.70 -25.73 -12.05
C ILE D 138 5.12 -26.70 -13.14
N GLU D 139 6.00 -26.27 -14.05
CA GLU D 139 6.49 -27.11 -15.13
C GLU D 139 7.98 -27.33 -14.93
N SER D 140 8.39 -28.59 -14.87
CA SER D 140 9.80 -28.90 -14.62
C SER D 140 10.15 -30.25 -15.21
N CYS D 141 11.43 -30.42 -15.52
CA CYS D 141 11.93 -31.67 -16.07
C CYS D 141 12.47 -32.56 -14.96
N GLN D 142 12.25 -33.86 -15.09
CA GLN D 142 12.71 -34.82 -14.09
C GLN D 142 12.84 -36.18 -14.76
N ASN D 143 13.55 -37.08 -14.08
CA ASN D 143 13.75 -38.43 -14.57
C ASN D 143 12.78 -39.37 -13.86
N PHE D 144 12.04 -40.15 -14.64
CA PHE D 144 11.06 -41.07 -14.06
C PHE D 144 11.74 -42.19 -13.28
N TYR D 145 12.87 -42.69 -13.79
CA TYR D 145 13.57 -43.77 -13.09
C TYR D 145 14.25 -43.27 -11.81
N LYS D 146 14.68 -42.01 -11.79
CA LYS D 146 15.42 -41.49 -10.64
C LYS D 146 14.51 -41.29 -9.43
N ASP D 147 13.33 -40.71 -9.64
CA ASP D 147 12.41 -40.40 -8.56
C ASP D 147 11.31 -41.46 -8.50
N PHE D 148 11.02 -41.94 -7.29
CA PHE D 148 10.02 -42.98 -7.10
C PHE D 148 8.68 -42.46 -6.61
N THR D 149 8.59 -41.19 -6.23
CA THR D 149 7.28 -40.60 -5.93
C THR D 149 6.42 -40.55 -7.18
N LEU D 150 7.04 -40.22 -8.32
CA LEU D 150 6.33 -40.31 -9.59
C LEU D 150 5.88 -41.73 -9.89
N GLN D 151 6.67 -42.72 -9.48
CA GLN D 151 6.26 -44.11 -9.64
C GLN D 151 5.04 -44.43 -8.78
N ILE D 152 5.00 -43.89 -7.56
CA ILE D 152 3.83 -44.07 -6.69
C ILE D 152 2.59 -43.44 -7.31
N ASP D 153 2.74 -42.22 -7.85
CA ASP D 153 1.61 -41.58 -8.51
C ASP D 153 1.17 -42.35 -9.75
N MET D 154 2.13 -42.92 -10.48
CA MET D 154 1.81 -43.73 -11.66
C MET D 154 1.03 -44.97 -11.26
N ALA D 155 1.43 -45.65 -10.18
CA ALA D 155 0.68 -46.81 -9.71
C ALA D 155 -0.72 -46.42 -9.27
N PHE D 156 -0.84 -45.31 -8.55
CA PHE D 156 -2.16 -44.83 -8.13
C PHE D 156 -3.05 -44.56 -9.34
N ASN D 157 -2.49 -43.93 -10.38
CA ASN D 157 -3.29 -43.54 -11.52
C ASN D 157 -3.65 -44.73 -12.41
N VAL D 158 -2.77 -45.74 -12.51
CA VAL D 158 -3.18 -46.92 -13.27
C VAL D 158 -4.24 -47.71 -12.50
N PHE D 159 -4.18 -47.70 -11.16
CA PHE D 159 -5.29 -48.30 -10.41
C PHE D 159 -6.60 -47.54 -10.65
N PHE D 160 -6.51 -46.21 -10.70
CA PHE D 160 -7.71 -45.42 -11.00
C PHE D 160 -8.24 -45.75 -12.39
N LEU D 161 -7.34 -45.94 -13.36
CA LEU D 161 -7.76 -46.28 -14.71
C LEU D 161 -8.45 -47.64 -14.76
N LEU D 162 -7.90 -48.62 -14.04
CA LEU D 162 -8.54 -49.94 -13.99
C LEU D 162 -9.92 -49.86 -13.34
N TYR D 163 -10.04 -49.08 -12.26
CA TYR D 163 -11.34 -48.90 -11.63
C TYR D 163 -12.31 -48.21 -12.57
N PHE D 164 -11.85 -47.23 -13.34
CA PHE D 164 -12.73 -46.56 -14.29
C PHE D 164 -13.22 -47.52 -15.36
N GLY D 165 -12.33 -48.38 -15.87
CA GLY D 165 -12.76 -49.37 -16.84
C GLY D 165 -13.78 -50.35 -16.27
N LEU D 166 -13.54 -50.81 -15.04
CA LEU D 166 -14.48 -51.72 -14.39
C LEU D 166 -15.84 -51.06 -14.17
N ARG D 167 -15.84 -49.77 -13.82
CA ARG D 167 -17.10 -49.04 -13.72
C ARG D 167 -17.78 -48.90 -15.08
N PHE D 168 -17.00 -48.61 -16.12
CA PHE D 168 -17.57 -48.39 -17.45
C PHE D 168 -18.22 -49.65 -18.01
N ILE D 169 -17.67 -50.82 -17.69
CA ILE D 169 -18.35 -52.06 -18.10
C ILE D 169 -19.71 -52.16 -17.42
N ALA D 170 -19.76 -51.84 -16.13
CA ALA D 170 -21.01 -51.90 -15.36
C ALA D 170 -21.74 -50.56 -15.44
N ALA D 171 -22.25 -50.26 -16.63
CA ALA D 171 -22.99 -49.03 -16.87
C ALA D 171 -24.14 -49.32 -17.81
N ASN D 172 -25.37 -49.14 -17.32
CA ASN D 172 -26.54 -49.31 -18.17
C ASN D 172 -26.60 -48.23 -19.25
N ASP D 173 -26.27 -46.99 -18.89
CA ASP D 173 -26.27 -45.86 -19.81
C ASP D 173 -24.85 -45.31 -19.86
N LYS D 174 -24.17 -45.52 -20.99
CA LYS D 174 -22.78 -45.09 -21.11
C LYS D 174 -22.67 -43.57 -21.12
N LEU D 175 -23.61 -42.89 -21.80
CA LEU D 175 -23.51 -41.45 -21.95
C LEU D 175 -23.66 -40.73 -20.61
N TRP D 176 -24.61 -41.17 -19.78
CA TRP D 176 -24.79 -40.53 -18.48
C TRP D 176 -23.68 -40.90 -17.51
N PHE D 177 -23.07 -42.08 -17.70
CA PHE D 177 -21.87 -42.41 -16.94
C PHE D 177 -20.71 -41.51 -17.34
N TRP D 178 -20.62 -41.14 -18.62
CA TRP D 178 -19.51 -40.34 -19.10
C TRP D 178 -19.54 -38.90 -18.58
N LEU D 179 -20.69 -38.45 -18.07
CA LEU D 179 -20.82 -37.08 -17.56
C LEU D 179 -20.76 -37.01 -16.04
N GLU D 180 -20.41 -38.12 -15.37
CA GLU D 180 -20.29 -38.10 -13.93
C GLU D 180 -19.02 -37.36 -13.51
N VAL D 181 -19.01 -36.87 -12.27
CA VAL D 181 -17.86 -36.15 -11.76
C VAL D 181 -16.66 -37.08 -11.60
N ASN D 182 -16.89 -38.33 -11.23
CA ASN D 182 -15.79 -39.28 -11.10
C ASN D 182 -15.18 -39.59 -12.46
N SER D 183 -16.02 -39.73 -13.49
CA SER D 183 -15.51 -39.96 -14.83
C SER D 183 -14.66 -38.78 -15.31
N VAL D 184 -15.15 -37.55 -15.08
CA VAL D 184 -14.43 -36.40 -15.59
C VAL D 184 -13.15 -36.14 -14.79
N VAL D 185 -13.14 -36.45 -13.48
CA VAL D 185 -11.88 -36.33 -12.75
C VAL D 185 -10.89 -37.39 -13.20
N ASP D 186 -11.37 -38.58 -13.57
CA ASP D 186 -10.47 -39.57 -14.17
C ASP D 186 -9.91 -39.06 -15.48
N PHE D 187 -10.75 -38.45 -16.32
CA PHE D 187 -10.29 -37.94 -17.61
C PHE D 187 -9.25 -36.84 -17.44
N PHE D 188 -9.45 -35.95 -16.48
CA PHE D 188 -8.53 -34.84 -16.29
C PHE D 188 -7.39 -35.16 -15.34
N THR D 189 -7.31 -36.38 -14.82
CA THR D 189 -6.18 -36.77 -13.99
C THR D 189 -5.28 -37.83 -14.62
N VAL D 190 -5.84 -38.88 -15.22
CA VAL D 190 -5.05 -40.06 -15.58
C VAL D 190 -4.21 -39.87 -16.84
N PRO D 191 -4.72 -39.34 -17.96
CA PRO D 191 -3.84 -39.14 -19.15
C PRO D 191 -2.67 -38.20 -18.90
N PRO D 192 -2.78 -37.14 -18.06
CA PRO D 192 -1.60 -36.30 -17.84
C PRO D 192 -0.38 -37.02 -17.27
N VAL D 193 -0.56 -38.01 -16.39
CA VAL D 193 0.63 -38.67 -15.85
C VAL D 193 1.31 -39.53 -16.92
N PHE D 194 0.53 -40.15 -17.81
CA PHE D 194 1.11 -40.89 -18.92
C PHE D 194 1.86 -39.97 -19.86
N VAL D 195 1.29 -38.80 -20.14
CA VAL D 195 1.97 -37.84 -21.01
C VAL D 195 3.25 -37.33 -20.34
N SER D 196 3.20 -37.12 -19.02
CA SER D 196 4.38 -36.66 -18.29
C SER D 196 5.49 -37.71 -18.31
N VAL D 197 5.14 -38.98 -18.11
CA VAL D 197 6.19 -40.00 -18.10
C VAL D 197 6.70 -40.27 -19.51
N TYR D 198 5.88 -40.04 -20.54
CA TYR D 198 6.37 -40.18 -21.90
C TYR D 198 7.33 -39.05 -22.26
N LEU D 199 6.94 -37.81 -21.98
CA LEU D 199 7.73 -36.64 -22.35
C LEU D 199 8.89 -36.37 -21.40
N ASN D 200 9.00 -37.14 -20.31
CA ASN D 200 10.03 -36.99 -19.29
C ASN D 200 10.02 -35.61 -18.64
N ARG D 201 8.87 -34.96 -18.65
CA ARG D 201 8.65 -33.67 -17.98
C ARG D 201 7.49 -33.82 -17.00
N SER D 202 7.12 -32.72 -16.37
CA SER D 202 6.00 -32.73 -15.42
C SER D 202 5.38 -31.36 -15.34
N TRP D 203 4.05 -31.33 -15.30
CA TRP D 203 3.26 -30.12 -15.15
C TRP D 203 2.29 -30.34 -14.01
N LEU D 204 2.07 -29.29 -13.20
CA LEU D 204 1.23 -29.42 -12.02
C LEU D 204 -0.20 -29.77 -12.39
N GLY D 205 -0.79 -29.00 -13.30
CA GLY D 205 -2.05 -29.38 -13.90
C GLY D 205 -3.23 -29.43 -12.93
N LEU D 206 -4.21 -30.24 -13.33
CA LEU D 206 -5.45 -30.39 -12.57
C LEU D 206 -5.41 -31.65 -11.71
N ARG D 207 -4.39 -31.74 -10.86
CA ARG D 207 -4.23 -32.88 -9.98
C ARG D 207 -4.89 -32.69 -8.62
N PHE D 208 -5.42 -31.49 -8.35
CA PHE D 208 -6.18 -31.26 -7.13
C PHE D 208 -7.60 -31.77 -7.20
N LEU D 209 -8.10 -32.06 -8.41
CA LEU D 209 -9.49 -32.48 -8.58
C LEU D 209 -9.80 -33.79 -7.88
N ARG D 210 -8.78 -34.58 -7.53
CA ARG D 210 -9.02 -35.80 -6.76
C ARG D 210 -9.63 -35.50 -5.39
N ALA D 211 -9.47 -34.27 -4.89
CA ALA D 211 -10.14 -33.88 -3.66
C ALA D 211 -11.65 -33.96 -3.78
N LEU D 212 -12.19 -33.92 -5.00
CA LEU D 212 -13.62 -34.08 -5.22
C LEU D 212 -14.11 -35.46 -4.83
N ARG D 213 -13.23 -36.44 -4.64
CA ARG D 213 -13.66 -37.74 -4.13
C ARG D 213 -13.93 -37.72 -2.63
N LEU D 214 -13.55 -36.65 -1.93
CA LEU D 214 -13.83 -36.55 -0.49
C LEU D 214 -15.31 -36.57 -0.19
N ILE D 215 -16.16 -36.28 -1.18
CA ILE D 215 -17.60 -36.35 -1.00
C ILE D 215 -18.04 -37.77 -0.63
N GLN D 216 -17.29 -38.78 -1.05
CA GLN D 216 -17.63 -40.14 -0.70
C GLN D 216 -17.24 -40.50 0.73
N PHE D 217 -16.55 -39.60 1.44
CA PHE D 217 -15.99 -39.93 2.75
C PHE D 217 -17.06 -40.41 3.72
N SER D 218 -18.22 -39.73 3.75
CA SER D 218 -19.29 -40.14 4.64
C SER D 218 -19.74 -41.56 4.35
N GLU D 219 -19.86 -41.91 3.06
CA GLU D 219 -20.22 -43.28 2.70
C GLU D 219 -19.19 -44.26 3.23
N ILE D 220 -17.90 -43.87 3.20
CA ILE D 220 -16.84 -44.73 3.72
C ILE D 220 -17.07 -45.07 5.18
N LEU D 221 -17.67 -44.15 5.94
CA LEU D 221 -17.96 -44.46 7.34
C LEU D 221 -19.17 -45.38 7.46
N GLN D 222 -20.14 -45.25 6.56
CA GLN D 222 -21.47 -45.82 6.78
C GLN D 222 -21.42 -47.35 6.87
N PHE D 223 -20.62 -47.99 6.01
CA PHE D 223 -20.51 -49.45 6.04
C PHE D 223 -19.31 -49.94 6.83
N LEU D 224 -18.76 -49.09 7.71
CA LEU D 224 -17.80 -49.54 8.71
C LEU D 224 -18.34 -49.40 10.13
N ASN D 225 -19.67 -49.28 10.27
CA ASN D 225 -20.36 -49.25 11.56
C ASN D 225 -19.85 -48.11 12.45
N ILE D 226 -19.61 -46.95 11.84
CA ILE D 226 -19.21 -45.77 12.57
C ILE D 226 -20.32 -44.71 12.62
N LEU D 227 -21.20 -44.66 11.63
CA LEU D 227 -22.32 -43.74 11.62
C LEU D 227 -23.61 -44.54 11.44
N LYS D 228 -24.59 -44.27 12.29
CA LYS D 228 -25.87 -44.97 12.23
C LYS D 228 -27.04 -44.03 11.97
N THR D 229 -27.14 -42.94 12.72
CA THR D 229 -28.26 -42.03 12.55
C THR D 229 -28.11 -41.19 11.29
N SER D 230 -29.23 -40.70 10.79
CA SER D 230 -29.24 -39.93 9.55
C SER D 230 -28.71 -38.52 9.74
N ASN D 231 -28.91 -37.93 10.92
CA ASN D 231 -28.46 -36.56 11.16
C ASN D 231 -26.94 -36.44 11.10
N SER D 232 -26.23 -37.37 11.73
CA SER D 232 -24.78 -37.36 11.69
C SER D 232 -24.26 -37.60 10.27
N ILE D 233 -24.91 -38.49 9.53
CA ILE D 233 -24.52 -38.75 8.15
C ILE D 233 -24.69 -37.49 7.30
N LYS D 234 -25.81 -36.79 7.49
CA LYS D 234 -26.04 -35.55 6.73
C LYS D 234 -25.02 -34.48 7.10
N LEU D 235 -24.69 -34.36 8.39
CA LEU D 235 -23.70 -33.38 8.81
C LEU D 235 -22.33 -33.68 8.21
N VAL D 236 -21.91 -34.96 8.24
CA VAL D 236 -20.63 -35.33 7.68
C VAL D 236 -20.62 -35.11 6.18
N ASN D 237 -21.74 -35.39 5.51
CA ASN D 237 -21.83 -35.16 4.07
C ASN D 237 -21.68 -33.67 3.74
N LEU D 238 -22.36 -32.80 4.49
CA LEU D 238 -22.24 -31.37 4.25
C LEU D 238 -20.82 -30.87 4.49
N LEU D 239 -20.19 -31.34 5.58
CA LEU D 239 -18.82 -30.93 5.87
C LEU D 239 -17.86 -31.39 4.79
N SER D 240 -18.01 -32.64 4.33
CA SER D 240 -17.13 -33.15 3.28
C SER D 240 -17.32 -32.40 1.98
N ILE D 241 -18.57 -32.08 1.62
CA ILE D 241 -18.83 -31.33 0.39
C ILE D 241 -18.18 -29.96 0.46
N PHE D 242 -18.37 -29.26 1.59
CA PHE D 242 -17.79 -27.94 1.75
C PHE D 242 -16.27 -27.97 1.68
N ILE D 243 -15.66 -28.95 2.36
CA ILE D 243 -14.20 -29.06 2.37
C ILE D 243 -13.68 -29.36 0.96
N SER D 244 -14.34 -30.27 0.25
CA SER D 244 -13.88 -30.65 -1.08
C SER D 244 -13.97 -29.48 -2.05
N THR D 245 -15.10 -28.75 -2.04
CA THR D 245 -15.22 -27.63 -2.97
C THR D 245 -14.27 -26.50 -2.59
N TRP D 246 -14.02 -26.30 -1.30
CA TRP D 246 -13.03 -25.32 -0.86
C TRP D 246 -11.65 -25.66 -1.39
N LEU D 247 -11.24 -26.93 -1.24
CA LEU D 247 -9.91 -27.34 -1.67
C LEU D 247 -9.76 -27.24 -3.18
N THR D 248 -10.77 -27.65 -3.94
CA THR D 248 -10.62 -27.61 -5.39
C THR D 248 -10.66 -26.17 -5.93
N ALA D 249 -11.46 -25.29 -5.31
CA ALA D 249 -11.45 -23.89 -5.69
C ALA D 249 -10.08 -23.27 -5.42
N ALA D 250 -9.50 -23.59 -4.25
CA ALA D 250 -8.16 -23.12 -3.95
C ALA D 250 -7.15 -23.67 -4.95
N GLY D 251 -7.33 -24.91 -5.40
CA GLY D 251 -6.43 -25.47 -6.38
C GLY D 251 -6.46 -24.73 -7.71
N PHE D 252 -7.67 -24.45 -8.21
CA PHE D 252 -7.78 -23.67 -9.44
C PHE D 252 -7.20 -22.27 -9.28
N ILE D 253 -7.46 -21.62 -8.14
CA ILE D 253 -6.94 -20.28 -7.93
C ILE D 253 -5.41 -20.30 -7.90
N HIS D 254 -4.82 -21.28 -7.22
CA HIS D 254 -3.36 -21.38 -7.17
C HIS D 254 -2.77 -21.63 -8.54
N LEU D 255 -3.38 -22.53 -9.31
CA LEU D 255 -2.87 -22.83 -10.65
C LEU D 255 -2.94 -21.61 -11.55
N VAL D 256 -4.10 -20.94 -11.58
CA VAL D 256 -4.27 -19.82 -12.49
C VAL D 256 -3.49 -18.59 -12.03
N GLU D 257 -3.13 -18.51 -10.75
CA GLU D 257 -2.35 -17.37 -10.28
C GLU D 257 -0.86 -17.58 -10.51
N ASN D 258 -0.34 -18.75 -10.12
CA ASN D 258 1.08 -19.01 -10.29
C ASN D 258 1.45 -19.26 -11.75
N SER D 259 0.50 -19.68 -12.59
CA SER D 259 0.82 -19.94 -13.99
C SER D 259 0.99 -18.64 -14.77
N GLY D 260 0.14 -17.66 -14.52
CA GLY D 260 0.18 -16.41 -15.25
C GLY D 260 -0.74 -16.40 -16.46
N ASP D 261 -0.91 -15.21 -17.01
CA ASP D 261 -1.78 -15.05 -18.17
C ASP D 261 -1.11 -15.64 -19.42
N PRO D 262 -1.83 -16.43 -20.22
CA PRO D 262 -1.17 -17.05 -21.39
C PRO D 262 -0.91 -16.06 -22.51
N TRP D 263 -1.84 -15.15 -22.78
CA TRP D 263 -1.68 -14.22 -23.90
C TRP D 263 -0.66 -13.12 -23.62
N GLU D 264 -0.18 -13.00 -22.39
CA GLU D 264 0.83 -12.01 -22.04
C GLU D 264 2.17 -12.65 -21.71
N ASN D 265 2.44 -13.82 -22.29
CA ASN D 265 3.71 -14.54 -22.16
C ASN D 265 4.05 -14.88 -20.72
N PHE D 266 3.01 -15.11 -19.90
CA PHE D 266 3.15 -15.56 -18.51
C PHE D 266 4.01 -14.59 -17.69
N GLN D 267 3.84 -13.29 -17.92
CA GLN D 267 4.55 -12.27 -17.16
C GLN D 267 3.74 -11.74 -15.99
N ASN D 268 2.54 -12.29 -15.76
CA ASN D 268 1.69 -11.85 -14.66
C ASN D 268 1.66 -12.86 -13.51
N ASN D 269 2.64 -13.75 -13.46
CA ASN D 269 2.66 -14.78 -12.42
C ASN D 269 2.88 -14.14 -11.04
N GLN D 270 2.12 -14.61 -10.07
CA GLN D 270 2.21 -14.14 -8.69
C GLN D 270 2.62 -15.30 -7.81
N ALA D 271 3.63 -15.08 -6.96
CA ALA D 271 4.17 -16.14 -6.10
C ALA D 271 3.21 -16.38 -4.94
N LEU D 272 2.19 -17.18 -5.21
CA LEU D 272 1.19 -17.56 -4.21
C LEU D 272 1.30 -19.05 -3.93
N THR D 273 1.49 -19.40 -2.67
CA THR D 273 1.48 -20.81 -2.28
C THR D 273 0.05 -21.33 -2.23
N TYR D 274 -0.08 -22.66 -2.16
CA TYR D 274 -1.40 -23.27 -2.13
C TYR D 274 -2.16 -22.88 -0.86
N TRP D 275 -1.48 -22.87 0.28
CA TRP D 275 -2.15 -22.55 1.54
C TRP D 275 -2.54 -21.08 1.61
N GLU D 276 -1.77 -20.20 0.97
CA GLU D 276 -2.18 -18.80 0.86
C GLU D 276 -3.46 -18.68 0.05
N CYS D 277 -3.61 -19.49 -1.00
CA CYS D 277 -4.84 -19.48 -1.77
C CYS D 277 -6.01 -20.06 -0.97
N VAL D 278 -5.73 -21.06 -0.13
CA VAL D 278 -6.75 -21.59 0.76
C VAL D 278 -7.23 -20.50 1.72
N TYR D 279 -6.27 -19.75 2.28
CA TYR D 279 -6.61 -18.63 3.15
C TYR D 279 -7.42 -17.57 2.41
N LEU D 280 -7.05 -17.29 1.16
CA LEU D 280 -7.79 -16.31 0.36
C LEU D 280 -9.22 -16.77 0.11
N LEU D 281 -9.41 -18.06 -0.21
CA LEU D 281 -10.76 -18.58 -0.42
C LEU D 281 -11.58 -18.52 0.86
N MET D 282 -10.98 -18.85 2.00
CA MET D 282 -11.71 -18.78 3.26
C MET D 282 -12.09 -17.34 3.59
N VAL D 283 -11.19 -16.39 3.36
CA VAL D 283 -11.49 -14.99 3.62
C VAL D 283 -12.59 -14.49 2.70
N THR D 284 -12.56 -14.90 1.43
CA THR D 284 -13.55 -14.46 0.46
C THR D 284 -14.93 -15.04 0.77
N MET D 285 -15.00 -16.34 1.05
CA MET D 285 -16.29 -16.99 1.24
C MET D 285 -17.01 -16.53 2.51
N SER D 286 -16.27 -15.94 3.46
CA SER D 286 -16.89 -15.37 4.65
C SER D 286 -17.25 -13.89 4.47
N THR D 287 -17.07 -13.36 3.26
CA THR D 287 -17.33 -11.94 2.94
C THR D 287 -16.58 -11.00 3.87
N VAL D 288 -15.29 -11.28 4.07
CA VAL D 288 -14.43 -10.42 4.86
C VAL D 288 -13.57 -9.56 3.94
N GLY D 289 -12.78 -10.22 3.09
CA GLY D 289 -11.99 -9.52 2.09
C GLY D 289 -10.99 -8.53 2.66
N TYR D 290 -9.94 -9.03 3.30
CA TYR D 290 -8.90 -8.14 3.82
C TYR D 290 -8.22 -7.36 2.70
N GLY D 291 -7.92 -8.03 1.60
CA GLY D 291 -7.18 -7.42 0.52
C GLY D 291 -5.68 -7.55 0.62
N ASP D 292 -5.17 -8.24 1.64
CA ASP D 292 -3.73 -8.50 1.73
C ASP D 292 -3.27 -9.40 0.59
N VAL D 293 -4.06 -10.42 0.26
CA VAL D 293 -3.79 -11.29 -0.86
C VAL D 293 -5.02 -11.33 -1.75
N TYR D 294 -4.81 -11.22 -3.07
CA TYR D 294 -5.90 -11.22 -4.03
C TYR D 294 -5.36 -11.66 -5.38
N ALA D 295 -6.30 -12.01 -6.27
CA ALA D 295 -5.93 -12.43 -7.62
C ALA D 295 -5.61 -11.21 -8.47
N LYS D 296 -4.44 -11.21 -9.09
CA LYS D 296 -4.00 -10.11 -9.94
C LYS D 296 -4.18 -10.39 -11.42
N THR D 297 -4.20 -11.65 -11.83
CA THR D 297 -4.39 -11.98 -13.24
C THR D 297 -5.84 -11.81 -13.64
N THR D 298 -6.05 -11.63 -14.95
CA THR D 298 -7.40 -11.47 -15.48
C THR D 298 -8.21 -12.74 -15.31
N LEU D 299 -7.64 -13.89 -15.68
CA LEU D 299 -8.34 -15.16 -15.55
C LEU D 299 -8.57 -15.51 -14.09
N GLY D 300 -7.62 -15.16 -13.22
CA GLY D 300 -7.82 -15.37 -11.80
C GLY D 300 -8.97 -14.55 -11.25
N ARG D 301 -9.09 -13.29 -11.68
CA ARG D 301 -10.20 -12.46 -11.24
C ARG D 301 -11.53 -12.97 -11.77
N LEU D 302 -11.55 -13.44 -13.02
CA LEU D 302 -12.77 -14.05 -13.56
C LEU D 302 -13.17 -15.28 -12.77
N PHE D 303 -12.19 -16.12 -12.43
CA PHE D 303 -12.49 -17.31 -11.62
C PHE D 303 -12.96 -16.91 -10.24
N MET D 304 -12.41 -15.85 -9.66
CA MET D 304 -12.86 -15.39 -8.35
C MET D 304 -14.31 -14.90 -8.40
N VAL D 305 -14.67 -14.17 -9.46
CA VAL D 305 -16.05 -13.71 -9.61
C VAL D 305 -17.00 -14.91 -9.74
N PHE D 306 -16.62 -15.88 -10.58
CA PHE D 306 -17.46 -17.06 -10.76
C PHE D 306 -17.58 -17.86 -9.46
N PHE D 307 -16.48 -17.96 -8.71
CA PHE D 307 -16.50 -18.68 -7.44
C PHE D 307 -17.37 -17.97 -6.41
N ILE D 308 -17.34 -16.63 -6.40
CA ILE D 308 -18.18 -15.87 -5.47
C ILE D 308 -19.65 -16.12 -5.79
N LEU D 309 -20.02 -16.04 -7.08
CA LEU D 309 -21.41 -16.26 -7.47
C LEU D 309 -21.85 -17.68 -7.15
N GLY D 310 -21.01 -18.66 -7.49
CA GLY D 310 -21.36 -20.05 -7.23
C GLY D 310 -21.47 -20.37 -5.75
N GLY D 311 -20.56 -19.82 -4.95
CA GLY D 311 -20.62 -20.05 -3.51
C GLY D 311 -21.84 -19.41 -2.87
N LEU D 312 -22.19 -18.20 -3.30
CA LEU D 312 -23.40 -17.58 -2.78
C LEU D 312 -24.64 -18.37 -3.16
N ALA D 313 -24.72 -18.83 -4.42
CA ALA D 313 -25.87 -19.63 -4.85
C ALA D 313 -25.93 -20.95 -4.08
N MET D 314 -24.79 -21.61 -3.90
CA MET D 314 -24.77 -22.89 -3.20
C MET D 314 -25.15 -22.73 -1.73
N PHE D 315 -24.67 -21.66 -1.08
CA PHE D 315 -25.04 -21.42 0.30
C PHE D 315 -26.54 -21.12 0.42
N ALA D 316 -27.08 -20.31 -0.50
CA ALA D 316 -28.50 -20.02 -0.47
C ALA D 316 -29.33 -21.28 -0.71
N SER D 317 -28.82 -22.21 -1.52
CA SER D 317 -29.55 -23.46 -1.74
C SER D 317 -29.44 -24.40 -0.53
N TYR D 318 -28.32 -24.34 0.19
CA TYR D 318 -28.08 -25.26 1.30
C TYR D 318 -28.53 -24.71 2.65
N VAL D 319 -29.04 -23.48 2.70
CA VAL D 319 -29.62 -22.95 3.95
C VAL D 319 -30.68 -23.87 4.57
N PRO D 320 -31.68 -24.39 3.82
CA PRO D 320 -32.68 -25.23 4.47
C PRO D 320 -32.12 -26.48 5.13
N GLU D 321 -31.09 -27.10 4.55
CA GLU D 321 -30.46 -28.25 5.20
C GLU D 321 -29.76 -27.84 6.49
N ILE D 322 -29.14 -26.66 6.50
CA ILE D 322 -28.54 -26.15 7.73
C ILE D 322 -29.60 -25.94 8.80
N ILE D 323 -30.75 -25.39 8.41
CA ILE D 323 -31.84 -25.19 9.35
C ILE D 323 -32.36 -26.52 9.88
N GLU D 324 -32.48 -27.52 9.01
CA GLU D 324 -32.92 -28.84 9.44
C GLU D 324 -31.93 -29.47 10.42
N LEU D 325 -30.63 -29.30 10.17
CA LEU D 325 -29.62 -29.78 11.11
C LEU D 325 -29.71 -29.06 12.44
N ILE D 326 -29.96 -27.74 12.42
CA ILE D 326 -30.17 -27.02 13.67
C ILE D 326 -31.41 -27.52 14.38
N GLY D 327 -32.50 -27.70 13.63
CA GLY D 327 -33.71 -28.26 14.18
C GLY D 327 -34.40 -27.35 15.18
N ASN D 328 -35.29 -27.95 15.97
CA ASN D 328 -36.02 -27.26 17.03
C ASN D 328 -35.74 -27.98 18.33
N PRO E 41 31.22 47.44 1.96
CA PRO E 41 29.91 46.82 1.69
C PRO E 41 29.72 46.48 0.23
N ASP E 42 30.29 47.29 -0.67
CA ASP E 42 30.17 47.03 -2.10
C ASP E 42 30.97 45.80 -2.53
N CYS E 43 32.00 45.42 -1.78
CA CYS E 43 32.85 44.29 -2.13
C CYS E 43 32.55 43.11 -1.21
N PRO E 44 32.14 41.97 -1.76
CA PRO E 44 31.94 40.79 -0.93
C PRO E 44 33.25 40.27 -0.36
N GLU E 45 33.13 39.45 0.69
CA GLU E 45 34.31 38.96 1.40
C GLU E 45 35.16 38.07 0.51
N VAL E 46 34.53 37.22 -0.31
CA VAL E 46 35.25 36.25 -1.12
C VAL E 46 35.26 36.58 -2.60
N CYS E 47 34.43 37.52 -3.05
CA CYS E 47 34.34 37.84 -4.47
C CYS E 47 35.31 38.94 -4.85
N THR E 48 35.31 39.31 -6.12
CA THR E 48 36.17 40.37 -6.65
C THR E 48 35.31 41.46 -7.27
N CYS E 49 35.78 42.70 -7.13
CA CYS E 49 35.04 43.88 -7.59
C CYS E 49 35.71 44.47 -8.84
N VAL E 50 34.88 44.84 -9.80
CA VAL E 50 35.33 45.52 -11.01
C VAL E 50 34.46 46.77 -11.17
N PRO E 51 35.05 47.93 -11.47
CA PRO E 51 34.27 49.17 -11.57
C PRO E 51 33.20 49.08 -12.64
N GLY E 52 32.10 49.79 -12.40
CA GLY E 52 30.89 49.60 -13.16
C GLY E 52 29.87 48.71 -12.48
N GLY E 53 30.02 48.46 -11.18
CA GLY E 53 29.15 47.56 -10.46
C GLY E 53 29.26 46.11 -10.89
N LEU E 54 30.47 45.62 -11.11
CA LEU E 54 30.69 44.24 -11.52
C LEU E 54 31.22 43.43 -10.34
N ALA E 55 30.56 42.32 -10.05
CA ALA E 55 30.99 41.41 -8.99
C ALA E 55 31.23 40.03 -9.59
N SER E 56 32.41 39.48 -9.36
CA SER E 56 32.79 38.17 -9.89
C SER E 56 33.03 37.22 -8.73
N CYS E 57 32.30 36.10 -8.72
CA CYS E 57 32.42 35.08 -7.69
C CYS E 57 32.59 33.71 -8.33
N SER E 58 33.34 33.65 -9.42
CA SER E 58 33.49 32.41 -10.17
C SER E 58 34.38 31.43 -9.41
N ALA E 59 33.92 30.17 -9.31
CA ALA E 59 34.67 29.06 -8.71
C ALA E 59 35.06 29.35 -7.26
N LEU E 60 34.04 29.54 -6.43
CA LEU E 60 34.25 29.78 -5.01
C LEU E 60 33.58 28.75 -4.11
N SER E 61 32.77 27.85 -4.66
CA SER E 61 32.10 26.78 -3.89
C SER E 61 31.27 27.35 -2.74
N LEU E 62 30.56 28.44 -2.99
CA LEU E 62 29.74 29.05 -1.95
C LEU E 62 28.49 28.22 -1.71
N PRO E 63 28.20 27.83 -0.47
CA PRO E 63 26.94 27.09 -0.21
C PRO E 63 25.69 27.86 -0.56
N ALA E 64 25.73 29.19 -0.45
CA ALA E 64 24.57 30.02 -0.78
C ALA E 64 25.08 31.36 -1.30
N VAL E 65 24.20 32.35 -1.34
CA VAL E 65 24.57 33.68 -1.84
C VAL E 65 25.57 34.32 -0.89
N PRO E 66 26.64 34.96 -1.39
CA PRO E 66 27.56 35.65 -0.50
C PRO E 66 26.88 36.85 0.15
N PRO E 67 27.31 37.25 1.36
CA PRO E 67 26.66 38.37 2.04
C PRO E 67 26.97 39.73 1.43
N GLY E 68 27.93 39.82 0.51
CA GLY E 68 28.30 41.10 -0.06
C GLY E 68 27.38 41.58 -1.15
N LEU E 69 26.19 42.04 -0.77
CA LEU E 69 25.21 42.57 -1.71
C LEU E 69 25.00 44.06 -1.46
N SER E 70 24.98 44.84 -2.54
CA SER E 70 24.85 46.29 -2.43
C SER E 70 24.16 46.82 -3.67
N LEU E 71 23.66 48.06 -3.56
CA LEU E 71 23.00 48.70 -4.67
C LEU E 71 23.96 49.05 -5.80
N ARG E 72 25.25 49.22 -5.47
CA ARG E 72 26.23 49.61 -6.48
C ARG E 72 26.45 48.50 -7.50
N LEU E 73 26.45 47.24 -7.05
CA LEU E 73 26.72 46.10 -7.92
C LEU E 73 25.59 45.96 -8.95
N ARG E 74 25.90 46.23 -10.20
CA ARG E 74 24.95 46.09 -11.29
C ARG E 74 25.13 44.80 -12.09
N ALA E 75 26.10 43.96 -11.69
CA ALA E 75 26.35 42.71 -12.40
C ALA E 75 26.97 41.72 -11.42
N LEU E 76 26.26 40.63 -11.15
CA LEU E 76 26.72 39.61 -10.22
C LEU E 76 26.96 38.30 -10.97
N LEU E 77 28.12 37.69 -10.74
CA LEU E 77 28.50 36.45 -11.39
C LEU E 77 28.54 35.35 -10.32
N LEU E 78 27.65 34.36 -10.45
CA LEU E 78 27.57 33.25 -9.52
C LEU E 78 27.61 31.93 -10.29
N ASP E 79 28.54 31.82 -11.23
CA ASP E 79 28.68 30.62 -12.04
C ASP E 79 29.54 29.58 -11.35
N HIS E 80 29.12 28.32 -11.49
CA HIS E 80 29.77 27.13 -10.91
C HIS E 80 30.25 27.36 -9.48
N ASN E 81 29.28 27.65 -8.61
CA ASN E 81 29.55 27.87 -7.19
C ASN E 81 28.86 26.85 -6.29
N ARG E 82 28.27 25.81 -6.87
CA ARG E 82 27.64 24.70 -6.14
C ARG E 82 26.50 25.16 -5.25
N VAL E 83 25.79 26.21 -5.64
CA VAL E 83 24.57 26.59 -4.95
C VAL E 83 23.44 25.67 -5.39
N ARG E 84 22.54 25.35 -4.46
CA ARG E 84 21.47 24.40 -4.74
C ARG E 84 20.08 24.90 -4.41
N ALA E 85 19.93 25.97 -3.64
CA ALA E 85 18.62 26.49 -3.29
C ALA E 85 18.65 28.01 -3.31
N LEU E 86 17.50 28.61 -3.63
CA LEU E 86 17.35 30.06 -3.59
C LEU E 86 16.41 30.44 -2.47
N PRO E 87 16.90 31.01 -1.37
CA PRO E 87 16.01 31.47 -0.31
C PRO E 87 15.23 32.69 -0.78
N PRO E 88 14.05 32.94 -0.21
CA PRO E 88 13.29 34.15 -0.56
C PRO E 88 14.08 35.40 -0.20
N GLY E 89 14.12 36.33 -1.15
CA GLY E 89 14.95 37.52 -0.98
C GLY E 89 16.42 37.22 -0.88
N ALA E 90 16.92 36.30 -1.70
CA ALA E 90 18.33 35.92 -1.63
C ALA E 90 19.24 37.07 -2.04
N PHE E 91 18.85 37.83 -3.07
CA PHE E 91 19.65 38.94 -3.57
C PHE E 91 19.17 40.28 -3.04
N ALA E 92 18.68 40.32 -1.80
CA ALA E 92 18.19 41.56 -1.22
C ALA E 92 19.33 42.56 -1.06
N GLY E 93 19.03 43.83 -1.30
CA GLY E 93 19.98 44.91 -1.25
C GLY E 93 20.56 45.29 -2.59
N ALA E 94 20.46 44.43 -3.59
CA ALA E 94 20.92 44.73 -4.95
C ALA E 94 19.74 45.16 -5.83
N GLY E 95 19.13 46.29 -5.46
CA GLY E 95 17.99 46.78 -6.20
C GLY E 95 18.32 47.34 -7.57
N ALA E 96 19.56 47.73 -7.79
CA ALA E 96 20.00 48.26 -9.07
C ALA E 96 20.78 47.23 -9.89
N LEU E 97 20.61 45.94 -9.59
CA LEU E 97 21.30 44.90 -10.33
C LEU E 97 20.75 44.82 -11.76
N GLN E 98 21.65 44.63 -12.72
CA GLN E 98 21.29 44.56 -14.13
C GLN E 98 21.63 43.23 -14.77
N ARG E 99 22.72 42.58 -14.36
CA ARG E 99 23.13 41.30 -14.91
C ARG E 99 23.23 40.27 -13.79
N LEU E 100 22.75 39.05 -14.07
CA LEU E 100 22.77 37.98 -13.09
C LEU E 100 22.95 36.66 -13.85
N ASP E 101 24.05 35.96 -13.55
CA ASP E 101 24.40 34.73 -14.26
C ASP E 101 24.57 33.60 -13.25
N LEU E 102 23.82 32.52 -13.42
CA LEU E 102 23.93 31.33 -12.58
C LEU E 102 23.88 30.11 -13.48
N ARG E 103 25.06 29.62 -13.87
CA ARG E 103 25.16 28.39 -14.65
C ARG E 103 26.27 27.52 -14.07
N GLU E 104 26.18 26.22 -14.39
CA GLU E 104 27.07 25.17 -13.88
C GLU E 104 27.01 25.04 -12.36
N ASN E 105 25.91 25.48 -11.74
CA ASN E 105 25.76 25.43 -10.29
C ASN E 105 24.92 24.26 -9.82
N GLY E 106 24.20 23.59 -10.72
CA GLY E 106 23.37 22.47 -10.32
C GLY E 106 22.19 22.84 -9.44
N LEU E 107 21.50 23.93 -9.77
CA LEU E 107 20.33 24.33 -9.01
C LEU E 107 19.21 23.31 -9.17
N HIS E 108 18.53 23.00 -8.07
CA HIS E 108 17.47 22.01 -8.09
C HIS E 108 16.15 22.48 -7.47
N SER E 109 16.14 23.59 -6.73
CA SER E 109 14.92 24.09 -6.11
C SER E 109 15.03 25.58 -5.92
N VAL E 110 14.15 26.33 -6.55
CA VAL E 110 14.08 27.78 -6.40
C VAL E 110 12.72 28.12 -5.80
N HIS E 111 12.73 28.77 -4.64
CA HIS E 111 11.49 29.12 -3.97
C HIS E 111 10.78 30.25 -4.71
N VAL E 112 9.46 30.30 -4.57
CA VAL E 112 8.68 31.36 -5.19
C VAL E 112 9.00 32.69 -4.51
N ARG E 113 8.89 33.78 -5.29
CA ARG E 113 9.15 35.14 -4.82
C ARG E 113 10.56 35.28 -4.26
N ALA E 114 11.52 34.61 -4.90
CA ALA E 114 12.92 34.70 -4.51
C ALA E 114 13.64 35.85 -5.17
N PHE E 115 13.01 36.55 -6.10
CA PHE E 115 13.59 37.70 -6.79
C PHE E 115 12.88 38.99 -6.39
N TRP E 116 12.53 39.09 -5.11
CA TRP E 116 11.84 40.27 -4.63
C TRP E 116 12.74 41.49 -4.75
N GLY E 117 12.41 42.39 -5.68
CA GLY E 117 13.21 43.59 -5.85
C GLY E 117 14.29 43.43 -6.89
N LEU E 118 14.26 42.31 -7.61
CA LEU E 118 15.28 42.06 -8.62
C LEU E 118 14.74 42.28 -10.03
N GLY E 119 13.55 42.89 -10.14
CA GLY E 119 12.94 43.10 -11.45
C GLY E 119 13.77 43.98 -12.36
N ALA E 120 14.72 44.71 -11.79
CA ALA E 120 15.55 45.62 -12.58
C ALA E 120 16.49 44.91 -13.56
N LEU E 121 16.81 43.64 -13.30
CA LEU E 121 17.76 42.94 -14.15
C LEU E 121 17.29 42.83 -15.60
N GLN E 122 18.24 42.67 -16.52
CA GLN E 122 17.88 42.54 -17.92
C GLN E 122 18.36 41.20 -18.47
N LEU E 123 19.47 40.69 -17.93
CA LEU E 123 19.95 39.39 -18.35
C LEU E 123 19.88 38.42 -17.19
N LEU E 124 19.31 37.24 -17.42
CA LEU E 124 19.19 36.21 -16.39
C LEU E 124 19.55 34.87 -17.00
N ASP E 125 20.64 34.28 -16.51
CA ASP E 125 21.12 32.98 -16.98
C ASP E 125 20.91 31.96 -15.87
N LEU E 126 20.01 31.00 -16.12
CA LEU E 126 19.77 29.89 -15.20
C LEU E 126 20.03 28.56 -15.89
N SER E 127 21.04 28.52 -16.75
CA SER E 127 21.32 27.34 -17.54
C SER E 127 22.19 26.35 -16.76
N ALA E 128 22.37 25.17 -17.34
CA ALA E 128 23.24 24.12 -16.81
C ALA E 128 22.87 23.75 -15.38
N ASN E 129 21.57 23.61 -15.10
CA ASN E 129 21.11 23.24 -13.78
C ASN E 129 20.17 22.05 -13.84
N GLN E 130 19.54 21.71 -12.72
CA GLN E 130 18.65 20.57 -12.62
C GLN E 130 17.25 21.00 -12.21
N LEU E 131 16.83 22.16 -12.69
CA LEU E 131 15.49 22.64 -12.39
C LEU E 131 14.44 21.78 -13.09
N GLU E 132 13.37 21.44 -12.37
CA GLU E 132 12.32 20.60 -12.89
C GLU E 132 10.97 21.32 -12.97
N ALA E 133 10.58 22.01 -11.92
CA ALA E 133 9.31 22.73 -11.90
C ALA E 133 9.54 24.15 -11.40
N LEU E 134 8.76 25.08 -11.94
CA LEU E 134 8.84 26.49 -11.58
C LEU E 134 7.50 26.92 -10.99
N ALA E 135 7.54 27.51 -9.79
CA ALA E 135 6.32 27.97 -9.15
C ALA E 135 5.77 29.18 -9.88
N PRO E 136 4.44 29.31 -9.98
CA PRO E 136 3.87 30.50 -10.62
C PRO E 136 4.20 31.77 -9.87
N GLY E 137 4.41 32.85 -10.62
CA GLY E 137 4.76 34.11 -10.02
C GLY E 137 6.22 34.28 -9.66
N THR E 138 7.07 33.31 -10.01
CA THR E 138 8.49 33.42 -9.70
C THR E 138 9.13 34.58 -10.46
N PHE E 139 8.82 34.71 -11.74
CA PHE E 139 9.34 35.79 -12.57
C PHE E 139 8.42 37.01 -12.58
N ALA E 140 7.34 36.99 -11.80
CA ALA E 140 6.44 38.13 -11.73
C ALA E 140 7.10 39.43 -11.27
N PRO E 141 7.95 39.47 -10.22
CA PRO E 141 8.62 40.74 -9.88
C PRO E 141 9.54 41.26 -10.97
N LEU E 142 10.00 40.41 -11.88
CA LEU E 142 10.87 40.87 -12.96
C LEU E 142 10.04 41.63 -14.00
N ARG E 143 10.50 42.82 -14.34
CA ARG E 143 9.81 43.66 -15.33
C ARG E 143 10.72 44.12 -16.44
N ALA E 144 11.98 44.42 -16.15
CA ALA E 144 12.92 44.91 -17.14
C ALA E 144 13.75 43.79 -17.79
N LEU E 145 13.45 42.54 -17.47
CA LEU E 145 14.19 41.42 -18.05
C LEU E 145 14.00 41.37 -19.56
N ARG E 146 15.10 41.16 -20.28
CA ARG E 146 15.08 41.16 -21.74
C ARG E 146 15.37 39.78 -22.32
N ASN E 147 16.51 39.19 -21.98
CA ASN E 147 16.88 37.87 -22.50
C ASN E 147 16.93 36.88 -21.33
N LEU E 148 16.25 35.76 -21.50
CA LEU E 148 16.16 34.72 -20.47
C LEU E 148 16.65 33.40 -21.05
N SER E 149 17.45 32.68 -20.27
CA SER E 149 18.01 31.40 -20.70
C SER E 149 17.66 30.33 -19.69
N LEU E 150 17.16 29.20 -20.17
CA LEU E 150 16.83 28.04 -19.35
C LEU E 150 17.37 26.76 -19.99
N ALA E 151 18.54 26.85 -20.59
CA ALA E 151 19.11 25.71 -21.31
C ALA E 151 19.66 24.68 -20.34
N GLY E 152 19.71 23.43 -20.81
CA GLY E 152 20.33 22.36 -20.05
C GLY E 152 19.69 22.06 -18.71
N ASN E 153 18.36 22.05 -18.66
CA ASN E 153 17.63 21.80 -17.42
C ASN E 153 16.79 20.54 -17.58
N ARG E 154 15.98 20.25 -16.56
CA ARG E 154 15.12 19.08 -16.53
C ARG E 154 13.65 19.45 -16.59
N LEU E 155 13.33 20.62 -17.13
CA LEU E 155 11.94 21.06 -17.19
C LEU E 155 11.15 20.22 -18.18
N ALA E 156 9.93 19.84 -17.77
CA ALA E 156 9.03 19.06 -18.61
C ALA E 156 7.82 19.87 -19.06
N ARG E 157 7.13 20.52 -18.13
CA ARG E 157 5.99 21.38 -18.44
C ARG E 157 6.30 22.80 -17.99
N LEU E 158 6.07 23.77 -18.88
CA LEU E 158 6.31 25.17 -18.60
C LEU E 158 4.96 25.86 -18.45
N GLU E 159 4.60 26.18 -17.21
CA GLU E 159 3.30 26.79 -16.95
C GLU E 159 3.29 28.25 -17.43
N PRO E 160 2.24 28.69 -18.13
CA PRO E 160 2.16 30.10 -18.52
C PRO E 160 2.12 31.06 -17.34
N ALA E 161 1.56 30.64 -16.21
CA ALA E 161 1.48 31.51 -15.05
C ALA E 161 2.85 31.80 -14.46
N ALA E 162 3.79 30.85 -14.58
CA ALA E 162 5.14 31.08 -14.07
C ALA E 162 5.84 32.19 -14.84
N LEU E 163 5.72 32.20 -16.17
CA LEU E 163 6.37 33.24 -16.96
C LEU E 163 5.64 34.58 -16.83
N GLY E 164 4.32 34.55 -16.80
CA GLY E 164 3.57 35.79 -16.71
C GLY E 164 3.65 36.61 -17.99
N ALA E 165 3.49 37.92 -17.84
CA ALA E 165 3.57 38.86 -18.95
C ALA E 165 4.79 39.75 -18.75
N LEU E 166 5.75 39.63 -19.67
CA LEU E 166 6.99 40.42 -19.64
C LEU E 166 7.11 41.19 -20.94
N PRO E 167 6.59 42.42 -20.99
CA PRO E 167 6.64 43.19 -22.24
C PRO E 167 8.06 43.50 -22.71
N LEU E 168 9.00 43.69 -21.80
CA LEU E 168 10.36 44.08 -22.15
C LEU E 168 11.24 42.90 -22.53
N LEU E 169 10.73 41.67 -22.45
CA LEU E 169 11.51 40.52 -22.87
C LEU E 169 11.67 40.54 -24.39
N ARG E 170 12.85 40.11 -24.85
CA ARG E 170 13.12 40.07 -26.28
C ARG E 170 13.59 38.70 -26.75
N SER E 171 14.35 37.98 -25.94
CA SER E 171 14.89 36.67 -26.32
C SER E 171 14.61 35.68 -25.21
N LEU E 172 14.38 34.42 -25.61
CA LEU E 172 14.13 33.36 -24.66
C LEU E 172 14.70 32.06 -25.23
N SER E 173 15.25 31.22 -24.36
CA SER E 173 15.91 29.98 -24.79
C SER E 173 15.40 28.82 -23.95
N LEU E 174 15.07 27.72 -24.62
CA LEU E 174 14.65 26.49 -23.95
C LEU E 174 15.36 25.27 -24.52
N GLN E 175 16.53 25.46 -25.13
CA GLN E 175 17.24 24.37 -25.77
C GLN E 175 17.78 23.37 -24.76
N ASP E 176 17.94 22.13 -25.20
CA ASP E 176 18.51 21.03 -24.40
C ASP E 176 17.70 20.82 -23.12
N ASN E 177 16.41 20.58 -23.30
CA ASN E 177 15.50 20.37 -22.19
C ASN E 177 14.64 19.15 -22.48
N GLU E 178 13.61 18.94 -21.66
CA GLU E 178 12.68 17.82 -21.82
C GLU E 178 11.25 18.33 -22.01
N LEU E 179 11.10 19.39 -22.79
CA LEU E 179 9.78 19.95 -23.04
C LEU E 179 9.12 19.22 -24.21
N ALA E 180 7.90 18.74 -23.99
CA ALA E 180 7.15 18.02 -25.01
C ALA E 180 6.17 18.90 -25.76
N ALA E 181 5.49 19.80 -25.07
CA ALA E 181 4.50 20.66 -25.70
C ALA E 181 4.43 21.98 -24.94
N LEU E 182 3.92 23.00 -25.62
CA LEU E 182 3.74 24.33 -25.04
C LEU E 182 2.25 24.66 -24.98
N ALA E 183 1.83 25.22 -23.85
CA ALA E 183 0.43 25.59 -23.68
C ALA E 183 0.06 26.71 -24.64
N PRO E 184 -1.11 26.64 -25.29
CA PRO E 184 -1.53 27.70 -26.20
C PRO E 184 -1.71 29.02 -25.47
N GLY E 185 -1.39 30.11 -26.17
CA GLY E 185 -1.51 31.44 -25.62
C GLY E 185 -0.34 31.89 -24.76
N LEU E 186 0.65 31.03 -24.53
CA LEU E 186 1.81 31.42 -23.74
C LEU E 186 2.64 32.48 -24.47
N LEU E 187 2.81 32.32 -25.79
CA LEU E 187 3.60 33.28 -26.54
C LEU E 187 2.84 34.59 -26.76
N GLY E 188 1.51 34.54 -26.75
CA GLY E 188 0.72 35.74 -26.96
C GLY E 188 0.66 36.68 -25.77
N ARG E 189 1.06 36.19 -24.59
CA ARG E 189 1.08 37.06 -23.41
C ARG E 189 2.09 38.18 -23.54
N LEU E 190 3.27 37.88 -24.11
CA LEU E 190 4.31 38.88 -24.27
C LEU E 190 4.41 39.32 -25.73
N PRO E 191 4.61 40.61 -25.96
CA PRO E 191 4.65 41.12 -27.35
C PRO E 191 5.88 40.66 -28.12
N ALA E 192 7.07 40.85 -27.55
CA ALA E 192 8.33 40.64 -28.26
C ALA E 192 8.91 39.30 -27.86
N LEU E 193 8.96 38.38 -28.83
CA LEU E 193 9.62 37.09 -28.68
C LEU E 193 10.45 36.82 -29.94
N ASP E 194 11.29 37.80 -30.31
CA ASP E 194 11.98 37.77 -31.59
C ASP E 194 12.92 36.57 -31.70
N ALA E 195 13.65 36.26 -30.63
CA ALA E 195 14.62 35.17 -30.63
C ALA E 195 14.12 34.02 -29.76
N LEU E 196 14.08 32.83 -30.33
CA LEU E 196 13.67 31.63 -29.61
C LEU E 196 14.54 30.47 -30.07
N HIS E 197 15.02 29.68 -29.10
CA HIS E 197 15.84 28.51 -29.38
C HIS E 197 15.21 27.30 -28.70
N LEU E 198 14.87 26.28 -29.50
CA LEU E 198 14.22 25.08 -29.01
C LEU E 198 14.95 23.82 -29.48
N ARG E 199 16.25 23.92 -29.71
CA ARG E 199 17.02 22.80 -30.22
C ARG E 199 17.19 21.73 -29.15
N GLY E 200 16.94 20.47 -29.53
CA GLY E 200 17.17 19.34 -28.66
C GLY E 200 16.00 18.95 -27.79
N ASN E 201 14.92 19.73 -27.77
CA ASN E 201 13.79 19.33 -26.95
C ASN E 201 13.02 18.20 -27.65
N PRO E 202 12.55 17.21 -26.90
CA PRO E 202 11.78 16.12 -27.52
C PRO E 202 10.36 16.55 -27.88
N TRP E 203 10.24 17.43 -28.85
CA TRP E 203 8.93 17.96 -29.22
C TRP E 203 8.07 16.92 -29.91
N GLY E 204 6.91 16.61 -29.34
CA GLY E 204 6.00 15.68 -29.96
C GLY E 204 5.00 16.44 -30.80
N CYS E 205 5.23 16.51 -32.11
CA CYS E 205 4.35 17.29 -32.97
C CYS E 205 2.90 16.89 -32.82
N GLY E 206 2.02 17.88 -32.66
CA GLY E 206 0.61 17.59 -32.50
C GLY E 206 -0.22 18.86 -32.51
N CYS E 207 -1.53 18.71 -32.29
CA CYS E 207 -2.41 19.87 -32.27
C CYS E 207 -1.90 20.90 -31.31
N ALA E 208 -1.33 20.45 -30.20
CA ALA E 208 -0.82 21.38 -29.20
C ALA E 208 0.25 22.28 -29.76
N LEU E 209 1.13 21.72 -30.59
CA LEU E 209 2.24 22.50 -31.12
C LEU E 209 1.79 23.49 -32.18
N ARG E 210 0.53 23.42 -32.57
CA ARG E 210 0.08 24.29 -33.66
C ARG E 210 0.29 25.78 -33.41
N PRO E 211 0.03 26.34 -32.20
CA PRO E 211 0.41 27.75 -31.99
C PRO E 211 1.89 28.03 -32.22
N LEU E 212 2.77 27.11 -31.83
CA LEU E 212 4.19 27.28 -32.09
C LEU E 212 4.48 27.28 -33.58
N CYS E 213 3.83 26.40 -34.34
CA CYS E 213 4.01 26.37 -35.79
C CYS E 213 3.51 27.66 -36.42
N ALA E 214 2.38 28.19 -35.92
CA ALA E 214 1.88 29.47 -36.41
C ALA E 214 2.86 30.59 -36.12
N TRP E 215 3.48 30.58 -34.94
CA TRP E 215 4.52 31.56 -34.63
C TRP E 215 5.71 31.42 -35.57
N LEU E 216 6.06 30.18 -35.94
CA LEU E 216 7.11 29.97 -36.93
C LEU E 216 6.73 30.57 -38.27
N ARG E 217 5.45 30.45 -38.66
CA ARG E 217 4.99 31.11 -39.87
C ARG E 217 5.12 32.62 -39.77
N ARG E 218 4.76 33.19 -38.61
CA ARG E 218 4.93 34.63 -38.43
C ARG E 218 6.39 35.01 -38.29
N HIS E 219 7.15 34.26 -37.49
CA HIS E 219 8.58 34.54 -37.26
C HIS E 219 9.40 33.36 -37.77
N PRO E 220 9.97 33.46 -38.96
CA PRO E 220 10.76 32.34 -39.49
C PRO E 220 12.10 32.20 -38.78
N LEU E 221 12.45 30.96 -38.46
CA LEU E 221 13.73 30.65 -37.86
C LEU E 221 14.83 30.69 -38.91
N PRO E 222 16.09 30.82 -38.49
CA PRO E 222 17.21 30.64 -39.42
C PRO E 222 17.21 29.23 -40.01
N ALA E 223 17.73 29.12 -41.23
CA ALA E 223 17.69 27.85 -41.96
C ALA E 223 18.45 26.75 -41.22
N SER E 224 19.63 27.07 -40.69
CA SER E 224 20.38 26.09 -39.92
C SER E 224 19.63 25.68 -38.66
N GLU E 225 19.06 26.65 -37.95
CA GLU E 225 18.28 26.34 -36.75
C GLU E 225 17.03 25.54 -37.11
N ALA E 226 16.40 25.87 -38.24
CA ALA E 226 15.24 25.09 -38.69
C ALA E 226 15.63 23.65 -39.00
N GLU E 227 16.80 23.44 -39.61
CA GLU E 227 17.27 22.08 -39.86
C GLU E 227 17.56 21.33 -38.57
N THR E 228 18.18 22.00 -37.59
CA THR E 228 18.54 21.33 -36.35
C THR E 228 17.30 21.00 -35.51
N VAL E 229 16.39 21.96 -35.36
CA VAL E 229 15.21 21.74 -34.53
C VAL E 229 14.24 20.82 -35.27
N LEU E 230 13.95 19.67 -34.66
CA LEU E 230 13.02 18.71 -35.22
C LEU E 230 11.95 18.34 -34.20
N CYS E 231 11.13 17.34 -34.50
CA CYS E 231 10.11 16.89 -33.56
C CYS E 231 9.87 15.41 -33.76
N VAL E 232 9.28 14.79 -32.75
CA VAL E 232 9.03 13.36 -32.74
C VAL E 232 7.62 13.09 -33.28
N TRP E 233 7.53 12.22 -34.29
CA TRP E 233 6.25 11.77 -34.80
C TRP E 233 5.90 10.45 -34.13
N PRO E 234 4.84 10.38 -33.33
CA PRO E 234 4.51 9.11 -32.66
C PRO E 234 4.15 8.02 -33.66
N GLY E 235 4.60 6.80 -33.34
CA GLY E 235 4.27 5.63 -34.13
C GLY E 235 5.18 5.36 -35.32
N ARG E 236 6.08 6.27 -35.64
CA ARG E 236 6.97 6.08 -36.79
C ARG E 236 8.20 6.96 -36.59
N LEU E 237 8.97 7.13 -37.67
CA LEU E 237 10.21 7.90 -37.61
C LEU E 237 9.93 9.37 -37.32
N THR E 238 10.93 10.04 -36.72
CA THR E 238 10.85 11.44 -36.38
C THR E 238 11.42 12.35 -37.46
N LEU E 239 11.36 11.93 -38.72
CA LEU E 239 11.97 12.67 -39.83
C LEU E 239 11.27 13.98 -40.13
N SER E 240 10.09 14.22 -39.59
CA SER E 240 9.35 15.43 -39.91
C SER E 240 9.97 16.65 -39.24
N PRO E 241 10.40 17.66 -40.00
CA PRO E 241 10.89 18.89 -39.37
C PRO E 241 9.77 19.67 -38.72
N LEU E 242 10.14 20.47 -37.72
CA LEU E 242 9.15 21.28 -37.02
C LEU E 242 8.57 22.36 -37.91
N THR E 243 9.40 22.98 -38.75
CA THR E 243 8.96 24.08 -39.60
C THR E 243 8.30 23.62 -40.89
N ALA E 244 8.31 22.31 -41.19
CA ALA E 244 7.72 21.83 -42.43
C ALA E 244 6.19 21.81 -42.38
N PHE E 245 5.59 21.90 -41.19
CA PHE E 245 4.15 21.84 -41.08
C PHE E 245 3.50 23.13 -41.57
N SER E 246 2.27 23.00 -42.07
CA SER E 246 1.52 24.13 -42.59
C SER E 246 0.13 24.19 -41.97
N ASP E 247 -0.74 25.04 -42.54
CA ASP E 247 -2.09 25.17 -42.03
C ASP E 247 -2.93 23.92 -42.25
N ALA E 248 -2.50 23.03 -43.16
CA ALA E 248 -3.21 21.78 -43.37
C ALA E 248 -3.18 20.91 -42.12
N ALA E 249 -2.05 20.90 -41.41
CA ALA E 249 -1.98 20.18 -40.14
C ALA E 249 -2.86 20.86 -39.09
N PHE E 250 -2.95 22.19 -39.11
CA PHE E 250 -3.81 22.91 -38.19
C PHE E 250 -5.30 22.68 -38.49
N SER E 251 -5.63 22.29 -39.72
CA SER E 251 -7.02 22.06 -40.10
C SER E 251 -7.66 20.92 -39.30
N HIS E 252 -6.86 19.99 -38.79
CA HIS E 252 -7.41 18.91 -37.97
C HIS E 252 -7.92 19.45 -36.63
N CYS E 253 -7.24 20.45 -36.08
CA CYS E 253 -7.60 20.98 -34.77
C CYS E 253 -9.00 21.60 -34.80
N ALA E 254 -9.78 21.30 -33.77
CA ALA E 254 -11.14 21.79 -33.65
C ALA E 254 -11.12 23.11 -32.89
N GLN E 255 -11.42 24.20 -33.60
CA GLN E 255 -11.55 25.50 -32.96
C GLN E 255 -12.79 25.52 -32.07
N PRO E 256 -12.83 26.41 -31.09
CA PRO E 256 -14.05 26.55 -30.27
C PRO E 256 -15.26 26.86 -31.15
N LEU E 257 -16.35 26.16 -30.88
CA LEU E 257 -17.53 26.24 -31.75
C LEU E 257 -18.23 27.58 -31.60
N ALA E 258 -18.75 28.09 -32.71
CA ALA E 258 -19.43 29.38 -32.72
C ALA E 258 -20.91 29.17 -32.39
N LEU E 259 -21.72 30.22 -32.58
CA LEU E 259 -23.14 30.12 -32.29
C LEU E 259 -23.86 29.21 -33.28
N ARG E 260 -23.38 29.14 -34.52
CA ARG E 260 -24.02 28.29 -35.52
C ARG E 260 -23.90 26.82 -35.15
N ASP E 261 -22.68 26.37 -34.85
CA ASP E 261 -22.47 24.97 -34.49
C ASP E 261 -23.18 24.63 -33.18
N LEU E 262 -23.19 25.56 -32.23
CA LEU E 262 -23.90 25.33 -30.99
C LEU E 262 -25.40 25.17 -31.23
N ALA E 263 -25.97 26.02 -32.09
CA ALA E 263 -27.39 25.90 -32.41
C ALA E 263 -27.68 24.57 -33.10
N VAL E 264 -26.80 24.15 -34.02
CA VAL E 264 -27.01 22.89 -34.72
C VAL E 264 -26.95 21.71 -33.77
N VAL E 265 -25.95 21.69 -32.88
CA VAL E 265 -25.84 20.55 -31.96
C VAL E 265 -26.91 20.59 -30.89
N TYR E 266 -27.51 21.75 -30.63
CA TYR E 266 -28.67 21.80 -29.75
C TYR E 266 -29.94 21.32 -30.45
N THR E 267 -30.06 21.57 -31.76
CA THR E 267 -31.30 21.26 -32.47
C THR E 267 -31.30 19.92 -33.20
N LEU E 268 -30.17 19.20 -33.23
CA LEU E 268 -30.15 17.92 -33.93
C LEU E 268 -31.13 16.92 -33.34
N GLY E 269 -31.20 16.84 -32.01
CA GLY E 269 -32.04 15.87 -31.35
C GLY E 269 -33.52 16.01 -31.61
N PRO E 270 -34.12 17.10 -31.13
CA PRO E 270 -35.56 17.30 -31.30
C PRO E 270 -36.01 17.31 -32.75
N ALA E 271 -35.22 17.90 -33.65
CA ALA E 271 -35.59 17.92 -35.06
C ALA E 271 -35.60 16.51 -35.64
N SER E 272 -34.61 15.69 -35.28
CA SER E 272 -34.59 14.32 -35.77
C SER E 272 -35.77 13.53 -35.24
N PHE E 273 -36.11 13.72 -33.96
CA PHE E 273 -37.26 13.02 -33.40
C PHE E 273 -38.56 13.44 -34.08
N LEU E 274 -38.73 14.74 -34.34
CA LEU E 274 -39.92 15.20 -35.05
C LEU E 274 -39.97 14.67 -36.47
N VAL E 275 -38.82 14.59 -37.15
CA VAL E 275 -38.79 14.03 -38.50
C VAL E 275 -39.20 12.57 -38.48
N SER E 276 -38.70 11.80 -37.51
CA SER E 276 -39.08 10.40 -37.41
C SER E 276 -40.58 10.25 -37.14
N LEU E 277 -41.11 11.07 -36.22
CA LEU E 277 -42.55 11.01 -35.92
C LEU E 277 -43.38 11.36 -37.13
N ALA E 278 -42.98 12.41 -37.85
CA ALA E 278 -43.73 12.83 -39.05
C ALA E 278 -43.67 11.77 -40.13
N SER E 279 -42.51 11.13 -40.32
CA SER E 279 -42.39 10.08 -41.32
C SER E 279 -43.27 8.89 -41.00
N CYS E 280 -43.26 8.46 -39.73
CA CYS E 280 -44.11 7.34 -39.35
C CYS E 280 -45.59 7.69 -39.47
N LEU E 281 -45.97 8.91 -39.07
CA LEU E 281 -47.36 9.33 -39.18
C LEU E 281 -47.81 9.40 -40.64
N ALA E 282 -46.94 9.93 -41.51
CA ALA E 282 -47.28 9.98 -42.94
C ALA E 282 -47.41 8.60 -43.53
N LEU E 283 -46.53 7.68 -43.16
CA LEU E 283 -46.63 6.30 -43.64
C LEU E 283 -47.93 5.66 -43.17
N GLY E 284 -48.30 5.87 -41.91
CA GLY E 284 -49.55 5.32 -41.41
C GLY E 284 -50.77 5.90 -42.10
N SER E 285 -50.77 7.21 -42.31
CA SER E 285 -51.89 7.86 -42.99
C SER E 285 -52.01 7.37 -44.43
N GLY E 286 -50.87 7.21 -45.12
CA GLY E 286 -50.91 6.71 -46.48
C GLY E 286 -51.40 5.27 -46.55
N LEU E 287 -50.97 4.44 -45.61
CA LEU E 287 -51.43 3.05 -45.58
C LEU E 287 -52.92 2.99 -45.29
N THR E 288 -53.41 3.84 -44.37
CA THR E 288 -54.84 3.89 -44.08
C THR E 288 -55.63 4.33 -45.30
N ALA E 289 -55.11 5.33 -46.04
CA ALA E 289 -55.79 5.79 -47.25
C ALA E 289 -55.83 4.70 -48.31
N CYS E 290 -54.73 3.96 -48.46
CA CYS E 290 -54.70 2.87 -49.44
C CYS E 290 -55.64 1.75 -49.04
N ARG E 291 -55.72 1.41 -47.75
CA ARG E 291 -56.61 0.34 -47.31
C ARG E 291 -58.07 0.74 -47.45
N ALA E 292 -58.41 1.99 -47.12
CA ALA E 292 -59.79 2.43 -47.20
C ALA E 292 -60.29 2.56 -48.63
N ARG E 293 -59.39 2.64 -49.60
CA ARG E 293 -59.77 2.74 -51.00
C ARG E 293 -60.31 1.42 -51.53
N PRO F 41 52.07 9.98 20.40
CA PRO F 41 50.62 9.94 20.66
C PRO F 41 49.97 11.31 20.42
N ASP F 42 50.70 12.38 20.71
CA ASP F 42 50.15 13.73 20.49
C ASP F 42 50.02 14.07 19.02
N CYS F 43 50.78 13.42 18.15
CA CYS F 43 50.76 13.71 16.72
C CYS F 43 50.03 12.59 15.98
N PRO F 44 48.95 12.89 15.26
CA PRO F 44 48.30 11.85 14.46
C PRO F 44 49.18 11.42 13.30
N GLU F 45 48.84 10.24 12.75
CA GLU F 45 49.64 9.64 11.70
C GLU F 45 49.65 10.49 10.43
N VAL F 46 48.50 11.08 10.08
CA VAL F 46 48.36 11.81 8.83
C VAL F 46 48.24 13.31 9.04
N CYS F 47 48.02 13.78 10.26
CA CYS F 47 47.82 15.20 10.51
C CYS F 47 49.15 15.88 10.82
N THR F 48 49.09 17.19 11.07
CA THR F 48 50.26 17.99 11.40
C THR F 48 50.06 18.64 12.76
N CYS F 49 51.17 18.77 13.51
CA CYS F 49 51.15 19.30 14.86
C CYS F 49 51.75 20.70 14.90
N VAL F 50 51.10 21.59 15.64
CA VAL F 50 51.59 22.94 15.88
C VAL F 50 51.56 23.16 17.38
N PRO F 51 52.64 23.72 17.96
CA PRO F 51 52.69 23.91 19.43
C PRO F 51 51.55 24.79 19.93
N GLY F 52 51.13 24.52 21.15
CA GLY F 52 49.89 25.05 21.68
C GLY F 52 48.72 24.09 21.59
N GLY F 53 48.98 22.82 21.35
CA GLY F 53 47.91 21.85 21.17
C GLY F 53 47.09 22.05 19.92
N LEU F 54 47.74 22.36 18.79
CA LEU F 54 47.05 22.58 17.53
C LEU F 54 47.26 21.38 16.62
N ALA F 55 46.17 20.81 16.11
CA ALA F 55 46.21 19.71 15.17
C ALA F 55 45.51 20.11 13.89
N SER F 56 46.20 19.97 12.75
CA SER F 56 45.66 20.33 11.45
C SER F 56 45.55 19.09 10.59
N CYS F 57 44.33 18.80 10.12
CA CYS F 57 44.06 17.65 9.26
C CYS F 57 43.30 18.09 8.02
N SER F 58 43.64 19.25 7.48
CA SER F 58 42.91 19.80 6.35
C SER F 58 43.23 19.04 5.07
N ALA F 59 42.17 18.68 4.32
CA ALA F 59 42.27 18.04 3.01
C ALA F 59 43.05 16.73 3.09
N LEU F 60 42.51 15.78 3.86
CA LEU F 60 43.10 14.46 4.01
C LEU F 60 42.18 13.32 3.60
N SER F 61 40.91 13.60 3.32
CA SER F 61 39.93 12.60 2.89
C SER F 61 39.83 11.44 3.86
N LEU F 62 39.81 11.76 5.16
CA LEU F 62 39.72 10.72 6.18
C LEU F 62 38.30 10.18 6.25
N PRO F 63 38.10 8.86 6.15
CA PRO F 63 36.74 8.31 6.29
C PRO F 63 36.10 8.60 7.64
N ALA F 64 36.89 8.70 8.70
CA ALA F 64 36.37 8.99 10.03
C ALA F 64 37.43 9.77 10.80
N VAL F 65 37.27 9.85 12.11
CA VAL F 65 38.21 10.60 12.95
C VAL F 65 39.57 9.91 12.94
N PRO F 66 40.68 10.66 12.81
CA PRO F 66 41.99 10.02 12.88
C PRO F 66 42.26 9.48 14.26
N PRO F 67 43.06 8.41 14.38
CA PRO F 67 43.31 7.83 15.71
C PRO F 67 44.21 8.68 16.61
N GLY F 68 44.84 9.72 16.08
CA GLY F 68 45.74 10.53 16.87
C GLY F 68 45.06 11.54 17.75
N LEU F 69 44.45 11.08 18.84
CA LEU F 69 43.77 11.93 19.80
C LEU F 69 44.49 11.88 21.13
N SER F 70 44.69 13.05 21.73
CA SER F 70 45.41 13.15 23.00
C SER F 70 44.92 14.36 23.77
N LEU F 71 45.22 14.38 25.07
CA LEU F 71 44.83 15.49 25.93
C LEU F 71 45.59 16.77 25.60
N ARG F 72 46.78 16.66 25.01
CA ARG F 72 47.57 17.84 24.69
C ARG F 72 46.91 18.70 23.62
N LEU F 73 46.29 18.06 22.63
CA LEU F 73 45.69 18.78 21.51
C LEU F 73 44.48 19.59 21.99
N ARG F 74 44.63 20.91 22.02
CA ARG F 74 43.56 21.82 22.40
C ARG F 74 42.82 22.41 21.21
N ALA F 75 43.19 22.04 19.99
CA ALA F 75 42.54 22.57 18.79
C ALA F 75 42.68 21.55 17.67
N LEU F 76 41.56 21.01 17.21
CA LEU F 76 41.54 20.00 16.16
C LEU F 76 40.84 20.57 14.93
N LEU F 77 41.47 20.42 13.77
CA LEU F 77 40.94 20.90 12.50
C LEU F 77 40.58 19.71 11.63
N LEU F 78 39.28 19.55 11.34
CA LEU F 78 38.77 18.46 10.53
C LEU F 78 37.90 19.01 9.40
N ASP F 79 38.40 20.04 8.72
CA ASP F 79 37.67 20.68 7.64
C ASP F 79 37.91 19.95 6.32
N HIS F 80 36.84 19.83 5.53
CA HIS F 80 36.82 19.18 4.22
C HIS F 80 37.62 17.88 4.19
N ASN F 81 37.19 16.94 5.02
CA ASN F 81 37.81 15.63 5.10
C ASN F 81 36.87 14.50 4.71
N ARG F 82 35.68 14.83 4.19
CA ARG F 82 34.72 13.85 3.68
C ARG F 82 34.24 12.88 4.76
N VAL F 83 34.20 13.32 6.01
CA VAL F 83 33.58 12.53 7.07
C VAL F 83 32.07 12.66 6.96
N ARG F 84 31.37 11.57 7.26
CA ARG F 84 29.91 11.55 7.10
C ARG F 84 29.14 11.10 8.33
N ALA F 85 29.79 10.49 9.32
CA ALA F 85 29.10 10.05 10.53
C ALA F 85 29.99 10.30 11.74
N LEU F 86 29.35 10.54 12.87
CA LEU F 86 30.05 10.71 14.14
C LEU F 86 29.75 9.53 15.05
N PRO F 87 30.72 8.62 15.26
CA PRO F 87 30.49 7.54 16.21
C PRO F 87 30.44 8.06 17.62
N PRO F 88 29.75 7.38 18.53
CA PRO F 88 29.75 7.80 19.94
C PRO F 88 31.15 7.77 20.53
N GLY F 89 31.51 8.84 21.22
CA GLY F 89 32.86 8.98 21.72
C GLY F 89 33.90 9.05 20.62
N ALA F 90 33.61 9.78 19.56
CA ALA F 90 34.54 9.87 18.43
C ALA F 90 35.83 10.57 18.82
N PHE F 91 35.74 11.63 19.62
CA PHE F 91 36.90 12.41 20.03
C PHE F 91 37.38 12.04 21.41
N ALA F 92 37.27 10.75 21.77
CA ALA F 92 37.69 10.29 23.08
C ALA F 92 39.19 10.45 23.25
N GLY F 93 39.61 10.84 24.46
CA GLY F 93 41.00 11.09 24.76
C GLY F 93 41.40 12.55 24.69
N ALA F 94 40.62 13.38 24.00
CA ALA F 94 40.88 14.82 23.93
C ALA F 94 39.99 15.58 24.90
N GLY F 95 40.19 15.32 26.19
CA GLY F 95 39.39 15.97 27.21
C GLY F 95 39.69 17.43 27.41
N ALA F 96 40.87 17.88 27.00
CA ALA F 96 41.27 19.28 27.12
C ALA F 96 41.13 20.04 25.80
N LEU F 97 40.34 19.51 24.87
CA LEU F 97 40.14 20.17 23.59
C LEU F 97 39.36 21.46 23.77
N GLN F 98 39.79 22.51 23.06
CA GLN F 98 39.17 23.82 23.15
C GLN F 98 38.56 24.31 21.84
N ARG F 99 39.15 23.94 20.69
CA ARG F 99 38.65 24.34 19.40
C ARG F 99 38.37 23.10 18.55
N LEU F 100 37.24 23.12 17.84
CA LEU F 100 36.85 22.00 16.99
C LEU F 100 36.10 22.55 15.79
N ASP F 101 36.64 22.32 14.59
CA ASP F 101 36.08 22.86 13.36
C ASP F 101 35.80 21.71 12.39
N LEU F 102 34.55 21.61 11.93
CA LEU F 102 34.14 20.61 10.94
C LEU F 102 33.24 21.30 9.93
N ARG F 103 33.83 21.80 8.83
CA ARG F 103 33.07 22.37 7.75
C ARG F 103 33.57 21.82 6.42
N GLU F 104 32.72 21.92 5.40
CA GLU F 104 32.94 21.39 4.06
C GLU F 104 33.13 19.87 4.05
N ASN F 105 32.63 19.18 5.09
CA ASN F 105 32.77 17.75 5.19
C ASN F 105 31.53 16.98 4.74
N GLY F 106 30.40 17.64 4.59
CA GLY F 106 29.18 16.97 4.19
C GLY F 106 28.63 15.99 5.22
N LEU F 107 28.63 16.38 6.49
CA LEU F 107 28.07 15.52 7.53
C LEU F 107 26.57 15.37 7.35
N HIS F 108 26.08 14.14 7.54
CA HIS F 108 24.67 13.85 7.35
C HIS F 108 24.02 13.13 8.52
N SER F 109 24.79 12.60 9.47
CA SER F 109 24.22 11.88 10.60
C SER F 109 25.19 11.95 11.77
N VAL F 110 24.76 12.56 12.87
CA VAL F 110 25.55 12.63 14.09
C VAL F 110 24.79 11.89 15.18
N HIS F 111 25.40 10.86 15.75
CA HIS F 111 24.75 10.08 16.79
C HIS F 111 24.66 10.87 18.08
N VAL F 112 23.65 10.54 18.89
CA VAL F 112 23.49 11.19 20.19
C VAL F 112 24.64 10.80 21.11
N ARG F 113 25.00 11.72 22.01
CA ARG F 113 26.08 11.53 22.98
C ARG F 113 27.40 11.21 22.29
N ALA F 114 27.65 11.85 21.14
CA ALA F 114 28.89 11.68 20.42
C ALA F 114 30.00 12.60 20.92
N PHE F 115 29.69 13.54 21.81
CA PHE F 115 30.66 14.46 22.38
C PHE F 115 30.90 14.17 23.85
N TRP F 116 30.92 12.89 24.20
CA TRP F 116 31.14 12.50 25.58
C TRP F 116 32.52 12.94 26.05
N GLY F 117 32.57 13.93 26.92
CA GLY F 117 33.85 14.40 27.43
C GLY F 117 34.40 15.55 26.62
N LEU F 118 33.61 16.08 25.71
CA LEU F 118 34.06 17.19 24.87
C LEU F 118 33.44 18.50 25.30
N GLY F 119 32.84 18.54 26.48
CA GLY F 119 32.18 19.75 26.94
C GLY F 119 33.11 20.92 27.16
N ALA F 120 34.42 20.65 27.18
CA ALA F 120 35.39 21.71 27.42
C ALA F 120 35.60 22.65 26.24
N LEU F 121 35.11 22.29 25.06
CA LEU F 121 35.33 23.11 23.88
C LEU F 121 34.65 24.47 23.97
N GLN F 122 35.13 25.43 23.19
CA GLN F 122 34.52 26.75 23.19
C GLN F 122 34.03 27.12 21.79
N LEU F 123 34.73 26.63 20.77
CA LEU F 123 34.28 26.87 19.40
C LEU F 123 33.89 25.55 18.77
N LEU F 124 32.70 25.52 18.17
CA LEU F 124 32.21 24.32 17.48
C LEU F 124 31.62 24.74 16.15
N ASP F 125 32.29 24.39 15.06
CA ASP F 125 31.85 24.72 13.71
C ASP F 125 31.34 23.45 13.03
N LEU F 126 30.04 23.42 12.75
CA LEU F 126 29.41 22.32 12.04
C LEU F 126 28.74 22.84 10.77
N SER F 127 29.36 23.82 10.13
CA SER F 127 28.78 24.45 8.96
C SER F 127 29.09 23.68 7.69
N ALA F 128 28.45 24.09 6.59
CA ALA F 128 28.66 23.52 5.26
C ALA F 128 28.45 22.01 5.24
N ASN F 129 27.41 21.54 5.92
CA ASN F 129 27.10 20.12 5.96
C ASN F 129 25.66 19.87 5.54
N GLN F 130 25.20 18.63 5.68
CA GLN F 130 23.86 18.23 5.28
C GLN F 130 23.07 17.70 6.47
N LEU F 131 23.28 18.28 7.64
CA LEU F 131 22.55 17.88 8.83
C LEU F 131 21.08 18.28 8.71
N GLU F 132 20.19 17.36 9.09
CA GLU F 132 18.76 17.59 8.99
C GLU F 132 18.07 17.59 10.35
N ALA F 133 18.37 16.61 11.20
CA ALA F 133 17.76 16.52 12.52
C ALA F 133 18.85 16.29 13.56
N LEU F 134 18.64 16.84 14.75
CA LEU F 134 19.56 16.71 15.86
C LEU F 134 18.87 16.00 17.02
N ALA F 135 19.48 14.93 17.51
CA ALA F 135 18.90 14.19 18.62
C ALA F 135 18.98 15.03 19.90
N PRO F 136 17.96 14.94 20.77
CA PRO F 136 18.03 15.67 22.04
C PRO F 136 19.18 15.19 22.91
N GLY F 137 19.78 16.13 23.63
CA GLY F 137 20.91 15.82 24.49
C GLY F 137 22.24 15.69 23.77
N THR F 138 22.30 16.00 22.47
CA THR F 138 23.56 15.92 21.75
C THR F 138 24.58 16.92 22.29
N PHE F 139 24.15 18.15 22.53
CA PHE F 139 25.01 19.19 23.07
C PHE F 139 24.97 19.25 24.59
N ALA F 140 24.24 18.34 25.24
CA ALA F 140 24.18 18.32 26.70
C ALA F 140 25.54 18.16 27.38
N PRO F 141 26.44 17.26 26.95
CA PRO F 141 27.76 17.21 27.61
C PRO F 141 28.58 18.49 27.46
N LEU F 142 28.30 19.32 26.46
CA LEU F 142 29.01 20.56 26.29
C LEU F 142 28.56 21.58 27.33
N ARG F 143 29.52 22.17 28.04
CA ARG F 143 29.23 23.15 29.08
C ARG F 143 29.98 24.45 28.89
N ALA F 144 31.21 24.39 28.40
CA ALA F 144 32.05 25.58 28.21
C ALA F 144 31.92 26.17 26.82
N LEU F 145 31.04 25.63 25.98
CA LEU F 145 30.88 26.14 24.62
C LEU F 145 30.38 27.58 24.64
N ARG F 146 30.99 28.43 23.82
CA ARG F 146 30.65 29.84 23.78
C ARG F 146 30.02 30.25 22.45
N ASN F 147 30.67 29.97 21.33
CA ASN F 147 30.15 30.34 20.02
C ASN F 147 29.90 29.07 19.21
N LEU F 148 28.70 28.95 18.64
CA LEU F 148 28.29 27.78 17.88
C LEU F 148 27.78 28.22 16.51
N SER F 149 28.17 27.47 15.48
CA SER F 149 27.79 27.77 14.11
C SER F 149 27.13 26.56 13.48
N LEU F 150 25.97 26.77 12.85
CA LEU F 150 25.24 25.72 12.14
C LEU F 150 24.79 26.22 10.78
N ALA F 151 25.64 27.00 10.12
CA ALA F 151 25.31 27.60 8.84
C ALA F 151 25.35 26.58 7.71
N GLY F 152 24.59 26.85 6.67
CA GLY F 152 24.64 26.04 5.46
C GLY F 152 24.25 24.60 5.64
N ASN F 153 23.19 24.34 6.41
CA ASN F 153 22.73 22.98 6.68
C ASN F 153 21.31 22.80 6.14
N ARG F 154 20.73 21.64 6.41
CA ARG F 154 19.38 21.31 5.96
C ARG F 154 18.41 21.20 7.12
N LEU F 155 18.69 21.87 8.23
CA LEU F 155 17.82 21.80 9.40
C LEU F 155 16.50 22.51 9.13
N ALA F 156 15.40 21.89 9.55
CA ALA F 156 14.07 22.45 9.40
C ALA F 156 13.46 22.84 10.74
N ARG F 157 13.47 21.94 11.71
CA ARG F 157 12.97 22.22 13.06
C ARG F 157 14.12 22.05 14.05
N LEU F 158 14.29 23.03 14.92
CA LEU F 158 15.34 23.01 15.94
C LEU F 158 14.68 22.78 17.30
N GLU F 159 14.83 21.57 17.82
CA GLU F 159 14.18 21.22 19.08
C GLU F 159 14.89 21.90 20.25
N PRO F 160 14.15 22.50 21.19
CA PRO F 160 14.81 23.08 22.38
C PRO F 160 15.55 22.07 23.22
N ALA F 161 15.10 20.82 23.25
CA ALA F 161 15.77 19.79 24.04
C ALA F 161 17.15 19.47 23.49
N ALA F 162 17.34 19.58 22.18
CA ALA F 162 18.65 19.32 21.58
C ALA F 162 19.68 20.34 22.05
N LEU F 163 19.30 21.61 22.08
CA LEU F 163 20.24 22.65 22.51
C LEU F 163 20.45 22.62 24.03
N GLY F 164 19.38 22.40 24.78
CA GLY F 164 19.48 22.39 26.23
C GLY F 164 19.75 23.78 26.78
N ALA F 165 20.38 23.82 27.95
CA ALA F 165 20.74 25.06 28.62
C ALA F 165 22.26 25.18 28.64
N LEU F 166 22.78 26.20 27.96
CA LEU F 166 24.22 26.47 27.89
C LEU F 166 24.46 27.88 28.40
N PRO F 167 24.72 28.05 29.70
CA PRO F 167 24.95 29.41 30.24
C PRO F 167 26.16 30.11 29.66
N LEU F 168 27.20 29.37 29.31
CA LEU F 168 28.44 29.98 28.82
C LEU F 168 28.41 30.30 27.33
N LEU F 169 27.34 29.96 26.63
CA LEU F 169 27.22 30.31 25.23
C LEU F 169 27.06 31.82 25.07
N ARG F 170 27.67 32.36 24.03
CA ARG F 170 27.56 33.80 23.78
C ARG F 170 27.07 34.11 22.38
N SER F 171 27.45 33.33 21.37
CA SER F 171 27.05 33.57 19.99
C SER F 171 26.51 32.28 19.38
N LEU F 172 25.52 32.44 18.51
CA LEU F 172 24.92 31.31 17.81
C LEU F 172 24.53 31.76 16.41
N SER F 173 24.68 30.87 15.43
CA SER F 173 24.43 31.19 14.04
C SER F 173 23.54 30.11 13.43
N LEU F 174 22.54 30.55 12.67
CA LEU F 174 21.64 29.65 11.94
C LEU F 174 21.41 30.12 10.50
N GLN F 175 22.32 30.91 9.95
CA GLN F 175 22.13 31.47 8.62
C GLN F 175 22.21 30.40 7.55
N ASP F 176 21.59 30.69 6.40
CA ASP F 176 21.60 29.83 5.23
C ASP F 176 21.06 28.43 5.56
N ASN F 177 19.87 28.41 6.17
CA ASN F 177 19.25 27.15 6.57
C ASN F 177 17.81 27.10 6.07
N GLU F 178 17.06 26.09 6.50
CA GLU F 178 15.66 25.93 6.13
C GLU F 178 14.76 25.99 7.36
N LEU F 179 15.06 26.90 8.29
CA LEU F 179 14.26 27.05 9.50
C LEU F 179 13.09 27.98 9.23
N ALA F 180 11.88 27.51 9.56
CA ALA F 180 10.67 28.28 9.36
C ALA F 180 10.21 29.01 10.62
N ALA F 181 10.32 28.37 11.79
CA ALA F 181 9.88 28.98 13.03
C ALA F 181 10.71 28.43 14.17
N LEU F 182 10.73 29.18 15.27
CA LEU F 182 11.46 28.79 16.48
C LEU F 182 10.47 28.56 17.62
N ALA F 183 10.69 27.48 18.37
CA ALA F 183 9.81 27.18 19.49
C ALA F 183 9.95 28.23 20.57
N PRO F 184 8.84 28.68 21.15
CA PRO F 184 8.91 29.69 22.22
C PRO F 184 9.65 29.16 23.44
N GLY F 185 10.38 30.05 24.11
CA GLY F 185 11.15 29.70 25.28
C GLY F 185 12.50 29.09 25.01
N LEU F 186 12.87 28.89 23.74
CA LEU F 186 14.18 28.35 23.42
C LEU F 186 15.29 29.35 23.76
N LEU F 187 15.06 30.63 23.48
CA LEU F 187 16.07 31.64 23.77
C LEU F 187 16.15 31.93 25.26
N GLY F 188 15.06 31.73 25.99
CA GLY F 188 15.05 32.01 27.42
C GLY F 188 15.78 30.98 28.27
N ARG F 189 16.08 29.81 27.69
CA ARG F 189 16.82 28.80 28.44
C ARG F 189 18.24 29.26 28.76
N LEU F 190 18.90 29.92 27.80
CA LEU F 190 20.25 30.38 28.03
C LEU F 190 20.28 31.89 28.24
N PRO F 191 21.12 32.36 29.17
CA PRO F 191 21.15 33.80 29.48
C PRO F 191 21.72 34.66 28.36
N ALA F 192 22.90 34.31 27.86
CA ALA F 192 23.64 35.15 26.93
C ALA F 192 23.44 34.64 25.51
N LEU F 193 22.76 35.43 24.69
CA LEU F 193 22.60 35.19 23.26
C LEU F 193 22.84 36.50 22.51
N ASP F 194 23.99 37.13 22.80
CA ASP F 194 24.25 38.47 22.31
C ASP F 194 24.31 38.54 20.78
N ALA F 195 24.94 37.55 20.16
CA ALA F 195 25.11 37.52 18.71
C ALA F 195 24.22 36.42 18.12
N LEU F 196 23.43 36.79 17.11
CA LEU F 196 22.57 35.84 16.41
C LEU F 196 22.50 36.24 14.94
N HIS F 197 22.67 35.25 14.07
CA HIS F 197 22.61 35.45 12.63
C HIS F 197 21.56 34.51 12.04
N LEU F 198 20.55 35.09 11.38
CA LEU F 198 19.45 34.31 10.81
C LEU F 198 19.23 34.68 9.35
N ARG F 199 20.28 35.11 8.66
CA ARG F 199 20.15 35.55 7.27
C ARG F 199 19.91 34.36 6.35
N GLY F 200 18.92 34.49 5.47
CA GLY F 200 18.66 33.49 4.45
C GLY F 200 17.69 32.40 4.86
N ASN F 201 17.27 32.35 6.12
CA ASN F 201 16.30 31.33 6.49
C ASN F 201 14.91 31.74 5.99
N PRO F 202 14.12 30.78 5.50
CA PRO F 202 12.76 31.12 5.03
C PRO F 202 11.80 31.32 6.19
N TRP F 203 11.99 32.41 6.93
CA TRP F 203 11.16 32.67 8.10
C TRP F 203 9.75 33.05 7.73
N GLY F 204 8.78 32.27 8.18
CA GLY F 204 7.39 32.62 7.93
C GLY F 204 6.83 33.40 9.10
N CYS F 205 6.79 34.72 8.96
CA CYS F 205 6.34 35.56 10.07
C CYS F 205 4.98 35.13 10.60
N GLY F 206 4.87 35.01 11.92
CA GLY F 206 3.62 34.60 12.51
C GLY F 206 3.66 34.67 14.02
N CYS F 207 2.58 34.24 14.68
CA CYS F 207 2.53 34.27 16.12
C CYS F 207 3.73 33.57 16.71
N ALA F 208 4.16 32.50 16.05
CA ALA F 208 5.29 31.73 16.55
C ALA F 208 6.55 32.58 16.64
N LEU F 209 6.76 33.43 15.64
CA LEU F 209 7.98 34.23 15.60
C LEU F 209 7.95 35.36 16.62
N ARG F 210 6.82 35.55 17.28
CA ARG F 210 6.73 36.68 18.20
C ARG F 210 7.78 36.70 19.31
N PRO F 211 8.15 35.57 19.96
CA PRO F 211 9.28 35.63 20.89
C PRO F 211 10.57 36.11 20.25
N LEU F 212 10.83 35.72 19.00
CA LEU F 212 12.02 36.20 18.31
C LEU F 212 11.95 37.71 18.08
N CYS F 213 10.77 38.20 17.69
CA CYS F 213 10.61 39.64 17.51
C CYS F 213 10.80 40.39 18.82
N ALA F 214 10.29 39.83 19.92
CA ALA F 214 10.50 40.43 21.24
C ALA F 214 11.99 40.48 21.59
N TRP F 215 12.72 39.41 21.27
CA TRP F 215 14.16 39.40 21.48
C TRP F 215 14.84 40.47 20.62
N LEU F 216 14.35 40.68 19.41
CA LEU F 216 14.87 41.77 18.58
C LEU F 216 14.62 43.12 19.23
N ARG F 217 13.45 43.30 19.85
CA ARG F 217 13.20 44.53 20.60
C ARG F 217 14.18 44.67 21.75
N ARG F 218 14.45 43.59 22.48
CA ARG F 218 15.43 43.66 23.57
C ARG F 218 16.85 43.78 23.03
N HIS F 219 17.20 42.99 22.01
CA HIS F 219 18.54 43.02 21.42
C HIS F 219 18.44 43.46 19.96
N PRO F 220 18.70 44.73 19.65
CA PRO F 220 18.60 45.19 18.26
C PRO F 220 19.73 44.65 17.41
N LEU F 221 19.37 44.21 16.20
CA LEU F 221 20.37 43.75 15.23
C LEU F 221 21.05 44.94 14.56
N PRO F 222 22.21 44.73 13.96
CA PRO F 222 22.80 45.77 13.12
C PRO F 222 21.89 46.13 11.95
N ALA F 223 22.01 47.38 11.50
CA ALA F 223 21.10 47.88 10.46
C ALA F 223 21.24 47.10 9.17
N SER F 224 22.47 46.79 8.76
CA SER F 224 22.68 45.99 7.55
C SER F 224 22.10 44.59 7.73
N GLU F 225 22.34 43.96 8.88
CA GLU F 225 21.78 42.64 9.13
C GLU F 225 20.26 42.69 9.20
N ALA F 226 19.71 43.77 9.77
CA ALA F 226 18.26 43.92 9.81
C ALA F 226 17.69 44.05 8.40
N GLU F 227 18.38 44.77 7.51
CA GLU F 227 17.93 44.88 6.13
C GLU F 227 18.02 43.54 5.41
N THR F 228 19.09 42.77 5.63
CA THR F 228 19.25 41.51 4.92
C THR F 228 18.26 40.46 5.42
N VAL F 229 18.09 40.35 6.73
CA VAL F 229 17.19 39.34 7.28
C VAL F 229 15.75 39.79 7.07
N LEU F 230 14.98 38.98 6.34
CA LEU F 230 13.58 39.24 6.06
C LEU F 230 12.76 38.00 6.43
N CYS F 231 11.47 38.04 6.11
CA CYS F 231 10.60 36.90 6.37
C CYS F 231 9.53 36.84 5.29
N VAL F 232 8.91 35.67 5.18
CA VAL F 232 7.91 35.41 4.15
C VAL F 232 6.52 35.69 4.71
N TRP F 233 5.77 36.54 4.01
CA TRP F 233 4.38 36.79 4.35
C TRP F 233 3.50 35.87 3.53
N PRO F 234 2.76 34.95 4.16
CA PRO F 234 1.94 34.00 3.39
C PRO F 234 0.86 34.70 2.59
N GLY F 235 0.66 34.24 1.35
CA GLY F 235 -0.38 34.74 0.49
C GLY F 235 -0.04 35.97 -0.31
N ARG F 236 1.00 36.71 0.08
CA ARG F 236 1.35 37.96 -0.59
C ARG F 236 2.87 38.03 -0.68
N LEU F 237 3.37 39.23 -1.02
CA LEU F 237 4.81 39.44 -1.16
C LEU F 237 5.51 39.35 0.20
N THR F 238 6.80 39.01 0.17
CA THR F 238 7.61 38.88 1.37
C THR F 238 8.36 40.17 1.71
N LEU F 239 7.79 41.32 1.35
CA LEU F 239 8.45 42.61 1.54
C LEU F 239 8.57 43.01 3.01
N SER F 240 7.85 42.35 3.91
CA SER F 240 7.85 42.76 5.31
C SER F 240 9.16 42.37 5.98
N PRO F 241 9.92 43.32 6.53
CA PRO F 241 11.13 42.97 7.26
C PRO F 241 10.80 42.30 8.58
N LEU F 242 11.75 41.49 9.06
CA LEU F 242 11.56 40.79 10.32
C LEU F 242 11.51 41.75 11.51
N THR F 243 12.37 42.78 11.49
CA THR F 243 12.45 43.72 12.60
C THR F 243 11.39 44.81 12.55
N ALA F 244 10.61 44.89 11.47
CA ALA F 244 9.60 45.94 11.35
C ALA F 244 8.38 45.68 12.21
N PHE F 245 8.19 44.45 12.68
CA PHE F 245 7.02 44.12 13.48
C PHE F 245 7.14 44.69 14.89
N SER F 246 5.98 44.99 15.48
CA SER F 246 5.93 45.57 16.82
C SER F 246 4.97 44.78 17.71
N ASP F 247 4.65 45.33 18.89
CA ASP F 247 3.74 44.66 19.81
C ASP F 247 2.32 44.58 19.28
N ALA F 248 1.98 45.38 18.27
CA ALA F 248 0.66 45.29 17.66
C ALA F 248 0.44 43.93 17.00
N ALA F 249 1.49 43.40 16.35
CA ALA F 249 1.40 42.06 15.80
C ALA F 249 1.30 41.01 16.89
N PHE F 250 1.98 41.23 18.01
CA PHE F 250 1.87 40.32 19.16
C PHE F 250 0.50 40.37 19.81
N SER F 251 -0.24 41.47 19.64
CA SER F 251 -1.56 41.59 20.27
C SER F 251 -2.54 40.54 19.75
N HIS F 252 -2.33 40.03 18.54
CA HIS F 252 -3.19 38.98 18.03
C HIS F 252 -3.02 37.68 18.80
N CYS F 253 -1.79 37.39 19.25
CA CYS F 253 -1.51 36.15 19.94
C CYS F 253 -2.29 36.07 21.26
N ALA F 254 -2.87 34.90 21.52
CA ALA F 254 -3.67 34.67 22.71
C ALA F 254 -2.75 34.13 23.80
N GLN F 255 -2.51 34.95 24.83
CA GLN F 255 -1.74 34.50 25.98
C GLN F 255 -2.56 33.46 26.76
N PRO F 256 -1.88 32.62 27.55
CA PRO F 256 -2.61 31.68 28.41
C PRO F 256 -3.58 32.41 29.33
N LEU F 257 -4.80 31.89 29.41
CA LEU F 257 -5.87 32.57 30.12
C LEU F 257 -5.64 32.54 31.62
N ALA F 258 -6.00 33.63 32.30
CA ALA F 258 -5.83 33.74 33.74
C ALA F 258 -7.06 33.17 34.44
N LEU F 259 -7.15 33.41 35.75
CA LEU F 259 -8.29 32.90 36.52
C LEU F 259 -9.58 33.62 36.15
N ARG F 260 -9.49 34.90 35.77
CA ARG F 260 -10.69 35.65 35.41
C ARG F 260 -11.35 35.09 34.15
N ASP F 261 -10.56 34.90 33.09
CA ASP F 261 -11.11 34.36 31.85
C ASP F 261 -11.59 32.93 32.04
N LEU F 262 -10.88 32.14 32.85
CA LEU F 262 -11.31 30.78 33.14
C LEU F 262 -12.66 30.78 33.86
N ALA F 263 -12.82 31.67 34.85
CA ALA F 263 -14.09 31.77 35.56
C ALA F 263 -15.21 32.19 34.62
N VAL F 264 -14.94 33.14 33.72
CA VAL F 264 -15.97 33.61 32.79
C VAL F 264 -16.38 32.49 31.84
N VAL F 265 -15.41 31.77 31.28
CA VAL F 265 -15.76 30.71 30.33
C VAL F 265 -16.38 29.52 31.04
N TYR F 266 -16.15 29.36 32.35
CA TYR F 266 -16.88 28.34 33.10
C TYR F 266 -18.30 28.77 33.41
N THR F 267 -18.53 30.07 33.63
CA THR F 267 -19.85 30.53 34.06
C THR F 267 -20.74 31.05 32.93
N LEU F 268 -20.25 31.12 31.69
CA LEU F 268 -21.09 31.61 30.61
C LEU F 268 -22.32 30.73 30.39
N GLY F 269 -22.16 29.42 30.43
CA GLY F 269 -23.24 28.50 30.16
C GLY F 269 -24.40 28.58 31.13
N PRO F 270 -24.15 28.19 32.39
CA PRO F 270 -25.25 28.20 33.37
C PRO F 270 -25.89 29.56 33.57
N ALA F 271 -25.10 30.64 33.55
CA ALA F 271 -25.68 31.97 33.71
C ALA F 271 -26.61 32.31 32.55
N SER F 272 -26.20 31.98 31.32
CA SER F 272 -27.06 32.25 30.17
C SER F 272 -28.34 31.43 30.23
N PHE F 273 -28.24 30.16 30.65
CA PHE F 273 -29.43 29.34 30.78
C PHE F 273 -30.38 29.90 31.85
N LEU F 274 -29.84 30.34 32.99
CA LEU F 274 -30.68 30.92 34.03
C LEU F 274 -31.31 32.22 33.55
N VAL F 275 -30.58 33.02 32.78
CA VAL F 275 -31.15 34.26 32.23
C VAL F 275 -32.31 33.95 31.29
N SER F 276 -32.14 32.93 30.43
CA SER F 276 -33.22 32.55 29.52
C SER F 276 -34.45 32.06 30.28
N LEU F 277 -34.22 31.22 31.29
CA LEU F 277 -35.33 30.71 32.11
C LEU F 277 -36.04 31.85 32.84
N ALA F 278 -35.28 32.78 33.40
CA ALA F 278 -35.88 33.91 34.12
C ALA F 278 -36.67 34.80 33.17
N SER F 279 -36.15 35.03 31.97
CA SER F 279 -36.86 35.87 31.00
C SER F 279 -38.18 35.22 30.58
N CYS F 280 -38.14 33.92 30.29
CA CYS F 280 -39.37 33.23 29.91
C CYS F 280 -40.38 33.20 31.05
N LEU F 281 -39.90 32.95 32.28
CA LEU F 281 -40.80 32.92 33.43
C LEU F 281 -41.42 34.30 33.68
N ALA F 282 -40.62 35.36 33.55
CA ALA F 282 -41.15 36.71 33.74
C ALA F 282 -42.17 37.06 32.66
N LEU F 283 -41.91 36.66 31.42
CA LEU F 283 -42.87 36.91 30.35
C LEU F 283 -44.18 36.16 30.61
N GLY F 284 -44.08 34.90 31.05
CA GLY F 284 -45.28 34.14 31.36
C GLY F 284 -46.07 34.72 32.51
N SER F 285 -45.38 35.15 33.58
CA SER F 285 -46.05 35.75 34.71
C SER F 285 -46.72 37.07 34.32
N GLY F 286 -46.04 37.88 33.51
CA GLY F 286 -46.65 39.12 33.05
C GLY F 286 -47.86 38.90 32.17
N LEU F 287 -47.80 37.90 31.29
CA LEU F 287 -48.94 37.59 30.44
C LEU F 287 -50.10 37.07 31.28
N THR F 288 -49.81 36.24 32.29
CA THR F 288 -50.87 35.76 33.18
C THR F 288 -51.51 36.91 33.95
N ALA F 289 -50.69 37.86 34.43
CA ALA F 289 -51.22 39.02 35.14
C ALA F 289 -52.09 39.88 34.22
N CYS F 290 -51.67 40.07 32.97
CA CYS F 290 -52.47 40.85 32.03
C CYS F 290 -53.78 40.15 31.70
N ARG F 291 -53.75 38.82 31.52
CA ARG F 291 -54.96 38.08 31.19
C ARG F 291 -55.94 38.08 32.37
N ALA F 292 -55.43 37.91 33.60
CA ALA F 292 -56.30 37.86 34.76
C ALA F 292 -56.92 39.21 35.09
N ARG F 293 -56.36 40.30 34.58
CA ARG F 293 -56.90 41.63 34.82
C ARG F 293 -58.18 41.87 34.05
N PRO G 41 51.51 -10.81 -21.31
CA PRO G 41 50.40 -11.29 -20.48
C PRO G 41 50.58 -10.93 -19.00
N ASP G 42 51.83 -10.94 -18.54
CA ASP G 42 52.12 -10.59 -17.15
C ASP G 42 51.88 -9.12 -16.86
N CYS G 43 51.95 -8.26 -17.88
CA CYS G 43 51.80 -6.83 -17.69
C CYS G 43 50.45 -6.38 -18.21
N PRO G 44 49.59 -5.80 -17.37
CA PRO G 44 48.31 -5.27 -17.87
C PRO G 44 48.53 -4.07 -18.78
N GLU G 45 47.48 -3.77 -19.56
CA GLU G 45 47.58 -2.70 -20.56
C GLU G 45 47.79 -1.34 -19.92
N VAL G 46 47.13 -1.08 -18.79
CA VAL G 46 47.17 0.23 -18.15
C VAL G 46 47.97 0.24 -16.85
N CYS G 47 48.30 -0.92 -16.30
CA CYS G 47 49.00 -0.98 -15.02
C CYS G 47 50.51 -0.98 -15.24
N THR G 48 51.25 -1.02 -14.13
CA THR G 48 52.71 -1.05 -14.15
C THR G 48 53.20 -2.30 -13.45
N CYS G 49 54.31 -2.85 -13.95
CA CYS G 49 54.88 -4.10 -13.45
C CYS G 49 56.16 -3.83 -12.67
N VAL G 50 56.28 -4.48 -11.52
CA VAL G 50 57.48 -4.44 -10.69
C VAL G 50 57.91 -5.88 -10.44
N PRO G 51 59.20 -6.20 -10.59
CA PRO G 51 59.66 -7.58 -10.41
C PRO G 51 59.35 -8.11 -9.01
N GLY G 52 59.11 -9.42 -8.94
CA GLY G 52 58.54 -10.03 -7.76
C GLY G 52 57.05 -10.26 -7.86
N GLY G 53 56.47 -10.19 -9.05
CA GLY G 53 55.04 -10.32 -9.24
C GLY G 53 54.24 -9.18 -8.63
N LEU G 54 54.69 -7.94 -8.82
CA LEU G 54 53.99 -6.78 -8.29
C LEU G 54 53.30 -6.04 -9.43
N ALA G 55 52.01 -5.79 -9.27
CA ALA G 55 51.22 -5.05 -10.24
C ALA G 55 50.62 -3.83 -9.55
N SER G 56 50.85 -2.65 -10.12
CA SER G 56 50.35 -1.40 -9.56
C SER G 56 49.38 -0.77 -10.55
N CYS G 57 48.15 -0.53 -10.10
CA CYS G 57 47.10 0.09 -10.91
C CYS G 57 46.48 1.26 -10.16
N SER G 58 47.29 2.01 -9.44
CA SER G 58 46.78 3.09 -8.60
C SER G 58 46.33 4.27 -9.46
N ALA G 59 45.14 4.80 -9.17
CA ALA G 59 44.58 5.99 -9.81
C ALA G 59 44.48 5.83 -11.33
N LEU G 60 43.68 4.84 -11.74
CA LEU G 60 43.45 4.58 -13.15
C LEU G 60 41.99 4.67 -13.56
N SER G 61 41.06 4.80 -12.61
CA SER G 61 39.62 4.94 -12.87
C SER G 61 39.09 3.78 -13.72
N LEU G 62 39.53 2.56 -13.39
CA LEU G 62 39.09 1.40 -14.13
C LEU G 62 37.66 1.03 -13.75
N PRO G 63 36.74 0.88 -14.70
CA PRO G 63 35.38 0.47 -14.35
C PRO G 63 35.30 -0.89 -13.69
N ALA G 64 36.22 -1.80 -14.02
CA ALA G 64 36.24 -3.13 -13.43
C ALA G 64 37.68 -3.60 -13.37
N VAL G 65 37.88 -4.90 -13.16
CA VAL G 65 39.23 -5.47 -13.07
C VAL G 65 39.93 -5.36 -14.41
N PRO G 66 41.20 -4.96 -14.46
CA PRO G 66 41.90 -4.93 -15.75
C PRO G 66 42.10 -6.34 -16.28
N PRO G 67 42.18 -6.50 -17.61
CA PRO G 67 42.33 -7.85 -18.17
C PRO G 67 43.71 -8.47 -17.97
N GLY G 68 44.70 -7.69 -17.51
CA GLY G 68 46.04 -8.22 -17.35
C GLY G 68 46.24 -9.02 -16.08
N LEU G 69 45.71 -10.25 -16.06
CA LEU G 69 45.85 -11.14 -14.93
C LEU G 69 46.68 -12.35 -15.33
N SER G 70 47.63 -12.72 -14.47
CA SER G 70 48.52 -13.83 -14.76
C SER G 70 48.97 -14.47 -13.45
N LEU G 71 49.51 -15.69 -13.57
CA LEU G 71 50.00 -16.41 -12.40
C LEU G 71 51.25 -15.78 -11.82
N ARG G 72 52.01 -15.03 -12.61
CA ARG G 72 53.25 -14.44 -12.13
C ARG G 72 52.98 -13.35 -11.09
N LEU G 73 51.92 -12.58 -11.28
CA LEU G 73 51.60 -11.46 -10.40
C LEU G 73 51.20 -11.99 -9.02
N ARG G 74 52.06 -11.76 -8.03
CA ARG G 74 51.80 -12.16 -6.65
C ARG G 74 51.28 -11.01 -5.79
N ALA G 75 51.11 -9.82 -6.36
CA ALA G 75 50.64 -8.67 -5.61
C ALA G 75 49.94 -7.71 -6.57
N LEU G 76 48.65 -7.50 -6.37
CA LEU G 76 47.84 -6.64 -7.22
C LEU G 76 47.35 -5.45 -6.41
N LEU G 77 47.52 -4.26 -6.95
CA LEU G 77 47.12 -3.01 -6.30
C LEU G 77 45.97 -2.41 -7.09
N LEU G 78 44.79 -2.35 -6.49
CA LEU G 78 43.59 -1.79 -7.12
C LEU G 78 42.97 -0.73 -6.21
N ASP G 79 43.80 0.16 -5.69
CA ASP G 79 43.35 1.20 -4.79
C ASP G 79 42.86 2.42 -5.57
N HIS G 80 41.77 3.02 -5.09
CA HIS G 80 41.11 4.20 -5.65
C HIS G 80 41.02 4.14 -7.17
N ASN G 81 40.32 3.12 -7.67
CA ASN G 81 40.10 2.93 -9.09
C ASN G 81 38.63 2.99 -9.48
N ARG G 82 37.76 3.39 -8.55
CA ARG G 82 36.32 3.58 -8.82
C ARG G 82 35.63 2.31 -9.28
N VAL G 83 36.09 1.15 -8.81
CA VAL G 83 35.38 -0.10 -9.07
C VAL G 83 34.21 -0.19 -8.08
N ARG G 84 33.11 -0.76 -8.53
CA ARG G 84 31.89 -0.81 -7.72
C ARG G 84 31.29 -2.20 -7.58
N ALA G 85 31.68 -3.17 -8.42
CA ALA G 85 31.13 -4.51 -8.33
C ALA G 85 32.22 -5.53 -8.58
N LEU G 86 32.08 -6.70 -7.97
CA LEU G 86 33.01 -7.81 -8.18
C LEU G 86 32.30 -8.93 -8.93
N PRO G 87 32.59 -9.13 -10.21
CA PRO G 87 32.00 -10.26 -10.92
C PRO G 87 32.55 -11.57 -10.40
N PRO G 88 31.80 -12.67 -10.51
CA PRO G 88 32.34 -13.97 -10.10
C PRO G 88 33.57 -14.35 -10.92
N GLY G 89 34.60 -14.80 -10.22
CA GLY G 89 35.88 -15.07 -10.88
C GLY G 89 36.51 -13.84 -11.48
N ALA G 90 36.46 -12.72 -10.77
CA ALA G 90 37.02 -11.47 -11.29
C ALA G 90 38.53 -11.56 -11.46
N PHE G 91 39.21 -12.18 -10.50
CA PHE G 91 40.67 -12.28 -10.52
C PHE G 91 41.14 -13.63 -11.04
N ALA G 92 40.41 -14.19 -12.01
CA ALA G 92 40.77 -15.50 -12.56
C ALA G 92 42.10 -15.41 -13.30
N GLY G 93 42.90 -16.46 -13.18
CA GLY G 93 44.22 -16.53 -13.76
C GLY G 93 45.34 -16.16 -12.82
N ALA G 94 45.04 -15.48 -11.72
CA ALA G 94 46.04 -15.14 -10.71
C ALA G 94 45.97 -16.10 -9.54
N GLY G 95 46.25 -17.37 -9.81
CA GLY G 95 46.20 -18.40 -8.78
C GLY G 95 47.30 -18.31 -7.76
N ALA G 96 48.43 -17.67 -8.11
CA ALA G 96 49.55 -17.51 -7.20
C ALA G 96 49.58 -16.12 -6.55
N LEU G 97 48.46 -15.41 -6.57
CA LEU G 97 48.39 -14.09 -5.97
C LEU G 97 48.54 -14.18 -4.45
N GLN G 98 49.30 -13.26 -3.88
CA GLN G 98 49.57 -13.23 -2.45
C GLN G 98 49.07 -11.97 -1.76
N ARG G 99 49.10 -10.82 -2.44
CA ARG G 99 48.65 -9.56 -1.88
C ARG G 99 47.55 -8.97 -2.76
N LEU G 100 46.51 -8.44 -2.13
CA LEU G 100 45.39 -7.84 -2.85
C LEU G 100 44.85 -6.68 -2.02
N ASP G 101 44.91 -5.48 -2.58
CA ASP G 101 44.51 -4.27 -1.86
C ASP G 101 43.45 -3.54 -2.66
N LEU G 102 42.29 -3.30 -2.04
CA LEU G 102 41.19 -2.55 -2.65
C LEU G 102 40.64 -1.58 -1.60
N ARG G 103 41.16 -0.35 -1.61
CA ARG G 103 40.63 0.69 -0.73
C ARG G 103 40.46 1.98 -1.53
N GLU G 104 39.61 2.86 -0.99
CA GLU G 104 39.21 4.13 -1.61
C GLU G 104 38.52 3.92 -2.95
N ASN G 105 37.95 2.74 -3.19
CA ASN G 105 37.28 2.42 -4.43
C ASN G 105 35.77 2.57 -4.37
N GLY G 106 35.19 2.66 -3.17
CA GLY G 106 33.75 2.78 -3.03
C GLY G 106 32.98 1.54 -3.46
N LEU G 107 33.46 0.36 -3.08
CA LEU G 107 32.75 -0.88 -3.41
C LEU G 107 31.42 -0.93 -2.67
N HIS G 108 30.38 -1.38 -3.36
CA HIS G 108 29.05 -1.45 -2.79
C HIS G 108 28.37 -2.81 -2.95
N SER G 109 28.89 -3.70 -3.79
CA SER G 109 28.26 -5.01 -3.98
C SER G 109 29.32 -5.99 -4.45
N VAL G 110 29.55 -7.03 -3.66
CA VAL G 110 30.48 -8.11 -4.02
C VAL G 110 29.68 -9.39 -4.11
N HIS G 111 29.71 -10.02 -5.28
CA HIS G 111 28.97 -11.25 -5.49
C HIS G 111 29.62 -12.41 -4.74
N VAL G 112 28.80 -13.39 -4.38
CA VAL G 112 29.31 -14.58 -3.70
C VAL G 112 30.20 -15.37 -4.66
N ARG G 113 31.18 -16.06 -4.08
CA ARG G 113 32.14 -16.88 -4.82
C ARG G 113 32.89 -16.07 -5.89
N ALA G 114 33.20 -14.81 -5.55
CA ALA G 114 33.96 -13.95 -6.44
C ALA G 114 35.46 -14.15 -6.31
N PHE G 115 35.92 -14.92 -5.34
CA PHE G 115 37.34 -15.18 -5.12
C PHE G 115 37.67 -16.64 -5.43
N TRP G 116 37.06 -17.18 -6.48
CA TRP G 116 37.30 -18.56 -6.86
C TRP G 116 38.73 -18.73 -7.38
N GLY G 117 39.47 -19.66 -6.78
CA GLY G 117 40.85 -19.87 -7.14
C GLY G 117 41.83 -18.86 -6.58
N LEU G 118 41.37 -17.95 -5.73
CA LEU G 118 42.20 -16.90 -5.17
C LEU G 118 42.58 -17.16 -3.72
N GLY G 119 42.46 -18.41 -3.25
CA GLY G 119 42.66 -18.72 -1.85
C GLY G 119 44.11 -18.73 -1.38
N ALA G 120 45.07 -18.39 -2.24
CA ALA G 120 46.47 -18.43 -1.88
C ALA G 120 47.00 -17.10 -1.36
N LEU G 121 46.15 -16.09 -1.20
CA LEU G 121 46.63 -14.79 -0.74
C LEU G 121 46.90 -14.82 0.75
N GLN G 122 47.55 -13.77 1.24
CA GLN G 122 47.77 -13.59 2.67
C GLN G 122 47.27 -12.27 3.20
N LEU G 123 47.17 -11.23 2.37
CA LEU G 123 46.70 -9.92 2.78
C LEU G 123 45.53 -9.50 1.91
N LEU G 124 44.45 -9.05 2.54
CA LEU G 124 43.26 -8.61 1.82
C LEU G 124 42.76 -7.32 2.46
N ASP G 125 42.80 -6.23 1.69
CA ASP G 125 42.35 -4.93 2.16
C ASP G 125 41.08 -4.55 1.39
N LEU G 126 39.96 -4.49 2.11
CA LEU G 126 38.68 -4.06 1.55
C LEU G 126 38.15 -2.85 2.31
N SER G 127 39.04 -1.96 2.71
CA SER G 127 38.67 -0.82 3.53
C SER G 127 38.20 0.34 2.65
N ALA G 128 37.69 1.39 3.31
CA ALA G 128 37.27 2.63 2.67
C ALA G 128 36.25 2.39 1.56
N ASN G 129 35.29 1.51 1.83
CA ASN G 129 34.25 1.21 0.84
C ASN G 129 32.87 1.39 1.44
N GLN G 130 31.84 0.99 0.71
CA GLN G 130 30.45 1.14 1.14
C GLN G 130 29.76 -0.21 1.22
N LEU G 131 30.50 -1.24 1.62
CA LEU G 131 29.92 -2.57 1.77
C LEU G 131 28.96 -2.59 2.95
N GLU G 132 27.81 -3.23 2.75
CA GLU G 132 26.77 -3.31 3.78
C GLU G 132 26.50 -4.73 4.23
N ALA G 133 26.39 -5.67 3.30
CA ALA G 133 26.13 -7.07 3.64
C ALA G 133 27.08 -7.96 2.86
N LEU G 134 27.46 -9.07 3.49
CA LEU G 134 28.37 -10.05 2.88
C LEU G 134 27.64 -11.38 2.76
N ALA G 135 27.64 -11.94 1.56
CA ALA G 135 26.99 -13.22 1.34
C ALA G 135 27.78 -14.34 2.02
N PRO G 136 27.10 -15.35 2.58
CA PRO G 136 27.82 -16.46 3.20
C PRO G 136 28.67 -17.22 2.18
N GLY G 137 29.83 -17.70 2.62
CA GLY G 137 30.73 -18.42 1.75
C GLY G 137 31.57 -17.56 0.84
N THR G 138 31.53 -16.24 1.00
CA THR G 138 32.35 -15.36 0.16
C THR G 138 33.83 -15.57 0.41
N PHE G 139 34.23 -15.68 1.69
CA PHE G 139 35.61 -15.92 2.06
C PHE G 139 35.93 -17.40 2.20
N ALA G 140 34.97 -18.28 1.90
CA ALA G 140 35.22 -19.72 1.98
C ALA G 140 36.36 -20.21 1.10
N PRO G 141 36.50 -19.80 -0.17
CA PRO G 141 37.68 -20.26 -0.94
C PRO G 141 39.00 -19.79 -0.39
N LEU G 142 39.02 -18.73 0.41
CA LEU G 142 40.27 -18.26 1.00
C LEU G 142 40.69 -19.19 2.13
N ARG G 143 41.93 -19.64 2.08
CA ARG G 143 42.47 -20.54 3.09
C ARG G 143 43.78 -20.04 3.72
N ALA G 144 44.62 -19.39 2.92
CA ALA G 144 45.91 -18.90 3.40
C ALA G 144 45.85 -17.45 3.87
N LEU G 145 44.67 -16.85 3.91
CA LEU G 145 44.53 -15.46 4.32
C LEU G 145 44.96 -15.30 5.78
N ARG G 146 45.74 -14.24 6.04
CA ARG G 146 46.27 -14.00 7.38
C ARG G 146 45.68 -12.75 8.01
N ASN G 147 45.80 -11.59 7.36
CA ASN G 147 45.28 -10.33 7.87
C ASN G 147 44.14 -9.85 6.98
N LEU G 148 43.00 -9.56 7.59
CA LEU G 148 41.81 -9.09 6.88
C LEU G 148 41.38 -7.74 7.45
N SER G 149 41.06 -6.81 6.56
CA SER G 149 40.67 -5.46 6.93
C SER G 149 39.32 -5.13 6.32
N LEU G 150 38.41 -4.63 7.16
CA LEU G 150 37.08 -4.19 6.73
C LEU G 150 36.76 -2.83 7.32
N ALA G 151 37.76 -1.97 7.42
CA ALA G 151 37.57 -0.67 8.05
C ALA G 151 36.82 0.29 7.14
N GLY G 152 36.15 1.26 7.76
CA GLY G 152 35.49 2.32 7.01
C GLY G 152 34.40 1.85 6.08
N ASN G 153 33.57 0.91 6.53
CA ASN G 153 32.49 0.37 5.71
C ASN G 153 31.15 0.67 6.37
N ARG G 154 30.09 0.12 5.79
CA ARG G 154 28.73 0.32 6.28
C ARG G 154 28.12 -0.99 6.81
N LEU G 155 28.97 -1.92 7.23
CA LEU G 155 28.48 -3.19 7.74
C LEU G 155 27.76 -3.01 9.08
N ALA G 156 26.62 -3.68 9.22
CA ALA G 156 25.83 -3.65 10.45
C ALA G 156 25.85 -4.98 11.18
N ARG G 157 25.55 -6.08 10.49
CA ARG G 157 25.59 -7.41 11.06
C ARG G 157 26.62 -8.24 10.30
N LEU G 158 27.49 -8.92 11.04
CA LEU G 158 28.53 -9.76 10.45
C LEU G 158 28.15 -11.22 10.70
N GLU G 159 27.71 -11.89 9.65
CA GLU G 159 27.27 -13.27 9.79
C GLU G 159 28.45 -14.20 9.98
N PRO G 160 28.40 -15.13 10.94
CA PRO G 160 29.51 -16.09 11.10
C PRO G 160 29.72 -16.98 9.89
N ALA G 161 28.64 -17.28 9.15
CA ALA G 161 28.78 -18.13 7.96
C ALA G 161 29.58 -17.45 6.86
N ALA G 162 29.52 -16.11 6.78
CA ALA G 162 30.29 -15.40 5.78
C ALA G 162 31.79 -15.53 6.01
N LEU G 163 32.22 -15.42 7.28
CA LEU G 163 33.65 -15.54 7.58
C LEU G 163 34.11 -16.98 7.51
N GLY G 164 33.29 -17.92 7.98
CA GLY G 164 33.68 -19.32 7.96
C GLY G 164 34.79 -19.60 8.97
N ALA G 165 35.58 -20.63 8.67
CA ALA G 165 36.71 -21.02 9.49
C ALA G 165 38.00 -20.78 8.73
N LEU G 166 38.84 -19.88 9.25
CA LEU G 166 40.12 -19.53 8.63
C LEU G 166 41.22 -19.76 9.66
N PRO G 167 41.79 -20.97 9.69
CA PRO G 167 42.85 -21.25 10.69
C PRO G 167 44.09 -20.39 10.53
N LEU G 168 44.44 -20.01 9.31
CA LEU G 168 45.67 -19.25 9.07
C LEU G 168 45.50 -17.75 9.27
N LEU G 169 44.31 -17.28 9.58
CA LEU G 169 44.11 -15.87 9.88
C LEU G 169 44.80 -15.52 11.20
N ARG G 170 45.38 -14.33 11.27
CA ARG G 170 46.07 -13.90 12.47
C ARG G 170 45.54 -12.55 12.95
N SER G 171 45.19 -11.67 12.02
CA SER G 171 44.74 -10.33 12.34
C SER G 171 43.44 -10.02 11.61
N LEU G 172 42.56 -9.28 12.27
CA LEU G 172 41.30 -8.87 11.69
C LEU G 172 40.94 -7.49 12.23
N SER G 173 40.35 -6.67 11.37
CA SER G 173 40.03 -5.29 11.73
C SER G 173 38.58 -4.99 11.34
N LEU G 174 37.85 -4.34 12.26
CA LEU G 174 36.48 -3.91 12.00
C LEU G 174 36.26 -2.47 12.46
N GLN G 175 37.32 -1.67 12.54
CA GLN G 175 37.21 -0.32 13.05
C GLN G 175 36.44 0.58 12.08
N ASP G 176 35.87 1.65 12.63
CA ASP G 176 35.13 2.67 11.87
C ASP G 176 33.99 2.04 11.06
N ASN G 177 33.11 1.33 11.78
CA ASN G 177 32.00 0.65 11.14
C ASN G 177 30.72 0.89 11.93
N GLU G 178 29.65 0.17 11.57
CA GLU G 178 28.36 0.29 12.24
C GLU G 178 27.93 -1.03 12.86
N LEU G 179 28.87 -1.75 13.45
CA LEU G 179 28.58 -3.03 14.08
C LEU G 179 28.09 -2.80 15.50
N ALA G 180 26.91 -3.33 15.82
CA ALA G 180 26.34 -3.17 17.14
C ALA G 180 26.67 -4.35 18.06
N ALA G 181 26.65 -5.56 17.55
CA ALA G 181 26.92 -6.74 18.35
C ALA G 181 27.52 -7.83 17.47
N LEU G 182 28.18 -8.78 18.12
CA LEU G 182 28.79 -9.92 17.43
C LEU G 182 28.11 -11.20 17.87
N ALA G 183 27.85 -12.08 16.91
CA ALA G 183 27.19 -13.35 17.21
C ALA G 183 28.12 -14.23 18.04
N PRO G 184 27.61 -14.89 19.08
CA PRO G 184 28.45 -15.77 19.89
C PRO G 184 29.01 -16.94 19.08
N GLY G 185 30.23 -17.33 19.41
CA GLY G 185 30.90 -18.42 18.73
C GLY G 185 31.60 -18.05 17.45
N LEU G 186 31.50 -16.80 17.01
CA LEU G 186 32.18 -16.38 15.79
C LEU G 186 33.69 -16.39 15.97
N LEU G 187 34.18 -15.95 17.14
CA LEU G 187 35.61 -15.94 17.39
C LEU G 187 36.15 -17.33 17.64
N GLY G 188 35.32 -18.24 18.15
CA GLY G 188 35.78 -19.59 18.43
C GLY G 188 35.96 -20.47 17.21
N ARG G 189 35.43 -20.05 16.06
CA ARG G 189 35.60 -20.83 14.83
C ARG G 189 37.06 -20.87 14.40
N LEU G 190 37.76 -19.74 14.51
CA LEU G 190 39.16 -19.70 14.11
C LEU G 190 40.07 -19.67 15.33
N PRO G 191 41.20 -20.38 15.28
CA PRO G 191 42.09 -20.45 16.45
C PRO G 191 42.79 -19.13 16.75
N ALA G 192 43.45 -18.54 15.75
CA ALA G 192 44.31 -17.40 15.95
C ALA G 192 43.57 -16.11 15.61
N LEU G 193 43.30 -15.30 16.62
CA LEU G 193 42.71 -13.97 16.45
C LEU G 193 43.49 -13.01 17.34
N ASP G 194 44.82 -13.02 17.19
CA ASP G 194 45.70 -12.28 18.10
C ASP G 194 45.46 -10.78 18.03
N ALA G 195 45.26 -10.25 16.82
CA ALA G 195 45.08 -8.82 16.63
C ALA G 195 43.63 -8.53 16.25
N LEU G 196 43.01 -7.60 16.96
CA LEU G 196 41.64 -7.18 16.68
C LEU G 196 41.50 -5.70 16.97
N HIS G 197 40.88 -4.97 16.04
CA HIS G 197 40.65 -3.55 16.19
C HIS G 197 39.16 -3.27 16.01
N LEU G 198 38.54 -2.68 17.03
CA LEU G 198 37.10 -2.40 17.01
C LEU G 198 36.83 -0.95 17.39
N ARG G 199 37.75 -0.05 17.07
CA ARG G 199 37.60 1.35 17.44
C ARG G 199 36.54 2.03 16.58
N GLY G 200 35.64 2.77 17.24
CA GLY G 200 34.64 3.55 16.55
C GLY G 200 33.34 2.84 16.27
N ASN G 201 33.26 1.54 16.50
CA ASN G 201 31.98 0.87 16.26
C ASN G 201 31.00 1.20 17.38
N PRO G 202 29.74 1.46 17.05
CA PRO G 202 28.75 1.76 18.10
C PRO G 202 28.33 0.53 18.86
N TRP G 203 29.23 -0.01 19.67
CA TRP G 203 28.95 -1.24 20.40
C TRP G 203 27.93 -1.04 21.50
N GLY G 204 26.84 -1.78 21.45
CA GLY G 204 25.85 -1.69 22.51
C GLY G 204 26.13 -2.77 23.54
N CYS G 205 26.76 -2.38 24.64
CA CYS G 205 27.12 -3.37 25.66
C CYS G 205 25.91 -4.15 26.13
N GLY G 206 26.03 -5.48 26.17
CA GLY G 206 24.94 -6.31 26.60
C GLY G 206 25.34 -7.78 26.69
N CYS G 207 24.37 -8.63 26.96
CA CYS G 207 24.66 -10.06 27.08
C CYS G 207 25.35 -10.54 25.83
N ALA G 208 24.90 -10.07 24.67
CA ALA G 208 25.48 -10.51 23.41
C ALA G 208 26.97 -10.24 23.36
N LEU G 209 27.39 -9.10 23.91
CA LEU G 209 28.80 -8.74 23.84
C LEU G 209 29.66 -9.49 24.85
N ARG G 210 29.05 -10.34 25.68
CA ARG G 210 29.81 -11.07 26.69
C ARG G 210 30.89 -11.99 26.13
N PRO G 211 30.68 -12.75 25.03
CA PRO G 211 31.82 -13.48 24.46
C PRO G 211 32.99 -12.60 24.07
N LEU G 212 32.71 -11.40 23.54
CA LEU G 212 33.79 -10.48 23.21
C LEU G 212 34.53 -10.03 24.46
N CYS G 213 33.80 -9.75 25.53
CA CYS G 213 34.43 -9.37 26.80
C CYS G 213 35.28 -10.51 27.35
N ALA G 214 34.80 -11.75 27.23
CA ALA G 214 35.58 -12.89 27.66
C ALA G 214 36.86 -13.02 26.84
N TRP G 215 36.77 -12.77 25.53
CA TRP G 215 37.97 -12.76 24.69
C TRP G 215 38.93 -11.67 25.12
N LEU G 216 38.41 -10.51 25.54
CA LEU G 216 39.26 -9.46 26.07
C LEU G 216 39.97 -9.92 27.35
N ARG G 217 39.26 -10.67 28.20
CA ARG G 217 39.90 -11.25 29.38
C ARG G 217 41.01 -12.22 28.97
N ARG G 218 40.78 -13.05 27.96
CA ARG G 218 41.82 -13.96 27.50
C ARG G 218 42.92 -13.20 26.75
N HIS G 219 42.54 -12.28 25.87
CA HIS G 219 43.50 -11.50 25.08
C HIS G 219 43.36 -10.03 25.44
N PRO G 220 44.23 -9.49 26.29
CA PRO G 220 44.10 -8.08 26.67
C PRO G 220 44.54 -7.15 25.55
N LEU G 221 43.75 -6.10 25.32
CA LEU G 221 44.08 -5.08 24.35
C LEU G 221 45.15 -4.14 24.89
N PRO G 222 45.83 -3.40 24.01
CA PRO G 222 46.71 -2.34 24.49
C PRO G 222 45.94 -1.26 25.25
N ALA G 223 46.63 -0.62 26.18
CA ALA G 223 45.97 0.35 27.07
C ALA G 223 45.36 1.51 26.29
N SER G 224 46.10 2.04 25.31
CA SER G 224 45.56 3.12 24.49
C SER G 224 44.35 2.65 23.69
N GLU G 225 44.43 1.45 23.09
CA GLU G 225 43.29 0.91 22.36
C GLU G 225 42.12 0.63 23.28
N ALA G 226 42.40 0.16 24.49
CA ALA G 226 41.34 -0.05 25.47
C ALA G 226 40.65 1.25 25.84
N GLU G 227 41.42 2.34 25.97
CA GLU G 227 40.83 3.64 26.27
C GLU G 227 39.99 4.14 25.10
N THR G 228 40.48 3.96 23.86
CA THR G 228 39.75 4.47 22.70
C THR G 228 38.47 3.68 22.45
N VAL G 229 38.54 2.34 22.53
CA VAL G 229 37.38 1.52 22.25
C VAL G 229 36.41 1.59 23.42
N LEU G 230 35.19 2.05 23.17
CA LEU G 230 34.16 2.15 24.19
C LEU G 230 32.88 1.48 23.71
N CYS G 231 31.79 1.62 24.47
CA CYS G 231 30.51 1.06 24.07
C CYS G 231 29.39 1.97 24.57
N VAL G 232 28.22 1.80 23.97
CA VAL G 232 27.06 2.62 24.28
C VAL G 232 26.22 1.91 25.34
N TRP G 233 25.93 2.62 26.43
CA TRP G 233 25.04 2.10 27.45
C TRP G 233 23.65 2.66 27.21
N PRO G 234 22.66 1.83 26.89
CA PRO G 234 21.32 2.35 26.62
C PRO G 234 20.71 3.02 27.85
N GLY G 235 20.00 4.13 27.60
CA GLY G 235 19.28 4.82 28.64
C GLY G 235 20.07 5.85 29.41
N ARG G 236 21.38 5.92 29.23
CA ARG G 236 22.22 6.87 29.97
C ARG G 236 23.50 7.09 29.19
N LEU G 237 24.49 7.69 29.85
CA LEU G 237 25.75 8.02 29.20
C LEU G 237 26.52 6.76 28.80
N THR G 238 27.36 6.90 27.78
CA THR G 238 28.18 5.81 27.26
C THR G 238 29.58 5.78 27.87
N LEU G 239 29.71 6.24 29.12
CA LEU G 239 31.02 6.35 29.76
C LEU G 239 31.64 5.00 30.09
N SER G 240 30.90 3.92 30.00
CA SER G 240 31.42 2.61 30.38
C SER G 240 32.41 2.09 29.34
N PRO G 241 33.65 1.83 29.71
CA PRO G 241 34.59 1.24 28.75
C PRO G 241 34.23 -0.22 28.45
N LEU G 242 34.66 -0.67 27.27
CA LEU G 242 34.36 -2.04 26.86
C LEU G 242 35.12 -3.05 27.72
N THR G 243 36.37 -2.75 28.06
CA THR G 243 37.20 -3.67 28.82
C THR G 243 36.97 -3.61 30.32
N ALA G 244 36.16 -2.66 30.80
CA ALA G 244 35.93 -2.54 32.24
C ALA G 244 34.98 -3.62 32.77
N PHE G 245 34.24 -4.29 31.90
CA PHE G 245 33.29 -5.30 32.34
C PHE G 245 34.00 -6.56 32.82
N SER G 246 33.37 -7.27 33.74
CA SER G 246 33.93 -8.49 34.31
C SER G 246 32.91 -9.62 34.26
N ASP G 247 33.20 -10.73 34.94
CA ASP G 247 32.29 -11.87 34.97
C ASP G 247 31.00 -11.56 35.71
N ALA G 248 30.97 -10.51 36.53
CA ALA G 248 29.74 -10.12 37.21
C ALA G 248 28.68 -9.69 36.20
N ALA G 249 29.08 -8.99 35.15
CA ALA G 249 28.16 -8.66 34.07
C ALA G 249 27.70 -9.90 33.33
N PHE G 250 28.60 -10.87 33.14
CA PHE G 250 28.23 -12.14 32.50
C PHE G 250 27.28 -12.96 33.37
N SER G 251 27.27 -12.74 34.68
CA SER G 251 26.39 -13.51 35.56
C SER G 251 24.91 -13.29 35.27
N HIS G 252 24.55 -12.15 34.67
CA HIS G 252 23.16 -11.91 34.29
C HIS G 252 22.72 -12.86 33.18
N CYS G 253 23.63 -13.19 32.26
CA CYS G 253 23.28 -14.03 31.13
C CYS G 253 22.87 -15.43 31.58
N ALA G 254 21.80 -15.93 30.98
CA ALA G 254 21.27 -17.26 31.31
C ALA G 254 21.93 -18.28 30.40
N GLN G 255 22.78 -19.11 30.97
CA GLN G 255 23.40 -20.21 30.23
C GLN G 255 22.34 -21.24 29.87
N PRO G 256 22.58 -22.05 28.84
CA PRO G 256 21.65 -23.15 28.53
C PRO G 256 21.48 -24.08 29.73
N LEU G 257 20.23 -24.42 30.01
CA LEU G 257 19.91 -25.18 31.21
C LEU G 257 20.38 -26.62 31.09
N ALA G 258 20.85 -27.16 32.22
CA ALA G 258 21.35 -28.52 32.27
C ALA G 258 20.20 -29.49 32.54
N LEU G 259 20.52 -30.75 32.84
CA LEU G 259 19.48 -31.73 33.12
C LEU G 259 18.79 -31.46 34.44
N ARG G 260 19.49 -30.87 35.41
CA ARG G 260 18.88 -30.58 36.70
C ARG G 260 17.78 -29.54 36.57
N ASP G 261 18.08 -28.41 35.91
CA ASP G 261 17.07 -27.37 35.74
C ASP G 261 15.92 -27.84 34.88
N LEU G 262 16.21 -28.65 33.85
CA LEU G 262 15.15 -29.21 33.02
C LEU G 262 14.24 -30.11 33.82
N ALA G 263 14.81 -30.97 34.68
CA ALA G 263 14.00 -31.83 35.53
C ALA G 263 13.15 -31.02 36.49
N VAL G 264 13.72 -29.96 37.07
CA VAL G 264 12.97 -29.13 38.02
C VAL G 264 11.80 -28.43 37.32
N VAL G 265 12.06 -27.83 36.15
CA VAL G 265 10.98 -27.12 35.46
C VAL G 265 9.96 -28.10 34.88
N TYR G 266 10.32 -29.36 34.68
CA TYR G 266 9.33 -30.36 34.31
C TYR G 266 8.49 -30.80 35.50
N THR G 267 9.09 -30.86 36.70
CA THR G 267 8.38 -31.40 37.87
C THR G 267 7.72 -30.34 38.74
N LEU G 268 7.91 -29.05 38.45
CA LEU G 268 7.27 -28.02 39.29
C LEU G 268 5.75 -28.12 39.27
N GLY G 269 5.16 -28.35 38.11
CA GLY G 269 3.72 -28.37 37.97
C GLY G 269 3.04 -29.48 38.75
N PRO G 270 3.27 -30.75 38.34
CA PRO G 270 2.60 -31.87 39.02
C PRO G 270 2.88 -31.95 40.51
N ALA G 271 4.11 -31.65 40.94
CA ALA G 271 4.43 -31.69 42.36
C ALA G 271 3.64 -30.64 43.13
N SER G 272 3.52 -29.43 42.57
CA SER G 272 2.75 -28.39 43.22
C SER G 272 1.27 -28.77 43.32
N PHE G 273 0.73 -29.35 42.24
CA PHE G 273 -0.67 -29.78 42.28
C PHE G 273 -0.90 -30.87 43.32
N LEU G 274 0.03 -31.84 43.41
CA LEU G 274 -0.09 -32.89 44.41
C LEU G 274 0.03 -32.32 45.82
N VAL G 275 0.92 -31.34 46.02
CA VAL G 275 1.04 -30.71 47.33
C VAL G 275 -0.25 -30.01 47.71
N SER G 276 -0.86 -29.28 46.76
CA SER G 276 -2.12 -28.61 47.04
C SER G 276 -3.22 -29.61 47.38
N LEU G 277 -3.31 -30.70 46.61
CA LEU G 277 -4.32 -31.72 46.88
C LEU G 277 -4.11 -32.36 48.24
N ALA G 278 -2.86 -32.67 48.59
CA ALA G 278 -2.57 -33.28 49.87
C ALA G 278 -2.88 -32.33 51.02
N SER G 279 -2.57 -31.05 50.86
CA SER G 279 -2.85 -30.07 51.91
C SER G 279 -4.36 -29.93 52.14
N CYS G 280 -5.12 -29.84 51.05
CA CYS G 280 -6.58 -29.74 51.20
C CYS G 280 -7.17 -31.00 51.81
N LEU G 281 -6.67 -32.17 51.39
CA LEU G 281 -7.18 -33.43 51.94
C LEU G 281 -6.85 -33.57 53.41
N ALA G 282 -5.64 -33.16 53.81
CA ALA G 282 -5.26 -33.21 55.22
C ALA G 282 -6.10 -32.25 56.05
N LEU G 283 -6.36 -31.05 55.53
CA LEU G 283 -7.22 -30.10 56.24
C LEU G 283 -8.62 -30.66 56.40
N GLY G 284 -9.17 -31.26 55.35
CA GLY G 284 -10.50 -31.85 55.45
C GLY G 284 -10.56 -33.00 56.43
N SER G 285 -9.55 -33.88 56.41
CA SER G 285 -9.52 -34.99 57.34
C SER G 285 -9.39 -34.51 58.78
N GLY G 286 -8.55 -33.50 59.01
CA GLY G 286 -8.43 -32.95 60.36
C GLY G 286 -9.72 -32.30 60.84
N LEU G 287 -10.40 -31.56 59.95
CA LEU G 287 -11.66 -30.95 60.33
C LEU G 287 -12.73 -32.01 60.62
N THR G 288 -12.75 -33.08 59.83
CA THR G 288 -13.68 -34.18 60.10
C THR G 288 -13.38 -34.85 61.43
N ALA G 289 -12.10 -35.05 61.74
CA ALA G 289 -11.73 -35.66 63.01
C ALA G 289 -12.12 -34.76 64.19
N CYS G 290 -11.93 -33.45 64.04
CA CYS G 290 -12.31 -32.52 65.10
C CYS G 290 -13.83 -32.49 65.29
N ARG G 291 -14.59 -32.51 64.18
CA ARG G 291 -16.05 -32.47 64.29
C ARG G 291 -16.58 -33.76 64.90
N ALA G 292 -16.02 -34.91 64.52
CA ALA G 292 -16.50 -36.19 65.04
C ALA G 292 -16.17 -36.37 66.51
N ARG G 293 -15.22 -35.62 67.04
CA ARG G 293 -14.85 -35.75 68.45
C ARG G 293 -15.90 -35.12 69.36
N PRO H 41 30.67 26.57 -39.74
CA PRO H 41 29.69 25.53 -39.43
C PRO H 41 30.34 24.17 -39.18
N ASP H 42 31.44 23.88 -39.90
CA ASP H 42 32.14 22.62 -39.73
C ASP H 42 32.86 22.53 -38.39
N CYS H 43 33.17 23.66 -37.77
CA CYS H 43 33.90 23.68 -36.50
C CYS H 43 32.96 24.07 -35.38
N PRO H 44 32.78 23.21 -34.37
CA PRO H 44 31.96 23.60 -33.21
C PRO H 44 32.62 24.71 -32.41
N GLU H 45 31.79 25.38 -31.59
CA GLU H 45 32.25 26.53 -30.83
C GLU H 45 33.33 26.15 -29.82
N VAL H 46 33.17 25.00 -29.17
CA VAL H 46 34.08 24.59 -28.10
C VAL H 46 34.99 23.44 -28.50
N CYS H 47 34.73 22.76 -29.61
CA CYS H 47 35.52 21.61 -30.00
C CYS H 47 36.68 22.04 -30.90
N THR H 48 37.48 21.05 -31.31
CA THR H 48 38.62 21.27 -32.18
C THR H 48 38.46 20.46 -33.45
N CYS H 49 38.93 21.02 -34.57
CA CYS H 49 38.79 20.42 -35.89
C CYS H 49 40.12 19.88 -36.38
N VAL H 50 40.10 18.68 -36.94
CA VAL H 50 41.25 18.06 -37.57
C VAL H 50 40.83 17.64 -38.97
N PRO H 51 41.65 17.92 -40.00
CA PRO H 51 41.26 17.58 -41.37
C PRO H 51 41.03 16.10 -41.56
N GLY H 52 40.11 15.79 -42.48
CA GLY H 52 39.54 14.47 -42.58
C GLY H 52 38.21 14.30 -41.90
N GLY H 53 37.54 15.41 -41.57
CA GLY H 53 36.29 15.35 -40.85
C GLY H 53 36.40 14.83 -39.43
N LEU H 54 37.44 15.27 -38.70
CA LEU H 54 37.65 14.83 -37.33
C LEU H 54 37.26 15.96 -36.37
N ALA H 55 36.40 15.66 -35.40
CA ALA H 55 36.00 16.61 -34.38
C ALA H 55 36.35 16.05 -33.01
N SER H 56 37.08 16.82 -32.22
CA SER H 56 37.50 16.40 -30.88
C SER H 56 36.88 17.32 -29.85
N CYS H 57 36.13 16.74 -28.92
CA CYS H 57 35.47 17.47 -27.84
C CYS H 57 35.78 16.84 -26.50
N SER H 58 37.01 16.37 -26.33
CA SER H 58 37.39 15.65 -25.11
C SER H 58 37.52 16.62 -23.94
N ALA H 59 36.91 16.24 -22.81
CA ALA H 59 37.00 16.97 -21.54
C ALA H 59 36.51 18.42 -21.68
N LEU H 60 35.23 18.55 -22.03
CA LEU H 60 34.60 19.85 -22.17
C LEU H 60 33.40 20.05 -21.26
N SER H 61 32.93 19.00 -20.57
CA SER H 61 31.80 19.07 -19.64
C SER H 61 30.55 19.65 -20.31
N LEU H 62 30.29 19.20 -21.54
CA LEU H 62 29.11 19.68 -22.26
C LEU H 62 27.85 19.04 -21.70
N PRO H 63 26.84 19.82 -21.33
CA PRO H 63 25.58 19.21 -20.85
C PRO H 63 24.90 18.33 -21.89
N ALA H 64 25.05 18.65 -23.17
CA ALA H 64 24.44 17.86 -24.23
C ALA H 64 25.34 17.94 -25.46
N VAL H 65 24.81 17.57 -26.61
CA VAL H 65 25.59 17.57 -27.86
C VAL H 65 25.93 19.02 -28.23
N PRO H 66 27.15 19.30 -28.66
CA PRO H 66 27.47 20.66 -29.10
C PRO H 66 26.72 21.00 -30.39
N PRO H 67 26.41 22.27 -30.62
CA PRO H 67 25.67 22.65 -31.82
C PRO H 67 26.46 22.55 -33.11
N GLY H 68 27.78 22.36 -33.05
CA GLY H 68 28.59 22.31 -34.24
C GLY H 68 28.55 20.98 -34.96
N LEU H 69 27.46 20.69 -35.64
CA LEU H 69 27.30 19.47 -36.40
C LEU H 69 27.20 19.79 -37.89
N SER H 70 27.91 19.03 -38.70
CA SER H 70 27.95 19.27 -40.14
C SER H 70 28.22 17.95 -40.86
N LEU H 71 27.93 17.95 -42.16
CA LEU H 71 28.16 16.76 -42.98
C LEU H 71 29.64 16.47 -43.17
N ARG H 72 30.51 17.48 -43.06
CA ARG H 72 31.94 17.27 -43.27
C ARG H 72 32.54 16.39 -42.19
N LEU H 73 32.10 16.55 -40.94
CA LEU H 73 32.66 15.82 -39.82
C LEU H 73 32.33 14.34 -39.95
N ARG H 74 33.35 13.52 -40.23
CA ARG H 74 33.21 12.08 -40.33
C ARG H 74 33.62 11.34 -39.07
N ALA H 75 34.03 12.06 -38.03
CA ALA H 75 34.46 11.43 -36.79
C ALA H 75 34.25 12.42 -35.65
N LEU H 76 33.37 12.08 -34.72
CA LEU H 76 33.04 12.93 -33.58
C LEU H 76 33.48 12.25 -32.30
N LEU H 77 34.18 12.99 -31.44
CA LEU H 77 34.68 12.49 -30.17
C LEU H 77 33.95 13.19 -29.04
N LEU H 78 33.16 12.44 -28.27
CA LEU H 78 32.39 12.96 -27.16
C LEU H 78 32.68 12.16 -25.89
N ASP H 79 33.96 11.91 -25.63
CA ASP H 79 34.37 11.13 -24.47
C ASP H 79 34.50 12.02 -23.24
N HIS H 80 34.07 11.48 -22.10
CA HIS H 80 34.08 12.12 -20.78
C HIS H 80 33.66 13.59 -20.85
N ASN H 81 32.43 13.80 -21.29
CA ASN H 81 31.84 15.13 -21.38
C ASN H 81 30.62 15.31 -20.49
N ARG H 82 30.33 14.33 -19.62
CA ARG H 82 29.25 14.42 -18.63
C ARG H 82 27.88 14.56 -19.28
N VAL H 83 27.70 14.02 -20.48
CA VAL H 83 26.37 13.96 -21.08
C VAL H 83 25.60 12.82 -20.44
N ARG H 84 24.29 13.01 -20.27
CA ARG H 84 23.47 12.04 -19.57
C ARG H 84 22.22 11.59 -20.33
N ALA H 85 21.82 12.31 -21.38
CA ALA H 85 20.63 11.93 -22.14
C ALA H 85 20.89 12.18 -23.63
N LEU H 86 20.25 11.37 -24.46
CA LEU H 86 20.32 11.54 -25.91
C LEU H 86 18.97 11.99 -26.44
N PRO H 87 18.81 13.26 -26.83
CA PRO H 87 17.55 13.68 -27.43
C PRO H 87 17.37 13.04 -28.80
N PRO H 88 16.13 12.88 -29.25
CA PRO H 88 15.91 12.35 -30.61
C PRO H 88 16.51 13.28 -31.66
N GLY H 89 17.22 12.67 -32.60
CA GLY H 89 17.95 13.46 -33.60
C GLY H 89 19.02 14.33 -32.99
N ALA H 90 19.77 13.80 -32.02
CA ALA H 90 20.80 14.59 -31.35
C ALA H 90 21.93 14.95 -32.31
N PHE H 91 22.33 14.03 -33.17
CA PHE H 91 23.43 14.23 -34.11
C PHE H 91 22.93 14.60 -35.51
N ALA H 92 21.82 15.34 -35.58
CA ALA H 92 21.26 15.73 -36.86
C ALA H 92 22.20 16.67 -37.59
N GLY H 93 22.30 16.49 -38.91
CA GLY H 93 23.19 17.25 -39.75
C GLY H 93 24.49 16.54 -40.08
N ALA H 94 24.87 15.53 -39.30
CA ALA H 94 26.06 14.74 -39.56
C ALA H 94 25.70 13.42 -40.25
N GLY H 95 25.16 13.53 -41.46
CA GLY H 95 24.74 12.36 -42.20
C GLY H 95 25.89 11.54 -42.75
N ALA H 96 27.08 12.13 -42.88
CA ALA H 96 28.26 11.44 -43.36
C ALA H 96 29.21 11.04 -42.24
N LEU H 97 28.72 11.01 -41.00
CA LEU H 97 29.54 10.63 -39.87
C LEU H 97 29.92 9.15 -39.96
N GLN H 98 31.18 8.84 -39.64
CA GLN H 98 31.68 7.48 -39.71
C GLN H 98 32.15 6.94 -38.37
N ARG H 99 32.68 7.78 -37.49
CA ARG H 99 33.14 7.37 -36.17
C ARG H 99 32.42 8.15 -35.10
N LEU H 100 32.02 7.47 -34.03
CA LEU H 100 31.32 8.11 -32.92
C LEU H 100 31.71 7.40 -31.64
N ASP H 101 32.32 8.13 -30.71
CA ASP H 101 32.83 7.57 -29.46
C ASP H 101 32.22 8.32 -28.29
N LEU H 102 31.56 7.57 -27.39
CA LEU H 102 30.97 8.13 -26.17
C LEU H 102 31.30 7.19 -25.02
N ARG H 103 32.40 7.45 -24.32
CA ARG H 103 32.75 6.70 -23.13
C ARG H 103 33.17 7.65 -22.02
N GLU H 104 33.11 7.14 -20.79
CA GLU H 104 33.36 7.89 -19.56
C GLU H 104 32.42 9.07 -19.38
N ASN H 105 31.25 9.02 -20.01
CA ASN H 105 30.27 10.10 -19.93
C ASN H 105 29.15 9.83 -18.93
N GLY H 106 29.00 8.59 -18.47
CA GLY H 106 27.94 8.27 -17.53
C GLY H 106 26.54 8.38 -18.11
N LEU H 107 26.34 7.90 -19.32
CA LEU H 107 25.01 7.93 -19.93
C LEU H 107 24.07 7.00 -19.17
N HIS H 108 22.83 7.47 -18.97
CA HIS H 108 21.84 6.69 -18.22
C HIS H 108 20.51 6.54 -18.92
N SER H 109 20.24 7.30 -19.99
CA SER H 109 18.97 7.19 -20.68
C SER H 109 19.15 7.65 -22.12
N VAL H 110 18.93 6.75 -23.07
CA VAL H 110 18.99 7.06 -24.50
C VAL H 110 17.60 6.83 -25.08
N HIS H 111 17.03 7.88 -25.65
CA HIS H 111 15.70 7.79 -26.24
C HIS H 111 15.73 6.97 -27.52
N VAL H 112 14.59 6.34 -27.84
CA VAL H 112 14.49 5.57 -29.07
C VAL H 112 14.55 6.50 -30.27
N ARG H 113 15.08 5.98 -31.38
CA ARG H 113 15.22 6.72 -32.63
C ARG H 113 16.04 7.98 -32.45
N ALA H 114 17.07 7.90 -31.61
CA ALA H 114 17.98 9.02 -31.39
C ALA H 114 19.10 9.08 -32.41
N PHE H 115 19.24 8.07 -33.26
CA PHE H 115 20.27 8.03 -34.30
C PHE H 115 19.65 8.15 -35.68
N TRP H 116 18.65 9.00 -35.80
CA TRP H 116 17.97 9.18 -37.08
C TRP H 116 18.94 9.78 -38.09
N GLY H 117 19.34 8.99 -39.07
CA GLY H 117 20.25 9.48 -40.09
C GLY H 117 21.71 9.22 -39.76
N LEU H 118 21.94 8.46 -38.70
CA LEU H 118 23.31 8.16 -38.29
C LEU H 118 23.73 6.75 -38.69
N GLY H 119 22.93 6.08 -39.52
CA GLY H 119 23.23 4.72 -39.91
C GLY H 119 24.54 4.57 -40.64
N ALA H 120 25.09 5.68 -41.13
CA ALA H 120 26.34 5.65 -41.88
C ALA H 120 27.56 5.28 -41.04
N LEU H 121 27.48 5.46 -39.73
CA LEU H 121 28.64 5.20 -38.86
C LEU H 121 29.09 3.75 -38.93
N GLN H 122 30.35 3.51 -38.61
CA GLN H 122 30.87 2.14 -38.61
C GLN H 122 31.38 1.77 -37.22
N LEU H 123 31.87 2.76 -36.47
CA LEU H 123 32.33 2.48 -35.12
C LEU H 123 31.44 3.24 -34.14
N LEU H 124 30.96 2.54 -33.11
CA LEU H 124 30.10 3.13 -32.10
C LEU H 124 30.56 2.64 -30.74
N ASP H 125 31.08 3.55 -29.91
CA ASP H 125 31.55 3.22 -28.57
C ASP H 125 30.60 3.85 -27.56
N LEU H 126 29.89 3.01 -26.82
CA LEU H 126 28.99 3.43 -25.75
C LEU H 126 29.41 2.80 -24.42
N SER H 127 30.71 2.67 -24.21
CA SER H 127 31.24 2.01 -23.03
C SER H 127 31.32 2.99 -21.86
N ALA H 128 31.64 2.43 -20.68
CA ALA H 128 31.85 3.19 -19.45
C ALA H 128 30.68 4.09 -19.11
N ASN H 129 29.47 3.55 -19.23
CA ASN H 129 28.26 4.31 -18.92
C ASN H 129 27.37 3.55 -17.95
N GLN H 130 26.17 4.06 -17.69
CA GLN H 130 25.23 3.45 -16.76
C GLN H 130 23.93 3.06 -17.46
N LEU H 131 24.04 2.62 -18.71
CA LEU H 131 22.87 2.18 -19.44
C LEU H 131 22.31 0.89 -18.85
N GLU H 132 21.00 0.83 -18.71
CA GLU H 132 20.33 -0.33 -18.11
C GLU H 132 19.40 -1.04 -19.10
N ALA H 133 18.57 -0.29 -19.83
CA ALA H 133 17.65 -0.87 -20.79
C ALA H 133 17.75 -0.12 -22.10
N LEU H 134 17.57 -0.85 -23.20
CA LEU H 134 17.62 -0.29 -24.54
C LEU H 134 16.27 -0.49 -25.21
N ALA H 135 15.69 0.60 -25.72
CA ALA H 135 14.41 0.51 -26.40
C ALA H 135 14.56 -0.22 -27.74
N PRO H 136 13.58 -1.02 -28.14
CA PRO H 136 13.65 -1.69 -29.44
C PRO H 136 13.68 -0.68 -30.58
N GLY H 137 14.43 -1.02 -31.62
CA GLY H 137 14.56 -0.14 -32.77
C GLY H 137 15.54 1.00 -32.60
N THR H 138 16.28 1.05 -31.49
CA THR H 138 17.26 2.11 -31.30
C THR H 138 18.37 2.05 -32.32
N PHE H 139 18.90 0.84 -32.58
CA PHE H 139 19.94 0.65 -33.58
C PHE H 139 19.39 0.32 -34.96
N ALA H 140 18.07 0.33 -35.12
CA ALA H 140 17.47 0.06 -36.43
C ALA H 140 17.91 1.02 -37.54
N PRO H 141 17.99 2.35 -37.34
CA PRO H 141 18.50 3.20 -38.43
C PRO H 141 19.95 2.92 -38.80
N LEU H 142 20.74 2.31 -37.92
CA LEU H 142 22.12 1.99 -38.24
C LEU H 142 22.17 0.80 -39.19
N ARG H 143 22.90 0.96 -40.29
CA ARG H 143 23.04 -0.10 -41.28
C ARG H 143 24.49 -0.43 -41.60
N ALA H 144 25.37 0.57 -41.61
CA ALA H 144 26.78 0.37 -41.94
C ALA H 144 27.64 0.13 -40.71
N LEU H 145 27.04 0.02 -39.53
CA LEU H 145 27.80 -0.19 -38.31
C LEU H 145 28.53 -1.54 -38.36
N ARG H 146 29.79 -1.54 -37.96
CA ARG H 146 30.64 -2.72 -38.02
C ARG H 146 31.01 -3.25 -36.64
N ASN H 147 31.63 -2.42 -35.80
CA ASN H 147 32.03 -2.83 -34.47
C ASN H 147 31.25 -2.02 -33.43
N LEU H 148 30.62 -2.72 -32.49
CA LEU H 148 29.81 -2.10 -31.45
C LEU H 148 30.34 -2.51 -30.09
N SER H 149 30.43 -1.54 -29.17
CA SER H 149 30.95 -1.77 -27.83
C SER H 149 29.92 -1.31 -26.80
N LEU H 150 29.64 -2.18 -25.83
CA LEU H 150 28.73 -1.88 -24.73
C LEU H 150 29.35 -2.30 -23.40
N ALA H 151 30.66 -2.11 -23.27
CA ALA H 151 31.38 -2.54 -22.08
C ALA H 151 31.11 -1.62 -20.90
N GLY H 152 31.25 -2.18 -19.70
CA GLY H 152 31.16 -1.38 -18.48
C GLY H 152 29.82 -0.70 -18.27
N ASN H 153 28.73 -1.40 -18.53
CA ASN H 153 27.39 -0.84 -18.38
C ASN H 153 26.62 -1.63 -17.33
N ARG H 154 25.34 -1.30 -17.17
CA ARG H 154 24.47 -1.94 -16.21
C ARG H 154 23.36 -2.75 -16.88
N LEU H 155 23.59 -3.19 -18.11
CA LEU H 155 22.59 -3.96 -18.84
C LEU H 155 22.41 -5.34 -18.23
N ALA H 156 21.16 -5.76 -18.08
CA ALA H 156 20.81 -7.07 -17.55
C ALA H 156 20.22 -7.99 -18.61
N ARG H 157 19.22 -7.52 -19.35
CA ARG H 157 18.62 -8.28 -20.44
C ARG H 157 18.82 -7.51 -21.74
N LEU H 158 19.29 -8.21 -22.76
CA LEU H 158 19.52 -7.63 -24.08
C LEU H 158 18.44 -8.14 -25.03
N GLU H 159 17.50 -7.28 -25.38
CA GLU H 159 16.39 -7.69 -26.22
C GLU H 159 16.86 -7.85 -27.67
N PRO H 160 16.49 -8.95 -28.33
CA PRO H 160 16.86 -9.09 -29.76
C PRO H 160 16.28 -8.02 -30.65
N ALA H 161 15.10 -7.49 -30.30
CA ALA H 161 14.48 -6.46 -31.12
C ALA H 161 15.28 -5.16 -31.09
N ALA H 162 15.96 -4.88 -29.98
CA ALA H 162 16.78 -3.67 -29.89
C ALA H 162 17.95 -3.72 -30.87
N LEU H 163 18.62 -4.87 -30.96
CA LEU H 163 19.75 -4.99 -31.87
C LEU H 163 19.29 -5.08 -33.33
N GLY H 164 18.21 -5.81 -33.58
CA GLY H 164 17.72 -5.96 -34.93
C GLY H 164 18.66 -6.83 -35.78
N ALA H 165 18.63 -6.58 -37.08
CA ALA H 165 19.46 -7.29 -38.04
C ALA H 165 20.47 -6.32 -38.64
N LEU H 166 21.75 -6.54 -38.39
CA LEU H 166 22.83 -5.69 -38.88
C LEU H 166 23.80 -6.57 -39.67
N PRO H 167 23.60 -6.72 -40.98
CA PRO H 167 24.49 -7.58 -41.77
C PRO H 167 25.93 -7.11 -41.81
N LEU H 168 26.17 -5.79 -41.77
CA LEU H 168 27.51 -5.26 -41.88
C LEU H 168 28.27 -5.24 -40.56
N LEU H 169 27.65 -5.67 -39.46
CA LEU H 169 28.35 -5.75 -38.19
C LEU H 169 29.37 -6.88 -38.23
N ARG H 170 30.51 -6.66 -37.60
CA ARG H 170 31.56 -7.68 -37.56
C ARG H 170 32.01 -8.01 -36.15
N SER H 171 32.06 -7.03 -35.25
CA SER H 171 32.51 -7.25 -33.89
C SER H 171 31.51 -6.66 -32.91
N LEU H 172 31.37 -7.32 -31.76
CA LEU H 172 30.46 -6.86 -30.72
C LEU H 172 31.07 -7.22 -29.37
N SER H 173 30.89 -6.33 -28.39
CA SER H 173 31.48 -6.51 -27.07
C SER H 173 30.42 -6.29 -26.00
N LEU H 174 30.39 -7.18 -25.01
CA LEU H 174 29.49 -7.05 -23.87
C LEU H 174 30.21 -7.31 -22.55
N GLN H 175 31.53 -7.11 -22.52
CA GLN H 175 32.31 -7.41 -21.33
C GLN H 175 32.00 -6.44 -20.20
N ASP H 176 32.22 -6.90 -18.96
CA ASP H 176 32.07 -6.11 -17.75
C ASP H 176 30.64 -5.57 -17.63
N ASN H 177 29.67 -6.47 -17.77
CA ASN H 177 28.27 -6.12 -17.72
C ASN H 177 27.59 -7.04 -16.71
N GLU H 178 26.26 -6.96 -16.64
CA GLU H 178 25.46 -7.78 -15.73
C GLU H 178 24.50 -8.66 -16.52
N LEU H 179 24.97 -9.22 -17.63
CA LEU H 179 24.15 -10.09 -18.45
C LEU H 179 24.18 -11.51 -17.92
N ALA H 180 23.01 -12.10 -17.71
CA ALA H 180 22.89 -13.46 -17.19
C ALA H 180 22.67 -14.49 -18.29
N ALA H 181 21.84 -14.17 -19.29
CA ALA H 181 21.54 -15.10 -20.36
C ALA H 181 21.23 -14.32 -21.63
N LEU H 182 21.36 -15.00 -22.76
CA LEU H 182 21.07 -14.43 -24.07
C LEU H 182 19.89 -15.16 -24.69
N ALA H 183 18.98 -14.39 -25.28
CA ALA H 183 17.81 -14.99 -25.93
C ALA H 183 18.24 -15.80 -27.16
N PRO H 184 17.66 -16.98 -27.36
CA PRO H 184 18.03 -17.79 -28.53
C PRO H 184 17.64 -17.09 -29.82
N GLY H 185 18.46 -17.31 -30.85
CA GLY H 185 18.23 -16.72 -32.15
C GLY H 185 18.74 -15.30 -32.30
N LEU H 186 19.28 -14.70 -31.25
CA LEU H 186 19.80 -13.34 -31.36
C LEU H 186 21.05 -13.30 -32.24
N LEU H 187 21.92 -14.30 -32.11
CA LEU H 187 23.14 -14.33 -32.92
C LEU H 187 22.85 -14.72 -34.36
N GLY H 188 21.78 -15.47 -34.60
CA GLY H 188 21.42 -15.89 -35.94
C GLY H 188 20.83 -14.81 -36.81
N ARG H 189 20.39 -13.69 -36.23
CA ARG H 189 19.83 -12.60 -37.02
C ARG H 189 20.90 -11.97 -37.91
N LEU H 190 22.11 -11.80 -37.40
CA LEU H 190 23.19 -11.19 -38.17
C LEU H 190 24.19 -12.26 -38.62
N PRO H 191 24.67 -12.16 -39.86
CA PRO H 191 25.58 -13.18 -40.38
C PRO H 191 26.96 -13.17 -39.72
N ALA H 192 27.59 -12.01 -39.66
CA ALA H 192 28.99 -11.89 -39.22
C ALA H 192 29.04 -11.46 -37.76
N LEU H 193 29.48 -12.37 -36.90
CA LEU H 193 29.73 -12.08 -35.49
C LEU H 193 31.09 -12.68 -35.12
N ASP H 194 32.11 -12.36 -35.92
CA ASP H 194 33.40 -13.01 -35.79
C ASP H 194 34.05 -12.76 -34.43
N ALA H 195 33.96 -11.53 -33.94
CA ALA H 195 34.58 -11.15 -32.67
C ALA H 195 33.50 -10.93 -31.62
N LEU H 196 33.67 -11.57 -30.47
CA LEU H 196 32.75 -11.41 -29.35
C LEU H 196 33.53 -11.49 -28.05
N HIS H 197 33.27 -10.54 -27.14
CA HIS H 197 33.92 -10.50 -25.83
C HIS H 197 32.84 -10.49 -24.76
N LEU H 198 32.89 -11.49 -23.88
CA LEU H 198 31.90 -11.65 -22.81
C LEU H 198 32.57 -11.81 -21.45
N ARG H 199 33.76 -11.23 -21.29
CA ARG H 199 34.50 -11.40 -20.05
C ARG H 199 33.86 -10.61 -18.91
N GLY H 200 33.70 -11.25 -17.76
CA GLY H 200 33.21 -10.60 -16.57
C GLY H 200 31.69 -10.60 -16.40
N ASN H 201 30.95 -11.06 -17.39
CA ASN H 201 29.50 -11.11 -17.21
C ASN H 201 29.13 -12.30 -16.33
N PRO H 202 28.19 -12.11 -15.39
CA PRO H 202 27.78 -13.22 -14.51
C PRO H 202 26.88 -14.22 -15.24
N TRP H 203 27.49 -14.97 -16.15
CA TRP H 203 26.73 -15.92 -16.95
C TRP H 203 26.28 -17.12 -16.14
N GLY H 204 24.98 -17.35 -16.07
CA GLY H 204 24.49 -18.52 -15.38
C GLY H 204 24.28 -19.64 -16.37
N CYS H 205 25.24 -20.56 -16.44
CA CYS H 205 25.16 -21.64 -17.44
C CYS H 205 23.85 -22.39 -17.34
N GLY H 206 23.20 -22.62 -18.48
CA GLY H 206 21.94 -23.33 -18.49
C GLY H 206 21.46 -23.60 -19.90
N CYS H 207 20.26 -24.15 -20.02
CA CYS H 207 19.70 -24.45 -21.33
C CYS H 207 19.71 -23.20 -22.19
N ALA H 208 19.47 -22.06 -21.57
CA ALA H 208 19.42 -20.81 -22.33
C ALA H 208 20.75 -20.53 -23.02
N LEU H 209 21.85 -20.80 -22.32
CA LEU H 209 23.16 -20.49 -22.88
C LEU H 209 23.56 -21.45 -23.98
N ARG H 210 22.76 -22.49 -24.20
CA ARG H 210 23.17 -23.48 -25.19
C ARG H 210 23.39 -22.93 -26.59
N PRO H 211 22.58 -22.01 -27.13
CA PRO H 211 22.95 -21.40 -28.42
C PRO H 211 24.30 -20.71 -28.40
N LEU H 212 24.65 -20.05 -27.29
CA LEU H 212 25.96 -19.43 -27.19
C LEU H 212 27.06 -20.48 -27.20
N CYS H 213 26.85 -21.59 -26.49
CA CYS H 213 27.84 -22.67 -26.49
C CYS H 213 27.99 -23.26 -27.88
N ALA H 214 26.89 -23.41 -28.61
CA ALA H 214 26.95 -23.90 -29.99
C ALA H 214 27.74 -22.93 -30.87
N TRP H 215 27.54 -21.62 -30.67
CA TRP H 215 28.32 -20.64 -31.40
C TRP H 215 29.80 -20.75 -31.06
N LEU H 216 30.11 -21.04 -29.79
CA LEU H 216 31.51 -21.29 -29.41
C LEU H 216 32.07 -22.50 -30.14
N ARG H 217 31.26 -23.55 -30.30
CA ARG H 217 31.69 -24.70 -31.09
C ARG H 217 31.96 -24.30 -32.54
N ARG H 218 31.08 -23.48 -33.12
CA ARG H 218 31.31 -23.01 -34.49
C ARG H 218 32.46 -22.00 -34.55
N HIS H 219 32.48 -21.05 -33.62
CA HIS H 219 33.53 -20.03 -33.59
C HIS H 219 34.32 -20.16 -32.29
N PRO H 220 35.48 -20.80 -32.32
CA PRO H 220 36.26 -20.95 -31.08
C PRO H 220 36.89 -19.64 -30.63
N LEU H 221 36.82 -19.39 -29.34
CA LEU H 221 37.45 -18.22 -28.74
C LEU H 221 38.95 -18.44 -28.58
N PRO H 222 39.73 -17.36 -28.43
CA PRO H 222 41.14 -17.53 -28.06
C PRO H 222 41.28 -18.21 -26.71
N ALA H 223 42.39 -18.93 -26.54
CA ALA H 223 42.60 -19.75 -25.35
C ALA H 223 42.62 -18.90 -24.09
N SER H 224 43.29 -17.74 -24.13
CA SER H 224 43.30 -16.84 -22.98
C SER H 224 41.90 -16.32 -22.68
N GLU H 225 41.17 -15.91 -23.72
CA GLU H 225 39.80 -15.43 -23.52
C GLU H 225 38.90 -16.55 -23.02
N ALA H 226 39.11 -17.78 -23.51
CA ALA H 226 38.34 -18.91 -23.02
C ALA H 226 38.61 -19.18 -21.55
N GLU H 227 39.86 -19.04 -21.13
CA GLU H 227 40.19 -19.19 -19.72
C GLU H 227 39.56 -18.10 -18.86
N THR H 228 39.59 -16.85 -19.35
CA THR H 228 39.05 -15.74 -18.56
C THR H 228 37.53 -15.81 -18.46
N VAL H 229 36.85 -16.08 -19.58
CA VAL H 229 35.40 -16.11 -19.57
C VAL H 229 34.93 -17.40 -18.91
N LEU H 230 34.17 -17.26 -17.83
CA LEU H 230 33.61 -18.39 -17.08
C LEU H 230 32.10 -18.17 -16.91
N CYS H 231 31.48 -19.05 -16.14
CA CYS H 231 30.05 -18.92 -15.87
C CYS H 231 29.76 -19.45 -14.47
N VAL H 232 28.61 -19.07 -13.94
CA VAL H 232 28.20 -19.43 -12.59
C VAL H 232 27.35 -20.69 -12.64
N TRP H 233 27.74 -21.69 -11.86
CA TRP H 233 26.94 -22.90 -11.71
C TRP H 233 26.09 -22.77 -10.46
N PRO H 234 24.77 -22.72 -10.57
CA PRO H 234 23.93 -22.56 -9.38
C PRO H 234 24.07 -23.73 -8.42
N GLY H 235 24.08 -23.42 -7.13
CA GLY H 235 24.09 -24.42 -6.08
C GLY H 235 25.46 -24.92 -5.69
N ARG H 236 26.51 -24.53 -6.40
CA ARG H 236 27.86 -24.99 -6.09
C ARG H 236 28.86 -24.00 -6.68
N LEU H 237 30.13 -24.42 -6.74
CA LEU H 237 31.20 -23.55 -7.23
C LEU H 237 31.02 -23.25 -8.71
N THR H 238 31.56 -22.09 -9.12
CA THR H 238 31.51 -21.64 -10.51
C THR H 238 32.73 -22.05 -11.32
N LEU H 239 33.35 -23.18 -10.97
CA LEU H 239 34.59 -23.61 -11.61
C LEU H 239 34.39 -24.05 -13.06
N SER H 240 33.17 -24.23 -13.52
CA SER H 240 32.93 -24.74 -14.86
C SER H 240 33.22 -23.66 -15.89
N PRO H 241 34.15 -23.87 -16.83
CA PRO H 241 34.36 -22.89 -17.90
C PRO H 241 33.20 -22.88 -18.87
N LEU H 242 33.02 -21.73 -19.53
CA LEU H 242 31.93 -21.60 -20.49
C LEU H 242 32.14 -22.48 -21.72
N THR H 243 33.39 -22.58 -22.18
CA THR H 243 33.69 -23.35 -23.38
C THR H 243 33.85 -24.84 -23.13
N ALA H 244 33.85 -25.27 -21.87
CA ALA H 244 34.02 -26.70 -21.57
C ALA H 244 32.77 -27.52 -21.86
N PHE H 245 31.62 -26.88 -22.03
CA PHE H 245 30.38 -27.61 -22.26
C PHE H 245 30.34 -28.17 -23.68
N SER H 246 29.62 -29.28 -23.83
CA SER H 246 29.50 -29.95 -25.11
C SER H 246 28.03 -30.22 -25.45
N ASP H 247 27.78 -31.02 -26.48
CA ASP H 247 26.42 -31.36 -26.87
C ASP H 247 25.70 -32.21 -25.83
N ALA H 248 26.45 -32.84 -24.92
CA ALA H 248 25.81 -33.61 -23.85
C ALA H 248 24.98 -32.71 -22.95
N ALA H 249 25.48 -31.50 -22.66
CA ALA H 249 24.69 -30.54 -21.90
C ALA H 249 23.47 -30.08 -22.69
N PHE H 250 23.61 -29.93 -24.01
CA PHE H 250 22.48 -29.57 -24.85
C PHE H 250 21.44 -30.68 -24.95
N SER H 251 21.84 -31.92 -24.69
CA SER H 251 20.90 -33.04 -24.78
C SER H 251 19.76 -32.94 -23.76
N HIS H 252 19.98 -32.23 -22.65
CA HIS H 252 18.89 -32.02 -21.70
C HIS H 252 17.79 -31.14 -22.25
N CYS H 253 18.15 -30.15 -23.07
CA CYS H 253 17.17 -29.21 -23.60
C CYS H 253 16.16 -29.93 -24.49
N ALA H 254 14.89 -29.57 -24.30
CA ALA H 254 13.79 -30.18 -25.06
C ALA H 254 13.55 -29.35 -26.32
N GLN H 255 13.89 -29.91 -27.47
CA GLN H 255 13.61 -29.26 -28.74
C GLN H 255 12.10 -29.25 -28.99
N PRO H 256 11.62 -28.34 -29.82
CA PRO H 256 10.19 -28.35 -30.18
C PRO H 256 9.79 -29.69 -30.78
N LEU H 257 8.65 -30.21 -30.31
CA LEU H 257 8.25 -31.55 -30.67
C LEU H 257 7.79 -31.61 -32.13
N ALA H 258 8.09 -32.73 -32.79
CA ALA H 258 7.73 -32.93 -34.18
C ALA H 258 6.33 -33.52 -34.27
N LEU H 259 5.95 -33.96 -35.47
CA LEU H 259 4.63 -34.55 -35.66
C LEU H 259 4.49 -35.90 -34.95
N ARG H 260 5.59 -36.65 -34.85
CA ARG H 260 5.54 -37.95 -34.18
C ARG H 260 5.21 -37.80 -32.70
N ASP H 261 5.94 -36.93 -32.00
CA ASP H 261 5.68 -36.73 -30.58
C ASP H 261 4.30 -36.12 -30.35
N LEU H 262 3.88 -35.22 -31.23
CA LEU H 262 2.54 -34.64 -31.11
C LEU H 262 1.47 -35.71 -31.27
N ALA H 263 1.64 -36.61 -32.24
CA ALA H 263 0.68 -37.70 -32.43
C ALA H 263 0.67 -38.62 -31.21
N VAL H 264 1.84 -38.92 -30.65
CA VAL H 264 1.90 -39.81 -29.48
C VAL H 264 1.21 -39.17 -28.28
N VAL H 265 1.48 -37.88 -28.02
CA VAL H 265 0.87 -37.24 -26.86
C VAL H 265 -0.61 -36.98 -27.08
N TYR H 266 -1.07 -36.93 -28.33
CA TYR H 266 -2.51 -36.88 -28.59
C TYR H 266 -3.18 -38.24 -28.47
N THR H 267 -2.44 -39.33 -28.69
CA THR H 267 -3.06 -40.66 -28.70
C THR H 267 -2.83 -41.47 -27.44
N LEU H 268 -2.02 -40.99 -26.50
CA LEU H 268 -1.77 -41.75 -25.27
C LEU H 268 -3.05 -41.97 -24.47
N GLY H 269 -3.88 -40.94 -24.34
CA GLY H 269 -5.08 -41.01 -23.53
C GLY H 269 -6.09 -42.04 -24.00
N PRO H 270 -6.69 -41.80 -25.17
CA PRO H 270 -7.72 -42.73 -25.67
C PRO H 270 -7.23 -44.15 -25.84
N ALA H 271 -5.99 -44.34 -26.30
CA ALA H 271 -5.47 -45.70 -26.44
C ALA H 271 -5.35 -46.40 -25.10
N SER H 272 -4.88 -45.68 -24.08
CA SER H 272 -4.77 -46.28 -22.74
C SER H 272 -6.14 -46.63 -22.20
N PHE H 273 -7.14 -45.76 -22.40
CA PHE H 273 -8.48 -46.06 -21.94
C PHE H 273 -9.06 -47.26 -22.65
N LEU H 274 -8.85 -47.37 -23.96
CA LEU H 274 -9.34 -48.54 -24.69
C LEU H 274 -8.63 -49.81 -24.25
N VAL H 275 -7.32 -49.73 -23.96
CA VAL H 275 -6.59 -50.89 -23.47
C VAL H 275 -7.14 -51.34 -22.13
N SER H 276 -7.42 -50.39 -21.22
CA SER H 276 -8.00 -50.75 -19.93
C SER H 276 -9.37 -51.39 -20.08
N LEU H 277 -10.22 -50.82 -20.94
CA LEU H 277 -11.55 -51.37 -21.18
C LEU H 277 -11.45 -52.77 -21.75
N ALA H 278 -10.56 -52.98 -22.73
CA ALA H 278 -10.41 -54.30 -23.34
C ALA H 278 -9.88 -55.32 -22.34
N SER H 279 -8.94 -54.91 -21.49
CA SER H 279 -8.41 -55.83 -20.49
C SER H 279 -9.48 -56.25 -19.49
N CYS H 280 -10.26 -55.28 -19.00
CA CYS H 280 -11.33 -55.62 -18.07
C CYS H 280 -12.40 -56.50 -18.72
N LEU H 281 -12.75 -56.20 -19.98
CA LEU H 281 -13.74 -56.99 -20.69
C LEU H 281 -13.25 -58.42 -20.92
N ALA H 282 -11.97 -58.57 -21.28
CA ALA H 282 -11.40 -59.90 -21.48
C ALA H 282 -11.36 -60.68 -20.18
N LEU H 283 -11.00 -60.01 -19.07
CA LEU H 283 -11.00 -60.69 -17.77
C LEU H 283 -12.40 -61.14 -17.40
N GLY H 284 -13.40 -60.29 -17.62
CA GLY H 284 -14.77 -60.67 -17.31
C GLY H 284 -15.28 -61.81 -18.18
N SER H 285 -14.96 -61.78 -19.47
CA SER H 285 -15.36 -62.87 -20.36
C SER H 285 -14.69 -64.18 -19.98
N GLY H 286 -13.41 -64.12 -19.63
CA GLY H 286 -12.72 -65.33 -19.20
C GLY H 286 -13.28 -65.89 -17.90
N LEU H 287 -13.60 -65.01 -16.95
CA LEU H 287 -14.19 -65.47 -15.69
C LEU H 287 -15.57 -66.07 -15.92
N THR H 288 -16.36 -65.47 -16.82
CA THR H 288 -17.67 -66.02 -17.15
C THR H 288 -17.53 -67.40 -17.81
N ALA H 289 -16.56 -67.54 -18.71
CA ALA H 289 -16.33 -68.83 -19.36
C ALA H 289 -15.89 -69.89 -18.35
N CYS H 290 -15.03 -69.52 -17.41
CA CYS H 290 -14.60 -70.47 -16.38
C CYS H 290 -15.75 -70.86 -15.47
N ARG H 291 -16.60 -69.89 -15.09
CA ARG H 291 -17.73 -70.21 -14.20
C ARG H 291 -18.76 -71.08 -14.90
N ALA H 292 -19.03 -70.81 -16.18
CA ALA H 292 -20.03 -71.57 -16.92
C ALA H 292 -19.57 -73.01 -17.20
N ARG H 293 -18.26 -73.27 -17.13
CA ARG H 293 -17.74 -74.61 -17.37
C ARG H 293 -18.05 -75.54 -16.21
P POV I . -9.75 15.50 -3.32
C1 POV I . -12.01 16.75 -2.76
C2 POV I . -12.79 17.17 -1.50
C3 POV I . -13.25 16.01 -0.63
C210 POV I . -23.95 14.81 -1.19
C310 POV I . -23.54 10.60 0.16
O11 POV I . -11.08 15.75 -2.42
C211 POV I . -25.30 15.44 -1.00
C311 POV I . -24.05 11.47 1.30
O12 POV I . -8.62 15.86 -2.18
C212 POV I . -26.27 15.01 -2.09
C312 POV I . -25.57 11.58 1.31
O13 POV I . -9.69 14.02 -3.61
C313 POV I . -26.11 12.49 2.42
O14 POV I . -9.65 16.50 -4.42
C21 POV I . -15.08 17.47 -2.22
O21 POV I . -13.93 17.99 -1.79
C22 POV I . -16.23 17.95 -1.38
O22 POV I . -15.17 16.73 -3.18
C23 POV I . -17.44 18.46 -2.16
C24 POV I . -18.29 17.34 -2.73
C25 POV I . -18.83 16.38 -1.68
C26 POV I . -20.19 16.78 -1.14
C27 POV I . -21.17 17.18 -2.23
C28 POV I . -22.62 16.86 -1.88
C29 POV I . -22.82 15.41 -1.57
C31 POV I . -14.76 14.28 -1.13
O31 POV I . -13.63 14.92 -1.44
C32 POV I . -14.78 12.91 -1.74
O32 POV I . -15.62 14.77 -0.45
C33 POV I . -15.62 11.89 -0.98
C34 POV I . -17.10 12.00 -1.34
C35 POV I . -17.98 11.05 -0.56
C36 POV I . -19.39 10.94 -1.15
C37 POV I . -20.27 12.16 -0.90
C38 POV I . -21.36 11.91 0.14
C39 POV I . -22.02 10.54 0.04
C21 POV J . -33.19 -23.03 -8.14
O21 POV J . -33.20 -24.35 -8.30
C22 POV J . -31.95 -22.57 -7.42
C23 POV J . -31.87 -21.07 -7.23
C24 POV J . -30.66 -20.69 -6.38
C25 POV J . -30.68 -19.24 -5.92
C26 POV J . -30.57 -18.25 -7.06
C27 POV J . -30.36 -16.82 -6.59
C28 POV J . -29.13 -16.66 -5.69
C29 POV J . -28.94 -15.24 -5.23
P POV K . -40.96 -5.13 -7.00
C1 POV K . -39.81 -2.77 -7.26
C2 POV K . -38.42 -2.14 -7.37
C3 POV K . -37.57 -2.36 -6.14
C210 POV K . -29.22 1.03 -7.74
O11 POV K . -39.69 -4.11 -6.89
C211 POV K . -29.39 -0.43 -8.02
O12 POV K . -41.61 -4.83 -5.50
C212 POV K . -28.18 -1.00 -8.77
O13 POV K . -41.87 -4.56 -8.03
C213 POV K . -26.89 -0.88 -7.98
O14 POV K . -40.52 -6.56 -7.05
C214 POV K . -25.75 -1.72 -8.57
C215 POV K . -26.09 -3.20 -8.65
C21 POV K . -38.42 -0.24 -8.81
O21 POV K . -38.48 -0.73 -7.58
C22 POV K . -38.09 1.23 -8.79
O22 POV K . -38.59 -0.91 -9.80
C23 POV K . -36.86 1.57 -7.97
C24 POV K . -35.65 0.75 -8.44
C25 POV K . -34.44 0.88 -7.52
C26 POV K . -33.99 2.32 -7.34
C27 POV K . -32.50 2.43 -7.00
C28 POV K . -31.60 1.81 -8.07
C29 POV K . -30.16 1.98 -7.76
C31 POV K . -37.75 -0.66 -4.50
O31 POV K . -37.19 -1.08 -5.63
C32 POV K . -37.31 0.73 -4.18
O32 POV K . -38.51 -1.33 -3.85
C33 POV K . -35.80 0.91 -4.03
C34 POV K . -35.46 2.34 -3.61
C35 POV K . -33.97 2.61 -3.52
C36 POV K . -33.67 4.06 -3.15
C37 POV K . -32.18 4.41 -3.15
C38 POV K . -31.93 5.88 -2.86
C39 POV K . -30.46 6.26 -2.88
K K L . -10.18 -4.50 2.39
K K M . -13.29 -5.87 3.11
K K N . -16.71 -7.38 3.91
K K O . -19.72 -8.71 4.59
C210 POV P . -15.96 -10.16 -32.28
C211 POV P . -16.71 -11.15 -31.44
C212 POV P . -17.97 -10.54 -30.83
C213 POV P . -18.88 -11.56 -30.18
C21 POV P . -7.33 -3.83 -30.74
O21 POV P . -7.09 -2.66 -30.96
C22 POV P . -8.69 -4.46 -30.77
O22 POV P . -6.39 -4.72 -30.42
C23 POV P . -8.78 -5.67 -31.69
C24 POV P . -10.21 -6.17 -31.82
C25 POV P . -10.33 -7.40 -32.72
C26 POV P . -11.73 -7.61 -33.28
C27 POV P . -12.68 -8.31 -32.33
C28 POV P . -13.91 -8.88 -33.04
C29 POV P . -14.65 -9.87 -32.21
P POV Q . -41.28 0.97 -16.60
C1 POV Q . -41.56 2.20 -14.28
C2 POV Q . -41.04 3.43 -13.53
C3 POV Q . -41.37 4.73 -14.20
C310 POV Q . -31.32 13.87 -16.24
O11 POV Q . -40.81 2.03 -15.46
O12 POV Q . -40.54 -0.37 -15.96
O13 POV Q . -42.76 0.80 -16.46
O14 POV Q . -40.66 1.27 -17.93
C21 POV Q . -39.10 3.62 -12.17
O21 POV Q . -39.63 3.40 -13.37
C22 POV Q . -37.71 4.19 -12.29
O22 POV Q . -39.67 3.39 -11.13
C23 POV Q . -37.06 4.55 -10.96
C24 POV Q . -35.68 5.17 -11.17
C25 POV Q . -34.96 5.47 -9.87
C26 POV Q . -33.56 6.03 -10.09
C27 POV Q . -33.55 7.28 -10.97
C28 POV Q . -32.14 7.76 -11.30
C29 POV Q . -32.14 8.97 -12.18
C31 POV Q . -39.68 6.40 -14.20
O31 POV Q . -40.16 5.28 -14.73
C32 POV Q . -38.44 6.83 -14.91
O32 POV Q . -40.20 6.98 -13.28
C33 POV Q . -37.66 7.93 -14.23
C34 POV Q . -36.61 8.53 -15.15
C35 POV Q . -35.69 9.54 -14.49
C36 POV Q . -34.77 10.24 -15.48
C37 POV Q . -33.79 11.19 -14.83
C38 POV Q . -32.98 12.00 -15.84
C39 POV Q . -32.08 13.05 -15.21
C01 AJP R . -28.19 7.30 -11.92
C02 AJP R . -28.18 5.81 -12.25
C03 AJP R . -28.87 5.52 -13.57
C04 AJP R . -28.96 4.01 -13.83
C05 AJP R . -29.55 3.27 -12.65
C06 AJP R . -29.53 1.74 -12.76
C07 AJP R . -30.89 1.31 -12.15
C08 AJP R . -31.52 2.63 -11.69
O09 AJP R . -30.92 3.62 -12.54
C10 AJP R . -33.02 2.55 -11.95
C11 AJP R . -33.24 1.08 -12.25
C12 AJP R . -31.97 0.64 -13.03
C13 AJP R . -31.96 -0.89 -13.05
C14 AJP R . -33.24 -1.47 -13.65
C15 AJP R . -34.52 -0.95 -12.99
C16 AJP R . -34.55 0.59 -12.92
C17 AJP R . -35.79 1.06 -12.16
C18 AJP R . -37.07 0.49 -12.72
C19 AJP R . -37.01 -1.04 -12.75
C20 AJP R . -35.82 -1.55 -13.59
C21 AJP R . -35.81 -3.09 -13.49
C22 AJP R . -37.01 -3.76 -12.82
C23 AJP R . -38.33 -3.18 -13.28
C24 AJP R . -38.35 -1.67 -13.16
O25 AJP R . -38.57 -3.57 -14.66
C26 AJP R . -39.87 -4.03 -14.94
C27 AJP R . -39.83 -4.85 -16.21
C28 AJP R . -40.48 -6.21 -15.98
C29 AJP R . -41.83 -6.03 -15.32
C30 AJP R . -41.71 -5.25 -14.03
O31 AJP R . -40.35 -4.80 -13.86
C32 AJP R . -42.05 -6.04 -12.80
O33 AJP R . -41.21 -7.18 -12.65
O34 AJP R . -42.35 -7.34 -15.04
C35 AJP R . -43.47 -7.78 -15.77
C36 AJP R . -44.73 -7.40 -15.02
C37 AJP R . -45.82 -6.96 -15.98
C38 AJP R . -45.83 -7.78 -17.27
C39 AJP R . -44.47 -7.73 -17.95
O40 AJP R . -43.48 -7.17 -17.06
C41 AJP R . -44.46 -6.88 -19.19
O42 AJP R . -45.38 -7.36 -20.16
O43 AJP R . -46.19 -9.13 -16.99
O44 AJP R . -45.62 -5.58 -16.31
O54 AJP R . -45.20 -8.57 -14.33
O77 AJP R . -39.64 -7.03 -15.19
O78 AJP R . -40.49 -4.16 -17.27
O79 AJP R . -36.91 -3.80 -11.40
C80 AJP R . -35.98 -1.13 -15.07
C81 AJP R . -31.96 1.19 -14.47
O82 AJP R . -33.44 3.50 -12.92
C83 AJP R . -28.31 1.06 -12.15
O84 AJP R . -28.86 3.60 -11.45
C85 AJP R . -28.84 5.01 -11.16
C01 AJP S . -25.83 17.07 -8.80
C02 AJP S . -25.65 16.46 -7.42
C03 AJP S . -25.58 17.53 -6.34
C04 AJP S . -24.23 17.53 -5.62
C05 AJP S . -23.08 17.50 -6.60
C06 AJP S . -21.68 17.41 -5.97
C07 AJP S . -20.81 18.28 -6.92
C08 AJP S . -21.81 18.75 -7.98
O09 AJP S . -23.07 18.73 -7.32
C10 AJP S . -21.44 20.19 -8.36
C11 AJP S . -20.06 20.38 -7.72
C12 AJP S . -20.13 19.57 -6.40
C13 AJP S . -18.70 19.41 -5.88
C14 AJP S . -17.99 20.75 -5.71
C15 AJP S . -18.02 21.62 -6.98
C16 AJP S . -19.43 21.78 -7.55
C17 AJP S . -19.41 22.56 -8.86
C18 AJP S . -18.68 23.89 -8.74
C19 AJP S . -17.26 23.68 -8.20
C20 AJP S . -17.28 22.98 -6.82
C21 AJP S . -15.82 22.75 -6.41
C22 AJP S . -14.96 24.02 -6.42
C23 AJP S . -15.01 24.70 -7.78
C24 AJP S . -16.44 24.97 -8.20
O25 AJP S . -14.27 25.94 -7.71
C26 AJP S . -13.04 25.93 -8.39
C27 AJP S . -12.63 27.39 -8.62
C28 AJP S . -11.23 27.44 -9.25
C29 AJP S . -10.26 26.65 -8.40
C30 AJP S . -10.77 25.23 -8.20
O31 AJP S . -12.07 25.27 -7.59
C32 AJP S . -9.88 24.39 -7.29
O33 AJP S . -9.89 24.89 -5.95
O34 AJP S . -10.16 27.30 -7.13
C35 AJP S . -8.95 27.95 -6.81
C36 AJP S . -9.26 29.41 -6.46
C37 AJP S . -9.97 29.53 -5.12
C38 AJP S . -9.73 28.36 -4.19
C39 AJP S . -8.34 27.79 -4.46
O40 AJP S . -8.25 27.24 -5.79
C41 AJP S . -7.97 26.67 -3.50
O42 AJP S . -8.88 25.58 -3.61
O43 AJP S . -9.81 28.78 -2.83
O44 AJP S . -11.38 29.59 -5.39
O54 AJP S . -8.04 30.17 -6.44
O77 AJP S . -10.81 28.79 -9.37
O78 AJP S . -13.56 28.02 -9.48
O79 AJP S . -13.62 23.71 -6.06
C80 AJP S . -17.97 23.86 -5.77
C81 AJP S . -21.00 20.27 -5.34
O82 AJP S . -22.46 21.12 -8.00
C83 AJP S . -21.15 16.00 -5.75
O84 AJP S . -23.20 16.41 -7.51
C85 AJP S . -24.39 15.62 -7.35
C01 AJP T . -30.29 22.40 -20.02
C02 AJP T . -29.17 21.43 -19.63
C03 AJP T . -28.56 21.78 -18.28
C04 AJP T . -27.41 22.78 -18.41
C05 AJP T . -26.30 22.23 -19.29
C06 AJP T . -25.07 21.70 -18.55
C07 AJP T . -23.91 22.02 -19.52
C08 AJP T . -24.60 22.76 -20.67
O09 AJP T . -25.80 23.28 -20.10
C10 AJP T . -23.68 23.91 -21.10
C11 AJP T . -22.35 23.54 -20.45
C12 AJP T . -22.74 22.93 -19.08
C13 AJP T . -21.51 22.21 -18.52
C14 AJP T . -20.28 23.13 -18.44
C15 AJP T . -19.97 23.83 -19.76
C16 AJP T . -21.19 24.55 -20.35
C17 AJP T . -20.85 25.17 -21.71
C18 AJP T . -19.62 26.05 -21.68
C19 AJP T . -18.42 25.29 -21.12
C20 AJP T . -18.70 24.75 -19.69
C21 AJP T . -17.47 23.93 -19.27
C22 AJP T . -16.15 24.69 -19.37
C23 AJP T . -15.95 25.24 -20.78
C24 AJP T . -17.12 26.10 -21.21
O25 AJP T . -14.71 26.01 -20.83
C26 AJP T . -14.67 27.16 -20.03
C27 AJP T . -13.37 27.14 -19.23
C28 AJP T . -12.14 27.29 -20.13
C29 AJP T . -12.43 28.17 -21.35
C30 AJP T . -13.61 29.09 -21.11
O31 AJP T . -14.81 28.33 -20.85
C32 AJP T . -13.92 29.99 -22.29
O33 AJP T . -15.03 30.83 -22.02
O34 AJP T . -12.66 27.32 -22.49
O77 AJP T . -11.69 26.01 -20.55
O78 AJP T . -13.38 28.11 -18.19
O79 AJP T . -15.06 23.84 -19.01
C80 AJP T . -18.91 25.90 -18.71
C81 AJP T . -23.22 24.01 -18.08
O82 AJP T . -24.24 25.18 -20.80
C83 AJP T . -25.16 20.24 -18.12
O84 AJP T . -26.79 21.17 -20.10
C85 AJP T . -28.08 21.42 -20.67
C01 AJP U . -26.76 -9.37 -37.27
C02 AJP U . -26.99 -9.13 -35.78
C03 AJP U . -26.73 -7.68 -35.40
C04 AJP U . -25.58 -7.57 -34.40
C05 AJP U . -24.37 -8.37 -34.83
C06 AJP U . -23.20 -8.37 -33.84
C07 AJP U . -21.96 -8.41 -34.77
C08 AJP U . -22.57 -8.38 -36.18
O09 AJP U . -23.84 -7.76 -36.00
C10 AJP U . -21.68 -7.49 -37.06
C11 AJP U . -20.41 -7.32 -36.21
C12 AJP U . -20.93 -7.25 -34.75
C13 AJP U . -19.72 -7.46 -33.82
C14 AJP U . -18.61 -6.44 -34.10
C15 AJP U . -18.17 -6.39 -35.57
C16 AJP U . -19.36 -6.24 -36.53
C17 AJP U . -18.90 -6.31 -37.98
C18 AJP U . -17.79 -5.30 -38.29
C19 AJP U . -16.61 -5.50 -37.33
C20 AJP U . -17.05 -5.35 -35.85
C21 AJP U . -15.81 -5.65 -34.99
C22 AJP U . -14.62 -4.74 -35.30
C23 AJP U . -14.23 -4.85 -36.78
C24 AJP U . -15.42 -4.60 -37.68
O25 AJP U . -13.21 -3.87 -37.02
C26 AJP U . -12.32 -4.15 -38.08
C27 AJP U . -11.86 -2.83 -38.68
C28 AJP U . -10.83 -3.08 -39.78
C29 AJP U . -9.70 -3.93 -39.23
C30 AJP U . -10.25 -5.21 -38.61
O31 AJP U . -11.22 -4.88 -37.60
C32 AJP U . -9.19 -6.06 -37.95
O33 AJP U . -8.18 -6.45 -38.87
O34 AJP U . -9.05 -3.16 -38.19
C35 AJP U . -7.79 -2.64 -38.48
C36 AJP U . -7.58 -1.38 -37.63
C37 AJP U . -6.18 -0.83 -37.82
C38 AJP U . -5.12 -1.91 -37.59
C39 AJP U . -5.45 -3.12 -38.47
O40 AJP U . -6.78 -3.59 -38.18
C41 AJP U . -4.51 -4.29 -38.22
O42 AJP U . -4.85 -5.40 -39.05
O43 AJP U . -3.83 -1.42 -37.93
O44 AJP U . -5.97 0.19 -36.83
O54 AJP U . -8.51 -0.38 -38.07
C55 AJP U . -9.61 -0.10 -37.24
C56 AJP U . -9.16 0.84 -36.13
C57 AJP U . -9.72 2.23 -36.32
C58 AJP U . -9.66 2.65 -37.79
C59 AJP U . -10.54 1.70 -38.60
O60 AJP U . -10.73 0.43 -37.95
C61 AJP U . -10.03 1.45 -40.01
O62 AJP U . -9.26 2.54 -40.50
O63 AJP U . -8.32 2.60 -38.27
O64 AJP U . -8.90 3.14 -35.58
O76 AJP U . -9.58 0.32 -34.87
O77 AJP U . -10.35 -1.85 -40.29
O78 AJP U . -12.98 -2.12 -39.21
O79 AJP U . -13.50 -5.09 -34.48
C80 AJP U . -17.53 -3.93 -35.57
C81 AJP U . -21.61 -5.90 -34.45
O82 AJP U . -22.34 -6.31 -37.48
C83 AJP U . -23.24 -9.48 -32.80
O84 AJP U . -24.71 -9.72 -35.09
C85 AJP U . -26.12 -10.03 -34.94
C01 AJP V . -20.70 -10.87 -25.01
C02 AJP V . -19.35 -11.49 -25.35
C03 AJP V . -18.39 -11.46 -24.17
C04 AJP V . -17.48 -10.24 -24.20
C05 AJP V . -16.64 -10.21 -25.47
C06 AJP V . -15.22 -10.79 -25.33
C07 AJP V . -14.39 -9.89 -26.26
C08 AJP V . -15.40 -8.89 -26.82
O09 AJP V . -16.44 -8.85 -25.83
C10 AJP V . -14.71 -7.52 -26.91
C11 AJP V . -13.22 -7.86 -26.72
C12 AJP V . -13.23 -9.02 -25.69
C13 AJP V . -11.84 -9.66 -25.73
C14 AJP V . -10.73 -8.64 -25.45
C15 AJP V . -10.79 -7.41 -26.37
C16 AJP V . -12.19 -6.78 -26.39
C17 AJP V . -12.24 -5.62 -27.39
C18 AJP V . -11.14 -4.58 -27.14
C19 AJP V . -9.77 -5.25 -27.15
C20 AJP V . -9.67 -6.37 -26.09
C21 AJP V . -8.28 -7.03 -26.25
C22 AJP V . -7.11 -6.04 -26.18
C23 AJP V . -7.27 -4.92 -27.19
C24 AJP V . -8.62 -4.24 -27.05
O25 AJP V . -6.22 -3.93 -27.09
C26 AJP V . -5.69 -3.67 -25.80
C27 AJP V . -4.38 -2.90 -25.99
C28 AJP V . -4.50 -1.51 -25.36
C29 AJP V . -4.89 -1.64 -23.90
C30 AJP V . -6.07 -2.59 -23.72
O31 AJP V . -6.59 -2.93 -25.01
C32 AJP V . -7.20 -2.00 -22.92
O33 AJP V . -8.26 -2.94 -22.75
O34 AJP V . -5.26 -0.33 -23.43
O77 AJP V . -5.48 -0.74 -26.06
O78 AJP V . -3.31 -3.60 -25.40
O79 AJP V . -5.90 -6.76 -26.43
C80 AJP V . -9.78 -5.79 -24.67
C81 AJP V . -13.55 -8.53 -24.26
O82 AJP V . -15.28 -6.57 -26.01
C83 AJP V . -15.12 -12.28 -25.61
O84 AJP V . -17.28 -10.91 -26.52
C85 AJP V . -18.71 -10.78 -26.52
C01 AJP W . -36.54 13.64 -11.76
C02 AJP W . -37.24 14.59 -12.74
C03 AJP W . -37.92 15.74 -12.02
C04 AJP W . -39.37 15.39 -11.65
C05 AJP W . -40.20 15.06 -12.87
C06 AJP W . -41.12 16.18 -13.37
C07 AJP W . -42.33 15.41 -13.93
C08 AJP W . -42.01 13.94 -13.62
O09 AJP W . -41.07 14.00 -12.53
C10 AJP W . -43.30 13.25 -13.18
C11 AJP W . -44.38 14.24 -13.61
C12 AJP W . -43.75 15.64 -13.34
C13 AJP W . -44.61 16.67 -14.08
C14 AJP W . -46.08 16.61 -13.66
C15 AJP W . -46.69 15.20 -13.79
C16 AJP W . -45.83 14.13 -13.09
C17 AJP W . -46.40 12.73 -13.32
C18 AJP W . -47.88 12.65 -12.93
C19 AJP W . -48.70 13.70 -13.67
C20 AJP W . -48.19 15.12 -13.38
C21 AJP W . -49.03 16.09 -14.23
C22 AJP W . -50.53 15.96 -14.00
C23 AJP W . -50.99 14.53 -14.26
C24 AJP W . -50.20 13.54 -13.42
O25 AJP W . -52.40 14.43 -13.92
C26 AJP W . -53.27 14.24 -15.02
C27 AJP W . -53.25 12.76 -15.40
C28 AJP W . -54.59 12.10 -15.10
C29 AJP W . -55.11 12.55 -13.74
C30 AJP W . -55.35 14.06 -13.73
O31 AJP W . -54.60 14.72 -14.78
C32 AJP W . -55.03 14.74 -12.42
O33 AJP W . -55.28 16.14 -12.48
O34 AJP W . -54.15 12.20 -12.74
O77 AJP W . -54.45 10.68 -15.12
O78 AJP W . -52.95 12.63 -16.78
O79 AJP W . -51.24 16.86 -14.86
C80 AJP W . -48.36 15.47 -11.89
C81 AJP W . -43.69 15.97 -11.84
O82 AJP W . -43.25 12.86 -11.81
C83 AJP W . -40.47 17.15 -14.35
O84 AJP W . -39.36 14.68 -13.96
C85 AJP W . -38.26 13.84 -13.58
C01 AJP X . -26.54 -15.13 -0.94
C02 AJP X . -27.54 -14.72 0.13
C03 AJP X . -27.44 -15.58 1.37
C04 AJP X . -28.53 -15.23 2.39
C05 AJP X . -29.90 -15.22 1.76
C06 AJP X . -31.04 -14.73 2.66
C07 AJP X . -32.25 -15.59 2.21
C08 AJP X . -31.66 -16.53 1.16
O09 AJP X . -30.26 -16.55 1.43
C10 AJP X . -32.27 -17.92 1.36
C11 AJP X . -33.46 -17.63 2.27
C12 AJP X . -32.96 -16.52 3.23
C13 AJP X . -34.20 -15.92 3.90
C14 AJP X . -35.04 -16.98 4.62
C15 AJP X . -35.42 -18.17 3.73
C16 AJP X . -34.19 -18.77 3.01
C17 AJP X . -34.61 -19.89 2.05
C18 AJP X . -35.45 -20.96 2.75
C19 AJP X . -36.67 -20.33 3.41
C20 AJP X . -36.28 -19.26 4.45
C21 AJP X . -37.58 -18.64 4.99
C22 AJP X . -38.54 -19.67 5.57
C23 AJP X . -38.88 -20.74 4.56
C24 AJP X . -37.62 -21.39 4.00
O25 AJP X . -39.68 -21.75 5.20
C26 AJP X . -40.65 -22.38 4.38
C27 AJP X . -40.39 -23.88 4.42
C28 AJP X . -41.45 -24.58 5.24
C29 AJP X . -42.83 -24.31 4.67
C30 AJP X . -42.99 -22.85 4.27
O31 AJP X . -41.95 -22.09 4.88
C32 AJP X . -44.30 -22.25 4.71
O33 AJP X . -45.41 -22.93 4.12
O34 AJP X . -43.79 -24.62 5.69
C35 AJP X . -44.39 -25.90 5.69
C36 AJP X . -44.02 -26.61 6.98
C37 AJP X . -45.22 -26.72 7.91
C38 AJP X . -46.41 -27.40 7.24
C39 AJP X . -46.51 -26.99 5.77
O40 AJP X . -45.79 -25.76 5.56
C41 AJP X . -47.94 -26.74 5.32
O42 AJP X . -47.98 -26.36 3.95
O43 AJP X . -46.28 -28.81 7.32
O44 AJP X . -45.62 -25.40 8.31
O54 AJP X . -43.55 -27.93 6.67
O77 AJP X . -41.40 -24.14 6.60
O78 AJP X . -40.36 -24.39 3.10
O79 AJP X . -39.73 -19.03 6.02
C80 AJP X . -35.48 -19.88 5.61
C81 AJP X . -31.99 -17.05 4.29
O82 AJP X . -31.30 -18.86 1.81
C83 AJP X . -31.28 -13.22 2.64
O84 AJP X . -29.92 -14.41 0.60
C85 AJP X . -28.94 -14.78 -0.40
C01 AJP Y . -39.28 -0.72 -37.55
C02 AJP Y . -39.00 0.43 -38.51
C03 AJP Y . -40.26 1.20 -38.86
C04 AJP Y . -40.54 1.17 -40.36
C05 AJP Y . -40.47 -0.24 -40.92
C06 AJP Y . -40.63 -0.36 -42.44
C07 AJP Y . -41.37 -1.71 -42.61
C08 AJP Y . -41.62 -2.17 -41.17
O09 AJP Y . -41.58 -0.98 -40.39
C10 AJP Y . -43.02 -2.79 -41.11
C11 AJP Y . -43.38 -2.98 -42.58
C12 AJP Y . -42.77 -1.74 -43.30
C13 AJP Y . -42.75 -2.05 -44.80
C14 AJP Y . -44.15 -2.39 -45.33
C15 AJP Y . -44.83 -3.52 -44.55
C16 AJP Y . -44.82 -3.27 -43.03
C17 AJP Y . -45.42 -4.46 -42.28
C18 AJP Y . -46.82 -4.84 -42.79
C19 AJP Y . -46.78 -5.10 -44.30
C20 AJP Y . -46.25 -3.88 -45.08
C21 AJP Y . -46.18 -4.29 -46.57
C22 AJP Y . -46.84 -5.61 -46.99
C23 AJP Y . -48.20 -5.80 -46.33
C24 AJP Y . -48.12 -5.62 -44.83
O25 AJP Y . -49.13 -4.84 -46.90
C26 AJP Y . -49.74 -5.23 -48.10
C27 AJP Y . -51.18 -5.63 -47.80
C28 AJP Y . -52.12 -5.01 -48.83
C29 AJP Y . -51.54 -5.19 -50.23
C30 AJP Y . -50.16 -4.54 -50.34
O31 AJP Y . -49.70 -4.17 -49.03
C32 AJP Y . -50.15 -3.30 -51.18
O33 AJP Y . -48.84 -2.72 -51.25
O34 AJP Y . -52.44 -4.55 -51.15
C35 AJP Y . -53.58 -5.26 -51.56
C36 AJP Y . -53.89 -4.94 -53.01
C37 AJP Y . -54.38 -6.17 -53.75
C38 AJP Y . -55.28 -7.04 -52.89
C39 AJP Y . -54.56 -7.44 -51.59
O40 AJP Y . -53.37 -6.66 -51.42
C41 AJP Y . -54.14 -8.90 -51.58
O42 AJP Y . -55.26 -9.76 -51.68
O43 AJP Y . -56.49 -6.36 -52.58
O44 AJP Y . -53.25 -6.95 -54.17
O54 AJP Y . -54.93 -3.96 -53.03
O77 AJP Y . -52.31 -3.63 -48.55
O78 AJP Y . -51.31 -7.04 -47.81
O79 AJP Y . -45.98 -6.73 -46.79
C80 AJP Y . -47.21 -2.68 -44.94
C81 AJP Y . -43.57 -0.46 -43.01
O82 AJP Y . -43.91 -2.01 -40.31
C83 AJP Y . -39.33 -0.25 -43.23
O84 AJP Y . -39.25 -0.88 -40.57
C85 AJP Y . -38.35 -0.07 -39.79
C1 CLR Z . -18.61 12.61 -17.86
C2 CLR Z . -18.14 13.70 -18.82
C3 CLR Z . -17.10 14.62 -18.19
C4 CLR Z . -17.42 14.95 -16.73
C5 CLR Z . -18.83 14.57 -16.34
C6 CLR Z . -19.64 15.46 -15.79
C7 CLR Z . -21.10 15.24 -15.50
C8 CLR Z . -21.49 13.76 -15.52
C9 CLR Z . -20.77 13.01 -16.64
C10 CLR Z . -19.22 13.12 -16.54
C11 CLR Z . -21.27 11.57 -16.75
C12 CLR Z . -22.80 11.48 -16.87
C13 CLR Z . -23.52 12.18 -15.72
C14 CLR Z . -22.99 13.62 -15.71
C15 CLR Z . -23.93 14.36 -14.77
C16 CLR Z . -25.31 13.76 -15.12
C17 CLR Z . -25.05 12.44 -15.90
C18 CLR Z . -23.25 11.48 -14.38
C19 CLR Z . -18.66 12.31 -15.36
C20 CLR Z . -26.09 11.36 -15.51
C21 CLR Z . -25.99 10.06 -16.29
C22 CLR Z . -27.51 11.93 -15.67
C23 CLR Z . -28.65 11.00 -15.25
C24 CLR Z . -29.54 10.61 -16.43
C25 CLR Z . -29.58 9.11 -16.73
C26 CLR Z . -30.25 8.35 -15.59
C27 CLR Z . -30.28 8.79 -18.05
O1 CLR Z . -15.84 14.01 -18.32
P POV AA . 0.16 4.32 18.08
C1 POV AA . -0.78 3.61 20.44
C2 POV AA . -0.89 2.32 21.27
C3 POV AA . -1.71 1.22 20.64
C210 POV AA . -11.07 0.03 25.92
C310 POV AA . -12.84 -1.90 22.34
O11 POV AA . -0.55 3.27 19.09
C211 POV AA . -11.75 -0.25 27.22
C311 POV AA . -12.52 -2.96 23.38
O12 POV AA . 1.45 3.38 17.65
C212 POV AA . -12.99 0.62 27.40
C312 POV AA . -13.67 -3.17 24.38
O13 POV AA . -0.74 4.47 16.89
C313 POV AA . -13.37 -4.18 25.47
O14 POV AA . 0.67 5.52 18.81
C21 POV AA . -2.69 2.72 22.85
O21 POV AA . -1.40 2.55 22.60
C22 POV AA . -3.16 1.80 23.93
O22 POV AA . -3.38 3.53 22.27
C23 POV AA . -3.96 2.46 25.05
C24 POV AA . -5.41 2.74 24.64
C25 POV AA . -6.16 1.50 24.20
C26 POV AA . -6.93 0.83 25.32
C27 POV AA . -7.73 1.81 26.17
C28 POV AA . -8.99 1.22 26.78
C29 POV AA . -9.90 0.65 25.73
C31 POV AA . -4.01 1.21 20.12
O31 POV AA . -2.83 1.78 19.95
C32 POV AA . -4.94 1.58 19.00
O32 POV AA . -4.26 0.49 21.05
C33 POV AA . -6.03 0.56 18.71
C34 POV AA . -7.22 0.70 19.66
C35 POV AA . -8.30 -0.33 19.43
C36 POV AA . -9.61 0.02 20.14
C37 POV AA . -9.57 -0.15 21.65
C38 POV AA . -10.37 -1.36 22.12
C39 POV AA . -11.68 -1.58 21.40
C21 POV BA . -41.21 -0.44 0.27
O21 POV BA . -41.99 -0.48 -0.80
C22 POV BA . -39.81 -0.88 -0.04
C23 POV BA . -38.85 -0.83 1.14
C24 POV BA . -37.50 -1.43 0.78
C25 POV BA . -36.60 -1.65 1.99
C26 POV BA . -36.19 -0.36 2.67
C27 POV BA . -35.13 -0.57 3.74
C28 POV BA . -33.86 -1.24 3.19
C29 POV BA . -32.82 -1.45 4.25
P POV CA . -37.10 0.14 19.40
C1 POV CA . -34.90 0.92 20.64
C2 POV CA . -33.46 1.32 20.32
C3 POV CA . -32.65 0.21 19.70
C210 POV CA . -24.38 3.52 17.49
O11 POV CA . -35.49 0.37 19.49
C211 POV CA . -25.40 3.53 16.38
O12 POV CA . -37.14 -1.37 20.10
C212 POV CA . -24.92 4.34 15.18
O13 POV CA . -37.73 1.12 20.36
C213 POV CA . -23.66 3.78 14.55
O14 POV CA . -37.57 0.03 17.99
C214 POV CA . -23.35 4.38 13.19
C215 POV CA . -24.47 4.19 12.18
C21 POV CA . -32.66 3.02 21.80
O21 POV CA . -32.75 1.73 21.50
C22 POV CA . -31.57 3.27 22.79
O22 POV CA . -33.38 3.86 21.31
C23 POV CA . -30.22 2.70 22.37
C24 POV CA . -29.82 3.20 20.99
C25 POV CA . -28.59 2.50 20.43
C26 POV CA . -27.37 2.64 21.34
C27 POV CA . -26.06 2.54 20.58
C28 POV CA . -25.93 3.61 19.49
C29 POV CA . -24.61 3.56 18.79
C31 POV CA . -31.50 -1.16 21.25
O31 POV CA . -31.52 -0.05 20.54
C32 POV CA . -30.29 -1.21 22.13
O32 POV CA . -32.36 -2.01 21.18
C33 POV CA . -28.97 -1.09 21.41
C34 POV CA . -27.80 -1.24 22.38
C35 POV CA . -26.43 -1.05 21.74
C36 POV CA . -25.30 -1.16 22.76
C37 POV CA . -23.92 -0.87 22.19
C38 POV CA . -22.82 -0.92 23.24
C39 POV CA . -21.44 -0.59 22.71
C210 POV DA . -25.21 27.66 -0.34
C211 POV DA . -26.23 26.65 -0.71
C212 POV DA . -26.68 25.82 0.51
C213 POV DA . -27.89 24.94 0.22
C21 POV DA . -14.37 28.38 -0.32
O21 POV DA . -13.56 28.85 0.44
C22 POV DA . -15.81 28.12 0.00
O22 POV DA . -14.08 28.03 -1.57
C23 POV DA . -16.79 28.76 -0.96
C24 POV DA . -18.22 28.62 -0.49
C25 POV DA . -19.23 29.24 -1.46
C26 POV DA . -20.56 29.57 -0.80
C27 POV DA . -21.56 28.42 -0.81
C28 POV DA . -22.99 28.88 -0.52
C29 POV DA . -24.01 27.86 -0.89
P POV EA . -35.93 10.45 24.09
C1 POV EA . -35.03 8.34 25.40
C2 POV EA . -33.78 7.84 26.12
C3 POV EA . -33.42 8.65 27.35
C310 POV EA . -20.67 13.52 28.81
O11 POV EA . -34.74 9.55 24.74
O12 POV EA . -35.99 9.69 22.62
O13 POV EA . -37.19 10.10 24.83
O14 POV EA . -35.51 11.86 23.90
C21 POV EA . -31.83 6.81 25.20
O21 POV EA . -32.63 7.87 25.27
C22 POV EA . -30.44 7.21 24.82
O22 POV EA . -32.22 5.69 25.40
C23 POV EA . -29.45 6.06 24.80
C24 POV EA . -28.04 6.54 24.45
C25 POV EA . -27.02 5.42 24.33
C26 POV EA . -25.63 5.91 23.96
C27 POV EA . -25.08 6.96 24.92
C28 POV EA . -23.75 7.55 24.46
C29 POV EA . -23.25 8.61 25.40
C31 POV EA . -31.13 9.13 27.69
O31 POV EA . -32.25 9.41 27.05
C32 POV EA . -30.03 10.07 27.28
O32 POV EA . -31.02 8.24 28.50
C33 POV EA . -28.65 9.68 27.74
C34 POV EA . -27.67 10.84 27.57
C35 POV EA . -26.23 10.48 27.88
C36 POV EA . -25.31 11.71 27.90
C37 POV EA . -23.84 11.36 28.10
C38 POV EA . -22.96 12.59 28.26
C39 POV EA . -21.51 12.28 28.59
C01 AJP FA . -20.93 8.72 21.83
C02 AJP FA . -21.83 8.82 20.60
C03 AJP FA . -22.82 9.95 20.71
C04 AJP FA . -23.79 9.96 19.53
C05 AJP FA . -24.43 8.61 19.31
C06 AJP FA . -25.31 8.49 18.06
C07 AJP FA . -26.49 7.62 18.52
C08 AJP FA . -26.16 7.28 19.98
O09 AJP FA . -25.32 8.35 20.40
C10 AJP FA . -27.47 7.30 20.78
C11 AJP FA . -28.55 7.35 19.69
C12 AJP FA . -27.92 8.22 18.58
C13 AJP FA . -28.78 8.01 17.32
C14 AJP FA . -30.25 8.33 17.56
C15 AJP FA . -30.85 7.57 18.76
C16 AJP FA . -30.00 7.73 20.02
C17 AJP FA . -30.56 6.88 21.17
C18 AJP FA . -32.04 7.15 21.42
C19 AJP FA . -32.85 6.96 20.15
C20 AJP FA . -32.35 7.88 19.00
C21 AJP FA . -33.19 7.54 17.74
C22 AJP FA . -34.39 6.61 17.91
C23 AJP FA . -35.22 6.95 19.15
C24 AJP FA . -34.35 7.07 20.39
O25 AJP FA . -35.91 8.20 18.91
C26 AJP FA . -37.27 8.21 19.30
C27 AJP FA . -37.97 9.34 18.54
C28 AJP FA . -39.21 8.81 17.83
C29 AJP FA . -40.05 7.98 18.79
C30 AJP FA . -39.23 6.86 19.42
O31 AJP FA . -37.87 6.96 18.98
C32 AJP FA . -39.70 5.48 19.04
O33 AJP FA . -39.64 5.28 17.62
O34 AJP FA . -41.14 7.41 18.04
C35 AJP FA . -42.43 7.91 18.30
C36 AJP FA . -43.08 7.05 19.38
C37 AJP FA . -43.90 7.91 20.33
C38 AJP FA . -44.64 9.03 19.61
C39 AJP FA . -43.66 9.90 18.81
O40 AJP FA . -42.38 9.25 18.73
C41 AJP FA . -43.44 11.25 19.44
O42 AJP FA . -44.65 11.99 19.53
O43 AJP FA . -45.62 8.49 18.73
O44 AJP FA . -43.03 8.49 21.31
O54 AJP FA . -43.96 6.12 18.74
O77 AJP FA . -38.83 8.01 16.71
O78 AJP FA . -38.33 10.37 19.44
O79 AJP FA . -34.02 5.22 17.89
C80 AJP FA . -32.55 9.36 19.36
C81 AJP FA . -27.90 9.72 18.95
O82 AJP FA . -27.48 8.35 21.75
C83 AJP FA . -24.58 7.95 16.82
O84 AJP FA . -23.44 7.59 19.24
C85 AJP FA . -22.58 7.53 20.38
C01 AJP GA . -12.89 7.54 28.53
C02 AJP GA . -12.80 6.12 27.99
C03 AJP GA . -11.93 5.22 28.86
C04 AJP GA . -10.70 4.72 28.10
C05 AJP GA . -10.00 5.84 27.37
C06 AJP GA . -8.80 5.42 26.50
C07 AJP GA . -7.82 6.60 26.65
C08 AJP GA . -8.56 7.58 27.58
O09 AJP GA . -9.45 6.75 28.32
C10 AJP GA . -7.54 8.22 28.52
C11 AJP GA . -6.20 7.83 27.88
C12 AJP GA . -6.44 6.40 27.34
C13 AJP GA . -5.27 6.09 26.38
C14 AJP GA . -3.92 6.23 27.07
C15 AJP GA . -3.71 7.59 27.73
C16 AJP GA . -4.88 7.96 28.66
C17 AJP GA . -4.69 9.38 29.22
C18 AJP GA . -3.32 9.57 29.89
C19 AJP GA . -2.21 9.21 28.92
C20 AJP GA . -2.33 7.76 28.41
C21 AJP GA . -1.20 7.53 27.40
C22 AJP GA . 0.20 7.86 27.93
C23 AJP GA . 0.26 9.28 28.45
C24 AJP GA . -0.82 9.54 29.48
O25 AJP GA . 1.56 9.52 29.02
C26 AJP GA . 2.41 10.36 28.27
C27 AJP GA . 3.51 10.87 29.20
C28 AJP GA . 4.52 11.68 28.40
C29 AJP GA . 5.04 10.87 27.23
C30 AJP GA . 3.87 10.38 26.38
O31 AJP GA . 2.97 9.62 27.20
C32 AJP GA . 4.29 9.50 25.24
O33 AJP GA . 4.84 8.27 25.70
O34 AJP GA . 5.74 9.74 27.75
C35 AJP GA . 7.14 9.70 27.59
C36 AJP GA . 7.79 9.54 28.96
C37 AJP GA . 7.57 8.15 29.54
C38 AJP GA . 7.29 7.10 28.48
C39 AJP GA . 8.02 7.47 27.19
O40 AJP GA . 7.51 8.70 26.65
C41 AJP GA . 7.88 6.42 26.11
O42 AJP GA . 6.52 6.22 25.76
O43 AJP GA . 7.74 5.82 28.92
O44 AJP GA . 6.41 8.21 30.40
O54 AJP GA . 9.20 9.81 28.89
O77 AJP GA . 5.61 12.08 29.25
O78 AJP GA . 2.94 11.67 30.23
O79 AJP GA . 1.17 7.66 26.90
C80 AJP GA . -2.17 6.76 29.58
C81 AJP GA . -6.51 5.35 28.46
O82 AJP GA . -7.75 7.87 29.87
C83 AJP GA . -9.14 5.07 25.06
O84 AJP GA . -10.90 6.55 26.51
C85 AJP GA . -12.26 6.10 26.58
C01 AJP HA . -15.79 18.70 34.96
C02 AJP HA . -15.36 18.33 33.54
C03 AJP HA . -14.40 17.16 33.53
C04 AJP HA . -12.94 17.60 33.66
C05 AJP HA . -12.55 18.54 32.53
C06 AJP HA . -11.72 17.89 31.42
C07 AJP HA . -10.81 19.06 30.95
C08 AJP HA . -11.17 20.20 31.90
O09 AJP HA . -11.72 19.56 33.05
C10 AJP HA . -9.87 20.93 32.28
C11 AJP HA . -8.89 20.42 31.23
C12 AJP HA . -9.27 18.92 31.02
C13 AJP HA . -8.58 18.46 29.74
C14 AJP HA . -7.07 18.68 29.77
C15 AJP HA . -6.68 20.13 30.09
C16 AJP HA . -7.36 20.64 31.37
C17 AJP HA . -7.03 22.12 31.61
C18 AJP HA . -5.53 22.39 31.60
C19 AJP HA . -4.90 21.90 30.31
C20 AJP HA . -5.14 20.38 30.10
C21 AJP HA . -4.54 20.01 28.73
C22 AJP HA . -3.07 20.42 28.56
C23 AJP HA . -2.88 21.90 28.82
C24 AJP HA . -3.42 22.28 30.19
O25 AJP HA . -1.48 22.25 28.72
C26 AJP HA . -0.62 21.66 29.67
C27 AJP HA . 0.57 21.05 28.91
C28 AJP HA . 1.45 22.12 28.27
C29 AJP HA . 1.47 23.40 29.09
C30 AJP HA . 1.10 23.15 30.55
O31 AJP HA . -0.22 22.60 30.65
C32 AJP HA . 1.12 24.40 31.40
O33 AJP HA . 0.77 24.11 32.75
O34 AJP HA . 0.57 24.35 28.51
O77 AJP HA . 1.00 22.39 26.95
O78 AJP HA . 1.32 20.18 29.76
O79 AJP HA . -2.61 20.08 27.26
C80 AJP HA . -4.44 19.56 31.19
C81 AJP HA . -8.83 18.05 32.22
O82 AJP HA . -9.53 20.76 33.65
C83 AJP HA . -12.53 17.24 30.30
O84 AJP HA . -13.70 19.10 31.92
C85 AJP HA . -14.70 19.51 32.86
C01 AJP IA . -34.45 31.10 6.34
C02 AJP IA . -34.18 29.65 6.74
C03 AJP IA . -33.08 29.54 7.78
C04 AJP IA . -31.89 28.74 7.26
C05 AJP IA . -31.46 29.21 5.89
C06 AJP IA . -30.32 28.42 5.24
C07 AJP IA . -29.55 29.48 4.45
C08 AJP IA . -30.30 30.79 4.77
O09 AJP IA . -30.94 30.54 6.02
C10 AJP IA . -29.27 31.91 4.92
C11 AJP IA . -27.98 31.29 4.36
C12 AJP IA . -28.06 29.80 4.79
C13 AJP IA . -27.03 29.03 3.95
C14 AJP IA . -25.62 29.62 4.10
C15 AJP IA . -25.54 31.13 3.83
C16 AJP IA . -26.60 31.92 4.61
C17 AJP IA . -26.56 33.40 4.23
C18 AJP IA . -25.17 34.00 4.37
C19 AJP IA . -24.15 33.21 3.57
C20 AJP IA . -24.11 31.72 4.00
C21 AJP IA . -23.12 31.00 3.07
C22 AJP IA . -21.72 31.63 3.10
C23 AJP IA . -21.77 33.11 2.72
C24 AJP IA . -22.76 33.86 3.59
O25 AJP IA . -20.45 33.65 2.90
C26 AJP IA . -20.13 34.77 2.11
C27 AJP IA . -19.13 35.62 2.89
C28 AJP IA . -18.69 36.81 2.05
C29 AJP IA . -18.15 36.31 0.71
C30 AJP IA . -19.19 35.44 0.02
O31 AJP IA . -19.56 34.35 0.89
C32 AJP IA . -18.70 34.82 -1.26
O33 AJP IA . -18.32 35.82 -2.21
O34 AJP IA . -16.99 35.52 0.98
C35 AJP IA . -15.73 36.06 0.66
C36 AJP IA . -14.68 35.44 1.57
C37 AJP IA . -13.30 35.92 1.18
C38 AJP IA . -13.03 35.70 -0.30
C39 AJP IA . -14.16 36.32 -1.12
O40 AJP IA . -15.42 35.78 -0.70
C41 AJP IA . -14.04 36.06 -2.60
O42 AJP IA . -15.11 36.65 -3.32
O43 AJP IA . -11.80 36.29 -0.67
O44 AJP IA . -12.34 35.14 1.91
O54 AJP IA . -14.94 35.88 2.92
C55 AJP IA . -15.49 34.94 3.81
C56 AJP IA . -14.36 34.06 4.34
C57 AJP IA . -14.05 34.37 5.80
C58 AJP IA . -14.07 35.88 6.04
C59 AJP IA . -15.48 36.41 5.77
O60 AJP IA . -16.22 35.55 4.88
C61 AJP IA . -15.52 37.82 5.22
O62 AJP IA . -14.65 38.68 5.96
O63 AJP IA . -13.13 36.55 5.20
O64 AJP IA . -12.72 33.91 6.07
O76 AJP IA . -14.72 32.69 4.20
O77 AJP IA . -17.70 37.56 2.74
O78 AJP IA . -19.72 36.07 4.10
O79 AJP IA . -20.86 30.92 2.21
C80 AJP IA . -23.64 31.59 5.45
C81 AJP IA . -27.77 29.61 6.28
O82 AJP IA . -29.22 32.41 6.26
C83 AJP IA . -30.77 27.21 4.41
O84 AJP IA . -32.55 29.21 4.98
C85 AJP IA . -33.82 28.82 5.54
C01 AJP JA . -27.91 19.75 2.15
C02 AJP JA . -27.25 20.18 0.85
C03 AJP JA . -26.22 19.16 0.37
C04 AJP JA . -24.81 19.53 0.82
C05 AJP JA . -24.38 20.88 0.30
C06 AJP JA . -23.55 20.85 -0.99
C07 AJP JA . -22.56 22.03 -0.80
C08 AJP JA . -22.92 22.59 0.58
O09 AJP JA . -23.53 21.50 1.26
C10 AJP JA . -21.62 23.00 1.27
C11 AJP JA . -20.60 22.96 0.15
C12 AJP JA . -21.04 21.77 -0.74
C13 AJP JA . -20.29 21.90 -2.07
C14 AJP JA . -18.78 21.94 -1.89
C15 AJP JA . -18.31 23.04 -0.90
C16 AJP JA . -19.08 22.96 0.44
C17 AJP JA . -18.68 24.12 1.35
C18 AJP JA . -17.17 24.20 1.55
C19 AJP JA . -16.45 24.29 0.22
C20 AJP JA . -16.78 23.09 -0.69
C21 AJP JA . -16.07 23.33 -2.04
C22 AJP JA . -14.56 23.59 -1.93
C23 AJP JA . -14.27 24.73 -0.96
C24 AJP JA . -14.94 24.52 0.38
O25 AJP JA . -12.84 24.94 -0.77
C26 AJP JA . -12.01 23.80 -0.80
C27 AJP JA . -10.57 24.28 -0.94
C28 AJP JA . -9.76 23.87 0.29
C29 AJP JA . -9.84 22.35 0.49
C30 AJP JA . -11.28 21.88 0.41
O31 AJP JA . -12.16 23.01 0.36
C32 AJP JA . -11.70 21.03 1.58
O33 AJP JA . -13.05 20.58 1.45
O34 AJP JA . -9.31 22.07 1.79
O77 AJP JA . -10.25 24.54 1.44
O78 AJP JA . -9.98 23.73 -2.11
O79 AJP JA . -14.04 23.88 -3.22
C80 AJP JA . -16.25 21.77 -0.08
C81 AJP JA . -20.72 20.42 -0.09
O82 AJP JA . -21.36 22.19 2.42
C83 AJP JA . -24.36 20.91 -2.29
O84 AJP JA . -25.51 21.71 0.05
C85 AJP JA . -26.57 21.53 0.99
C01 AJP KA . -23.99 8.36 31.82
C02 AJP KA . -24.21 9.36 32.95
C03 AJP KA . -23.97 8.75 34.32
C04 AJP KA . -25.23 8.11 34.90
C05 AJP KA . -26.34 9.13 35.05
C06 AJP KA . -26.55 9.67 36.48
C07 AJP KA . -28.07 9.92 36.53
C08 AJP KA . -28.58 9.43 35.16
O09 AJP KA . -27.57 8.51 34.72
C10 AJP KA . -29.90 8.70 35.37
C11 AJP KA . -30.30 9.12 36.80
C12 AJP KA . -28.96 9.17 37.57
C13 AJP KA . -29.22 9.93 38.87
C14 AJP KA . -30.34 9.29 39.69
C15 AJP KA . -31.65 9.10 38.91
C16 AJP KA . -31.41 8.38 37.57
C17 AJP KA . -32.71 8.30 36.76
C18 AJP KA . -33.86 7.69 37.56
C19 AJP KA . -34.08 8.46 38.86
C20 AJP KA . -32.80 8.47 39.74
C21 AJP KA . -33.10 9.33 40.97
C22 AJP KA . -34.34 8.87 41.75
C23 AJP KA . -35.57 8.83 40.85
C24 AJP KA . -35.31 7.97 39.62
O25 AJP KA . -36.67 8.28 41.60
C26 AJP KA . -37.70 9.19 41.91
C27 AJP KA . -38.61 9.33 40.68
C28 AJP KA . -39.99 8.73 40.94
C29 AJP KA . -39.85 7.39 41.68
C30 AJP KA . -39.19 7.61 43.03
O31 AJP KA . -38.44 8.84 43.07
C32 AJP KA . -38.28 6.48 43.47
O33 AJP KA . -37.71 6.75 44.75
O34 AJP KA . -39.06 6.50 40.87
O77 AJP KA . -40.67 8.53 39.71
O78 AJP KA . -38.74 10.69 40.32
O79 AJP KA . -34.58 9.74 42.85
C80 AJP KA . -32.43 7.04 40.19
C81 AJP KA . -28.40 7.76 37.87
O82 AJP KA . -29.80 7.31 35.10
C83 AJP KA . -25.70 10.87 36.84
O84 AJP KA . -26.11 10.26 34.22
C85 AJP KA . -25.63 9.91 32.91
C01 AJP LA . -29.94 -5.27 3.13
C02 AJP LA . -30.29 -6.40 4.09
C03 AJP LA . -30.43 -7.73 3.39
C04 AJP LA . -30.90 -8.83 4.35
C05 AJP LA . -32.12 -8.41 5.13
C06 AJP LA . -32.56 -9.38 6.24
C07 AJP LA . -34.10 -9.25 6.22
C08 AJP LA . -34.39 -8.28 5.07
O09 AJP LA . -33.23 -8.34 4.24
C10 AJP LA . -35.62 -8.78 4.30
C11 AJP LA . -36.22 -9.79 5.27
C12 AJP LA . -34.99 -10.49 5.93
C13 AJP LA . -35.51 -11.23 7.17
C14 AJP LA . -36.63 -12.22 6.82
C15 AJP LA . -37.78 -11.59 6.03
C16 AJP LA . -37.29 -10.80 4.81
C17 AJP LA . -38.45 -10.11 4.10
C18 AJP LA . -39.58 -11.07 3.75
C19 AJP LA . -40.07 -11.80 5.00
C20 AJP LA . -38.92 -12.59 5.68
C21 AJP LA . -39.51 -13.21 6.97
C22 AJP LA . -40.74 -14.08 6.72
C23 AJP LA . -41.83 -13.30 6.00
C24 AJP LA . -41.30 -12.68 4.72
O25 AJP LA . -42.91 -14.20 5.68
C26 AJP LA . -44.20 -13.66 5.69
C27 AJP LA . -44.82 -13.88 4.32
C28 AJP LA . -45.90 -14.94 4.41
C29 AJP LA . -46.98 -14.54 5.41
C30 AJP LA . -46.36 -13.95 6.67
O31 AJP LA . -44.97 -14.28 6.71
C32 AJP LA . -46.98 -14.47 7.94
O33 AJP LA . -48.37 -14.17 8.01
O34 AJP LA . -47.70 -15.73 5.76
C35 AJP LA . -48.90 -16.01 5.07
C36 AJP LA . -48.74 -17.33 4.33
C37 AJP LA . -49.57 -18.43 4.98
C38 AJP LA . -51.04 -18.06 5.10
C39 AJP LA . -51.19 -16.58 5.43
O40 AJP LA . -49.97 -16.07 6.00
C41 AJP LA . -52.29 -16.30 6.44
O42 AJP LA . -52.39 -14.91 6.73
O43 AJP LA . -51.71 -18.33 3.87
O44 AJP LA . -49.05 -18.68 6.29
O54 AJP LA . -49.17 -17.16 2.98
O77 AJP LA . -45.32 -16.19 4.79
O78 AJP LA . -45.37 -12.66 3.83
O79 AJP LA . -41.24 -14.59 7.95
C80 AJP LA . -38.41 -13.71 4.77
C81 AJP LA . -34.30 -11.47 4.96
O82 AJP LA . -35.28 -9.23 3.00
C83 AJP LA . -31.92 -9.15 7.60
O84 AJP LA . -31.92 -7.15 5.75
C85 AJP LA . -31.56 -6.10 4.84
C01 AJP MA . -39.63 30.85 20.72
C02 AJP MA . -38.94 32.06 21.35
C03 AJP MA . -39.53 32.42 22.70
C04 AJP MA . -40.11 33.84 22.70
C05 AJP MA . -41.00 34.09 21.51
C06 AJP MA . -41.51 35.53 21.36
C07 AJP MA . -42.92 35.34 20.76
C08 AJP MA . -43.09 33.81 20.69
O09 AJP MA . -42.18 33.31 21.67
C10 AJP MA . -44.53 33.48 21.08
C11 AJP MA . -45.23 34.84 21.01
C12 AJP MA . -44.17 35.85 21.52
C13 AJP MA . -44.66 37.25 21.13
C14 AJP MA . -46.07 37.54 21.68
C15 AJP MA . -47.11 36.48 21.30
C16 AJP MA . -46.63 35.06 21.64
C17 AJP MA . -47.64 34.01 21.15
C18 AJP MA . -49.05 34.28 21.68
C19 AJP MA . -49.50 35.69 21.31
C20 AJP MA . -48.53 36.77 21.85
C21 AJP MA . -49.03 38.14 21.34
C22 AJP MA . -50.42 38.20 20.68
C23 AJP MA . -51.45 37.37 21.44
C24 AJP MA . -50.96 35.95 21.69
O25 AJP MA . -51.72 38.02 22.70
C26 AJP MA . -52.68 39.05 22.66
C27 AJP MA . -54.02 38.47 23.12
C28 AJP MA . -54.68 39.42 24.11
C29 AJP MA . -54.60 40.85 23.61
C30 AJP MA . -53.14 41.27 23.39
O31 AJP MA . -52.28 40.12 23.50
C32 AJP MA . -52.64 42.27 24.40
O33 AJP MA . -51.29 42.62 24.17
O34 AJP MA . -55.19 41.71 24.60
C35 AJP MA . -56.59 41.79 24.62
C36 AJP MA . -57.00 43.19 25.06
C37 AJP MA . -58.22 43.66 24.29
C38 AJP MA . -59.23 42.54 24.05
C39 AJP MA . -58.56 41.37 23.34
O40 AJP MA . -57.13 41.51 23.34
C41 AJP MA . -58.99 41.24 21.89
O42 AJP MA . -60.39 41.03 21.78
O43 AJP MA . -59.78 42.10 25.29
O44 AJP MA . -57.81 44.18 23.02
O54 AJP MA . -57.34 43.14 26.45
O77 AJP MA . -54.06 39.31 25.39
O78 AJP MA . -54.86 38.27 22.00
O79 AJP MA . -50.38 37.85 19.29
C80 AJP MA . -48.53 36.78 23.39
C81 AJP MA . -43.98 35.77 23.05
O82 AJP MA . -44.60 32.77 22.32
C83 AJP MA . -40.61 36.47 20.57
O84 AJP MA . -40.35 33.75 20.30
C85 AJP MA . -39.00 33.26 20.44
C1 CLR NA . -11.51 16.73 20.30
C2 CLR NA . -10.74 17.92 20.85
C3 CLR NA . -9.26 17.62 21.03
C4 CLR NA . -9.01 16.21 21.57
C5 CLR NA . -10.27 15.56 22.10
C6 CLR NA . -10.29 15.05 23.33
C7 CLR NA . -11.52 14.54 24.01
C8 CLR NA . -12.67 14.23 23.06
C9 CLR NA . -12.75 15.29 21.94
C10 CLR NA . -11.43 15.43 21.14
C11 CLR NA . -13.98 15.05 21.05
C12 CLR NA . -15.27 14.93 21.84
C13 CLR NA . -15.21 13.86 22.93
C14 CLR NA . -13.99 14.20 23.80
C15 CLR NA . -14.12 13.30 25.02
C16 CLR NA . -15.64 13.36 25.30
C17 CLR NA . -16.34 13.87 24.02
C18 CLR NA . -15.08 12.46 22.32
C19 CLR NA . -11.17 14.23 20.22
C20 CLR NA . -17.68 13.14 23.79
C21 CLR NA . -18.49 13.63 22.59
C22 CLR NA . -18.54 13.26 25.06
C23 CLR NA . -19.90 12.56 25.00
C24 CLR NA . -21.07 13.54 25.10
C25 CLR NA . -22.01 13.55 23.89
C26 CLR NA . -22.67 12.19 23.71
C27 CLR NA . -23.07 14.64 23.97
O1 CLR NA . -8.61 17.82 19.79
P POV OA . 6.33 -16.98 4.17
C1 POV OA . 5.66 -19.53 4.26
C2 POV OA . 5.03 -20.57 3.33
C3 POV OA . 3.62 -20.25 2.89
C210 POV OA . -3.46 -26.93 7.60
C310 POV OA . -6.69 -23.96 6.91
O11 POV OA . 5.38 -18.24 3.78
C211 POV OA . -3.89 -28.35 7.84
C311 POV OA . -6.81 -25.12 5.92
O12 POV OA . 6.78 -16.56 2.63
C212 POV OA . -4.36 -28.56 9.27
C312 POV OA . -7.64 -26.27 6.46
O13 POV OA . 5.44 -15.91 4.71
C313 POV OA . -7.75 -27.45 5.50
O14 POV OA . 7.54 -17.43 4.92
C21 POV OA . 4.14 -22.30 4.79
O21 POV OA . 5.03 -21.91 3.88
C22 POV OA . 3.47 -23.58 4.36
O22 POV OA . 3.92 -21.71 5.82
C23 POV OA . 3.42 -24.68 5.43
C24 POV OA . 2.33 -24.43 6.47
C25 POV OA . 0.94 -24.30 5.87
C26 POV OA . 0.18 -25.62 5.83
C27 POV OA . 0.27 -26.41 7.13
C28 POV OA . -0.94 -27.28 7.40
C29 POV OA . -2.22 -26.48 7.42
C31 POV OA . 1.66 -20.06 4.20
O31 POV OA . 2.91 -19.64 3.97
C32 POV OA . 0.89 -19.05 4.99
O32 POV OA . 1.25 -21.13 3.81
C33 POV OA . -0.61 -19.07 4.78
C34 POV OA . -1.28 -20.14 5.63
C35 POV OA . -2.77 -20.24 5.42
C36 POV OA . -3.48 -21.05 6.50
C37 POV OA . -3.23 -22.54 6.40
C38 POV OA . -4.45 -23.32 5.90
C39 POV OA . -5.79 -22.83 6.46
C21 POV PA . -33.17 -6.29 23.66
O21 POV PA . -34.04 -5.36 24.03
C22 POV PA . -32.37 -5.84 22.46
C23 POV PA . -31.32 -6.84 22.00
C24 POV PA . -30.64 -6.39 20.71
C25 POV PA . -29.81 -7.48 20.06
C26 POV PA . -28.61 -7.89 20.90
C27 POV PA . -27.66 -8.82 20.16
C28 POV PA . -27.14 -8.20 18.85
C29 POV PA . -26.20 -9.11 18.13
P POV QA . -25.59 -24.28 22.56
C1 POV QA . -23.13 -25.04 21.97
C2 POV QA . -21.82 -24.47 21.43
C3 POV QA . -21.93 -23.94 20.02
C210 POV QA . -13.89 -20.05 17.83
O11 POV QA . -24.15 -24.10 21.81
C211 POV QA . -14.93 -19.12 18.37
O12 POV QA . -26.33 -25.21 21.41
C212 POV QA . -14.33 -17.75 18.70
O13 POV QA . -25.33 -25.14 23.76
C213 POV QA . -13.77 -17.04 17.49
O14 POV QA . -26.31 -22.98 22.68
C214 POV QA . -13.48 -15.57 17.74
C215 POV QA . -14.69 -14.78 18.19
C21 POV QA . -19.91 -25.50 22.42
O21 POV QA . -20.78 -25.45 21.41
C22 POV QA . -18.69 -26.28 22.04
O22 POV QA . -20.11 -24.99 23.49
C23 POV QA . -18.01 -25.78 20.77
C24 POV QA . -17.71 -24.29 20.85
C25 POV QA . -17.23 -23.69 19.53
C26 POV QA . -15.99 -24.39 19.00
C27 POV QA . -15.13 -23.48 18.13
C28 POV QA . -14.66 -22.23 18.89
C29 POV QA . -13.78 -21.36 18.04
C31 POV QA . -21.44 -25.52 18.33
O31 POV QA . -20.98 -24.63 19.21
C32 POV QA . -20.30 -26.21 17.64
O32 POV QA . -22.61 -25.72 18.13
C33 POV QA . -19.34 -25.29 16.90
C34 POV QA . -18.27 -26.09 16.17
C35 POV QA . -17.22 -25.25 15.48
C36 POV QA . -16.15 -26.09 14.80
C37 POV QA . -15.02 -25.27 14.19
C38 POV QA . -13.93 -26.15 13.59
C39 POV QA . -12.77 -25.36 12.99
C210 POV RA . -4.79 0.97 37.14
C211 POV RA . -6.27 1.00 36.87
C212 POV RA . -6.82 -0.39 36.56
C213 POV RA . -8.35 -0.42 36.52
C21 POV RA . 4.29 2.65 31.44
O21 POV RA . 5.35 2.09 31.36
C22 POV RA . 3.04 2.09 32.08
O22 POV RA . 4.07 3.87 30.96
C23 POV RA . 2.46 2.99 33.17
C24 POV RA . 1.31 2.29 33.89
C25 POV RA . 0.67 3.18 34.96
C26 POV RA . -0.09 2.39 36.01
C27 POV RA . -1.53 2.08 35.64
C28 POV RA . -2.38 1.67 36.85
C29 POV RA . -3.84 1.71 36.57
P POV SA . -17.86 -27.09 30.45
C1 POV SA . -18.04 -28.57 28.27
C2 POV SA . -17.16 -29.17 27.18
C3 POV SA . -16.17 -30.19 27.68
C310 POV SA . -2.91 -29.02 24.29
O11 POV SA . -17.27 -27.69 29.06
O12 POV SA . -18.63 -25.78 29.81
O13 POV SA . -18.90 -28.05 30.94
O14 POV SA . -16.76 -26.62 31.35
C21 POV SA . -16.38 -28.14 25.18
O21 POV SA . -16.40 -28.17 26.50
C22 POV SA . -15.11 -27.52 24.66
O22 POV SA . -17.28 -28.57 24.49
C23 POV SA . -14.98 -27.53 23.15
C24 POV SA . -13.65 -26.93 22.71
C25 POV SA . -13.49 -26.85 21.20
C26 POV SA . -12.18 -26.19 20.77
C27 POV SA . -10.96 -26.88 21.36
C28 POV SA . -9.65 -26.16 21.03
C29 POV SA . -8.46 -26.84 21.64
C31 POV SA . -13.99 -30.13 26.75
O31 POV SA . -14.86 -29.61 27.60
C32 POV SA . -12.67 -29.42 26.87
O32 POV SA . -14.24 -31.03 26.00
C33 POV SA . -11.68 -29.73 25.75
C34 POV SA . -10.29 -29.24 26.12
C35 POV SA . -9.26 -29.39 25.00
C36 POV SA . -7.84 -29.08 25.46
C37 POV SA . -6.82 -29.13 24.33
C38 POV SA . -5.39 -28.95 24.84
C39 POV SA . -4.34 -29.13 23.75
C01 AJP TA . -7.29 -23.01 20.19
C02 AJP TA . -8.20 -21.92 20.74
C03 AJP TA . -8.33 -22.00 22.26
C04 AJP TA . -9.35 -20.98 22.78
C05 AJP TA . -10.67 -21.07 22.05
C06 AJP TA . -11.69 -19.97 22.41
C07 AJP TA . -13.03 -20.73 22.42
C08 AJP TA . -12.66 -22.17 22.01
O09 AJP TA . -11.30 -22.29 22.40
C10 AJP TA . -13.53 -23.14 22.82
C11 AJP TA . -14.59 -22.21 23.44
C12 AJP TA . -13.83 -20.90 23.75
C13 AJP TA . -14.89 -19.82 24.02
C14 AJP TA . -15.84 -20.22 25.14
C15 AJP TA . -16.51 -21.59 24.92
C16 AJP TA . -15.47 -22.69 24.61
C17 AJP TA . -16.16 -24.02 24.30
C18 AJP TA . -17.14 -24.44 25.39
C19 AJP TA . -18.16 -23.34 25.65
C20 AJP TA . -17.48 -22.00 26.06
C21 AJP TA . -18.59 -20.95 26.22
C22 AJP TA . -20.05 -21.42 26.17
C23 AJP TA . -20.27 -22.70 26.98
C24 AJP TA . -19.25 -23.77 26.63
O25 AJP TA . -20.18 -22.38 28.39
C26 AJP TA . -21.17 -22.95 29.21
C27 AJP TA . -21.26 -22.13 30.49
C28 AJP TA . -22.71 -21.71 30.74
C29 AJP TA . -23.63 -22.91 30.60
C30 AJP TA . -23.47 -23.58 29.26
O31 AJP TA . -22.40 -22.94 28.52
C32 AJP TA . -24.70 -23.50 28.39
O33 AJP TA . -25.07 -22.16 28.11
O34 AJP TA . -24.98 -22.43 30.74
C35 AJP TA . -25.69 -22.80 31.91
C36 AJP TA . -26.47 -24.06 31.63
C37 AJP TA . -26.46 -24.98 32.84
C38 AJP TA . -26.58 -24.21 34.15
C39 AJP TA . -25.46 -23.17 34.25
O40 AJP TA . -24.80 -23.00 32.98
C41 AJP TA . -24.39 -23.55 35.25
O42 AJP TA . -24.92 -23.70 36.56
O43 AJP TA . -27.83 -23.56 34.24
O44 AJP TA . -25.24 -25.73 32.85
O54 AJP TA . -27.83 -23.70 31.36
O77 AJP TA . -23.08 -20.69 29.82
O78 AJP TA . -20.78 -22.89 31.58
O79 AJP TA . -20.54 -21.57 24.83
C80 AJP TA . -16.74 -22.16 27.40
C81 AJP TA . -12.90 -21.04 24.96
O82 AJP TA . -12.75 -23.92 23.72
C83 AJP TA . -11.67 -18.75 21.50
O84 AJP TA . -10.47 -21.00 20.65
C85 AJP TA . -9.58 -22.01 20.14
C01 AJP UA . -0.12 -28.57 14.87
C02 AJP UA . -0.96 -28.24 13.64
C03 AJP UA . -0.58 -29.10 12.44
C04 AJP UA . -0.04 -28.26 11.28
C05 AJP UA . 1.01 -27.26 11.76
C06 AJP UA . 1.55 -26.31 10.69
C07 AJP UA . 3.02 -26.13 11.08
C08 AJP UA . 3.17 -27.01 12.34
O09 AJP UA . 2.15 -27.98 12.21
C10 AJP UA . 4.55 -27.66 12.30
C11 AJP UA . 5.27 -26.91 11.18
C12 AJP UA . 4.15 -26.63 10.14
C13 AJP UA . 4.70 -25.58 9.17
C14 AJP UA . 6.01 -26.03 8.51
C15 AJP UA . 7.09 -26.43 9.54
C16 AJP UA . 6.56 -27.46 10.55
C17 AJP UA . 7.62 -27.76 11.61
C18 AJP UA . 8.96 -28.18 10.99
C19 AJP UA . 9.46 -27.12 10.02
C20 AJP UA . 8.44 -26.87 8.88
C21 AJP UA . 8.99 -25.74 7.99
C22 AJP UA . 10.40 -26.01 7.48
C23 AJP UA . 11.37 -26.29 8.63
C24 AJP UA . 10.87 -27.42 9.50
O25 AJP UA . 12.67 -26.62 8.08
C26 AJP UA . 13.65 -25.63 8.24
C27 AJP UA . 15.02 -26.30 8.05
C28 AJP UA . 16.12 -25.25 8.10
C29 AJP UA . 15.82 -24.14 7.10
C30 AJP UA . 14.44 -23.56 7.34
O31 AJP UA . 13.47 -24.61 7.27
C32 AJP UA . 14.02 -22.51 6.33
O33 AJP UA . 13.88 -23.08 5.03
O34 AJP UA . 15.86 -24.71 5.79
C35 AJP UA . 16.93 -24.35 4.93
C36 AJP UA . 17.66 -25.61 4.49
C37 AJP UA . 16.84 -26.44 3.51
C38 AJP UA . 15.79 -25.61 2.77
C39 AJP UA . 16.30 -24.19 2.59
O40 AJP UA . 16.45 -23.54 3.87
C41 AJP UA . 15.36 -23.32 1.77
O42 AJP UA . 14.08 -23.23 2.38
O43 AJP UA . 15.53 -26.19 1.49
O44 AJP UA . 16.13 -27.43 4.27
O54 AJP UA . 18.92 -25.27 3.89
O77 AJP UA . 17.38 -25.84 7.82
O78 AJP UA . 15.23 -27.26 9.06
O79 AJP UA . 10.86 -24.89 6.71
C80 AJP UA . 8.25 -28.14 8.02
C81 AJP UA . 3.74 -27.90 9.37
O82 AJP UA . 4.46 -29.08 12.19
C83 AJP UA . 0.77 -25.00 10.53
O84 AJP UA . 0.49 -26.45 12.81
C85 AJP UA . -0.83 -26.78 13.25
C01 AJP VA . 5.18 -33.51 25.89
C02 AJP VA . 5.03 -32.12 25.27
C03 AJP VA . 5.14 -32.15 23.76
C04 AJP VA . 6.59 -32.00 23.29
C05 AJP VA . 7.18 -30.68 23.75
C06 AJP VA . 7.26 -29.58 22.70
C07 AJP VA . 8.54 -28.81 23.10
C08 AJP VA . 9.10 -29.61 24.28
O09 AJP VA . 8.53 -30.91 24.14
C10 AJP VA . 10.63 -29.67 24.15
C11 AJP VA . 10.91 -28.58 23.10
C12 AJP VA . 9.72 -28.68 22.10
C13 AJP VA . 9.74 -27.39 21.25
C14 AJP VA . 11.08 -27.17 20.57
C15 AJP VA . 12.28 -27.20 21.53
C16 AJP VA . 12.28 -28.46 22.41
C17 AJP VA . 13.42 -28.41 23.42
C18 AJP VA . 14.78 -28.16 22.77
C19 AJP VA . 14.74 -26.88 21.95
C20 AJP VA . 13.65 -26.94 20.85
C21 AJP VA . 13.64 -25.58 20.13
C22 AJP VA . 15.01 -25.14 19.61
C23 AJP VA . 16.04 -25.14 20.71
C24 AJP VA . 16.11 -26.49 21.41
O25 AJP VA . 17.34 -24.77 20.18
C26 AJP VA . 17.89 -25.66 19.24
C27 AJP VA . 18.35 -24.86 18.02
C28 AJP VA . 19.52 -23.94 18.36
C29 AJP VA . 20.43 -24.53 19.42
C30 AJP VA . 20.30 -26.04 19.49
O31 AJP VA . 18.94 -26.41 19.83
C32 AJP VA . 21.20 -26.67 20.53
O33 AJP VA . 21.04 -28.08 20.57
O34 AJP VA . 20.11 -23.94 20.69
O77 AJP VA . 19.03 -22.66 18.77
O78 AJP VA . 18.63 -25.71 16.92
O79 AJP VA . 14.91 -23.85 19.01
C80 AJP VA . 13.98 -28.05 19.83
C81 AJP VA . 9.83 -29.92 21.20
O82 AJP VA . 11.09 -30.99 23.87
C83 AJP VA . 6.01 -28.72 22.58
O84 AJP VA . 6.45 -30.17 24.86
C85 AJP VA . 6.08 -31.17 25.82
C01 AJP WA . -8.75 -6.32 45.58
C02 AJP WA . -9.28 -6.90 44.27
C03 AJP WA . -8.24 -7.77 43.58
C04 AJP WA . -7.85 -7.22 42.22
C05 AJP WA . -7.52 -5.74 42.30
C06 AJP WA . -7.19 -5.07 40.95
C07 AJP WA . -6.14 -4.01 41.34
C08 AJP WA . -5.94 -4.22 42.85
O09 AJP WA . -6.34 -5.57 43.07
C10 AJP WA . -4.45 -4.06 43.17
C11 AJP WA . -3.89 -3.41 41.89
C12 AJP WA . -4.70 -4.08 40.75
C13 AJP WA . -4.48 -3.24 39.48
C14 AJP WA . -2.98 -3.10 39.15
C15 AJP WA . -2.13 -2.58 40.32
C16 AJP WA . -2.38 -3.37 41.61
C17 AJP WA . -1.60 -2.76 42.77
C18 AJP WA . -0.11 -2.60 42.46
C19 AJP WA . 0.09 -1.79 41.18
C20 AJP WA . -0.62 -2.44 39.98
C21 AJP WA . -0.42 -1.52 38.77
C22 AJP WA . 1.05 -1.23 38.47
C23 AJP WA . 1.77 -0.64 39.68
C24 AJP WA . 1.58 -1.51 40.91
O25 AJP WA . 3.17 -0.55 39.37
C26 AJP WA . 3.90 0.44 40.06
C27 AJP WA . 5.33 -0.04 40.19
C28 AJP WA . 6.17 1.03 40.87
C29 AJP WA . 6.04 2.34 40.12
C30 AJP WA . 4.57 2.73 39.99
O31 AJP WA . 3.85 1.66 39.35
C32 AJP WA . 4.35 3.97 39.16
O33 AJP WA . 5.02 5.09 39.71
O34 AJP WA . 6.58 2.13 38.80
C35 AJP WA . 7.82 2.72 38.50
C36 AJP WA . 8.50 1.88 37.43
C37 AJP WA . 9.80 2.55 36.99
C38 AJP WA . 9.57 4.01 36.60
C39 AJP WA . 8.86 4.72 37.73
O40 AJP WA . 7.63 4.05 38.03
C41 AJP WA . 8.50 6.15 37.39
O42 AJP WA . 7.83 6.79 38.46
O43 AJP WA . 10.82 4.64 36.35
O44 AJP WA . 10.28 1.86 35.83
O54 AJP WA . 8.82 0.61 37.98
C55 AJP WA . 8.06 -0.50 37.57
C56 AJP WA . 8.56 -0.98 36.22
C57 AJP WA . 9.29 -2.31 36.35
C58 AJP WA . 10.18 -2.31 37.58
C59 AJP WA . 9.30 -2.19 38.83
O60 AJP WA . 8.04 -1.56 38.52
C61 AJP WA . 9.95 -1.44 39.97
O62 AJP WA . 11.30 -1.86 40.16
O63 AJP WA . 11.14 -1.26 37.55
O64 AJP WA . 10.16 -2.44 35.20
O76 AJP WA . 7.48 -1.10 35.30
O77 AJP WA . 7.54 0.61 40.94
O78 AJP WA . 5.37 -1.24 40.96
O79 AJP WA . 1.17 -0.35 37.35
C80 AJP WA . -0.01 -3.82 39.66
C81 AJP WA . -4.26 -5.54 40.50
O82 AJP WA . -3.85 -5.27 43.60
C83 AJP WA . -8.40 -4.51 40.20
O84 AJP WA . -8.59 -5.01 42.88
C85 AJP WA . -9.70 -5.80 43.33
C01 AJP XA . -10.79 -3.05 32.36
C02 AJP XA . -10.31 -1.62 32.29
C03 AJP XA . -10.16 -1.14 30.84
C04 AJP XA . -8.72 -1.33 30.33
C05 AJP XA . -7.73 -0.55 31.17
C06 AJP XA . -7.34 0.83 30.61
C07 AJP XA . -5.85 0.96 31.00
C08 AJP XA . -5.55 -0.36 31.72
O09 AJP XA . -6.50 -1.28 31.20
C10 AJP XA . -4.13 -0.80 31.31
C11 AJP XA . -3.56 0.46 30.65
C12 AJP XA . -4.76 1.08 29.90
C13 AJP XA . -4.36 2.52 29.53
C14 AJP XA . -3.08 2.55 28.69
C15 AJP XA . -1.90 1.81 29.35
C16 AJP XA . -2.29 0.39 29.78
C17 AJP XA . -1.13 -0.28 30.52
C18 AJP XA . 0.17 -0.25 29.71
C19 AJP XA . 0.53 1.18 29.32
C20 AJP XA . -0.59 1.85 28.50
C21 AJP XA . -0.17 3.30 28.24
C22 AJP XA . 1.21 3.44 27.58
C23 AJP XA . 2.28 2.71 28.37
C24 AJP XA . 1.90 1.27 28.64
O25 AJP XA . 3.58 2.77 27.72
C26 AJP XA . 3.60 2.76 26.31
C27 AJP XA . 5.01 3.17 25.86
C28 AJP XA . 5.66 2.02 25.10
C29 AJP XA . 4.79 1.61 23.92
C30 AJP XA . 3.34 1.41 24.36
O31 AJP XA . 3.26 1.48 25.80
C32 AJP XA . 2.76 0.08 23.95
O33 AJP XA . 1.41 -0.04 24.36
O34 AJP XA . 5.31 0.36 23.42
O77 AJP XA . 5.87 0.92 25.97
O78 AJP XA . 4.94 4.33 25.04
O79 AJP XA . 1.53 4.84 27.48
C80 AJP XA . -0.79 1.14 27.15
C81 AJP XA . -5.14 0.29 28.64
O82 AJP XA . -4.14 -2.00 30.55
C83 AJP XA . -8.22 1.98 31.08
O84 AJP XA . -8.21 -0.35 32.48
C85 AJP XA . -8.97 -1.46 32.99
C01 AJP YA . -7.84 -33.21 22.13
C02 AJP YA . -7.22 -34.18 23.12
C03 AJP YA . -7.08 -35.58 22.54
C04 AJP YA . -8.33 -36.43 22.78
C05 AJP YA . -8.60 -36.59 24.26
C06 AJP YA . -8.18 -37.92 24.88
C07 AJP YA . -9.24 -38.17 25.98
C08 AJP YA . -10.21 -36.97 25.81
O09 AJP YA . -10.01 -36.54 24.47
C10 AJP YA . -11.63 -37.49 26.01
C11 AJP YA . -11.42 -38.87 26.63
C12 AJP YA . -10.15 -39.42 25.93
C13 AJP YA . -9.65 -40.62 26.75
C14 AJP YA . -10.74 -41.68 26.92
C15 AJP YA . -12.06 -41.13 27.50
C16 AJP YA . -12.56 -39.90 26.72
C17 AJP YA . -13.80 -39.32 27.38
C18 AJP YA . -14.91 -40.36 27.58
C19 AJP YA . -14.37 -41.55 28.39
C20 AJP YA . -13.16 -42.21 27.69
C21 AJP YA . -12.66 -43.33 28.62
C22 AJP YA . -13.74 -44.34 28.99
C23 AJP YA . -14.94 -43.65 29.63
C24 AJP YA . -15.48 -42.55 28.74
O25 AJP YA . -15.97 -44.63 29.87
C26 AJP YA . -16.23 -44.94 31.22
C27 AJP YA . -17.15 -43.86 31.79
C28 AJP YA . -18.52 -44.43 32.11
C29 AJP YA . -18.99 -45.35 30.99
C30 AJP YA . -18.05 -46.53 30.84
O31 AJP YA . -16.75 -46.24 31.42
C32 AJP YA . -17.84 -46.99 29.42
O33 AJP YA . -16.96 -48.11 29.37
O34 AJP YA . -19.04 -44.60 29.76
O77 AJP YA . -19.46 -43.36 32.28
O78 AJP YA . -16.57 -43.30 32.97
O79 AJP YA . -13.20 -45.32 29.89
C80 AJP YA . -13.58 -42.81 26.33
C81 AJP YA . -10.44 -39.85 24.47
O82 AJP YA . -12.39 -37.42 24.81
C83 AJP YA . -6.74 -37.97 25.38
O84 AJP YA . -7.97 -35.56 25.01
C85 AJP YA . -8.05 -34.26 24.39
C01 AJP ZA . -26.28 -8.21 13.29
C02 AJP ZA . -26.98 -9.37 12.62
C03 AJP ZA . -28.00 -8.92 11.59
C04 AJP ZA . -28.78 -10.10 11.01
C05 AJP ZA . -29.36 -10.98 12.10
C06 AJP ZA . -30.04 -12.26 11.62
C07 AJP ZA . -31.20 -12.45 12.62
C08 AJP ZA . -31.11 -11.21 13.52
O09 AJP ZA . -30.40 -10.25 12.76
C10 AJP ZA . -32.54 -10.72 13.80
C11 AJP ZA . -33.40 -11.91 13.37
C12 AJP ZA . -32.67 -12.48 12.12
C13 AJP ZA . -33.25 -13.89 11.87
C14 AJP ZA . -34.76 -13.86 11.71
C15 AJP ZA . -35.50 -13.16 12.86
C16 AJP ZA . -34.92 -11.77 13.16
C17 AJP ZA . -35.61 -11.14 14.37
C18 AJP ZA . -37.12 -11.11 14.22
C19 AJP ZA . -37.67 -12.51 13.97
C20 AJP ZA . -37.05 -13.14 12.70
C21 AJP ZA . -37.59 -14.58 12.59
C22 AJP ZA . -39.13 -14.65 12.59
C23 AJP ZA . -39.71 -13.97 13.82
C24 AJP ZA . -39.19 -12.55 13.96
O25 AJP ZA . -41.15 -13.97 13.70
C26 AJP ZA . -41.86 -14.09 14.90
C27 AJP ZA . -42.77 -12.87 15.04
C28 AJP ZA . -44.23 -13.28 14.79
C29 AJP ZA . -44.65 -14.34 15.79
C30 AJP ZA . -43.57 -15.39 15.96
O31 AJP ZA . -42.62 -15.28 14.88
C32 AJP ZA . -44.08 -16.82 15.94
O33 AJP ZA . -45.01 -17.04 17.00
O34 AJP ZA . -45.83 -14.97 15.25
C35 AJP ZA . -47.08 -14.52 15.71
C36 AJP ZA . -47.84 -13.97 14.51
C37 AJP ZA . -48.99 -14.89 14.12
C38 AJP ZA . -49.94 -15.17 15.28
C39 AJP ZA . -49.16 -15.31 16.59
O40 AJP ZA . -47.78 -15.60 16.30
C41 AJP ZA . -49.67 -16.41 17.48
O42 AJP ZA . -48.91 -16.51 18.68
O43 AJP ZA . -50.88 -14.12 15.41
O44 AJP ZA . -48.45 -16.14 13.66
O54 AJP ZA . -48.38 -12.69 14.86
O77 AJP ZA . -44.38 -13.76 13.46
O78 AJP ZA . -42.63 -12.28 16.32
O79 AJP ZA . -39.55 -16.00 12.52
C80 AJP ZA . -37.46 -12.35 11.45
C81 AJP ZA . -32.86 -11.59 10.88
O82 AJP ZA . -32.79 -9.46 13.18
C83 AJP ZA . -29.12 -13.47 11.49
O84 AJP ZA . -28.36 -11.34 13.03
C85 AJP ZA . -27.68 -10.24 13.64
C01 AJP AB . -10.04 -21.16 49.05
C02 AJP AB . -8.67 -21.48 49.67
C03 AJP AB . -8.65 -22.82 50.36
C04 AJP AB . -8.31 -22.68 51.85
C05 AJP AB . -9.15 -21.61 52.53
C06 AJP AB . -8.80 -21.31 53.98
C07 AJP AB . -10.15 -20.97 54.62
C08 AJP AB . -11.16 -21.17 53.47
O09 AJP AB . -10.50 -22.07 52.58
C10 AJP AB . -12.41 -21.82 54.04
C11 AJP AB . -12.24 -21.64 55.56
C12 AJP AB . -10.71 -21.81 55.79
C13 AJP AB . -10.41 -21.28 57.20
C14 AJP AB . -11.25 -21.96 58.27
C15 AJP AB . -12.76 -21.94 57.99
C16 AJP AB . -13.10 -22.43 56.57
C17 AJP AB . -14.59 -22.29 56.28
C18 AJP AB . -15.45 -22.96 57.35
C19 AJP AB . -15.12 -22.43 58.74
C20 AJP AB . -13.62 -22.64 59.08
C21 AJP AB . -13.37 -21.99 60.46
C22 AJP AB . -14.59 -21.54 61.27
C23 AJP AB . -15.71 -22.58 61.23
C24 AJP AB . -16.06 -22.97 59.81
O25 AJP AB . -15.29 -23.74 61.98
C26 AJP AB . -15.48 -23.68 63.36
C27 AJP AB . -16.76 -24.45 63.71
C28 AJP AB . -16.53 -25.37 64.90
C29 AJP AB . -15.77 -24.62 65.99
C30 AJP AB . -14.45 -24.08 65.48
O31 AJP AB . -14.38 -24.24 64.05
C32 AJP AB . -13.25 -24.79 66.06
O33 AJP AB . -12.04 -24.27 65.53
O34 AJP AB . -15.53 -25.54 67.06
C35 AJP AB . -16.59 -25.80 67.95
C36 AJP AB . -16.03 -26.05 69.34
C37 AJP AB . -16.93 -25.45 70.41
C38 AJP AB . -18.41 -25.60 70.07
C39 AJP AB . -18.71 -25.01 68.71
O40 AJP AB . -17.50 -24.72 68.00
C41 AJP AB . -19.48 -23.70 68.79
O42 AJP AB . -20.74 -23.89 69.42
O43 AJP AB . -18.77 -26.98 70.08
O44 AJP AB . -16.63 -24.05 70.53
O54 AJP AB . -15.96 -27.47 69.56
O77 AJP AB . -15.78 -26.51 64.49
O78 AJP AB . -17.82 -23.54 63.99
O79 AJP AB . -15.05 -20.24 60.91
C80 AJP AB . -13.27 -24.14 59.16
C81 AJP AB . -10.28 -23.29 55.68
O82 AJP AB . -12.59 -23.16 53.57
C83 AJP AB . -7.72 -20.25 54.19
O84 AJP AB . -9.09 -20.38 51.82
C85 AJP AB . -8.26 -20.40 50.64
C1 CLR BB . 4.44 -18.90 21.20
C2 CLR BB . 5.85 -19.13 21.73
C3 CLR BB . 6.89 -19.13 20.63
C4 CLR BB . 6.39 -19.84 19.36
C5 CLR BB . 5.15 -20.64 19.59
C6 CLR BB . 5.08 -21.92 19.24
C7 CLR BB . 3.95 -22.85 19.55
C8 CLR BB . 2.67 -22.11 19.94
C9 CLR BB . 2.97 -20.89 20.81
C10 CLR BB . 3.95 -19.89 20.14
C11 CLR BB . 1.68 -20.23 21.29
C12 CLR BB . 0.73 -21.22 21.99
C13 CLR BB . 0.39 -22.43 21.11
C14 CLR BB . 1.74 -23.04 20.72
C15 CLR BB . 1.37 -24.38 20.10
C16 CLR BB . 0.24 -24.88 21.03
C17 CLR BB . -0.28 -23.65 21.82
C18 CLR BB . -0.41 -22.02 19.88
C19 CLR BB . 3.28 -19.12 18.98
C20 CLR BB . -1.81 -23.74 22.00
C21 CLR BB . -2.42 -22.61 22.83
C22 CLR BB . -2.17 -25.09 22.64
C23 CLR BB . -3.66 -25.33 22.87
C24 CLR BB . -4.03 -25.45 24.35
C25 CLR BB . -5.02 -24.40 24.85
C26 CLR BB . -6.36 -24.54 24.14
C27 CLR BB . -5.22 -24.47 26.36
O1 CLR BB . 7.25 -17.79 20.36
P POV CB . -3.63 -5.80 -17.30
C1 POV CB . -5.58 -6.39 -18.97
C2 POV CB . -6.87 -5.74 -19.50
C3 POV CB . -7.92 -5.46 -18.42
C210 POV CB . -16.34 -12.14 -19.51
C310 POV CB . -17.40 -11.46 -15.26
O11 POV CB . -5.18 -5.76 -17.79
C211 POV CB . -17.44 -12.65 -20.40
C311 POV CB . -18.35 -10.69 -16.16
O12 POV CB . -3.35 -4.16 -17.33
C212 POV CB . -17.64 -14.15 -20.23
C312 POV CB . -19.55 -11.52 -16.59
O13 POV CB . -3.62 -6.24 -15.88
C313 POV CB . -20.50 -10.78 -17.53
O14 POV CB . -2.75 -6.45 -18.33
C21 POV CB . -8.24 -7.57 -20.31
O21 POV CB . -7.50 -6.49 -20.55
C22 POV CB . -9.59 -7.46 -20.98
O22 POV CB . -7.87 -8.51 -19.64
C23 POV CB . -10.02 -8.68 -21.78
C24 POV CB . -10.53 -9.81 -20.88
C25 POV CB . -11.72 -9.40 -20.00
C26 POV CB . -13.07 -9.66 -20.65
C27 POV CB . -13.16 -11.05 -21.28
C28 POV CB . -14.57 -11.63 -21.26
C29 POV CB . -15.13 -11.72 -19.87
C31 POV CB . -9.08 -7.00 -17.07
O31 POV CB . -7.91 -6.52 -17.46
C32 POV CB . -8.96 -7.72 -15.76
O32 POV CB . -10.10 -6.86 -17.71
C33 POV CB . -10.22 -7.74 -14.91
C34 POV CB . -11.17 -8.84 -15.35
C35 POV CB . -12.47 -8.85 -14.56
C36 POV CB . -13.27 -10.14 -14.77
C37 POV CB . -13.94 -10.24 -16.14
C38 POV CB . -15.45 -10.05 -16.08
C39 POV CB . -16.13 -10.71 -14.88
P POV DB . -29.46 -29.54 -3.79
C1 POV DB . -28.04 -28.72 -5.87
C2 POV DB . -26.79 -27.91 -6.19
C3 POV DB . -26.87 -26.46 -5.77
C210 POV DB . -18.71 -22.58 -7.43
O11 POV DB . -28.37 -28.56 -4.51
C211 POV DB . -18.91 -23.11 -6.05
O12 POV DB . -30.81 -28.66 -4.16
C212 POV DB . -17.59 -23.14 -5.27
O13 POV DB . -29.49 -30.80 -4.58
C213 POV DB . -16.98 -21.74 -5.09
O14 POV DB . -29.28 -29.56 -2.30
C214 POV DB . -15.86 -21.71 -4.06
C215 POV DB . -16.30 -22.20 -2.68
C21 POV DB . -25.62 -28.79 -8.07
O21 POV DB . -26.49 -27.91 -7.59
C22 POV DB . -25.15 -28.38 -9.44
O22 POV DB . -25.26 -29.77 -7.47
C23 POV DB . -24.61 -26.96 -9.51
C24 POV DB . -23.51 -26.75 -8.46
C25 POV DB . -23.08 -25.30 -8.34
C26 POV DB . -22.59 -24.71 -9.65
C27 POV DB . -21.57 -23.59 -9.47
C28 POV DB . -20.32 -24.07 -8.70
C29 POV DB . -19.30 -22.98 -8.56
C31 POV DB . -27.71 -25.00 -7.44
O31 POV DB . -26.67 -25.66 -6.93
C32 POV DB . -27.32 -24.28 -8.70
O32 POV DB . -28.81 -25.00 -6.94
C33 POV DB . -26.21 -23.26 -8.53
C34 POV DB . -25.93 -22.55 -9.84
C35 POV DB . -24.79 -21.54 -9.79
C36 POV DB . -24.50 -20.91 -11.14
C37 POV DB . -23.31 -19.97 -11.13
C38 POV DB . -22.99 -19.42 -12.52
C39 POV DB . -21.79 -18.48 -12.55
C21 POV EB . -25.14 -28.88 15.23
O21 POV EB . -25.23 -29.21 16.52
C22 POV EB . -24.51 -27.52 15.08
C23 POV EB . -24.32 -27.09 13.64
C24 POV EB . -23.81 -25.66 13.55
C25 POV EB . -23.88 -25.07 12.15
C26 POV EB . -22.97 -25.78 11.15
C27 POV EB . -22.88 -25.06 9.82
C28 POV EB . -22.40 -23.62 9.97
C29 POV EB . -22.31 -22.91 8.64
C210 POV FB . 4.44 -36.83 5.20
C211 POV FB . 3.23 -36.76 6.08
C212 POV FB . 1.94 -36.76 5.26
C213 POV FB . 0.69 -36.96 6.11
C21 POV FB . 11.46 -29.70 1.02
O21 POV FB . 11.97 -29.56 -0.07
C22 POV FB . 10.29 -30.59 1.32
O22 POV FB . 11.88 -29.08 2.10
C23 POV FB . 10.55 -31.59 2.44
C24 POV FB . 9.39 -32.57 2.59
C25 POV FB . 9.61 -33.56 3.73
C26 POV FB . 8.78 -34.83 3.58
C27 POV FB . 7.37 -34.72 4.14
C28 POV FB . 6.72 -36.08 4.35
C29 POV FB . 5.51 -36.02 5.23
P POV GB . -23.19 -36.56 -10.26
C1 POV GB . -24.62 -34.69 -11.45
C2 POV GB . -24.48 -33.59 -12.50
C3 POV GB . -24.16 -34.09 -13.88
C310 POV GB . -13.61 -28.68 -20.80
O11 POV GB . -23.35 -35.22 -11.15
O12 POV GB . -23.21 -35.85 -8.76
O13 POV GB . -24.47 -37.35 -10.41
O14 POV GB . -21.87 -37.22 -10.48
C21 POV GB . -23.70 -31.35 -12.21
O21 POV GB . -23.45 -32.66 -12.16
C22 POV GB . -22.44 -30.58 -12.46
O22 POV GB . -24.79 -30.88 -12.06
C23 POV GB . -22.65 -29.08 -12.61
C24 POV GB . -21.33 -28.36 -12.91
C25 POV GB . -21.48 -26.85 -12.99
C26 POV GB . -20.15 -26.15 -13.25
C27 POV GB . -19.44 -26.65 -14.51
C28 POV GB . -18.06 -26.03 -14.69
C29 POV GB . -17.36 -26.56 -15.90
C31 POV GB . -22.58 -32.87 -15.14
O31 POV GB . -22.82 -33.74 -14.17
C32 POV GB . -21.10 -32.67 -15.32
O32 POV GB . -23.44 -32.31 -15.77
C33 POV GB . -20.72 -31.50 -16.20
C34 POV GB . -19.25 -31.57 -16.60
C35 POV GB . -18.75 -30.36 -17.37
C36 POV GB . -17.34 -30.55 -17.92
C37 POV GB . -16.78 -29.31 -18.60
C38 POV GB . -15.44 -29.56 -19.28
C39 POV GB . -14.92 -28.38 -20.08
C01 AJP HB . -14.54 -24.40 -13.52
C02 AJP HB . -14.54 -24.89 -12.08
C03 AJP HB . -14.38 -26.40 -11.99
C04 AJP HB . -14.52 -26.89 -10.55
C05 AJP HB . -15.78 -26.37 -9.89
C06 AJP HB . -15.93 -26.70 -8.40
C07 AJP HB . -17.42 -27.02 -8.24
C08 AJP HB . -18.00 -26.81 -9.64
O09 AJP HB . -16.90 -27.01 -10.51
C10 AJP HB . -19.07 -27.88 -9.89
C11 AJP HB . -19.29 -28.48 -8.51
C12 AJP HB . -17.88 -28.46 -7.85
C13 AJP HB . -18.07 -28.70 -6.35
C14 AJP HB . -18.83 -30.00 -6.07
C15 AJP HB . -20.17 -30.10 -6.83
C16 AJP HB . -20.01 -29.83 -8.32
C17 AJP HB . -21.37 -29.84 -9.03
C18 AJP HB . -22.16 -31.11 -8.75
C19 AJP HB . -22.32 -31.34 -7.25
C20 AJP HB . -20.95 -31.42 -6.54
C21 AJP HB . -21.21 -31.56 -5.02
C22 AJP HB . -22.67 -31.81 -4.58
C23 AJP HB . -23.38 -32.84 -5.45
C24 AJP HB . -23.23 -32.52 -6.93
O25 AJP HB . -22.83 -34.15 -5.18
C26 AJP HB . -23.78 -35.18 -5.02
C27 AJP HB . -23.12 -36.30 -4.24
C28 AJP HB . -23.99 -36.69 -3.05
C29 AJP HB . -25.43 -36.89 -3.49
C30 AJP HB . -25.96 -35.65 -4.21
O31 AJP HB . -24.91 -34.68 -4.34
C32 AJP HB . -27.09 -34.97 -3.46
O33 AJP HB . -26.69 -34.55 -2.17
O34 AJP HB . -26.22 -37.14 -2.32
C35 AJP HB . -26.74 -38.43 -2.14
C36 AJP HB . -28.14 -38.49 -2.76
C37 AJP HB . -28.38 -39.82 -3.44
C38 AJP HB . -27.76 -40.99 -2.68
C39 AJP HB . -26.27 -40.76 -2.45
O40 AJP HB . -25.91 -39.39 -2.76
C41 AJP HB . -25.41 -41.64 -3.31
O42 AJP HB . -25.64 -43.02 -3.05
O43 AJP HB . -28.41 -41.15 -1.42
O44 AJP HB . -27.80 -39.77 -4.76
O54 AJP HB . -29.10 -38.35 -1.69
O77 AJP HB . -23.92 -35.69 -2.05
O78 AJP HB . -22.93 -37.44 -5.09
O79 AJP HB . -23.42 -30.59 -4.48
C80 AJP HB . -20.14 -32.65 -7.02
C81 AJP HB . -16.94 -29.53 -8.45
O82 AJP HB . -18.69 -28.77 -10.94
C83 AJP HB . -15.41 -25.61 -7.46
O84 AJP HB . -15.89 -24.97 -10.03
C85 AJP HB . -15.84 -24.50 -11.39
C01 AJP IB . -13.06 -19.00 -22.47
C02 AJP IB . -13.81 -17.86 -21.77
C03 AJP IB . -14.24 -16.78 -22.74
C04 AJP IB . -13.57 -15.44 -22.42
C05 AJP IB . -12.08 -15.59 -22.20
C06 AJP IB . -11.34 -14.31 -21.79
C07 AJP IB . -9.97 -14.46 -22.49
C08 AJP IB . -10.08 -15.80 -23.23
O09 AJP IB . -11.48 -15.97 -23.43
C10 AJP IB . -9.35 -15.67 -24.57
C11 AJP IB . -8.59 -14.36 -24.42
C12 AJP IB . -9.54 -13.44 -23.59
C13 AJP IB . -8.71 -12.25 -23.10
C14 AJP IB . -8.04 -11.50 -24.26
C15 AJP IB . -7.21 -12.41 -25.17
C16 AJP IB . -8.00 -13.64 -25.65
C17 AJP IB . -7.10 -14.57 -26.47
C18 AJP IB . -6.39 -13.83 -27.61
C19 AJP IB . -5.60 -12.64 -27.08
C20 AJP IB . -6.51 -11.64 -26.34
C21 AJP IB . -5.61 -10.53 -25.78
C22 AJP IB . -4.74 -9.85 -26.85
C23 AJP IB . -3.89 -10.88 -27.58
C24 AJP IB . -4.75 -11.98 -28.17
O25 AJP IB . -3.15 -10.21 -28.63
C26 AJP IB . -1.77 -10.06 -28.39
C27 AJP IB . -1.09 -9.80 -29.74
C28 AJP IB . 0.39 -9.53 -29.53
C29 AJP IB . 0.57 -8.40 -28.50
C30 AJP IB . -0.17 -8.75 -27.21
O31 AJP IB . -1.56 -8.98 -27.51
C32 AJP IB . -0.12 -7.64 -26.18
O33 AJP IB . -0.82 -6.49 -26.61
O34 AJP IB . 0.00 -7.22 -29.07
C35 AJP IB . 0.89 -6.18 -29.43
C36 AJP IB . 0.68 -5.84 -30.91
C37 AJP IB . -0.65 -5.14 -31.14
C38 AJP IB . -1.18 -4.42 -29.90
C39 AJP IB . -0.01 -3.94 -29.05
O40 AJP IB . 0.74 -5.07 -28.55
C41 AJP IB . -0.43 -3.14 -27.86
O42 AJP IB . -1.28 -3.90 -26.99
O43 AJP IB . -1.97 -3.29 -30.28
O44 AJP IB . -1.61 -6.13 -31.50
O54 AJP IB . 1.76 -5.03 -31.40
O77 AJP IB . 1.00 -9.18 -30.76
O78 AJP IB . -1.26 -10.93 -30.60
O79 AJP IB . -3.92 -8.86 -26.24
C80 AJP IB . -7.56 -11.03 -27.30
C81 AJP IB . -10.74 -12.96 -24.41
O82 AJP IB . -10.25 -15.80 -25.67
C83 AJP IB . -11.24 -14.08 -20.29
O84 AJP IB . -11.81 -16.57 -21.20
C85 AJP IB . -12.96 -17.25 -20.68
C01 AJP JB . -9.32 -29.77 -29.07
C02 AJP JB . -8.79 -28.98 -27.88
C03 AJP JB . -9.03 -27.48 -28.04
C04 AJP JB . -7.88 -26.80 -28.79
C05 AJP JB . -6.56 -26.96 -28.05
C06 AJP JB . -6.10 -25.74 -27.24
C07 AJP JB . -4.56 -25.84 -27.34
C08 AJP JB . -4.32 -27.04 -28.27
O09 AJP JB . -5.54 -27.18 -29.01
C10 AJP JB . -3.16 -26.69 -29.21
C11 AJP JB . -2.53 -25.47 -28.54
C12 AJP JB . -3.74 -24.68 -27.98
C13 AJP JB . -3.18 -23.65 -26.98
C14 AJP JB . -2.12 -22.74 -27.63
C15 AJP JB . -0.99 -23.53 -28.30
C16 AJP JB . -1.52 -24.58 -29.28
C17 AJP JB . -0.37 -25.40 -29.87
C18 AJP JB . 0.73 -24.53 -30.47
C19 AJP JB . 1.24 -23.54 -29.45
C20 AJP JB . 0.11 -22.62 -28.92
C21 AJP JB . 0.72 -21.71 -27.84
C22 AJP JB . 1.96 -20.93 -28.32
C23 AJP JB . 3.02 -21.87 -28.86
C24 AJP JB . 2.46 -22.74 -29.96
O25 AJP JB . 4.15 -21.10 -29.35
C26 AJP JB . 3.89 -20.24 -30.44
C27 AJP JB . 4.46 -18.86 -30.11
C28 AJP JB . 5.98 -18.88 -30.03
C29 AJP JB . 6.61 -19.89 -30.99
C30 AJP JB . 5.65 -20.21 -32.13
O31 AJP JB . 4.43 -20.80 -31.64
C32 AJP JB . 6.23 -21.20 -33.12
O33 AJP JB . 5.31 -21.48 -34.17
O34 AJP JB . 6.94 -21.08 -30.27
O77 AJP JB . 6.41 -19.16 -28.70
O78 AJP JB . 3.99 -17.88 -31.01
O79 AJP JB . 2.49 -20.16 -27.24
C80 AJP JB . -0.46 -21.74 -30.06
C81 AJP JB . -4.54 -23.96 -29.09
O82 AJP JB . -3.59 -26.56 -30.56
C83 AJP JB . -6.63 -25.67 -25.81
O84 AJP JB . -6.63 -28.06 -27.16
C85 AJP JB . -7.30 -29.21 -27.70
C01 AJP KB . -1.07 -46.80 1.96
C02 AJP KB . -2.08 -45.68 1.74
C03 AJP KB . -1.89 -45.00 0.40
C04 AJP KB . -1.54 -43.52 0.56
C05 AJP KB . -0.43 -43.31 1.57
C06 AJP KB . -0.08 -41.85 1.87
C07 AJP KB . 1.45 -41.90 2.13
C08 AJP KB . 1.79 -43.39 1.90
O09 AJP KB . 0.76 -43.88 1.04
C10 AJP KB . 3.14 -43.46 1.19
C11 AJP KB . 3.69 -42.03 1.34
C12 AJP KB . 2.43 -41.13 1.21
C13 AJP KB . 2.82 -39.73 1.71
C14 AJP KB . 4.02 -39.17 0.94
C15 AJP KB . 5.23 -40.10 0.93
C16 AJP KB . 4.86 -41.53 0.47
C17 AJP KB . 6.08 -42.45 0.57
C18 AJP KB . 7.28 -41.92 -0.18
C19 AJP KB . 7.64 -40.51 0.30
C20 AJP KB . 6.45 -39.53 0.13
C21 AJP KB . 6.89 -38.18 0.72
C22 AJP KB . 8.16 -37.62 0.08
C23 AJP KB . 9.31 -38.61 0.20
C24 AJP KB . 8.93 -39.98 -0.35
O25 AJP KB . 10.42 -38.08 -0.56
C26 AJP KB . 11.70 -38.52 -0.15
C27 AJP KB . 12.61 -38.51 -1.39
C28 AJP KB . 14.02 -38.89 -0.98
C29 AJP KB . 14.50 -37.97 0.14
C30 AJP KB . 13.52 -38.00 1.30
O31 AJP KB . 12.21 -37.63 0.83
C32 AJP KB . 13.88 -37.02 2.40
O33 AJP KB . 15.17 -37.30 2.94
O34 AJP KB . 14.55 -36.63 -0.40
C35 AJP KB . 15.80 -36.07 -0.66
C36 AJP KB . 15.66 -35.05 -1.79
C37 AJP KB . 16.98 -34.34 -2.03
C38 AJP KB . 17.54 -33.76 -0.74
C39 AJP KB . 17.60 -34.85 0.33
O40 AJP KB . 16.30 -35.44 0.50
C41 AJP KB . 18.05 -34.34 1.68
O42 AJP KB . 18.09 -35.40 2.64
O43 AJP KB . 18.84 -33.24 -0.95
O44 AJP KB . 16.73 -33.24 -2.92
O54 AJP KB . 15.31 -35.74 -2.99
C55 AJP KB . 13.98 -35.63 -3.46
C56 AJP KB . 13.85 -34.31 -4.20
C57 AJP KB . 13.71 -34.54 -5.70
C58 AJP KB . 14.67 -35.61 -6.17
C59 AJP KB . 14.30 -36.94 -5.50
O60 AJP KB . 13.58 -36.74 -4.26
C61 AJP KB . 15.48 -37.84 -5.22
O62 AJP KB . 16.34 -37.94 -6.35
O63 AJP KB . 16.02 -35.29 -5.87
O64 AJP KB . 14.08 -33.31 -6.36
O76 AJP KB . 12.71 -33.60 -3.71
O77 AJP KB . 14.89 -38.81 -2.11
O78 AJP KB . 12.11 -39.43 -2.35
O79 AJP KB . 8.52 -36.38 0.67
C80 AJP KB . 6.10 -39.35 -1.36
C81 AJP KB . 1.91 -41.05 -0.23
O82 AJP KB . 3.03 -43.98 -0.13
C83 AJP KB . -0.88 -41.20 2.99
O84 AJP KB . -0.75 -43.93 2.82
C85 AJP KB . -2.00 -44.64 2.84
C01 AJP LB . -3.61 -33.65 5.22
C02 AJP LB . -2.42 -33.27 6.10
C03 AJP LB . -2.33 -31.78 6.34
C04 AJP LB . -1.40 -31.10 5.33
C05 AJP LB . 0.01 -31.65 5.41
C06 AJP LB . 0.98 -30.84 6.28
C07 AJP LB . 2.32 -30.98 5.54
C08 AJP LB . 1.97 -31.84 4.31
O09 AJP LB . 0.58 -31.62 4.11
C10 AJP LB . 2.77 -31.32 3.12
C11 AJP LB . 3.80 -30.39 3.78
C12 AJP LB . 3.04 -29.73 4.96
C13 AJP LB . 4.09 -29.09 5.88
C14 AJP LB . 4.96 -28.09 5.12
C15 AJP LB . 5.62 -28.67 3.86
C16 AJP LB . 4.59 -29.36 2.94
C17 AJP LB . 5.30 -30.01 1.75
C18 AJP LB . 6.18 -29.04 0.98
C19 AJP LB . 7.20 -28.39 1.92
C20 AJP LB . 6.51 -27.64 3.09
C21 AJP LB . 7.62 -27.10 4.01
C22 AJP LB . 8.66 -26.24 3.29
C23 AJP LB . 9.28 -26.97 2.10
C24 AJP LB . 8.20 -27.50 1.17
O25 AJP LB . 10.20 -26.13 1.37
C26 AJP LB . 9.93 -24.75 1.29
C27 AJP LB . 11.18 -24.05 0.78
C28 AJP LB . 10.90 -23.38 -0.56
C29 AJP LB . 9.73 -22.43 -0.43
C30 AJP LB . 8.55 -23.09 0.27
O31 AJP LB . 8.83 -24.50 0.42
C32 AJP LB . 7.25 -22.98 -0.50
O33 AJP LB . 6.18 -23.60 0.22
O34 AJP LB . 9.34 -22.05 -1.77
O77 AJP LB . 10.63 -24.37 -1.55
O78 AJP LB . 11.61 -23.08 1.73
O79 AJP LB . 9.68 -25.88 4.23
C80 AJP LB . 5.67 -26.46 2.56
C81 AJP LB . 2.02 -28.68 4.48
O82 AJP LB . 1.93 -30.75 2.12
C83 AJP LB . 1.03 -31.24 7.75
O84 AJP LB . 0.00 -32.97 5.92
C85 AJP LB . -1.12 -33.75 5.48
C01 AJP MB . -20.35 -27.95 -21.42
C02 AJP MB . -20.20 -28.98 -22.54
C03 AJP MB . -20.99 -28.60 -23.78
C04 AJP MB . -22.41 -29.16 -23.72
C05 AJP MB . -22.42 -30.67 -23.63
C06 AJP MB . -22.70 -31.42 -24.93
C07 AJP MB . -23.46 -32.67 -24.46
C08 AJP MB . -23.60 -32.47 -22.94
O09 AJP MB . -23.47 -31.06 -22.76
C10 AJP MB . -24.98 -32.95 -22.52
C11 AJP MB . -25.46 -33.74 -23.74
C12 AJP MB . -24.90 -32.95 -24.95
C13 AJP MB . -25.02 -33.88 -26.18
C14 AJP MB . -26.45 -34.37 -26.40
C15 AJP MB . -27.06 -35.03 -25.17
C16 AJP MB . -26.94 -34.15 -23.91
C17 AJP MB . -27.48 -34.88 -22.68
C18 AJP MB . -28.89 -35.40 -22.88
C19 AJP MB . -28.97 -36.29 -24.11
C20 AJP MB . -28.52 -35.55 -25.39
C21 AJP MB . -28.56 -36.55 -26.56
C22 AJP MB . -29.91 -37.24 -26.73
C23 AJP MB . -30.35 -37.93 -25.44
C24 AJP MB . -30.34 -36.96 -24.27
O25 AJP MB . -31.68 -38.46 -25.62
C26 AJP MB . -31.77 -39.87 -25.66
C27 AJP MB . -31.79 -40.38 -24.22
C28 AJP MB . -33.15 -40.98 -23.87
C29 AJP MB . -34.27 -40.10 -24.41
C30 AJP MB . -34.20 -40.01 -25.92
O31 AJP MB . -32.88 -40.34 -26.42
C32 AJP MB . -34.59 -38.66 -26.49
O33 AJP MB . -34.52 -38.65 -27.91
O34 AJP MB . -34.14 -38.79 -23.82
O77 AJP MB . -33.27 -41.12 -22.46
O78 AJP MB . -30.77 -41.36 -24.05
O79 AJP MB . -29.85 -38.19 -27.79
C80 AJP MB . -29.47 -34.38 -25.70
C81 AJP MB . -25.67 -31.65 -25.20
O82 AJP MB . -25.81 -31.88 -22.07
C83 AJP MB . -21.47 -31.70 -25.79
O84 AJP MB . -21.18 -31.14 -23.13
C85 AJP MB . -20.64 -30.35 -22.06
C01 AJP NB . -22.86 -18.06 9.22
C02 AJP NB . -24.24 -17.69 8.66
C03 AJP NB . -25.00 -16.76 9.57
C04 AJP NB . -26.41 -16.50 9.05
C05 AJP NB . -27.15 -17.78 8.72
C06 AJP NB . -28.51 -17.60 8.05
C07 AJP NB . -29.33 -18.78 8.61
C08 AJP NB . -28.39 -19.46 9.61
O09 AJP NB . -27.42 -18.46 9.94
C10 AJP NB . -29.19 -19.85 10.85
C11 AJP NB . -30.63 -19.74 10.36
C12 AJP NB . -30.64 -18.51 9.42
C13 AJP NB . -31.93 -18.56 8.61
C14 AJP NB . -33.17 -18.62 9.50
C15 AJP NB . -33.13 -19.74 10.55
C16 AJP NB . -31.82 -19.73 11.35
C17 AJP NB . -31.76 -20.92 12.32
C18 AJP NB . -32.99 -20.99 13.22
C19 AJP NB . -34.26 -21.04 12.38
C20 AJP NB . -34.39 -19.80 11.46
C21 AJP NB . -35.66 -20.00 10.61
C22 AJP NB . -36.92 -20.23 11.44
C23 AJP NB . -36.76 -21.42 12.37
C24 AJP NB . -35.51 -21.26 13.24
O25 AJP NB . -37.92 -21.51 13.22
C26 AJP NB . -38.31 -22.80 13.59
C27 AJP NB . -38.34 -22.87 15.11
C28 AJP NB . -39.77 -22.91 15.62
C29 AJP NB . -40.50 -24.10 15.05
C30 AJP NB . -40.19 -24.28 13.57
O31 AJP NB . -39.60 -23.08 13.06
C32 AJP NB . -41.41 -24.57 12.72
O33 AJP NB . -42.05 -25.76 13.13
O34 AJP NB . -41.91 -23.85 15.19
C35 AJP NB . -42.56 -24.41 16.31
C36 AJP NB . -43.12 -23.26 17.15
C37 AJP NB . -44.63 -23.19 17.06
C38 AJP NB . -45.31 -24.50 17.43
C39 AJP NB . -44.48 -25.69 16.92
O40 AJP NB . -43.61 -25.25 15.87
C41 AJP NB . -45.33 -26.80 16.36
O42 AJP NB . -44.54 -27.88 15.89
O43 AJP NB . -45.45 -24.60 18.85
O44 AJP NB . -44.99 -22.86 15.71
O54 AJP NB . -42.76 -23.48 18.53
O77 AJP NB . -40.44 -21.70 15.26
O78 AJP NB . -37.62 -24.02 15.57
O79 AJP NB . -38.04 -20.44 10.59
C80 AJP NB . -34.52 -18.52 12.29
C81 AJP NB . -30.55 -17.19 10.19
O82 AJP NB . -28.82 -19.09 11.99
C83 AJP NB . -28.47 -17.53 6.52
O84 AJP NB . -26.36 -18.60 7.88
C85 AJP NB . -25.06 -18.92 8.40
C01 AJP OB . -9.77 -52.70 -9.27
C02 AJP OB . -8.67 -53.14 -10.23
C03 AJP OB . -9.20 -54.06 -11.32
C04 AJP OB . -8.52 -55.43 -11.28
C05 AJP OB . -8.53 -56.03 -9.89
C06 AJP OB . -7.76 -57.35 -9.73
C07 AJP OB . -8.58 -58.11 -8.66
C08 AJP OB . -9.77 -57.17 -8.38
O09 AJP OB . -9.87 -56.35 -9.55
C10 AJP OB . -11.02 -58.02 -8.22
C11 AJP OB . -10.46 -59.44 -8.05
C12 AJP OB . -9.23 -59.48 -8.99
C13 AJP OB . -8.40 -60.70 -8.61
C14 AJP OB . -9.21 -62.00 -8.65
C15 AJP OB . -10.51 -61.93 -7.83
C16 AJP OB . -11.34 -60.69 -8.17
C17 AJP OB . -12.58 -60.60 -7.27
C18 AJP OB . -13.41 -61.87 -7.31
C19 AJP OB . -12.57 -63.08 -6.94
C20 AJP OB . -11.35 -63.25 -7.89
C21 AJP OB . -10.51 -64.43 -7.37
C22 AJP OB . -11.13 -65.32 -6.28
C23 AJP OB . -12.59 -65.64 -6.56
C24 AJP OB . -13.39 -64.37 -6.81
O25 AJP OB . -12.68 -66.51 -7.72
C26 AJP OB . -12.51 -67.88 -7.45
C27 AJP OB . -13.89 -68.50 -7.28
C28 AJP OB . -13.97 -69.80 -8.08
C29 AJP OB . -12.73 -70.64 -7.85
C30 AJP OB . -11.47 -69.87 -8.25
O31 AJP OB . -11.81 -68.49 -8.51
C32 AJP OB . -10.80 -70.40 -9.49
O33 AJP OB . -9.65 -69.65 -9.82
O34 AJP OB . -12.84 -71.82 -8.67
C35 AJP OB . -13.67 -72.86 -8.21
C36 AJP OB . -13.10 -74.19 -8.67
C37 AJP OB . -13.27 -75.25 -7.59
C38 AJP OB . -14.60 -75.13 -6.86
C39 AJP OB . -14.75 -73.73 -6.27
O40 AJP OB . -13.76 -72.84 -6.79
C41 AJP OB . -14.60 -73.70 -4.76
O42 AJP OB . -15.59 -74.50 -4.13
O43 AJP OB . -15.68 -75.39 -7.74
O44 AJP OB . -12.21 -75.13 -6.64
O54 AJP OB . -13.82 -74.61 -9.82
O77 AJP OB . -14.13 -69.51 -9.46
O78 AJP OB . -14.15 -68.76 -5.91
O79 AJP OB . -10.93 -64.81 -4.97
C80 AJP OB . -11.81 -63.54 -9.33
C81 AJP OB . -9.64 -59.57 -10.47
O82 AJP OB . -11.95 -57.82 -9.28
C83 AJP OB . -6.28 -57.20 -9.40
O84 AJP OB . -7.99 -55.11 -8.94
C85 AJP OB . -7.56 -53.86 -9.48
C1 CLR PB . -2.68 -23.01 -16.98
C2 CLR PB . -1.57 -23.35 -17.97
C3 CLR PB . -0.97 -22.14 -18.62
C4 CLR PB . -2.02 -21.08 -18.97
C5 CLR PB . -3.43 -21.61 -18.90
C6 CLR PB . -4.27 -21.48 -19.92
C7 CLR PB . -5.62 -22.10 -20.00
C8 CLR PB . -6.17 -22.55 -18.64
C9 CLR PB . -5.05 -23.16 -17.78
C10 CLR PB . -3.86 -22.19 -17.56
C11 CLR PB . -5.63 -23.71 -16.47
C12 CLR PB . -6.78 -24.69 -16.69
C13 CLR PB . -7.91 -24.08 -17.52
C14 CLR PB . -7.26 -23.59 -18.82
C15 CLR PB . -8.43 -23.26 -19.73
C16 CLR PB . -9.41 -24.41 -19.43
C17 CLR PB . -8.98 -25.07 -18.09
C18 CLR PB . -8.60 -22.92 -16.78
C19 CLR PB . -4.21 -21.04 -16.61
C20 CLR PB . -10.22 -25.48 -17.27
C21 CLR PB . -9.91 -26.19 -15.95
C22 CLR PB . -11.13 -26.37 -18.12
C23 CLR PB . -12.42 -26.84 -17.45
C24 CLR PB . -12.48 -28.36 -17.25
C25 CLR PB . -12.56 -28.82 -15.80
C26 CLR PB . -13.85 -28.32 -15.16
C27 CLR PB . -12.46 -30.34 -15.66
O1 CLR PB . 0.03 -21.62 -17.77
C1 NAG QB . 20.46 38.02 -25.02
C2 NAG QB . 21.24 37.92 -26.35
C3 NAG QB . 22.45 36.99 -26.18
C4 NAG QB . 23.28 37.43 -24.98
C5 NAG QB . 22.39 37.55 -23.74
C6 NAG QB . 23.13 37.99 -22.50
C7 NAG QB . 20.21 38.14 -28.57
C8 NAG QB . 19.27 37.49 -29.55
N2 NAG QB . 20.39 37.48 -27.41
O3 NAG QB . 23.17 37.02 -27.37
O4 NAG QB . 24.29 36.46 -24.81
O5 NAG QB . 21.34 38.46 -24.01
O6 NAG QB . 24.42 38.43 -22.83
O7 NAG QB . 20.75 39.21 -28.82
C1 NAG RB . 32.80 33.26 18.16
C2 NAG RB . 32.80 34.55 17.31
C3 NAG RB . 34.23 34.98 17.00
C4 NAG RB . 35.03 35.01 18.30
C5 NAG RB . 35.14 33.58 18.83
C6 NAG RB . 35.19 33.49 20.35
C7 NAG RB . 31.05 35.16 15.70
C8 NAG RB . 30.40 34.78 14.38
N2 NAG RB . 32.06 34.36 16.09
O3 NAG RB . 34.18 36.24 16.39
O4 NAG RB . 36.29 35.56 18.00
O5 NAG RB . 34.10 32.74 18.34
O6 NAG RB . 36.35 32.79 20.74
O7 NAG RB . 30.66 36.12 16.34
C1 NAG SB . 48.46 -7.41 8.64
C2 NAG SB . 49.44 -6.56 9.46
C3 NAG SB . 49.38 -5.11 8.99
C4 NAG SB . 49.57 -5.02 7.48
C5 NAG SB . 48.58 -5.96 6.79
C6 NAG SB . 48.68 -5.95 5.28
C7 NAG SB . 49.98 -7.24 11.75
C8 NAG SB . 49.49 -7.24 13.18
N2 NAG SB . 49.16 -6.66 10.86
O3 NAG SB . 50.37 -4.40 9.69
O4 NAG SB . 49.36 -3.68 7.11
O5 NAG SB . 48.78 -7.27 7.28
O6 NAG SB . 48.99 -4.65 4.83
O7 NAG SB . 51.07 -7.75 11.46
C1 NAG TB . 36.39 -2.82 -33.95
C2 NAG TB . 37.78 -3.44 -33.78
C3 NAG TB . 38.51 -2.77 -32.61
C4 NAG TB . 38.52 -1.26 -32.78
C5 NAG TB . 37.08 -0.77 -33.01
C6 NAG TB . 36.95 0.73 -33.18
C7 NAG TB . 38.29 -5.77 -34.37
C8 NAG TB . 38.06 -7.21 -33.97
N2 NAG TB . 37.70 -4.86 -33.58
O3 NAG TB . 39.80 -3.29 -32.55
O4 NAG TB . 39.07 -0.70 -31.61
O5 NAG TB . 36.53 -1.43 -34.14
O6 NAG TB . 38.22 1.33 -33.08
O7 NAG TB . 38.97 -5.48 -35.34
#